data_2J9I
#
_entry.id   2J9I
#
_cell.length_a   1.000
_cell.length_b   1.000
_cell.length_c   1.000
_cell.angle_alpha   90.00
_cell.angle_beta   90.00
_cell.angle_gamma   90.00
#
_symmetry.space_group_name_H-M   'P 1'
#
_entity_poly.entity_id   1
_entity_poly.type   'polypeptide(L)'
_entity_poly.pdbx_seq_one_letter_code
;SAEHVLTMLNEHAAAFVRFEATDAAGASRSKSIPAQFFEKVIHARGYLEDGEVNAGAAGAAASDIVLMPELSTAAVAAAA
AAATAAVICDGGAAAAASPRYIARAALAQLQAAGAAAGLLSAFIADFCIFGVPEVINSKTISFPASTTAAAADQPQEAAA
GGAAGAAAGAAGGAAAAGAAEICFLPEAAGAAAADNAFTLRTGLQEVARRYNAIASAAAAAAAAAAGAGSHSIWDVGAAG
TNAFAGASGARATLTGAKWLAGLLAAAAAAAAAAAAAAAAAAAAAAGAAAAAATAWGAAAAACALNIAAAAAAKGAQIEN
KAGAAAANPYLVLAATVAAGLDGIQSAGAAAGAAAADAAAAAPSEIPGKMEDALAALEQDAECLKAGLGEAFIRAAVAAA
KYELENEETDAEGNKFLEYFI
;
_entity_poly.pdbx_strand_id   A,B,C,D,E,F,G,H,I,J,K,L
#
# COMPACT_ATOMS: atom_id res chain seq x y z
N SER A 1 17.09 66.85 0.92
CA SER A 1 15.95 67.61 1.49
C SER A 1 15.19 66.79 2.51
N ALA A 2 15.34 67.10 3.80
CA ALA A 2 14.52 66.51 4.87
C ALA A 2 13.02 66.83 4.67
N GLU A 3 12.73 68.05 4.24
CA GLU A 3 11.38 68.55 3.94
C GLU A 3 10.67 67.68 2.90
N HIS A 4 11.36 67.31 1.81
CA HIS A 4 10.80 66.44 0.75
C HIS A 4 10.44 65.05 1.27
N VAL A 5 11.29 64.42 2.08
CA VAL A 5 10.98 63.11 2.69
C VAL A 5 9.78 63.22 3.63
N LEU A 6 9.68 64.28 4.43
CA LEU A 6 8.53 64.52 5.31
C LEU A 6 7.23 64.75 4.51
N THR A 7 7.24 65.57 3.45
CA THR A 7 6.04 65.81 2.62
C THR A 7 5.60 64.59 1.81
N MET A 8 6.52 63.70 1.40
CA MET A 8 6.16 62.41 0.77
C MET A 8 5.25 61.55 1.66
N LEU A 9 5.42 61.58 2.98
CA LEU A 9 4.57 60.84 3.92
C LEU A 9 3.10 61.30 3.85
N ASN A 10 2.86 62.60 3.63
CA ASN A 10 1.52 63.16 3.41
C ASN A 10 1.03 62.94 1.96
N GLU A 11 1.89 63.20 0.97
CA GLU A 11 1.58 63.11 -0.47
C GLU A 11 1.13 61.69 -0.90
N HIS A 12 1.65 60.66 -0.23
CA HIS A 12 1.36 59.24 -0.51
C HIS A 12 0.70 58.52 0.69
N ALA A 13 0.22 59.29 1.69
CA ALA A 13 -0.45 58.83 2.91
C ALA A 13 0.22 57.62 3.60
N ALA A 14 1.56 57.60 3.64
CA ALA A 14 2.36 56.49 4.16
C ALA A 14 2.08 56.21 5.65
N ALA A 15 1.61 55.01 5.96
CA ALA A 15 1.39 54.53 7.33
C ALA A 15 2.69 54.02 7.99
N PHE A 16 3.61 53.48 7.19
CA PHE A 16 4.90 52.91 7.64
C PHE A 16 6.02 53.25 6.65
N VAL A 17 7.28 53.14 7.10
CA VAL A 17 8.49 53.37 6.29
C VAL A 17 9.50 52.24 6.53
N ARG A 18 10.17 51.82 5.46
CA ARG A 18 11.13 50.70 5.42
C ARG A 18 12.57 51.24 5.27
N PHE A 19 13.40 51.00 6.27
CA PHE A 19 14.85 51.17 6.18
C PHE A 19 15.48 49.99 5.43
N GLU A 20 16.49 50.25 4.60
CA GLU A 20 17.12 49.22 3.75
C GLU A 20 18.65 49.34 3.70
N ALA A 21 19.33 48.20 3.68
CA ALA A 21 20.79 48.05 3.63
C ALA A 21 21.19 46.76 2.89
N THR A 22 22.49 46.47 2.81
CA THR A 22 23.05 45.27 2.13
C THR A 22 24.21 44.69 2.95
N ASP A 23 24.32 43.36 2.99
CA ASP A 23 25.40 42.64 3.71
C ASP A 23 26.68 42.45 2.87
N ALA A 24 27.74 41.93 3.51
CA ALA A 24 29.02 41.68 2.86
C ALA A 24 28.97 40.60 1.76
N ALA A 25 28.05 39.62 1.86
CA ALA A 25 27.88 38.58 0.85
C ALA A 25 27.24 39.10 -0.46
N GLY A 26 26.30 40.05 -0.36
CA GLY A 26 25.70 40.75 -1.50
C GLY A 26 24.17 40.79 -1.52
N ALA A 27 23.50 40.43 -0.42
CA ALA A 27 22.04 40.41 -0.31
C ALA A 27 21.53 41.64 0.45
N SER A 28 20.46 42.26 -0.06
CA SER A 28 19.74 43.33 0.63
C SER A 28 18.98 42.81 1.86
N ARG A 29 18.78 43.69 2.84
CA ARG A 29 18.08 43.46 4.11
C ARG A 29 17.29 44.72 4.50
N SER A 30 16.23 44.57 5.30
CA SER A 30 15.33 45.68 5.66
C SER A 30 14.65 45.52 7.02
N LYS A 31 14.16 46.65 7.56
CA LYS A 31 13.38 46.80 8.80
C LYS A 31 12.37 47.94 8.64
N SER A 32 11.33 48.02 9.47
CA SER A 32 10.29 49.06 9.32
C SER A 32 9.64 49.49 10.64
N ILE A 33 9.05 50.69 10.62
CA ILE A 33 8.33 51.34 11.73
C ILE A 33 7.17 52.22 11.18
N PRO A 34 6.16 52.57 12.00
CA PRO A 34 5.17 53.60 11.65
C PRO A 34 5.81 54.93 11.22
N ALA A 35 5.19 55.63 10.26
CA ALA A 35 5.66 56.92 9.76
C ALA A 35 5.65 58.04 10.82
N GLN A 36 4.85 57.89 11.88
CA GLN A 36 4.71 58.87 12.98
C GLN A 36 6.00 59.15 13.76
N PHE A 37 6.99 58.24 13.73
CA PHE A 37 8.28 58.40 14.42
C PHE A 37 9.26 59.38 13.74
N PHE A 38 9.01 59.78 12.49
CA PHE A 38 9.92 60.64 11.71
C PHE A 38 9.91 62.09 12.21
N GLU A 39 11.07 62.56 12.70
CA GLU A 39 11.28 63.89 13.30
C GLU A 39 12.71 64.41 13.00
N LYS A 40 13.00 65.68 13.29
CA LYS A 40 14.28 66.35 12.98
C LYS A 40 15.53 65.65 13.53
N VAL A 41 15.42 64.93 14.65
CA VAL A 41 16.56 64.27 15.33
C VAL A 41 17.16 63.13 14.49
N ILE A 42 16.33 62.27 13.89
CA ILE A 42 16.79 61.10 13.11
C ILE A 42 17.55 61.51 11.84
N HIS A 43 17.29 62.72 11.31
CA HIS A 43 18.01 63.32 10.17
C HIS A 43 19.47 63.71 10.51
N ALA A 44 19.86 63.68 11.79
CA ALA A 44 21.20 64.01 12.27
C ALA A 44 21.83 62.92 13.16
N ARG A 45 21.04 61.96 13.67
CA ARG A 45 21.49 60.90 14.61
C ARG A 45 21.10 59.47 14.19
N GLY A 46 20.34 59.30 13.09
CA GLY A 46 19.88 58.00 12.62
C GLY A 46 19.04 57.22 13.65
N TYR A 47 19.11 55.90 13.59
CA TYR A 47 18.45 54.96 14.51
C TYR A 47 19.47 54.03 15.18
N LEU A 48 19.60 54.15 16.49
CA LEU A 48 20.37 53.23 17.34
C LEU A 48 19.68 51.85 17.42
N GLU A 49 20.49 50.78 17.32
CA GLU A 49 20.06 49.39 17.48
C GLU A 49 21.14 48.53 18.16
N ASP A 50 20.70 47.42 18.77
CA ASP A 50 21.60 46.34 19.22
C ASP A 50 22.19 45.56 18.03
N GLY A 51 23.51 45.64 17.85
CA GLY A 51 24.23 44.96 16.78
C GLY A 51 24.56 43.49 17.04
N GLU A 52 24.37 42.96 18.26
CA GLU A 52 24.65 41.54 18.59
C GLU A 52 23.78 40.55 17.78
N VAL A 53 22.68 41.02 17.18
CA VAL A 53 21.83 40.28 16.23
C VAL A 53 22.59 39.84 14.97
N ASN A 54 23.74 40.47 14.66
CA ASN A 54 24.61 40.16 13.52
C ASN A 54 26.05 39.88 14.00
N ALA A 55 26.57 38.68 13.70
CA ALA A 55 27.85 38.14 14.20
C ALA A 55 29.14 38.85 13.71
N GLY A 56 29.03 40.03 13.08
CA GLY A 56 30.14 40.82 12.55
C GLY A 56 29.89 42.33 12.51
N ALA A 57 29.01 42.85 13.39
CA ALA A 57 28.62 44.26 13.43
C ALA A 57 28.73 44.94 14.82
N ALA A 58 28.84 44.18 15.92
CA ALA A 58 29.03 44.71 17.28
C ALA A 58 29.64 43.64 18.23
N GLY A 59 29.74 43.98 19.51
CA GLY A 59 30.10 43.07 20.61
C GLY A 59 29.34 43.40 21.90
N ALA A 60 29.38 42.51 22.89
CA ALA A 60 28.54 42.58 24.10
C ALA A 60 28.74 43.84 24.96
N ALA A 61 29.96 44.42 24.97
CA ALA A 61 30.28 45.66 25.67
C ALA A 61 30.02 46.94 24.84
N ALA A 62 29.51 46.79 23.60
CA ALA A 62 29.32 47.84 22.61
C ALA A 62 28.03 47.60 21.78
N SER A 63 26.97 47.13 22.45
CA SER A 63 25.65 46.76 21.91
C SER A 63 24.78 47.95 21.43
N ASP A 64 25.41 48.95 20.80
CA ASP A 64 24.78 50.14 20.23
C ASP A 64 25.51 50.55 18.92
N ILE A 65 24.83 50.43 17.79
CA ILE A 65 25.27 50.87 16.46
C ILE A 65 24.14 51.61 15.73
N VAL A 66 24.44 52.34 14.66
CA VAL A 66 23.52 53.30 14.01
C VAL A 66 23.25 52.93 12.56
N LEU A 67 21.96 52.76 12.21
CA LEU A 67 21.49 52.88 10.82
C LEU A 67 21.25 54.36 10.51
N MET A 68 21.70 54.82 9.34
CA MET A 68 21.65 56.22 8.91
C MET A 68 20.90 56.36 7.58
N PRO A 69 19.57 56.58 7.61
CA PRO A 69 18.78 56.83 6.39
C PRO A 69 19.18 58.15 5.72
N GLU A 70 18.84 58.29 4.44
CA GLU A 70 19.18 59.47 3.64
C GLU A 70 17.95 60.15 3.00
N LEU A 71 18.16 61.38 2.54
CA LEU A 71 17.10 62.38 2.33
C LEU A 71 17.08 62.91 0.88
N SER A 72 17.54 62.06 -0.04
CA SER A 72 17.53 62.23 -1.50
C SER A 72 17.23 60.91 -2.25
N THR A 73 16.83 59.87 -1.50
CA THR A 73 16.76 58.46 -1.96
C THR A 73 15.42 57.77 -1.65
N ALA A 74 14.49 58.46 -0.98
CA ALA A 74 13.17 57.93 -0.62
C ALA A 74 12.31 57.60 -1.86
N ALA A 75 11.49 56.55 -1.75
CA ALA A 75 10.52 56.13 -2.78
C ALA A 75 9.27 55.47 -2.16
N VAL A 76 8.15 55.45 -2.89
CA VAL A 76 6.95 54.70 -2.49
C VAL A 76 7.19 53.19 -2.69
N ALA A 77 6.89 52.39 -1.67
CA ALA A 77 7.07 50.93 -1.69
C ALA A 77 5.87 50.22 -2.36
N ALA A 78 5.57 50.60 -3.61
CA ALA A 78 4.33 50.29 -4.33
C ALA A 78 3.94 48.80 -4.44
N ALA A 79 4.90 47.87 -4.29
CA ALA A 79 4.65 46.43 -4.25
C ALA A 79 3.96 45.94 -2.95
N ALA A 80 3.94 46.74 -1.88
CA ALA A 80 3.33 46.40 -0.59
C ALA A 80 1.79 46.33 -0.62
N ALA A 81 1.21 45.65 0.36
CA ALA A 81 -0.25 45.53 0.57
C ALA A 81 -0.91 46.78 1.21
N ALA A 82 -0.13 47.83 1.54
CA ALA A 82 -0.57 49.06 2.17
C ALA A 82 0.21 50.28 1.66
N ALA A 83 -0.27 51.49 1.97
CA ALA A 83 0.43 52.75 1.69
C ALA A 83 1.69 52.89 2.57
N THR A 84 2.87 52.67 1.99
CA THR A 84 4.17 52.71 2.69
C THR A 84 5.29 53.25 1.79
N ALA A 85 6.43 53.59 2.39
CA ALA A 85 7.62 54.11 1.69
C ALA A 85 8.89 53.33 2.07
N ALA A 86 9.97 53.53 1.32
CA ALA A 86 11.26 52.89 1.54
C ALA A 86 12.43 53.87 1.36
N VAL A 87 13.48 53.68 2.16
CA VAL A 87 14.65 54.57 2.27
C VAL A 87 15.90 53.72 2.51
N ILE A 88 16.86 53.75 1.59
CA ILE A 88 18.18 53.13 1.79
C ILE A 88 19.02 53.92 2.80
N CYS A 89 19.91 53.19 3.50
CA CYS A 89 20.71 53.69 4.60
C CYS A 89 22.20 53.38 4.41
N ASP A 90 23.07 54.21 5.00
CA ASP A 90 24.42 53.79 5.40
C ASP A 90 24.36 53.20 6.84
N GLY A 91 25.45 52.60 7.30
CA GLY A 91 25.60 52.10 8.67
C GLY A 91 26.88 52.62 9.32
N GLY A 92 26.84 52.87 10.63
CA GLY A 92 27.90 53.60 11.33
C GLY A 92 27.93 53.42 12.86
N ALA A 93 28.98 53.98 13.45
CA ALA A 93 29.28 54.15 14.87
C ALA A 93 30.65 54.86 15.15
N ALA A 94 31.76 54.69 14.42
CA ALA A 94 32.15 53.78 13.32
C ALA A 94 31.52 54.13 11.93
N ALA A 95 31.54 53.35 10.85
CA ALA A 95 31.85 51.92 10.66
C ALA A 95 32.53 51.66 9.30
N ALA A 96 32.93 50.40 9.07
CA ALA A 96 33.70 49.98 7.89
C ALA A 96 33.43 48.52 7.46
N ALA A 97 32.18 48.07 7.59
CA ALA A 97 31.68 46.81 7.01
C ALA A 97 30.42 47.01 6.14
N SER A 98 29.77 48.18 6.25
CA SER A 98 28.67 48.67 5.40
C SER A 98 29.14 48.87 3.95
N PRO A 99 28.77 47.98 2.99
CA PRO A 99 29.31 48.00 1.63
C PRO A 99 29.15 49.33 0.89
N ARG A 100 28.02 50.01 1.09
CA ARG A 100 27.72 51.32 0.49
C ARG A 100 28.68 52.43 0.95
N TYR A 101 29.02 52.44 2.24
CA TYR A 101 30.01 53.38 2.80
C TYR A 101 31.44 53.07 2.31
N ILE A 102 31.78 51.77 2.16
CA ILE A 102 33.04 51.33 1.55
C ILE A 102 33.12 51.78 0.08
N ALA A 103 32.04 51.65 -0.71
CA ALA A 103 31.99 52.12 -2.10
C ALA A 103 32.15 53.65 -2.21
N ARG A 104 31.55 54.42 -1.30
CA ARG A 104 31.70 55.89 -1.23
C ARG A 104 33.14 56.35 -1.00
N ALA A 105 33.98 55.57 -0.32
CA ALA A 105 35.40 55.87 -0.17
C ALA A 105 36.16 55.87 -1.51
N ALA A 106 35.82 54.98 -2.45
CA ALA A 106 36.40 54.97 -3.80
C ALA A 106 36.03 56.24 -4.59
N LEU A 107 34.78 56.71 -4.46
CA LEU A 107 34.32 57.98 -5.06
C LEU A 107 35.04 59.20 -4.46
N ALA A 108 35.24 59.21 -3.14
CA ALA A 108 36.03 60.24 -2.46
C ALA A 108 37.50 60.25 -2.91
N GLN A 109 38.14 59.08 -3.04
CA GLN A 109 39.52 58.93 -3.52
C GLN A 109 39.69 59.39 -4.98
N LEU A 110 38.75 59.08 -5.87
CA LEU A 110 38.70 59.56 -7.25
C LEU A 110 38.77 61.09 -7.34
N GLN A 111 37.98 61.78 -6.52
CA GLN A 111 37.98 63.25 -6.43
C GLN A 111 39.23 63.81 -5.74
N ALA A 112 39.65 63.22 -4.61
CA ALA A 112 40.79 63.67 -3.82
C ALA A 112 42.15 63.54 -4.56
N ALA A 113 42.30 62.51 -5.41
CA ALA A 113 43.47 62.34 -6.29
C ALA A 113 43.53 63.38 -7.43
N GLY A 114 42.44 64.10 -7.71
CA GLY A 114 42.33 65.08 -8.79
C GLY A 114 42.31 64.48 -10.21
N ALA A 115 42.25 63.15 -10.34
CA ALA A 115 42.25 62.44 -11.62
C ALA A 115 40.99 62.74 -12.46
N ALA A 116 39.84 62.91 -11.80
CA ALA A 116 38.55 63.25 -12.39
C ALA A 116 37.61 63.82 -11.29
N ALA A 117 36.31 63.95 -11.57
CA ALA A 117 35.30 64.41 -10.61
C ALA A 117 34.12 63.43 -10.41
N GLY A 118 33.92 62.47 -11.32
CA GLY A 118 32.90 61.43 -11.21
C GLY A 118 33.11 60.24 -12.15
N LEU A 119 32.25 59.23 -12.02
CA LEU A 119 32.30 57.95 -12.73
C LEU A 119 30.92 57.64 -13.33
N LEU A 120 30.90 57.16 -14.58
CA LEU A 120 29.75 57.23 -15.50
C LEU A 120 29.30 55.82 -15.97
N SER A 121 29.55 54.80 -15.15
CA SER A 121 29.24 53.39 -15.44
C SER A 121 27.74 53.02 -15.48
N ALA A 122 27.43 51.84 -16.05
CA ALA A 122 26.12 51.21 -16.06
C ALA A 122 26.25 49.67 -16.22
N PHE A 123 25.17 48.92 -15.99
CA PHE A 123 25.17 47.44 -15.99
C PHE A 123 24.06 46.86 -16.87
N ILE A 124 24.27 45.62 -17.35
CA ILE A 124 23.37 44.87 -18.23
C ILE A 124 23.17 43.41 -17.74
N ALA A 125 23.28 43.21 -16.42
CA ALA A 125 23.23 41.90 -15.78
C ALA A 125 22.00 41.04 -16.14
N ASP A 126 22.23 39.73 -16.31
CA ASP A 126 21.21 38.72 -16.58
C ASP A 126 20.65 38.12 -15.28
N PHE A 127 19.54 37.38 -15.40
CA PHE A 127 18.84 36.70 -14.31
C PHE A 127 18.12 35.45 -14.84
N CYS A 128 17.58 34.63 -13.93
CA CYS A 128 16.86 33.39 -14.23
C CYS A 128 15.45 33.42 -13.60
N ILE A 129 14.52 32.63 -14.14
CA ILE A 129 13.13 32.52 -13.65
C ILE A 129 12.64 31.07 -13.66
N PHE A 130 11.84 30.71 -12.66
CA PHE A 130 11.37 29.34 -12.40
C PHE A 130 9.95 29.31 -11.82
N GLY A 131 9.35 28.11 -11.80
CA GLY A 131 8.03 27.85 -11.21
C GLY A 131 8.08 26.90 -10.00
N VAL A 132 8.93 25.87 -10.05
CA VAL A 132 9.09 24.87 -8.97
C VAL A 132 10.56 24.44 -8.80
N PRO A 133 11.43 25.26 -8.18
CA PRO A 133 12.75 24.82 -7.71
C PRO A 133 12.64 23.91 -6.47
N GLU A 134 13.54 22.94 -6.36
CA GLU A 134 13.67 22.00 -5.24
C GLU A 134 15.16 21.67 -5.02
N VAL A 135 15.74 22.11 -3.90
CA VAL A 135 17.19 21.95 -3.61
C VAL A 135 17.38 21.59 -2.14
N ILE A 136 17.86 20.37 -1.87
CA ILE A 136 18.10 19.85 -0.51
C ILE A 136 19.36 18.99 -0.42
N ASN A 137 19.89 18.86 0.80
CA ASN A 137 21.08 18.08 1.17
C ASN A 137 20.89 17.43 2.55
N SER A 138 21.49 16.26 2.76
CA SER A 138 21.45 15.49 4.01
C SER A 138 22.71 14.61 4.18
N LYS A 139 22.74 13.81 5.26
CA LYS A 139 23.75 12.75 5.48
C LYS A 139 23.67 11.59 4.47
N THR A 140 22.64 11.52 3.62
CA THR A 140 22.35 10.38 2.72
C THR A 140 22.08 10.74 1.27
N ILE A 141 21.73 12.00 0.94
CA ILE A 141 21.51 12.47 -0.45
C ILE A 141 21.82 13.97 -0.60
N SER A 142 22.06 14.41 -1.84
CA SER A 142 22.28 15.81 -2.23
C SER A 142 21.87 16.05 -3.68
N PHE A 143 20.91 16.95 -3.94
CA PHE A 143 20.45 17.27 -5.29
C PHE A 143 19.79 18.66 -5.43
N PRO A 144 20.10 19.41 -6.50
CA PRO A 144 19.26 20.48 -7.01
C PRO A 144 18.30 19.99 -8.13
N ALA A 145 17.18 20.70 -8.31
CA ALA A 145 16.24 20.57 -9.42
C ALA A 145 15.45 21.88 -9.61
N SER A 146 14.95 22.12 -10.82
CA SER A 146 14.11 23.28 -11.18
C SER A 146 13.36 23.08 -12.50
N THR A 147 12.34 23.90 -12.77
CA THR A 147 11.57 23.90 -14.03
C THR A 147 10.87 25.24 -14.28
N THR A 148 10.49 25.50 -15.53
CA THR A 148 9.72 26.66 -15.98
C THR A 148 8.97 26.35 -17.28
N ALA A 149 7.87 27.04 -17.57
CA ALA A 149 7.02 26.82 -18.74
C ALA A 149 7.76 26.92 -20.09
N ALA A 150 8.85 27.70 -20.14
CA ALA A 150 9.70 27.87 -21.32
C ALA A 150 10.75 26.76 -21.51
N ALA A 151 11.00 25.90 -20.51
CA ALA A 151 12.11 24.95 -20.52
C ALA A 151 11.99 23.87 -21.61
N ALA A 152 13.11 23.54 -22.26
CA ALA A 152 13.22 22.52 -23.31
C ALA A 152 12.86 21.09 -22.87
N ASP A 153 12.75 20.83 -21.56
CA ASP A 153 12.34 19.54 -20.98
C ASP A 153 10.81 19.36 -20.90
N GLN A 154 10.01 20.44 -20.84
CA GLN A 154 8.56 20.36 -20.68
C GLN A 154 7.72 19.86 -21.89
N PRO A 155 8.09 20.02 -23.19
CA PRO A 155 7.18 19.68 -24.30
C PRO A 155 6.90 18.17 -24.46
N GLN A 156 7.64 17.29 -23.77
CA GLN A 156 7.38 15.85 -23.69
C GLN A 156 6.43 15.46 -22.54
N GLU A 157 6.02 16.39 -21.67
CA GLU A 157 5.20 16.12 -20.49
C GLU A 157 3.72 16.50 -20.69
N ALA A 158 2.82 15.85 -19.94
CA ALA A 158 1.39 16.18 -19.89
C ALA A 158 1.12 17.46 -19.06
N ALA A 159 -0.07 18.03 -19.23
CA ALA A 159 -0.60 19.17 -18.45
C ALA A 159 -2.13 19.14 -18.41
N ALA A 160 -2.73 19.94 -17.50
CA ALA A 160 -4.18 19.97 -17.22
C ALA A 160 -5.08 20.32 -18.43
N GLY A 161 -4.52 20.90 -19.49
CA GLY A 161 -5.19 21.17 -20.78
C GLY A 161 -4.34 20.81 -22.01
N GLY A 162 -3.38 19.90 -21.84
CA GLY A 162 -2.34 19.56 -22.83
C GLY A 162 -1.18 20.56 -22.90
N ALA A 163 -0.05 20.13 -23.47
CA ALA A 163 1.14 20.98 -23.63
C ALA A 163 0.93 22.10 -24.67
N ALA A 164 1.58 23.25 -24.47
CA ALA A 164 1.53 24.39 -25.38
C ALA A 164 2.31 24.19 -26.70
N GLY A 165 3.29 23.28 -26.73
CA GLY A 165 4.13 23.00 -27.90
C GLY A 165 5.02 24.18 -28.35
N ALA A 166 5.39 25.07 -27.42
CA ALA A 166 5.99 26.39 -27.70
C ALA A 166 7.21 26.72 -26.80
N ALA A 167 7.80 25.71 -26.14
CA ALA A 167 9.01 25.86 -25.32
C ALA A 167 10.24 26.36 -26.14
N ALA A 168 11.21 26.95 -25.44
CA ALA A 168 12.52 27.31 -25.98
C ALA A 168 13.42 26.07 -26.17
N GLY A 169 14.64 26.27 -26.69
CA GLY A 169 15.69 25.25 -26.82
C GLY A 169 16.96 25.58 -26.02
N ALA A 170 17.86 24.61 -25.89
CA ALA A 170 19.17 24.79 -25.26
C ALA A 170 19.99 25.87 -26.00
N ALA A 171 20.45 26.90 -25.27
CA ALA A 171 21.05 28.13 -25.82
C ALA A 171 20.22 28.77 -26.97
N GLY A 172 18.87 28.66 -26.90
CA GLY A 172 17.93 28.99 -27.97
C GLY A 172 16.60 29.52 -27.44
N GLY A 173 16.66 30.56 -26.60
CA GLY A 173 15.51 31.22 -25.95
C GLY A 173 15.64 32.75 -25.86
N ALA A 174 16.40 33.37 -26.77
CA ALA A 174 16.72 34.80 -26.81
C ALA A 174 15.55 35.70 -27.31
N ALA A 175 14.35 35.52 -26.72
CA ALA A 175 13.09 36.14 -27.15
C ALA A 175 12.33 36.86 -26.01
N ALA A 176 12.93 36.99 -24.83
CA ALA A 176 12.35 37.70 -23.68
C ALA A 176 12.19 39.21 -23.91
N ALA A 177 11.23 39.82 -23.20
CA ALA A 177 10.96 41.27 -23.20
C ALA A 177 11.96 42.07 -22.32
N GLY A 178 11.79 43.41 -22.31
CA GLY A 178 12.55 44.34 -21.47
C GLY A 178 11.75 45.64 -21.20
N ALA A 179 12.19 46.53 -20.31
CA ALA A 179 13.41 46.51 -19.48
C ALA A 179 13.29 45.68 -18.18
N ALA A 180 12.25 44.85 -18.05
CA ALA A 180 12.03 43.86 -17.00
C ALA A 180 11.85 44.38 -15.53
N GLU A 181 11.19 45.49 -15.20
CA GLU A 181 10.59 46.61 -15.97
C GLU A 181 10.38 47.80 -15.01
N ILE A 182 9.56 47.59 -13.96
CA ILE A 182 8.99 48.67 -13.12
C ILE A 182 9.93 49.19 -12.01
N CYS A 183 11.13 48.63 -11.89
CA CYS A 183 12.20 49.11 -11.00
C CYS A 183 13.28 49.91 -11.76
N PHE A 184 12.98 50.34 -12.99
CA PHE A 184 13.86 51.21 -13.79
C PHE A 184 13.07 52.18 -14.68
N LEU A 185 12.01 51.71 -15.37
CA LEU A 185 11.22 52.50 -16.33
C LEU A 185 10.44 53.69 -15.71
N PRO A 186 9.60 53.53 -14.67
CA PRO A 186 8.83 54.65 -14.11
C PRO A 186 9.70 55.67 -13.35
N GLU A 187 10.86 55.24 -12.87
CA GLU A 187 11.88 56.09 -12.24
C GLU A 187 12.81 56.77 -13.27
N ALA A 188 12.78 56.33 -14.53
CA ALA A 188 13.77 56.63 -15.57
C ALA A 188 15.24 56.59 -15.05
N ALA A 189 15.55 55.60 -14.22
CA ALA A 189 16.62 55.64 -13.21
C ALA A 189 18.02 56.00 -13.76
N GLY A 190 18.45 55.34 -14.84
CA GLY A 190 19.66 55.64 -15.64
C GLY A 190 21.03 55.41 -14.99
N ALA A 191 21.20 55.79 -13.72
CA ALA A 191 22.48 55.79 -13.00
C ALA A 191 23.04 54.38 -12.68
N ALA A 192 24.31 54.33 -12.28
CA ALA A 192 25.09 53.11 -12.01
C ALA A 192 24.46 52.15 -10.99
N ALA A 193 24.84 50.86 -11.08
CA ALA A 193 24.38 49.77 -10.23
C ALA A 193 24.99 49.73 -8.81
N ALA A 194 25.25 50.90 -8.21
CA ALA A 194 25.45 51.01 -6.76
C ALA A 194 24.08 50.89 -6.06
N ASP A 195 23.38 52.02 -5.88
CA ASP A 195 22.06 52.06 -5.23
C ASP A 195 20.97 51.35 -6.06
N ASN A 196 21.04 51.41 -7.40
CA ASN A 196 20.02 50.89 -8.30
C ASN A 196 19.98 49.35 -8.41
N ALA A 197 21.03 48.63 -8.01
CA ALA A 197 21.06 47.16 -8.11
C ALA A 197 19.99 46.47 -7.24
N PHE A 198 19.68 47.02 -6.06
CA PHE A 198 18.88 46.32 -5.06
C PHE A 198 17.38 46.46 -5.28
N THR A 199 16.91 47.59 -5.83
CA THR A 199 15.54 47.74 -6.34
C THR A 199 15.26 46.78 -7.51
N LEU A 200 16.25 46.53 -8.38
CA LEU A 200 16.17 45.51 -9.43
C LEU A 200 16.14 44.08 -8.85
N ARG A 201 17.08 43.74 -7.96
CA ARG A 201 17.18 42.39 -7.34
C ARG A 201 15.94 42.00 -6.54
N THR A 202 15.33 42.92 -5.79
CA THR A 202 14.05 42.66 -5.10
C THR A 202 12.86 42.70 -6.08
N GLY A 203 12.87 43.63 -7.03
CA GLY A 203 11.81 43.82 -8.02
C GLY A 203 11.55 42.60 -8.90
N LEU A 204 12.61 41.99 -9.45
CA LEU A 204 12.53 40.76 -10.25
C LEU A 204 11.82 39.63 -9.50
N GLN A 205 12.15 39.44 -8.22
CA GLN A 205 11.51 38.44 -7.36
C GLN A 205 10.06 38.81 -7.04
N GLU A 206 9.80 40.04 -6.60
CA GLU A 206 8.47 40.51 -6.18
C GLU A 206 7.44 40.48 -7.34
N VAL A 207 7.85 40.91 -8.54
CA VAL A 207 7.01 40.85 -9.75
C VAL A 207 6.75 39.39 -10.16
N ALA A 208 7.76 38.52 -10.13
CA ALA A 208 7.58 37.09 -10.42
C ALA A 208 6.59 36.42 -9.44
N ARG A 209 6.71 36.69 -8.12
CA ARG A 209 5.81 36.18 -7.08
C ARG A 209 4.36 36.62 -7.29
N ARG A 210 4.14 37.87 -7.74
CA ARG A 210 2.84 38.42 -8.14
C ARG A 210 2.29 37.90 -9.48
N TYR A 211 3.06 37.04 -10.16
CA TYR A 211 2.66 36.26 -11.35
C TYR A 211 2.84 34.74 -11.14
N ASN A 212 2.76 34.28 -9.87
CA ASN A 212 2.83 32.86 -9.46
C ASN A 212 4.12 32.13 -9.90
N ALA A 213 5.24 32.84 -9.94
CA ALA A 213 6.58 32.36 -10.30
C ALA A 213 7.64 32.91 -9.32
N ILE A 214 8.92 32.63 -9.57
CA ILE A 214 10.07 33.16 -8.83
C ILE A 214 11.22 33.51 -9.78
N ALA A 215 12.16 34.33 -9.29
CA ALA A 215 13.35 34.77 -10.02
C ALA A 215 14.61 34.61 -9.15
N SER A 216 15.78 34.49 -9.80
CA SER A 216 17.07 34.29 -9.13
C SER A 216 18.26 34.85 -9.94
N ALA A 217 19.42 34.89 -9.29
CA ALA A 217 20.68 35.46 -9.81
C ALA A 217 21.82 34.41 -9.83
N ALA A 218 21.49 33.13 -9.74
CA ALA A 218 22.44 32.01 -9.78
C ALA A 218 23.19 31.97 -11.13
N ALA A 219 24.50 32.22 -11.08
CA ALA A 219 25.38 32.39 -12.23
C ALA A 219 25.41 31.21 -13.22
N ALA A 220 25.12 29.99 -12.75
CA ALA A 220 25.12 28.74 -13.52
C ALA A 220 23.92 27.87 -13.13
N ALA A 221 22.72 28.46 -13.10
CA ALA A 221 21.46 27.85 -12.64
C ALA A 221 21.10 26.51 -13.31
N ALA A 222 21.59 26.24 -14.53
CA ALA A 222 21.45 24.97 -15.24
C ALA A 222 22.69 24.68 -16.12
N ALA A 223 23.02 23.39 -16.30
CA ALA A 223 24.08 22.92 -17.20
C ALA A 223 23.69 23.03 -18.68
N ALA A 224 24.68 22.94 -19.58
CA ALA A 224 24.55 22.97 -21.04
C ALA A 224 23.71 24.15 -21.61
N ALA A 225 23.70 25.29 -20.92
CA ALA A 225 22.93 26.48 -21.25
C ALA A 225 23.63 27.78 -20.79
N ALA A 226 23.05 28.93 -21.13
CA ALA A 226 23.45 30.25 -20.62
C ALA A 226 23.22 30.40 -19.10
N GLY A 227 23.70 31.52 -18.52
CA GLY A 227 23.61 31.80 -17.08
C GLY A 227 23.64 33.29 -16.72
N ALA A 228 23.38 33.61 -15.46
CA ALA A 228 23.21 34.96 -14.93
C ALA A 228 24.53 35.75 -14.79
N GLY A 229 25.17 36.13 -15.91
CA GLY A 229 26.31 37.05 -15.94
C GLY A 229 25.96 38.47 -15.43
N SER A 230 26.97 39.28 -15.10
CA SER A 230 26.80 40.67 -14.59
C SER A 230 27.68 41.68 -15.32
N HIS A 231 27.76 41.55 -16.65
CA HIS A 231 28.51 42.44 -17.53
C HIS A 231 28.08 43.91 -17.37
N SER A 232 29.02 44.82 -17.61
CA SER A 232 28.86 46.26 -17.35
C SER A 232 29.66 47.11 -18.34
N ILE A 233 29.42 48.43 -18.32
CA ILE A 233 30.16 49.43 -19.08
C ILE A 233 30.66 50.53 -18.14
N TRP A 234 31.85 51.06 -18.42
CA TRP A 234 32.63 51.88 -17.49
C TRP A 234 33.27 53.09 -18.17
N ASP A 235 33.28 54.20 -17.43
CA ASP A 235 33.65 55.53 -17.91
C ASP A 235 33.94 56.48 -16.74
N VAL A 236 34.64 57.58 -17.03
CA VAL A 236 35.21 58.54 -16.08
C VAL A 236 34.98 59.95 -16.65
N GLY A 237 34.77 60.96 -15.79
CA GLY A 237 34.56 62.33 -16.26
C GLY A 237 34.78 63.44 -15.25
N ALA A 238 34.92 64.66 -15.78
CA ALA A 238 35.07 65.91 -15.04
C ALA A 238 34.59 67.09 -15.89
N ALA A 239 34.22 68.21 -15.25
CA ALA A 239 33.73 69.45 -15.88
C ALA A 239 32.65 69.26 -16.98
N GLY A 240 31.88 68.16 -16.94
CA GLY A 240 30.81 67.85 -17.88
C GLY A 240 31.20 66.99 -19.10
N THR A 241 32.41 66.41 -19.15
CA THR A 241 32.91 65.65 -20.31
C THR A 241 33.51 64.28 -19.95
N ASN A 242 33.43 63.35 -20.92
CA ASN A 242 34.05 62.01 -20.93
C ASN A 242 35.60 62.11 -20.91
N ALA A 243 36.27 61.21 -20.18
CA ALA A 243 37.73 61.16 -20.02
C ALA A 243 38.40 59.87 -20.55
N PHE A 244 37.65 58.93 -21.14
CA PHE A 244 38.18 57.75 -21.85
C PHE A 244 38.22 57.92 -23.38
N ALA A 245 37.50 58.89 -23.94
CA ALA A 245 37.55 59.25 -25.36
C ALA A 245 38.93 59.79 -25.79
N GLY A 246 39.38 59.43 -27.00
CA GLY A 246 40.66 59.88 -27.57
C GLY A 246 40.97 59.29 -28.94
N ALA A 247 42.27 59.14 -29.24
CA ALA A 247 42.79 58.79 -30.57
C ALA A 247 43.62 57.48 -30.59
N SER A 248 43.65 56.70 -29.50
CA SER A 248 44.20 55.32 -29.52
C SER A 248 43.14 54.32 -30.04
N GLY A 249 43.46 53.02 -29.99
CA GLY A 249 42.62 51.94 -30.52
C GLY A 249 41.13 52.03 -30.10
N ALA A 250 40.22 51.75 -31.05
CA ALA A 250 38.76 51.83 -30.89
C ALA A 250 38.25 53.13 -30.23
N ARG A 251 38.93 54.27 -30.47
CA ARG A 251 38.62 55.63 -29.96
C ARG A 251 38.81 55.81 -28.44
N ALA A 252 39.53 54.89 -27.80
CA ALA A 252 40.02 55.03 -26.41
C ALA A 252 41.14 56.10 -26.29
N THR A 253 41.74 56.22 -25.09
CA THR A 253 42.85 57.14 -24.81
C THR A 253 43.84 56.57 -23.79
N LEU A 254 44.98 57.25 -23.57
CA LEU A 254 46.08 56.76 -22.73
C LEU A 254 45.68 56.54 -21.25
N THR A 255 44.91 57.44 -20.64
CA THR A 255 44.38 57.20 -19.28
C THR A 255 43.38 56.03 -19.24
N GLY A 256 42.60 55.82 -20.31
CA GLY A 256 41.78 54.62 -20.49
C GLY A 256 42.62 53.34 -20.56
N ALA A 257 43.72 53.34 -21.31
CA ALA A 257 44.69 52.24 -21.35
C ALA A 257 45.36 51.97 -19.99
N LYS A 258 45.61 53.01 -19.18
CA LYS A 258 46.11 52.88 -17.79
C LYS A 258 45.04 52.32 -16.82
N TRP A 259 43.77 52.71 -16.94
CA TRP A 259 42.66 52.06 -16.23
C TRP A 259 42.54 50.58 -16.61
N LEU A 260 42.61 50.26 -17.91
CA LEU A 260 42.63 48.87 -18.42
C LEU A 260 43.83 48.08 -17.88
N ALA A 261 45.03 48.66 -17.84
CA ALA A 261 46.21 48.03 -17.25
C ALA A 261 46.00 47.66 -15.76
N GLY A 262 45.39 48.56 -14.98
CA GLY A 262 45.00 48.30 -13.60
C GLY A 262 43.97 47.17 -13.49
N LEU A 263 42.91 47.19 -14.30
CA LEU A 263 41.87 46.15 -14.36
C LEU A 263 42.43 44.77 -14.73
N LEU A 264 43.31 44.69 -15.74
CA LEU A 264 43.98 43.46 -16.15
C LEU A 264 44.85 42.86 -15.02
N ALA A 265 45.63 43.70 -14.34
CA ALA A 265 46.46 43.29 -13.20
C ALA A 265 45.62 42.83 -11.99
N ALA A 266 44.50 43.50 -11.71
CA ALA A 266 43.63 43.23 -10.56
C ALA A 266 42.62 42.09 -10.76
N ALA A 267 42.43 41.57 -11.98
CA ALA A 267 41.39 40.59 -12.32
C ALA A 267 41.37 39.36 -11.41
N ALA A 268 42.54 38.84 -11.02
CA ALA A 268 42.71 37.70 -10.12
C ALA A 268 42.22 37.95 -8.66
N ALA A 269 41.94 39.20 -8.29
CA ALA A 269 41.48 39.60 -6.96
C ALA A 269 40.11 40.31 -6.99
N ALA A 270 39.78 41.05 -8.06
CA ALA A 270 38.44 41.58 -8.31
C ALA A 270 37.37 40.47 -8.39
N ALA A 271 37.76 39.27 -8.86
CA ALA A 271 36.93 38.06 -8.85
C ALA A 271 36.41 37.67 -7.44
N ALA A 272 37.09 38.05 -6.35
CA ALA A 272 36.61 37.81 -4.98
C ALA A 272 35.28 38.52 -4.65
N ALA A 273 34.95 39.59 -5.38
CA ALA A 273 33.66 40.29 -5.31
C ALA A 273 32.77 40.00 -6.53
N ALA A 274 33.36 40.00 -7.74
CA ALA A 274 32.64 39.82 -9.01
C ALA A 274 32.20 38.37 -9.31
N ALA A 275 32.78 37.38 -8.63
CA ALA A 275 32.52 35.95 -8.79
C ALA A 275 32.47 35.25 -7.42
N ALA A 276 31.77 35.87 -6.46
CA ALA A 276 31.72 35.54 -5.03
C ALA A 276 31.12 34.16 -4.64
N ALA A 277 30.82 33.27 -5.60
CA ALA A 277 30.26 31.93 -5.35
C ALA A 277 30.76 30.91 -6.40
N ALA A 278 30.74 29.61 -6.05
CA ALA A 278 31.17 28.52 -6.92
C ALA A 278 30.39 28.43 -8.25
N ALA A 279 29.13 28.87 -8.27
CA ALA A 279 28.34 29.00 -9.50
C ALA A 279 28.95 29.99 -10.51
N ALA A 280 29.59 31.06 -10.06
CA ALA A 280 30.28 32.02 -10.93
C ALA A 280 31.60 31.44 -11.49
N ALA A 281 32.32 30.64 -10.70
CA ALA A 281 33.47 29.87 -11.19
C ALA A 281 33.05 28.83 -12.26
N ALA A 282 31.90 28.17 -12.08
CA ALA A 282 31.31 27.27 -13.08
C ALA A 282 30.88 28.02 -14.36
N ALA A 283 30.27 29.22 -14.23
CA ALA A 283 29.94 30.08 -15.37
C ALA A 283 31.19 30.56 -16.15
N ALA A 284 32.31 30.79 -15.44
CA ALA A 284 33.60 31.18 -16.02
C ALA A 284 34.43 30.00 -16.61
N ALA A 285 33.95 28.75 -16.52
CA ALA A 285 34.63 27.58 -17.07
C ALA A 285 34.76 27.63 -18.61
N ALA A 286 35.64 26.80 -19.16
CA ALA A 286 35.97 26.74 -20.59
C ALA A 286 34.73 26.52 -21.50
N GLY A 287 34.65 27.28 -22.59
CA GLY A 287 33.61 27.19 -23.62
C GLY A 287 33.72 28.29 -24.69
N ALA A 288 32.99 28.13 -25.79
CA ALA A 288 33.07 29.00 -26.98
C ALA A 288 32.64 30.47 -26.76
N ALA A 289 31.99 30.77 -25.63
CA ALA A 289 31.46 32.10 -25.27
C ALA A 289 31.81 32.52 -23.81
N ALA A 290 32.80 31.86 -23.19
CA ALA A 290 33.32 32.22 -21.87
C ALA A 290 33.95 33.63 -21.84
N ALA A 291 34.12 34.19 -20.64
CA ALA A 291 34.60 35.57 -20.42
C ALA A 291 35.82 35.68 -19.46
N ALA A 292 36.43 34.55 -19.09
CA ALA A 292 37.60 34.48 -18.19
C ALA A 292 38.92 34.99 -18.82
N ALA A 293 38.97 35.17 -20.15
CA ALA A 293 40.12 35.70 -20.88
C ALA A 293 40.41 37.18 -20.53
N THR A 294 41.22 37.43 -19.51
CA THR A 294 41.67 38.76 -19.04
C THR A 294 42.49 39.52 -20.10
N ALA A 295 41.79 40.10 -21.07
CA ALA A 295 42.30 40.78 -22.26
C ALA A 295 41.36 41.92 -22.68
N TRP A 296 41.82 42.79 -23.59
CA TRP A 296 41.06 43.92 -24.12
C TRP A 296 41.07 43.94 -25.65
N GLY A 297 40.07 44.58 -26.26
CA GLY A 297 39.89 44.62 -27.71
C GLY A 297 38.53 45.21 -28.12
N ALA A 298 38.17 45.07 -29.40
CA ALA A 298 36.89 45.58 -29.95
C ALA A 298 36.23 44.63 -30.97
N ALA A 299 36.67 43.37 -31.04
CA ALA A 299 36.14 42.34 -31.97
C ALA A 299 36.23 40.91 -31.40
N ALA A 300 37.26 40.58 -30.62
CA ALA A 300 37.39 39.31 -29.89
C ALA A 300 36.39 39.23 -28.71
N ALA A 301 35.16 38.81 -29.00
CA ALA A 301 34.01 38.87 -28.07
C ALA A 301 34.21 38.18 -26.71
N ALA A 302 35.05 37.15 -26.62
CA ALA A 302 35.37 36.45 -25.37
C ALA A 302 36.30 37.23 -24.41
N CYS A 303 37.00 38.27 -24.88
CA CYS A 303 37.93 39.06 -24.06
C CYS A 303 37.19 39.91 -23.01
N ALA A 304 37.67 39.88 -21.77
CA ALA A 304 36.99 40.39 -20.58
C ALA A 304 36.76 41.91 -20.53
N LEU A 305 37.51 42.71 -21.30
CA LEU A 305 37.53 44.18 -21.24
C LEU A 305 37.39 44.80 -22.64
N ASN A 306 36.23 44.65 -23.27
CA ASN A 306 35.93 45.27 -24.57
C ASN A 306 36.05 46.81 -24.52
N ILE A 307 36.26 47.44 -25.67
CA ILE A 307 36.04 48.89 -25.87
C ILE A 307 34.65 49.08 -26.48
N ALA A 308 33.81 49.86 -25.81
CA ALA A 308 32.51 50.30 -26.30
C ALA A 308 32.68 51.44 -27.31
N ALA A 309 33.11 51.10 -28.52
CA ALA A 309 33.23 52.04 -29.65
C ALA A 309 31.88 52.69 -29.99
N ALA A 310 31.90 53.98 -30.35
CA ALA A 310 30.72 54.78 -30.69
C ALA A 310 31.05 55.86 -31.73
N ALA A 311 30.04 56.34 -32.46
CA ALA A 311 30.18 57.43 -33.44
C ALA A 311 30.38 58.80 -32.75
N ALA A 312 29.70 59.04 -31.62
CA ALA A 312 29.90 60.20 -30.76
C ALA A 312 31.05 59.94 -29.77
N ALA A 313 32.03 60.85 -29.69
CA ALA A 313 33.17 60.74 -28.78
C ALA A 313 32.75 60.62 -27.30
N LYS A 314 31.65 61.30 -26.90
CA LYS A 314 31.05 61.21 -25.56
C LYS A 314 30.64 59.79 -25.15
N GLY A 315 30.42 58.89 -26.13
CA GLY A 315 30.03 57.49 -25.93
C GLY A 315 31.18 56.49 -25.99
N ALA A 316 32.43 56.93 -26.25
CA ALA A 316 33.61 56.07 -26.18
C ALA A 316 33.90 55.66 -24.72
N GLN A 317 33.71 54.38 -24.40
CA GLN A 317 33.76 53.80 -23.05
C GLN A 317 34.40 52.41 -23.08
N ILE A 318 34.48 51.70 -21.95
CA ILE A 318 34.91 50.28 -21.89
C ILE A 318 33.79 49.37 -21.38
N GLU A 319 33.93 48.06 -21.53
CA GLU A 319 32.91 47.04 -21.26
C GLU A 319 33.53 45.84 -20.53
N ASN A 320 33.19 45.67 -19.26
CA ASN A 320 33.77 44.68 -18.35
C ASN A 320 32.84 43.45 -18.23
N LYS A 321 33.43 42.24 -18.23
CA LYS A 321 32.69 40.96 -18.31
C LYS A 321 33.10 39.92 -17.25
N ALA A 322 34.09 40.21 -16.41
CA ALA A 322 34.74 39.29 -15.48
C ALA A 322 33.91 38.95 -14.21
N GLY A 323 32.60 38.81 -14.31
CA GLY A 323 31.72 38.54 -13.16
C GLY A 323 30.31 38.04 -13.50
N ALA A 324 29.60 37.61 -12.45
CA ALA A 324 28.23 37.09 -12.51
C ALA A 324 27.35 37.59 -11.35
N ALA A 325 26.03 37.50 -11.51
CA ALA A 325 25.03 38.15 -10.66
C ALA A 325 24.96 37.64 -9.19
N ALA A 326 25.69 36.56 -8.86
CA ALA A 326 25.96 36.16 -7.47
C ALA A 326 26.81 37.17 -6.67
N ALA A 327 27.46 38.13 -7.35
CA ALA A 327 28.31 39.18 -6.78
C ALA A 327 27.60 40.14 -5.79
N ASN A 328 28.41 40.93 -5.06
CA ASN A 328 27.97 42.06 -4.23
C ASN A 328 28.15 43.39 -5.00
N PRO A 329 27.08 44.05 -5.47
CA PRO A 329 27.16 45.26 -6.29
C PRO A 329 28.05 46.37 -5.74
N TYR A 330 27.87 46.78 -4.47
CA TYR A 330 28.67 47.85 -3.87
C TYR A 330 30.17 47.51 -3.82
N LEU A 331 30.53 46.27 -3.51
CA LEU A 331 31.94 45.84 -3.45
C LEU A 331 32.56 45.64 -4.83
N VAL A 332 31.80 45.21 -5.84
CA VAL A 332 32.25 45.22 -7.25
C VAL A 332 32.51 46.65 -7.73
N LEU A 333 31.57 47.57 -7.51
CA LEU A 333 31.68 48.99 -7.82
C LEU A 333 32.92 49.62 -7.15
N ALA A 334 33.23 49.24 -5.90
CA ALA A 334 34.44 49.66 -5.21
C ALA A 334 35.74 49.04 -5.81
N ALA A 335 35.80 47.72 -5.95
CA ALA A 335 37.01 46.99 -6.34
C ALA A 335 37.47 47.29 -7.78
N THR A 336 36.53 47.35 -8.74
CA THR A 336 36.84 47.66 -10.15
C THR A 336 37.41 49.08 -10.31
N VAL A 337 36.92 50.04 -9.50
CA VAL A 337 37.44 51.41 -9.42
C VAL A 337 38.80 51.46 -8.72
N ALA A 338 39.00 50.74 -7.62
CA ALA A 338 40.29 50.66 -6.91
C ALA A 338 41.45 50.20 -7.80
N ALA A 339 41.19 49.28 -8.75
CA ALA A 339 42.14 48.86 -9.77
C ALA A 339 42.52 50.00 -10.73
N GLY A 340 41.52 50.70 -11.29
CA GLY A 340 41.73 51.83 -12.20
C GLY A 340 42.44 53.02 -11.55
N LEU A 341 42.09 53.33 -10.30
CA LEU A 341 42.66 54.43 -9.50
C LEU A 341 44.18 54.34 -9.27
N ASP A 342 44.80 53.16 -9.41
CA ASP A 342 46.26 53.00 -9.26
C ASP A 342 46.97 52.60 -10.55
N GLY A 343 46.27 52.02 -11.54
CA GLY A 343 46.79 51.88 -12.91
C GLY A 343 47.26 53.21 -13.52
N ILE A 344 46.55 54.31 -13.21
CA ILE A 344 46.94 55.69 -13.57
C ILE A 344 48.12 56.27 -12.77
N GLN A 345 48.58 55.58 -11.72
CA GLN A 345 49.69 56.02 -10.84
C GLN A 345 50.95 55.15 -11.02
N SER A 346 50.80 53.85 -11.28
CA SER A 346 51.87 52.98 -11.78
C SER A 346 52.28 53.29 -13.22
N ALA A 347 51.40 53.98 -13.97
CA ALA A 347 51.50 54.25 -15.40
C ALA A 347 51.74 52.98 -16.26
N GLY A 348 51.22 51.82 -15.81
CA GLY A 348 51.25 50.56 -16.54
C GLY A 348 50.49 50.60 -17.88
N ALA A 349 50.65 49.55 -18.69
CA ALA A 349 50.07 49.45 -20.03
C ALA A 349 49.34 48.12 -20.24
N ALA A 350 48.25 48.15 -21.02
CA ALA A 350 47.36 47.02 -21.26
C ALA A 350 47.86 46.00 -22.32
N ALA A 351 49.09 46.17 -22.82
CA ALA A 351 49.62 45.52 -24.03
C ALA A 351 48.73 45.72 -25.29
N GLY A 352 49.05 45.06 -26.41
CA GLY A 352 48.28 45.16 -27.66
C GLY A 352 46.86 44.58 -27.54
N ALA A 353 45.93 45.13 -28.33
CA ALA A 353 44.54 44.66 -28.39
C ALA A 353 44.41 43.25 -29.00
N ALA A 354 43.50 42.44 -28.46
CA ALA A 354 43.16 41.11 -28.97
C ALA A 354 42.28 41.18 -30.24
N ALA A 355 42.75 40.55 -31.31
CA ALA A 355 42.04 40.39 -32.59
C ALA A 355 42.28 39.01 -33.27
N ALA A 356 42.97 38.10 -32.57
CA ALA A 356 43.25 36.73 -33.00
C ALA A 356 42.10 35.76 -32.58
N ASP A 357 42.41 34.47 -32.42
CA ASP A 357 41.51 33.46 -31.82
C ASP A 357 41.05 33.85 -30.39
N ALA A 358 39.96 33.23 -29.93
CA ALA A 358 39.13 33.68 -28.79
C ALA A 358 39.83 33.89 -27.43
N ALA A 359 40.98 33.24 -27.17
CA ALA A 359 41.75 33.41 -25.93
C ALA A 359 43.28 33.30 -26.17
N ALA A 360 44.03 34.11 -25.40
CA ALA A 360 45.47 34.44 -25.42
C ALA A 360 45.65 35.95 -25.69
N ALA A 361 46.90 36.45 -25.62
CA ALA A 361 47.31 37.82 -25.95
C ALA A 361 46.35 38.93 -25.45
N ALA A 362 46.35 39.31 -24.17
CA ALA A 362 47.39 39.05 -23.18
C ALA A 362 47.50 37.58 -22.67
N PRO A 363 46.46 36.96 -22.07
CA PRO A 363 46.58 35.93 -21.02
C PRO A 363 47.69 34.87 -21.18
N SER A 364 48.77 34.85 -20.39
CA SER A 364 49.28 35.78 -19.35
C SER A 364 48.32 36.26 -18.24
N GLU A 365 48.56 37.45 -17.67
CA GLU A 365 49.26 37.69 -16.40
C GLU A 365 50.68 37.06 -16.37
N ILE A 366 51.02 35.83 -15.96
CA ILE A 366 50.44 34.91 -14.97
C ILE A 366 51.55 34.00 -14.42
N PRO A 367 51.60 33.76 -13.10
CA PRO A 367 52.30 32.61 -12.52
C PRO A 367 51.30 31.60 -11.93
N GLY A 368 51.65 30.30 -11.98
CA GLY A 368 50.70 29.19 -11.78
C GLY A 368 50.63 28.61 -10.37
N LYS A 369 50.85 29.41 -9.31
CA LYS A 369 50.90 28.96 -7.91
C LYS A 369 50.21 29.94 -6.95
N MET A 370 49.65 29.42 -5.86
CA MET A 370 49.08 30.22 -4.76
C MET A 370 50.14 31.09 -4.07
N GLU A 371 51.38 30.60 -3.94
CA GLU A 371 52.50 31.38 -3.38
C GLU A 371 52.79 32.64 -4.21
N ASP A 372 52.70 32.55 -5.55
CA ASP A 372 52.87 33.71 -6.44
C ASP A 372 51.64 34.63 -6.46
N ALA A 373 50.43 34.11 -6.31
CA ALA A 373 49.22 34.93 -6.12
C ALA A 373 49.30 35.76 -4.82
N LEU A 374 49.80 35.16 -3.73
CA LEU A 374 50.09 35.85 -2.47
C LEU A 374 51.26 36.84 -2.60
N ALA A 375 52.31 36.51 -3.36
CA ALA A 375 53.40 37.45 -3.67
C ALA A 375 52.90 38.69 -4.42
N ALA A 376 52.01 38.53 -5.41
CA ALA A 376 51.35 39.63 -6.11
C ALA A 376 50.53 40.50 -5.13
N LEU A 377 49.71 39.88 -4.28
CA LEU A 377 48.94 40.55 -3.21
C LEU A 377 49.81 41.35 -2.20
N GLU A 378 51.12 41.11 -2.15
CA GLU A 378 52.09 41.77 -1.26
C GLU A 378 53.16 42.59 -2.00
N GLN A 379 53.01 42.80 -3.32
CA GLN A 379 53.88 43.64 -4.17
C GLN A 379 53.07 44.66 -5.00
N ASP A 380 51.85 44.30 -5.42
CA ASP A 380 50.80 45.20 -5.93
C ASP A 380 49.42 44.54 -5.72
N ALA A 381 48.74 44.69 -4.57
CA ALA A 381 48.99 45.47 -3.35
C ALA A 381 48.68 46.98 -3.39
N GLU A 382 48.42 47.57 -4.56
CA GLU A 382 48.05 48.99 -4.70
C GLU A 382 46.86 49.21 -5.67
N CYS A 383 46.78 48.43 -6.76
CA CYS A 383 45.54 48.19 -7.52
C CYS A 383 44.52 47.32 -6.74
N LEU A 384 44.90 46.75 -5.60
CA LEU A 384 44.12 45.78 -4.82
C LEU A 384 43.85 46.35 -3.40
N LYS A 385 42.62 46.16 -2.92
CA LYS A 385 42.16 46.48 -1.55
C LYS A 385 42.57 47.88 -1.04
N ALA A 386 42.57 48.87 -1.93
CA ALA A 386 43.12 50.21 -1.70
C ALA A 386 42.39 50.98 -0.58
N GLY A 387 43.15 51.46 0.41
CA GLY A 387 42.67 52.29 1.51
C GLY A 387 41.75 51.60 2.53
N LEU A 388 41.33 52.38 3.54
CA LEU A 388 40.52 51.98 4.71
C LEU A 388 41.14 50.88 5.61
N GLY A 389 40.51 50.73 6.77
CA GLY A 389 40.30 49.46 7.46
C GLY A 389 38.84 49.42 7.94
N GLU A 390 38.22 48.34 8.42
CA GLU A 390 38.66 47.00 8.88
C GLU A 390 38.84 46.97 10.41
N ALA A 391 39.07 48.13 11.04
CA ALA A 391 39.05 48.31 12.50
C ALA A 391 37.68 47.92 13.11
N PHE A 392 36.58 48.31 12.45
CA PHE A 392 35.23 47.92 12.83
C PHE A 392 35.00 46.40 12.69
N ILE A 393 35.49 45.81 11.59
CA ILE A 393 35.39 44.35 11.34
C ILE A 393 36.12 43.59 12.45
N ARG A 394 37.41 43.87 12.69
CA ARG A 394 38.19 43.16 13.73
C ARG A 394 37.64 43.38 15.14
N ALA A 395 37.09 44.55 15.46
CA ALA A 395 36.44 44.81 16.75
C ALA A 395 35.20 43.93 16.99
N ALA A 396 34.30 43.84 16.00
CA ALA A 396 33.10 43.00 16.08
C ALA A 396 33.42 41.50 16.01
N VAL A 397 34.31 41.10 15.10
CA VAL A 397 34.77 39.71 14.94
C VAL A 397 35.54 39.21 16.16
N ALA A 398 36.33 40.06 16.84
CA ALA A 398 37.01 39.69 18.08
C ALA A 398 36.03 39.24 19.19
N ALA A 399 34.89 39.93 19.35
CA ALA A 399 33.87 39.54 20.32
C ALA A 399 33.30 38.13 20.03
N ALA A 400 33.03 37.81 18.76
CA ALA A 400 32.63 36.46 18.35
C ALA A 400 33.76 35.43 18.54
N LYS A 401 34.99 35.76 18.14
CA LYS A 401 36.18 34.91 18.31
C LYS A 401 36.46 34.57 19.77
N TYR A 402 36.30 35.49 20.72
CA TYR A 402 36.49 35.20 22.14
C TYR A 402 35.52 34.12 22.65
N GLU A 403 34.24 34.17 22.27
CA GLU A 403 33.27 33.13 22.60
C GLU A 403 33.60 31.78 21.93
N LEU A 404 33.93 31.80 20.63
CA LEU A 404 34.30 30.60 19.87
C LEU A 404 35.58 29.94 20.42
N GLU A 405 36.63 30.72 20.71
CA GLU A 405 37.88 30.22 21.30
C GLU A 405 37.70 29.71 22.73
N ASN A 406 36.80 30.29 23.53
CA ASN A 406 36.47 29.76 24.86
C ASN A 406 35.80 28.37 24.78
N GLU A 407 34.88 28.16 23.84
CA GLU A 407 34.29 26.83 23.59
C GLU A 407 35.32 25.85 23.01
N GLU A 408 36.12 26.26 22.02
CA GLU A 408 37.13 25.43 21.37
C GLU A 408 38.28 25.03 22.30
N THR A 409 38.79 25.93 23.15
CA THR A 409 39.89 25.59 24.08
C THR A 409 39.47 24.61 25.17
N ASP A 410 38.20 24.65 25.62
CA ASP A 410 37.64 23.63 26.52
C ASP A 410 37.49 22.28 25.80
N ALA A 411 37.01 22.27 24.55
CA ALA A 411 36.91 21.07 23.73
C ALA A 411 38.30 20.45 23.45
N GLU A 412 39.30 21.26 23.08
CA GLU A 412 40.69 20.83 22.91
C GLU A 412 41.28 20.28 24.22
N GLY A 413 41.01 20.91 25.36
CA GLY A 413 41.40 20.41 26.69
C GLY A 413 40.89 19.00 26.98
N ASN A 414 39.61 18.72 26.67
CA ASN A 414 39.05 17.37 26.76
C ASN A 414 39.69 16.40 25.74
N LYS A 415 39.87 16.83 24.48
CA LYS A 415 40.50 16.03 23.42
C LYS A 415 41.93 15.62 23.77
N PHE A 416 42.75 16.51 24.33
CA PHE A 416 44.12 16.19 24.78
C PHE A 416 44.13 15.07 25.83
N LEU A 417 43.25 15.13 26.84
CA LEU A 417 43.09 14.06 27.83
C LEU A 417 42.67 12.73 27.15
N GLU A 418 41.74 12.78 26.21
CA GLU A 418 41.32 11.62 25.39
C GLU A 418 42.42 11.08 24.45
N TYR A 419 43.51 11.82 24.22
CA TYR A 419 44.70 11.36 23.48
C TYR A 419 45.81 10.82 24.40
N PHE A 420 45.88 11.29 25.65
CA PHE A 420 46.88 10.83 26.63
C PHE A 420 46.56 9.48 27.28
N ILE A 421 45.27 9.13 27.43
CA ILE A 421 44.81 7.81 27.93
C ILE A 421 45.23 6.62 27.04
N SER B 1 -11.36 58.46 34.86
CA SER B 1 -12.69 58.98 34.48
C SER B 1 -13.65 57.85 34.12
N ALA B 2 -14.61 57.56 35.01
CA ALA B 2 -15.71 56.63 34.71
C ALA B 2 -16.54 57.11 33.50
N GLU B 3 -16.78 58.42 33.43
CA GLU B 3 -17.50 59.09 32.35
C GLU B 3 -16.89 58.81 30.97
N HIS B 4 -15.55 58.90 30.85
CA HIS B 4 -14.83 58.61 29.60
C HIS B 4 -14.99 57.16 29.14
N VAL B 5 -14.89 56.19 30.05
CA VAL B 5 -15.12 54.77 29.71
C VAL B 5 -16.57 54.54 29.25
N LEU B 6 -17.56 55.16 29.91
CA LEU B 6 -18.96 55.08 29.51
C LEU B 6 -19.20 55.73 28.13
N THR B 7 -18.66 56.92 27.85
CA THR B 7 -18.84 57.58 26.54
C THR B 7 -18.11 56.87 25.39
N MET B 8 -16.99 56.18 25.65
CA MET B 8 -16.33 55.32 24.65
C MET B 8 -17.26 54.22 24.09
N LEU B 9 -18.15 53.66 24.92
CA LEU B 9 -19.13 52.66 24.48
C LEU B 9 -20.08 53.21 23.41
N ASN B 10 -20.46 54.49 23.51
CA ASN B 10 -21.27 55.18 22.50
C ASN B 10 -20.42 55.64 21.30
N GLU B 11 -19.26 56.24 21.56
CA GLU B 11 -18.34 56.80 20.54
C GLU B 11 -17.83 55.76 19.53
N HIS B 12 -17.71 54.50 19.96
CA HIS B 12 -17.24 53.36 19.15
C HIS B 12 -18.29 52.25 19.01
N ALA B 13 -19.55 52.54 19.37
CA ALA B 13 -20.71 51.64 19.31
C ALA B 13 -20.47 50.21 19.83
N ALA B 14 -19.69 50.08 20.93
CA ALA B 14 -19.26 48.80 21.49
C ALA B 14 -20.45 47.92 21.93
N ALA B 15 -20.58 46.75 21.33
CA ALA B 15 -21.59 45.74 21.72
C ALA B 15 -21.15 44.90 22.94
N PHE B 16 -19.83 44.69 23.11
CA PHE B 16 -19.23 43.89 24.18
C PHE B 16 -17.93 44.55 24.69
N VAL B 17 -17.49 44.16 25.90
CA VAL B 17 -16.25 44.63 26.53
C VAL B 17 -15.48 43.45 27.11
N ARG B 18 -14.15 43.48 26.97
CA ARG B 18 -13.20 42.43 27.38
C ARG B 18 -12.41 42.87 28.62
N PHE B 19 -12.58 42.16 29.73
CA PHE B 19 -11.72 42.25 30.90
C PHE B 19 -10.43 41.47 30.66
N GLU B 20 -9.29 41.99 31.13
CA GLU B 20 -7.97 41.38 30.87
C GLU B 20 -7.06 41.40 32.11
N ALA B 21 -6.28 40.34 32.29
CA ALA B 21 -5.34 40.12 33.40
C ALA B 21 -4.15 39.26 32.94
N THR B 22 -3.22 38.94 33.86
CA THR B 22 -2.03 38.11 33.59
C THR B 22 -1.76 37.15 34.76
N ASP B 23 -1.32 35.93 34.46
CA ASP B 23 -0.99 34.90 35.47
C ASP B 23 0.45 35.00 36.01
N ALA B 24 0.76 34.18 37.03
CA ALA B 24 2.09 34.14 37.65
C ALA B 24 3.21 33.65 36.71
N ALA B 25 2.90 32.80 35.72
CA ALA B 25 3.87 32.31 34.75
C ALA B 25 4.30 33.39 33.74
N GLY B 26 3.38 34.27 33.32
CA GLY B 26 3.65 35.43 32.47
C GLY B 26 2.74 35.58 31.25
N ALA B 27 1.65 34.83 31.16
CA ALA B 27 0.71 34.88 30.04
C ALA B 27 -0.54 35.69 30.39
N SER B 28 -0.98 36.54 29.46
CA SER B 28 -2.25 37.26 29.57
C SER B 28 -3.46 36.31 29.42
N ARG B 29 -4.58 36.70 30.04
CA ARG B 29 -5.88 35.99 30.06
C ARG B 29 -7.03 37.01 30.00
N SER B 30 -8.19 36.60 29.52
CA SER B 30 -9.34 37.51 29.33
C SER B 30 -10.71 36.82 29.41
N LYS B 31 -11.74 37.65 29.65
CA LYS B 31 -13.18 37.29 29.69
C LYS B 31 -14.01 38.47 29.16
N SER B 32 -15.27 38.25 28.78
CA SER B 32 -16.10 39.32 28.18
C SER B 32 -17.60 39.18 28.46
N ILE B 33 -18.30 40.31 28.36
CA ILE B 33 -19.76 40.47 28.53
C ILE B 33 -20.30 41.58 27.60
N PRO B 34 -21.62 41.62 27.32
CA PRO B 34 -22.27 42.76 26.66
C PRO B 34 -21.98 44.10 27.37
N ALA B 35 -21.85 45.18 26.59
CA ALA B 35 -21.61 46.52 27.12
C ALA B 35 -22.75 47.08 28.00
N GLN B 36 -23.97 46.55 27.86
CA GLN B 36 -25.17 46.96 28.60
C GLN B 36 -25.07 46.78 30.13
N PHE B 37 -24.19 45.90 30.62
CA PHE B 37 -23.98 45.65 32.04
C PHE B 37 -23.21 46.75 32.79
N PHE B 38 -22.55 47.68 32.09
CA PHE B 38 -21.70 48.72 32.69
C PHE B 38 -22.52 49.81 33.39
N GLU B 39 -22.35 49.94 34.70
CA GLU B 39 -23.08 50.86 35.60
C GLU B 39 -22.17 51.36 36.75
N LYS B 40 -22.62 52.35 37.52
CA LYS B 40 -21.83 52.99 38.60
C LYS B 40 -21.28 52.04 39.67
N VAL B 41 -21.95 50.92 39.92
CA VAL B 41 -21.58 49.95 40.98
C VAL B 41 -20.25 49.24 40.68
N ILE B 42 -20.03 48.78 39.44
CA ILE B 42 -18.81 48.04 39.06
C ILE B 42 -17.55 48.91 39.15
N HIS B 43 -17.68 50.24 39.04
CA HIS B 43 -16.60 51.21 39.22
C HIS B 43 -16.10 51.32 40.68
N ALA B 44 -16.81 50.71 41.65
CA ALA B 44 -16.48 50.70 43.07
C ALA B 44 -16.44 49.29 43.70
N ARG B 45 -16.99 48.26 43.03
CA ARG B 45 -17.08 46.87 43.52
C ARG B 45 -16.56 45.80 42.56
N GLY B 46 -16.15 46.17 41.35
CA GLY B 46 -15.65 45.24 40.32
C GLY B 46 -16.67 44.16 39.94
N TYR B 47 -16.18 42.99 39.55
CA TYR B 47 -16.96 41.80 39.20
C TYR B 47 -16.56 40.60 40.07
N LEU B 48 -17.51 40.13 40.89
CA LEU B 48 -17.40 38.88 41.65
C LEU B 48 -17.43 37.65 40.72
N GLU B 49 -16.54 36.68 40.97
CA GLU B 49 -16.49 35.39 40.28
C GLU B 49 -16.08 34.24 41.23
N ASP B 50 -16.44 33.02 40.85
CA ASP B 50 -15.91 31.79 41.47
C ASP B 50 -14.44 31.56 41.09
N GLY B 51 -13.56 31.61 42.09
CA GLY B 51 -12.12 31.41 41.91
C GLY B 51 -11.66 29.96 41.85
N GLU B 52 -12.52 28.97 42.17
CA GLU B 52 -12.15 27.53 42.10
C GLU B 52 -11.76 27.05 40.69
N VAL B 53 -12.12 27.80 39.65
CA VAL B 53 -11.69 27.62 38.26
C VAL B 53 -10.15 27.71 38.10
N ASN B 54 -9.44 28.33 39.06
CA ASN B 54 -7.99 28.48 39.07
C ASN B 54 -7.39 27.93 40.39
N ALA B 55 -6.50 26.94 40.28
CA ALA B 55 -5.94 26.15 41.39
C ALA B 55 -5.03 26.90 42.40
N GLY B 56 -5.00 28.23 42.35
CA GLY B 56 -4.19 29.10 43.21
C GLY B 56 -4.78 30.49 43.46
N ALA B 57 -6.11 30.64 43.36
CA ALA B 57 -6.82 31.92 43.52
C ALA B 57 -8.00 31.92 44.52
N ALA B 58 -8.51 30.75 44.93
CA ALA B 58 -9.56 30.63 45.94
C ALA B 58 -9.59 29.22 46.57
N GLY B 59 -10.59 28.96 47.42
CA GLY B 59 -10.91 27.63 47.99
C GLY B 59 -12.42 27.43 48.15
N ALA B 60 -12.86 26.20 48.41
CA ALA B 60 -14.27 25.80 48.36
C ALA B 60 -15.19 26.55 49.36
N ALA B 61 -14.65 26.97 50.51
CA ALA B 61 -15.37 27.77 51.52
C ALA B 61 -15.31 29.29 51.27
N ALA B 62 -14.63 29.73 50.20
CA ALA B 62 -14.34 31.12 49.85
C ALA B 62 -14.41 31.35 48.33
N SER B 63 -15.38 30.72 47.67
CA SER B 63 -15.66 30.71 46.22
C SER B 63 -16.18 32.05 45.64
N ASP B 64 -15.65 33.18 46.14
CA ASP B 64 -15.97 34.53 45.71
C ASP B 64 -14.70 35.42 45.77
N ILE B 65 -14.22 35.85 44.59
CA ILE B 65 -13.09 36.80 44.41
C ILE B 65 -13.46 37.85 43.37
N VAL B 66 -12.70 38.95 43.28
CA VAL B 66 -13.08 40.15 42.51
C VAL B 66 -12.03 40.47 41.43
N LEU B 67 -12.49 40.56 40.17
CA LEU B 67 -11.77 41.30 39.13
C LEU B 67 -12.14 42.79 39.22
N MET B 68 -11.15 43.68 39.13
CA MET B 68 -11.30 45.12 39.32
C MET B 68 -10.79 45.88 38.08
N PRO B 69 -11.66 46.16 37.07
CA PRO B 69 -11.31 46.96 35.91
C PRO B 69 -10.99 48.41 36.29
N GLU B 70 -10.28 49.12 35.41
CA GLU B 70 -9.84 50.50 35.64
C GLU B 70 -10.31 51.48 34.54
N LEU B 71 -10.22 52.77 34.86
CA LEU B 71 -11.01 53.83 34.21
C LEU B 71 -10.11 54.93 33.61
N SER B 72 -8.89 54.53 33.25
CA SER B 72 -7.86 55.33 32.56
C SER B 72 -7.07 54.48 31.53
N THR B 73 -7.53 53.25 31.26
CA THR B 73 -6.79 52.19 30.53
C THR B 73 -7.60 51.53 29.40
N ALA B 74 -8.87 51.92 29.21
CA ALA B 74 -9.75 51.39 28.17
C ALA B 74 -9.24 51.69 26.74
N ALA B 75 -9.48 50.76 25.81
CA ALA B 75 -9.16 50.90 24.39
C ALA B 75 -10.15 50.12 23.50
N VAL B 76 -10.27 50.50 22.22
CA VAL B 76 -11.04 49.74 21.22
C VAL B 76 -10.28 48.45 20.86
N ALA B 77 -10.97 47.31 20.89
CA ALA B 77 -10.40 45.99 20.57
C ALA B 77 -10.39 45.74 19.04
N ALA B 78 -9.75 46.64 18.28
CA ALA B 78 -9.86 46.76 16.82
C ALA B 78 -9.54 45.49 16.00
N ALA B 79 -8.79 44.53 16.55
CA ALA B 79 -8.52 43.23 15.93
C ALA B 79 -9.74 42.28 15.88
N ALA B 80 -10.81 42.54 16.66
CA ALA B 80 -12.02 41.72 16.72
C ALA B 80 -12.88 41.78 15.45
N ALA B 81 -13.76 40.78 15.27
CA ALA B 81 -14.72 40.70 14.17
C ALA B 81 -15.98 41.59 14.35
N ALA B 82 -16.09 42.33 15.47
CA ALA B 82 -17.21 43.19 15.82
C ALA B 82 -16.74 44.46 16.56
N ALA B 83 -17.63 45.44 16.71
CA ALA B 83 -17.41 46.64 17.52
C ALA B 83 -17.36 46.30 19.01
N THR B 84 -16.16 46.27 19.61
CA THR B 84 -15.91 45.91 21.02
C THR B 84 -14.75 46.71 21.62
N ALA B 85 -14.63 46.67 22.95
CA ALA B 85 -13.57 47.35 23.72
C ALA B 85 -12.86 46.40 24.68
N ALA B 86 -11.73 46.82 25.23
CA ALA B 86 -10.93 46.06 26.18
C ALA B 86 -10.40 46.94 27.33
N VAL B 87 -10.31 46.35 28.53
CA VAL B 87 -9.98 47.02 29.80
C VAL B 87 -9.17 46.05 30.66
N ILE B 88 -7.91 46.41 30.97
CA ILE B 88 -7.09 45.67 31.94
C ILE B 88 -7.59 45.88 33.38
N CYS B 89 -7.35 44.87 34.22
CA CYS B 89 -7.86 44.78 35.59
C CYS B 89 -6.73 44.48 36.58
N ASP B 90 -6.92 44.91 37.83
CA ASP B 90 -6.30 44.26 38.99
C ASP B 90 -7.21 43.11 39.49
N GLY B 91 -6.72 42.29 40.42
CA GLY B 91 -7.50 41.24 41.08
C GLY B 91 -7.39 41.34 42.60
N GLY B 92 -8.46 41.00 43.32
CA GLY B 92 -8.59 41.27 44.76
C GLY B 92 -9.64 40.45 45.49
N ALA B 93 -9.63 40.62 46.82
CA ALA B 93 -10.57 40.14 47.84
C ALA B 93 -10.18 40.56 49.29
N ALA B 94 -8.93 40.64 49.77
CA ALA B 94 -7.60 40.27 49.23
C ALA B 94 -7.05 41.23 48.13
N ALA B 95 -5.99 41.00 47.35
CA ALA B 95 -5.22 39.78 47.06
C ALA B 95 -3.73 40.07 46.83
N ALA B 96 -2.93 39.02 46.65
CA ALA B 96 -1.47 39.10 46.54
C ALA B 96 -0.85 37.99 45.65
N ALA B 97 -1.55 37.61 44.56
CA ALA B 97 -1.03 36.76 43.48
C ALA B 97 -1.18 37.42 42.09
N SER B 98 -2.01 38.47 41.99
CA SER B 98 -2.18 39.35 40.82
C SER B 98 -0.88 40.13 40.52
N PRO B 99 -0.12 39.77 39.47
CA PRO B 99 1.21 40.33 39.20
C PRO B 99 1.26 41.86 39.11
N ARG B 100 0.22 42.47 38.52
CA ARG B 100 0.08 43.93 38.38
C ARG B 100 -0.04 44.65 39.73
N TYR B 101 -0.79 44.09 40.67
CA TYR B 101 -0.91 44.61 42.03
C TYR B 101 0.39 44.44 42.82
N ILE B 102 1.10 43.32 42.63
CA ILE B 102 2.45 43.10 43.19
C ILE B 102 3.45 44.14 42.65
N ALA B 103 3.43 44.43 41.34
CA ALA B 103 4.28 45.46 40.74
C ALA B 103 3.99 46.87 41.27
N ARG B 104 2.71 47.21 41.50
CA ARG B 104 2.29 48.49 42.11
C ARG B 104 2.83 48.70 43.53
N ALA B 105 3.07 47.64 44.30
CA ALA B 105 3.71 47.75 45.62
C ALA B 105 5.15 48.28 45.55
N ALA B 106 5.92 47.91 44.51
CA ALA B 106 7.28 48.44 44.30
C ALA B 106 7.25 49.95 43.97
N LEU B 107 6.27 50.41 43.19
CA LEU B 107 6.04 51.84 42.91
C LEU B 107 5.65 52.63 44.17
N ALA B 108 4.79 52.05 45.01
CA ALA B 108 4.42 52.62 46.30
C ALA B 108 5.63 52.72 47.26
N GLN B 109 6.46 51.68 47.34
CA GLN B 109 7.68 51.66 48.17
C GLN B 109 8.73 52.69 47.70
N LEU B 110 8.92 52.86 46.39
CA LEU B 110 9.79 53.90 45.79
C LEU B 110 9.41 55.31 46.28
N GLN B 111 8.12 55.63 46.29
CA GLN B 111 7.59 56.90 46.77
C GLN B 111 7.64 57.02 48.30
N ALA B 112 7.24 55.98 49.04
CA ALA B 112 7.18 55.95 50.51
C ALA B 112 8.57 56.06 51.17
N ALA B 113 9.62 55.49 50.55
CA ALA B 113 11.01 55.64 50.98
C ALA B 113 11.59 57.07 50.77
N GLY B 114 10.91 57.91 49.98
CA GLY B 114 11.36 59.27 49.64
C GLY B 114 12.58 59.34 48.70
N ALA B 115 13.06 58.20 48.19
CA ALA B 115 14.23 58.12 47.31
C ALA B 115 14.02 58.85 45.97
N ALA B 116 12.80 58.79 45.43
CA ALA B 116 12.36 59.44 44.20
C ALA B 116 10.81 59.55 44.18
N ALA B 117 10.21 59.88 43.02
CA ALA B 117 8.76 59.95 42.85
C ALA B 117 8.21 59.07 41.71
N GLY B 118 9.07 58.61 40.79
CA GLY B 118 8.71 57.70 39.69
C GLY B 118 9.91 57.03 39.03
N LEU B 119 9.61 56.13 38.08
CA LEU B 119 10.57 55.28 37.37
C LEU B 119 10.29 55.36 35.86
N LEU B 120 11.36 55.47 35.06
CA LEU B 120 11.33 56.00 33.69
C LEU B 120 11.87 54.98 32.66
N SER B 121 11.71 53.69 32.95
CA SER B 121 12.19 52.57 32.12
C SER B 121 11.44 52.36 30.79
N ALA B 122 12.05 51.57 29.89
CA ALA B 122 11.48 51.10 28.62
C ALA B 122 12.15 49.77 28.18
N PHE B 123 11.58 49.08 27.19
CA PHE B 123 12.04 47.75 26.74
C PHE B 123 12.22 47.69 25.21
N ILE B 124 13.08 46.77 24.76
CA ILE B 124 13.44 46.54 23.35
C ILE B 124 13.41 45.03 22.99
N ALA B 125 12.56 44.27 23.68
CA ALA B 125 12.46 42.82 23.58
C ALA B 125 12.27 42.29 22.13
N ASP B 126 12.93 41.17 21.83
CA ASP B 126 12.84 40.45 20.56
C ASP B 126 11.73 39.39 20.59
N PHE B 127 11.40 38.86 19.41
CA PHE B 127 10.38 37.83 19.18
C PHE B 127 10.74 36.98 17.94
N CYS B 128 10.00 35.89 17.72
CA CYS B 128 10.17 34.96 16.61
C CYS B 128 8.87 34.81 15.81
N ILE B 129 8.96 34.40 14.54
CA ILE B 129 7.82 34.19 13.64
C ILE B 129 7.97 32.93 12.79
N PHE B 130 6.87 32.23 12.55
CA PHE B 130 6.83 30.92 11.89
C PHE B 130 5.57 30.74 11.03
N GLY B 131 5.57 29.71 10.18
CA GLY B 131 4.43 29.31 9.35
C GLY B 131 3.86 27.92 9.71
N VAL B 132 4.71 26.95 10.05
CA VAL B 132 4.31 25.58 10.42
C VAL B 132 5.20 25.01 11.55
N PRO B 133 4.99 25.42 12.82
CA PRO B 133 5.56 24.73 13.98
C PRO B 133 4.86 23.39 14.25
N GLU B 134 5.62 22.40 14.73
CA GLU B 134 5.14 21.06 15.11
C GLU B 134 5.96 20.56 16.31
N VAL B 135 5.34 20.43 17.49
CA VAL B 135 6.03 20.06 18.75
C VAL B 135 5.16 19.08 19.54
N ILE B 136 5.62 17.84 19.69
CA ILE B 136 4.91 16.76 20.41
C ILE B 136 5.86 15.86 21.21
N ASN B 137 5.31 15.18 22.22
CA ASN B 137 5.99 14.23 23.11
C ASN B 137 5.05 13.06 23.46
N SER B 138 5.61 11.88 23.69
CA SER B 138 4.90 10.66 24.06
C SER B 138 5.78 9.70 24.89
N LYS B 139 5.26 8.51 25.21
CA LYS B 139 6.02 7.39 25.80
C LYS B 139 7.08 6.79 24.87
N THR B 140 7.13 7.17 23.59
CA THR B 140 7.97 6.55 22.54
C THR B 140 8.79 7.53 21.69
N ILE B 141 8.43 8.82 21.64
CA ILE B 141 9.19 9.86 20.91
C ILE B 141 9.02 11.26 21.54
N SER B 142 9.94 12.16 21.22
CA SER B 142 9.92 13.58 21.64
C SER B 142 10.69 14.45 20.65
N PHE B 143 10.03 15.44 20.03
CA PHE B 143 10.67 16.34 19.06
C PHE B 143 9.94 17.69 18.90
N PRO B 144 10.70 18.82 18.83
CA PRO B 144 10.24 20.06 18.22
C PRO B 144 10.66 20.17 16.74
N ALA B 145 9.91 20.97 15.97
CA ALA B 145 10.22 21.40 14.60
C ALA B 145 9.49 22.72 14.27
N SER B 146 10.02 23.49 13.33
CA SER B 146 9.43 24.75 12.83
C SER B 146 10.03 25.19 11.50
N THR B 147 9.37 26.12 10.79
CA THR B 147 9.85 26.72 9.53
C THR B 147 9.21 28.08 9.25
N THR B 148 9.83 28.88 8.40
CA THR B 148 9.35 30.18 7.91
C THR B 148 9.97 30.51 6.54
N ALA B 149 9.31 31.34 5.73
CA ALA B 149 9.75 31.71 4.38
C ALA B 149 11.17 32.33 4.32
N ALA B 150 11.60 32.98 5.41
CA ALA B 150 12.93 33.58 5.53
C ALA B 150 14.04 32.59 5.95
N ALA B 151 13.72 31.37 6.39
CA ALA B 151 14.67 30.43 6.99
C ALA B 151 15.74 29.94 6.00
N ALA B 152 16.99 29.85 6.47
CA ALA B 152 18.16 29.38 5.71
C ALA B 152 18.06 27.92 5.20
N ASP B 153 17.10 27.14 5.69
CA ASP B 153 16.83 25.75 5.27
C ASP B 153 15.92 25.66 4.02
N GLN B 154 15.08 26.67 3.74
CA GLN B 154 14.12 26.63 2.63
C GLN B 154 14.68 26.77 1.18
N PRO B 155 15.81 27.44 0.87
CA PRO B 155 16.20 27.68 -0.53
C PRO B 155 16.63 26.42 -1.31
N GLN B 156 16.83 25.28 -0.63
CA GLN B 156 17.06 23.96 -1.25
C GLN B 156 15.77 23.18 -1.54
N GLU B 157 14.59 23.68 -1.13
CA GLU B 157 13.30 22.98 -1.28
C GLU B 157 12.46 23.51 -2.46
N ALA B 158 11.58 22.67 -3.01
CA ALA B 158 10.59 23.05 -4.01
C ALA B 158 9.41 23.85 -3.42
N ALA B 159 8.65 24.53 -4.29
CA ALA B 159 7.42 25.26 -3.95
C ALA B 159 6.48 25.32 -5.17
N ALA B 160 5.20 25.68 -4.95
CA ALA B 160 4.13 25.70 -5.95
C ALA B 160 4.38 26.60 -7.19
N GLY B 161 5.33 27.54 -7.10
CA GLY B 161 5.80 28.39 -8.21
C GLY B 161 7.33 28.53 -8.26
N GLY B 162 8.06 27.57 -7.68
CA GLY B 162 9.51 27.62 -7.47
C GLY B 162 9.93 28.47 -6.26
N ALA B 163 11.16 28.25 -5.77
CA ALA B 163 11.73 29.00 -4.64
C ALA B 163 12.03 30.46 -4.99
N ALA B 164 11.91 31.36 -4.01
CA ALA B 164 12.20 32.79 -4.16
C ALA B 164 13.70 33.13 -4.26
N GLY B 165 14.58 32.25 -3.77
CA GLY B 165 16.04 32.44 -3.77
C GLY B 165 16.53 33.64 -2.94
N ALA B 166 15.78 34.01 -1.89
CA ALA B 166 15.95 35.27 -1.14
C ALA B 166 15.89 35.09 0.39
N ALA B 167 16.07 33.86 0.89
CA ALA B 167 16.13 33.55 2.33
C ALA B 167 17.30 34.26 3.06
N ALA B 168 17.18 34.43 4.37
CA ALA B 168 18.24 34.88 5.26
C ALA B 168 19.31 33.79 5.50
N GLY B 169 20.35 34.11 6.28
CA GLY B 169 21.38 33.17 6.73
C GLY B 169 21.44 33.03 8.26
N ALA B 170 22.17 32.04 8.76
CA ALA B 170 22.42 31.83 10.19
C ALA B 170 23.13 33.07 10.80
N ALA B 171 22.53 33.64 11.86
CA ALA B 171 22.91 34.94 12.43
C ALA B 171 23.08 36.08 11.38
N GLY B 172 22.27 36.04 10.31
CA GLY B 172 22.41 36.87 9.11
C GLY B 172 21.05 37.21 8.48
N GLY B 173 20.15 37.78 9.27
CA GLY B 173 18.78 38.18 8.88
C GLY B 173 18.30 39.50 9.50
N ALA B 174 19.24 40.40 9.85
CA ALA B 174 19.02 41.68 10.53
C ALA B 174 18.41 42.78 9.61
N ALA B 175 17.33 42.46 8.89
CA ALA B 175 16.71 43.30 7.85
C ALA B 175 15.19 43.51 8.04
N ALA B 176 14.62 43.06 9.17
CA ALA B 176 13.21 43.24 9.51
C ALA B 176 12.80 44.71 9.73
N ALA B 177 11.52 45.02 9.51
CA ALA B 177 10.91 46.34 9.74
C ALA B 177 10.60 46.61 11.23
N GLY B 178 10.07 47.82 11.52
CA GLY B 178 9.60 48.24 12.84
C GLY B 178 8.54 49.35 12.75
N ALA B 179 7.86 49.74 13.83
CA ALA B 179 7.97 49.27 15.22
C ALA B 179 7.18 47.97 15.54
N ALA B 180 6.73 47.25 14.51
CA ALA B 180 6.13 45.91 14.57
C ALA B 180 4.78 45.76 15.33
N GLU B 181 3.78 46.66 15.31
CA GLU B 181 3.65 48.04 14.77
C GLU B 181 2.44 48.71 15.47
N ILE B 182 1.24 48.12 15.28
CA ILE B 182 -0.05 48.77 15.59
C ILE B 182 -0.48 48.69 17.07
N CYS B 183 0.31 48.05 17.91
CA CYS B 183 0.13 48.02 19.37
C CYS B 183 1.09 48.99 20.10
N PHE B 184 1.70 49.94 19.37
CA PHE B 184 2.54 51.00 19.93
C PHE B 184 2.43 52.32 19.14
N LEU B 185 2.47 52.26 17.81
CA LEU B 185 2.46 53.44 16.92
C LEU B 185 1.18 54.30 16.98
N PRO B 186 -0.06 53.77 16.79
CA PRO B 186 -1.27 54.59 16.79
C PRO B 186 -1.64 55.11 18.20
N GLU B 187 -1.18 54.43 19.24
CA GLU B 187 -1.31 54.85 20.64
C GLU B 187 -0.20 55.84 21.07
N ALA B 188 0.86 55.99 20.28
CA ALA B 188 2.13 56.65 20.63
C ALA B 188 2.62 56.28 22.06
N ALA B 189 2.49 55.00 22.43
CA ALA B 189 2.36 54.53 23.82
C ALA B 189 3.49 54.99 24.77
N GLY B 190 4.76 54.83 24.36
CA GLY B 190 5.96 55.37 25.01
C GLY B 190 6.37 54.78 26.39
N ALA B 191 5.41 54.56 27.29
CA ALA B 191 5.62 54.15 28.68
C ALA B 191 6.16 52.71 28.86
N ALA B 192 6.63 52.40 30.07
CA ALA B 192 7.27 51.13 30.46
C ALA B 192 6.44 49.87 30.17
N ALA B 193 7.13 48.73 30.03
CA ALA B 193 6.56 47.40 29.75
C ALA B 193 5.88 46.72 30.96
N ALA B 194 5.22 47.49 31.84
CA ALA B 194 4.23 46.94 32.77
C ALA B 194 2.93 46.64 31.98
N ASP B 195 2.03 47.62 31.86
CA ASP B 195 0.75 47.47 31.15
C ASP B 195 0.95 47.27 29.62
N ASN B 196 1.97 47.90 29.03
CA ASN B 196 2.20 47.89 27.58
C ASN B 196 2.73 46.56 27.01
N ALA B 197 3.28 45.66 27.85
CA ALA B 197 3.83 44.38 27.36
C ALA B 197 2.77 43.46 26.74
N PHE B 198 1.55 43.47 27.25
CA PHE B 198 0.54 42.47 26.91
C PHE B 198 -0.23 42.79 25.63
N THR B 199 -0.46 44.08 25.33
CA THR B 199 -0.94 44.53 24.01
C THR B 199 0.07 44.19 22.90
N LEU B 200 1.38 44.28 23.17
CA LEU B 200 2.43 43.83 22.24
C LEU B 200 2.44 42.29 22.09
N ARG B 201 2.44 41.53 23.19
CA ARG B 201 2.44 40.05 23.18
C ARG B 201 1.24 39.44 22.46
N THR B 202 0.03 39.98 22.63
CA THR B 202 -1.15 39.54 21.86
C THR B 202 -1.15 40.08 20.43
N GLY B 203 -0.72 41.34 20.24
CA GLY B 203 -0.67 42.01 18.94
C GLY B 203 0.21 41.31 17.91
N LEU B 204 1.43 40.92 18.30
CA LEU B 204 2.36 40.17 17.44
C LEU B 204 1.73 38.88 16.90
N GLN B 205 1.04 38.13 17.76
CA GLN B 205 0.33 36.90 17.39
C GLN B 205 -0.88 37.20 16.49
N GLU B 206 -1.74 38.14 16.89
CA GLU B 206 -2.98 38.48 16.17
C GLU B 206 -2.72 39.02 14.75
N VAL B 207 -1.72 39.90 14.60
CA VAL B 207 -1.30 40.43 13.29
C VAL B 207 -0.69 39.32 12.42
N ALA B 208 0.15 38.44 12.98
CA ALA B 208 0.70 37.29 12.25
C ALA B 208 -0.41 36.34 11.75
N ARG B 209 -1.39 36.01 12.60
CA ARG B 209 -2.55 35.16 12.24
C ARG B 209 -3.38 35.75 11.10
N ARG B 210 -3.56 37.09 11.09
CA ARG B 210 -4.22 37.85 10.02
C ARG B 210 -3.38 38.00 8.73
N TYR B 211 -2.15 37.47 8.73
CA TYR B 211 -1.26 37.31 7.57
C TYR B 211 -0.84 35.83 7.34
N ASN B 212 -1.67 34.88 7.79
CA ASN B 212 -1.50 33.43 7.61
C ASN B 212 -0.19 32.86 8.20
N ALA B 213 0.29 33.44 9.30
CA ALA B 213 1.49 33.06 10.04
C ALA B 213 1.22 33.06 11.55
N ILE B 214 2.25 32.83 12.37
CA ILE B 214 2.20 32.90 13.84
C ILE B 214 3.49 33.54 14.39
N ALA B 215 3.43 34.00 15.65
CA ALA B 215 4.54 34.62 16.37
C ALA B 215 4.70 34.02 17.78
N SER B 216 5.90 34.10 18.35
CA SER B 216 6.23 33.55 19.66
C SER B 216 7.36 34.31 20.37
N ALA B 217 7.56 33.99 21.66
CA ALA B 217 8.50 34.63 22.57
C ALA B 217 9.53 33.62 23.15
N ALA B 218 9.67 32.45 22.53
CA ALA B 218 10.61 31.39 22.93
C ALA B 218 12.06 31.88 22.84
N ALA B 219 12.72 32.00 23.99
CA ALA B 219 14.05 32.59 24.17
C ALA B 219 15.17 31.95 23.31
N ALA B 220 15.03 30.67 22.95
CA ALA B 220 15.98 29.88 22.18
C ALA B 220 15.25 29.01 21.13
N ALA B 221 14.35 29.62 20.37
CA ALA B 221 13.45 28.96 19.40
C ALA B 221 14.15 28.07 18.35
N ALA B 222 15.43 28.32 18.04
CA ALA B 222 16.27 27.50 17.19
C ALA B 222 17.74 27.52 17.63
N ALA B 223 18.46 26.42 17.41
CA ALA B 223 19.91 26.32 17.67
C ALA B 223 20.75 27.08 16.62
N ALA B 224 22.03 27.32 16.94
CA ALA B 224 23.03 27.99 16.09
C ALA B 224 22.61 29.36 15.50
N ALA B 225 21.72 30.08 16.20
CA ALA B 225 21.13 31.35 15.77
C ALA B 225 20.80 32.27 16.97
N ALA B 226 20.37 33.50 16.69
CA ALA B 226 19.81 34.43 17.68
C ALA B 226 18.49 33.92 18.32
N GLY B 227 18.00 34.64 19.34
CA GLY B 227 16.79 34.28 20.09
C GLY B 227 16.08 35.46 20.75
N ALA B 228 14.88 35.22 21.29
CA ALA B 228 13.98 36.22 21.84
C ALA B 228 14.41 36.77 23.21
N GLY B 229 15.49 37.55 23.27
CA GLY B 229 15.90 38.31 24.46
C GLY B 229 14.88 39.39 24.88
N SER B 230 14.99 39.91 26.11
CA SER B 230 14.06 40.94 26.66
C SER B 230 14.81 42.10 27.31
N HIS B 231 15.89 42.55 26.65
CA HIS B 231 16.71 43.69 27.09
C HIS B 231 15.88 44.97 27.28
N SER B 232 16.33 45.82 28.19
CA SER B 232 15.60 47.02 28.63
C SER B 232 16.55 48.15 29.04
N ILE B 233 15.98 49.34 29.26
CA ILE B 233 16.67 50.52 29.78
C ILE B 233 15.93 51.06 31.00
N TRP B 234 16.67 51.58 31.98
CA TRP B 234 16.18 51.86 33.33
C TRP B 234 16.69 53.19 33.87
N ASP B 235 15.81 53.87 34.60
CA ASP B 235 15.97 55.25 35.07
C ASP B 235 14.97 55.57 36.19
N VAL B 236 15.26 56.63 36.94
CA VAL B 236 14.60 57.05 38.18
C VAL B 236 14.43 58.57 38.14
N GLY B 237 13.37 59.13 38.73
CA GLY B 237 13.17 60.58 38.73
C GLY B 237 12.20 61.12 39.78
N ALA B 238 12.29 62.43 39.99
CA ALA B 238 11.45 63.23 40.88
C ALA B 238 11.43 64.69 40.43
N ALA B 239 10.38 65.45 40.80
CA ALA B 239 10.18 66.87 40.47
C ALA B 239 10.41 67.25 38.98
N GLY B 240 10.27 66.30 38.04
CA GLY B 240 10.43 66.50 36.60
C GLY B 240 11.85 66.23 36.04
N THR B 241 12.77 65.65 36.80
CA THR B 241 14.17 65.43 36.37
C THR B 241 14.69 64.00 36.62
N ASN B 242 15.66 63.60 35.77
CA ASN B 242 16.43 62.35 35.86
C ASN B 242 17.31 62.31 37.13
N ALA B 243 17.44 61.14 37.77
CA ALA B 243 18.21 60.93 39.01
C ALA B 243 19.40 59.94 38.87
N PHE B 244 19.68 59.42 37.69
CA PHE B 244 20.89 58.63 37.38
C PHE B 244 22.00 59.44 36.70
N ALA B 245 21.70 60.60 36.12
CA ALA B 245 22.66 61.54 35.55
C ALA B 245 23.63 62.11 36.61
N GLY B 246 24.91 62.27 36.25
CA GLY B 246 25.95 62.83 37.12
C GLY B 246 27.34 62.87 36.48
N ALA B 247 28.37 62.78 37.32
CA ALA B 247 29.78 62.99 36.97
C ALA B 247 30.70 61.77 37.22
N SER B 248 30.15 60.60 37.56
CA SER B 248 30.90 59.32 37.55
C SER B 248 30.98 58.73 36.14
N GLY B 249 31.54 57.51 36.01
CA GLY B 249 31.77 56.83 34.73
C GLY B 249 30.56 56.84 33.77
N ALA B 250 30.81 57.06 32.48
CA ALA B 250 29.80 57.17 31.41
C ALA B 250 28.59 58.09 31.74
N ARG B 251 28.83 59.17 32.52
CA ARG B 251 27.84 60.19 32.95
C ARG B 251 26.77 59.68 33.93
N ALA B 252 27.00 58.53 34.56
CA ALA B 252 26.22 58.02 35.69
C ALA B 252 26.45 58.85 36.99
N THR B 253 25.89 58.39 38.11
CA THR B 253 26.04 59.02 39.44
C THR B 253 26.06 57.99 40.57
N LEU B 254 26.34 58.42 41.80
CA LEU B 254 26.52 57.55 42.97
C LEU B 254 25.26 56.74 43.34
N THR B 255 24.07 57.34 43.31
CA THR B 255 22.81 56.57 43.50
C THR B 255 22.56 55.57 42.36
N GLY B 256 22.96 55.91 41.12
CA GLY B 256 22.98 54.96 40.00
C GLY B 256 23.93 53.78 40.24
N ALA B 257 25.14 54.03 40.75
CA ALA B 257 26.08 52.99 41.16
C ALA B 257 25.55 52.11 42.30
N LYS B 258 24.77 52.67 43.24
CA LYS B 258 24.07 51.92 44.31
C LYS B 258 22.90 51.08 43.77
N TRP B 259 22.11 51.57 42.82
CA TRP B 259 21.13 50.76 42.09
C TRP B 259 21.80 49.60 41.33
N LEU B 260 22.91 49.86 40.63
CA LEU B 260 23.73 48.84 39.96
C LEU B 260 24.29 47.81 40.95
N ALA B 261 24.79 48.23 42.11
CA ALA B 261 25.24 47.32 43.17
C ALA B 261 24.13 46.36 43.64
N GLY B 262 22.91 46.88 43.83
CA GLY B 262 21.73 46.08 44.13
C GLY B 262 21.38 45.08 43.02
N LEU B 263 21.36 45.53 41.76
CA LEU B 263 21.11 44.69 40.58
C LEU B 263 22.14 43.57 40.41
N LEU B 264 23.44 43.87 40.57
CA LEU B 264 24.53 42.90 40.53
C LEU B 264 24.38 41.81 41.61
N ALA B 265 24.07 42.21 42.85
CA ALA B 265 23.85 41.29 43.96
C ALA B 265 22.59 40.41 43.77
N ALA B 266 21.52 40.97 43.22
CA ALA B 266 20.23 40.29 43.03
C ALA B 266 20.14 39.43 41.75
N ALA B 267 21.10 39.51 40.82
CA ALA B 267 21.04 38.85 39.51
C ALA B 267 20.72 37.34 39.57
N ALA B 268 21.30 36.63 40.56
CA ALA B 268 21.07 35.20 40.80
C ALA B 268 19.63 34.83 41.22
N ALA B 269 18.80 35.81 41.58
CA ALA B 269 17.40 35.63 42.01
C ALA B 269 16.40 36.38 41.11
N ALA B 270 16.78 37.53 40.53
CA ALA B 270 16.00 38.21 39.48
C ALA B 270 15.77 37.33 38.25
N ALA B 271 16.72 36.43 37.95
CA ALA B 271 16.60 35.39 36.92
C ALA B 271 15.37 34.47 37.10
N ALA B 272 14.84 34.29 38.31
CA ALA B 272 13.62 33.52 38.55
C ALA B 272 12.36 34.11 37.86
N ALA B 273 12.37 35.41 37.56
CA ALA B 273 11.33 36.09 36.78
C ALA B 273 11.82 36.43 35.35
N ALA B 274 13.05 36.91 35.21
CA ALA B 274 13.64 37.35 33.93
C ALA B 274 14.05 36.21 32.98
N ALA B 275 14.19 34.98 33.49
CA ALA B 275 14.60 33.79 32.74
C ALA B 275 13.78 32.56 33.18
N ALA B 276 12.46 32.76 33.32
CA ALA B 276 11.46 31.84 33.90
C ALA B 276 11.25 30.48 33.19
N ALA B 277 12.06 30.12 32.18
CA ALA B 277 11.97 28.85 31.44
C ALA B 277 13.35 28.34 30.99
N ALA B 278 13.49 27.03 30.76
CA ALA B 278 14.73 26.40 30.32
C ALA B 278 15.29 26.95 28.99
N ALA B 279 14.41 27.44 28.10
CA ALA B 279 14.82 28.14 26.88
C ALA B 279 15.63 29.43 27.16
N ALA B 280 15.33 30.15 28.25
CA ALA B 280 16.09 31.34 28.65
C ALA B 280 17.46 30.97 29.24
N ALA B 281 17.55 29.86 29.98
CA ALA B 281 18.84 29.29 30.41
C ALA B 281 19.71 28.84 29.21
N ALA B 282 19.10 28.26 28.17
CA ALA B 282 19.77 27.93 26.91
C ALA B 282 20.24 29.19 26.14
N ALA B 283 19.41 30.25 26.10
CA ALA B 283 19.80 31.54 25.51
C ALA B 283 20.97 32.22 26.27
N ALA B 284 21.04 32.04 27.59
CA ALA B 284 22.10 32.54 28.46
C ALA B 284 23.40 31.69 28.45
N ALA B 285 23.43 30.55 27.74
CA ALA B 285 24.62 29.69 27.63
C ALA B 285 25.81 30.40 26.97
N ALA B 286 27.01 29.82 27.14
CA ALA B 286 28.29 30.37 26.66
C ALA B 286 28.30 30.65 25.13
N GLY B 287 28.83 31.82 24.75
CA GLY B 287 28.99 32.25 23.36
C GLY B 287 29.52 33.69 23.25
N ALA B 288 29.96 34.08 22.05
CA ALA B 288 30.61 35.37 21.77
C ALA B 288 29.74 36.63 21.99
N ALA B 289 28.42 36.45 22.14
CA ALA B 289 27.43 37.53 22.32
C ALA B 289 26.42 37.25 23.47
N ALA B 290 26.75 36.31 24.37
CA ALA B 290 25.96 36.03 25.57
C ALA B 290 25.88 37.25 26.53
N ALA B 291 24.91 37.22 27.46
CA ALA B 291 24.61 38.32 28.38
C ALA B 291 24.57 37.92 29.87
N ALA B 292 25.01 36.69 30.21
CA ALA B 292 25.06 36.17 31.58
C ALA B 292 26.15 36.80 32.48
N ALA B 293 27.11 37.54 31.90
CA ALA B 293 28.17 38.25 32.62
C ALA B 293 27.62 39.40 33.48
N THR B 294 27.27 39.13 34.74
CA THR B 294 26.77 40.09 35.74
C THR B 294 27.80 41.18 36.10
N ALA B 295 27.94 42.16 35.21
CA ALA B 295 28.91 43.25 35.23
C ALA B 295 28.31 44.53 34.61
N TRP B 296 28.99 45.66 34.80
CA TRP B 296 28.58 46.96 34.26
C TRP B 296 29.72 47.65 33.49
N GLY B 297 29.38 48.55 32.58
CA GLY B 297 30.34 49.24 31.71
C GLY B 297 29.66 50.04 30.58
N ALA B 298 30.44 50.49 29.60
CA ALA B 298 29.94 51.28 28.46
C ALA B 298 30.60 50.91 27.11
N ALA B 299 31.30 49.78 27.03
CA ALA B 299 32.00 49.29 25.83
C ALA B 299 32.07 47.75 25.73
N ALA B 300 32.20 47.05 26.86
CA ALA B 300 32.13 45.59 26.95
C ALA B 300 30.69 45.07 26.72
N ALA B 301 30.30 44.90 25.45
CA ALA B 301 28.92 44.64 25.02
C ALA B 301 28.23 43.42 25.66
N ALA B 302 28.99 42.40 26.07
CA ALA B 302 28.47 41.20 26.74
C ALA B 302 28.06 41.42 28.22
N CYS B 303 28.51 42.51 28.87
CA CYS B 303 28.20 42.80 30.28
C CYS B 303 26.72 43.17 30.48
N ALA B 304 26.09 42.56 31.48
CA ALA B 304 24.64 42.56 31.70
C ALA B 304 23.99 43.92 32.01
N LEU B 305 24.75 44.92 32.47
CA LEU B 305 24.27 46.21 32.97
C LEU B 305 25.04 47.39 32.33
N ASN B 306 24.86 47.60 31.04
CA ASN B 306 25.46 48.74 30.32
C ASN B 306 25.01 50.10 30.93
N ILE B 307 25.80 51.15 30.71
CA ILE B 307 25.37 52.55 30.87
C ILE B 307 24.94 53.08 29.51
N ALA B 308 23.70 53.56 29.42
CA ALA B 308 23.16 54.25 28.25
C ALA B 308 23.66 55.71 28.23
N ALA B 309 24.92 55.90 27.86
CA ALA B 309 25.53 57.21 27.67
C ALA B 309 24.78 58.04 26.61
N ALA B 310 24.67 59.36 26.84
CA ALA B 310 23.97 60.31 25.96
C ALA B 310 24.61 61.71 26.04
N ALA B 311 24.41 62.53 25.00
CA ALA B 311 24.87 63.92 24.95
C ALA B 311 24.06 64.84 25.89
N ALA B 312 22.74 64.62 26.00
CA ALA B 312 21.86 65.27 26.96
C ALA B 312 21.89 64.53 28.30
N ALA B 313 22.12 65.24 29.41
CA ALA B 313 22.15 64.67 30.76
C ALA B 313 20.83 63.95 31.13
N LYS B 314 19.68 64.47 30.67
CA LYS B 314 18.35 63.84 30.83
C LYS B 314 18.25 62.42 30.27
N GLY B 315 19.12 62.05 29.32
CA GLY B 315 19.18 60.74 28.68
C GLY B 315 20.22 59.78 29.26
N ALA B 316 21.01 60.19 30.27
CA ALA B 316 21.92 59.31 30.99
C ALA B 316 21.14 58.29 31.84
N GLN B 317 21.18 57.01 31.45
CA GLN B 317 20.39 55.91 32.00
C GLN B 317 21.23 54.62 32.07
N ILE B 318 20.65 53.49 32.49
CA ILE B 318 21.31 52.16 32.43
C ILE B 318 20.54 51.20 31.51
N GLU B 319 21.15 50.08 31.14
CA GLU B 319 20.66 49.12 30.13
C GLU B 319 20.85 47.68 30.63
N ASN B 320 19.76 47.00 30.96
CA ASN B 320 19.74 45.68 31.57
C ASN B 320 19.48 44.58 30.51
N LYS B 321 20.20 43.45 30.61
CA LYS B 321 20.23 42.39 29.59
C LYS B 321 20.00 40.96 30.13
N ALA B 322 19.88 40.80 31.45
CA ALA B 322 19.85 39.52 32.16
C ALA B 322 18.53 38.73 32.04
N GLY B 323 17.87 38.74 30.88
CA GLY B 323 16.58 38.06 30.68
C GLY B 323 16.14 37.86 29.23
N ALA B 324 15.08 37.07 29.06
CA ALA B 324 14.48 36.73 27.77
C ALA B 324 12.94 36.73 27.80
N ALA B 325 12.30 36.82 26.63
CA ALA B 325 10.88 37.11 26.46
C ALA B 325 9.91 36.02 27.00
N ALA B 326 10.42 34.85 27.42
CA ALA B 326 9.68 33.87 28.21
C ALA B 326 9.27 34.37 29.63
N ALA B 327 9.86 35.48 30.09
CA ALA B 327 9.60 36.12 31.39
C ALA B 327 8.16 36.60 31.62
N ASN B 328 7.84 36.94 32.88
CA ASN B 328 6.62 37.63 33.31
C ASN B 328 6.88 39.14 33.48
N PRO B 329 6.40 40.02 32.57
CA PRO B 329 6.68 41.45 32.59
C PRO B 329 6.45 42.14 33.94
N TYR B 330 5.27 41.97 34.56
CA TYR B 330 4.97 42.62 35.84
C TYR B 330 5.94 42.20 36.97
N LEU B 331 6.29 40.91 37.03
CA LEU B 331 7.21 40.40 38.07
C LEU B 331 8.68 40.77 37.81
N VAL B 332 9.11 40.89 36.54
CA VAL B 332 10.41 41.47 36.18
C VAL B 332 10.49 42.94 36.59
N LEU B 333 9.47 43.74 36.24
CA LEU B 333 9.33 45.15 36.60
C LEU B 333 9.36 45.33 38.14
N ALA B 334 8.74 44.42 38.90
CA ALA B 334 8.82 44.42 40.36
C ALA B 334 10.22 44.03 40.90
N ALA B 335 10.77 42.90 40.46
CA ALA B 335 12.01 42.32 41.01
C ALA B 335 13.26 43.18 40.74
N THR B 336 13.39 43.72 39.53
CA THR B 336 14.53 44.59 39.15
C THR B 336 14.54 45.89 39.97
N VAL B 337 13.35 46.44 40.28
CA VAL B 337 13.18 47.60 41.16
C VAL B 337 13.46 47.25 42.62
N ALA B 338 12.96 46.11 43.12
CA ALA B 338 13.23 45.64 44.49
C ALA B 338 14.73 45.53 44.82
N ALA B 339 15.55 45.12 43.85
CA ALA B 339 17.01 45.12 43.98
C ALA B 339 17.60 46.54 44.13
N GLY B 340 17.19 47.47 43.27
CA GLY B 340 17.65 48.87 43.32
C GLY B 340 17.23 49.61 44.59
N LEU B 341 15.98 49.38 45.05
CA LEU B 341 15.38 49.97 46.25
C LEU B 341 16.14 49.68 47.56
N ASP B 342 16.98 48.64 47.62
CA ASP B 342 17.78 48.32 48.81
C ASP B 342 19.29 48.48 48.60
N GLY B 343 19.79 48.43 47.35
CA GLY B 343 21.16 48.86 47.04
C GLY B 343 21.48 50.29 47.51
N ILE B 344 20.49 51.19 47.44
CA ILE B 344 20.56 52.56 47.99
C ILE B 344 20.48 52.65 49.53
N GLN B 345 20.18 51.54 50.23
CA GLN B 345 20.05 51.48 51.70
C GLN B 345 21.19 50.68 52.35
N SER B 346 21.70 49.64 51.69
CA SER B 346 22.98 48.99 52.03
C SER B 346 24.20 49.87 51.72
N ALA B 347 24.02 50.88 50.85
CA ALA B 347 25.07 51.73 50.28
C ALA B 347 26.24 50.94 49.65
N GLY B 348 25.96 49.75 49.10
CA GLY B 348 26.92 48.93 48.36
C GLY B 348 27.45 49.60 47.08
N ALA B 349 28.47 49.00 46.47
CA ALA B 349 29.15 49.52 45.29
C ALA B 349 29.29 48.47 44.18
N ALA B 350 29.23 48.91 42.92
CA ALA B 350 29.22 48.07 41.73
C ALA B 350 30.62 47.57 41.29
N ALA B 351 31.68 47.85 42.05
CA ALA B 351 33.09 47.75 41.67
C ALA B 351 33.43 48.54 40.38
N GLY B 352 34.66 48.42 39.87
CA GLY B 352 35.10 49.10 38.64
C GLY B 352 34.36 48.63 37.38
N ALA B 353 34.22 49.53 36.40
CA ALA B 353 33.59 49.23 35.11
C ALA B 353 34.41 48.23 34.26
N ALA B 354 33.72 47.34 33.55
CA ALA B 354 34.30 46.39 32.61
C ALA B 354 34.71 47.07 31.29
N ALA B 355 35.98 46.93 30.91
CA ALA B 355 36.56 47.39 29.64
C ALA B 355 37.64 46.43 29.07
N ALA B 356 37.81 45.26 29.69
CA ALA B 356 38.72 44.19 29.27
C ALA B 356 38.03 43.22 28.27
N ASP B 357 38.50 41.97 28.19
CA ASP B 357 37.83 40.88 27.47
C ASP B 357 36.38 40.63 27.94
N ALA B 358 35.57 39.95 27.12
CA ALA B 358 34.10 39.92 27.16
C ALA B 358 33.44 39.48 28.49
N ALA B 359 34.12 38.69 29.34
CA ALA B 359 33.61 38.25 30.64
C ALA B 359 34.73 38.15 31.71
N ALA B 360 34.34 38.49 32.95
CA ALA B 360 35.10 38.69 34.21
C ALA B 360 34.93 40.16 34.69
N ALA B 361 35.48 40.49 35.87
CA ALA B 361 35.54 41.83 36.46
C ALA B 361 34.25 42.68 36.28
N ALA B 362 33.18 42.47 37.06
CA ALA B 362 33.14 41.73 38.31
C ALA B 362 33.28 40.18 38.22
N PRO B 363 32.42 39.44 37.49
CA PRO B 363 32.02 38.05 37.80
C PRO B 363 33.12 37.09 38.29
N SER B 364 33.18 36.65 39.55
CA SER B 364 32.43 37.00 40.78
C SER B 364 30.89 37.02 40.73
N GLU B 365 30.24 37.82 41.56
CA GLU B 365 29.63 37.44 42.85
C GLU B 365 30.65 36.77 43.81
N ILE B 366 30.92 35.46 43.91
CA ILE B 366 30.12 34.24 43.67
C ILE B 366 30.66 33.10 44.56
N PRO B 367 29.78 32.31 45.20
CA PRO B 367 30.12 30.98 45.70
C PRO B 367 29.41 29.89 44.88
N GLY B 368 30.05 28.72 44.74
CA GLY B 368 29.69 27.70 43.73
C GLY B 368 28.77 26.57 44.22
N LYS B 369 27.88 26.83 45.18
CA LYS B 369 27.00 25.80 45.80
C LYS B 369 25.57 26.32 46.03
N MET B 370 24.60 25.42 45.98
CA MET B 370 23.19 25.71 46.33
C MET B 370 23.03 26.11 47.80
N GLU B 371 23.81 25.52 48.71
CA GLU B 371 23.83 25.91 50.13
C GLU B 371 24.22 27.38 50.33
N ASP B 372 25.19 27.88 49.56
CA ASP B 372 25.60 29.29 49.60
C ASP B 372 24.60 30.23 48.88
N ALA B 373 23.92 29.77 47.82
CA ALA B 373 22.82 30.52 47.21
C ALA B 373 21.63 30.69 48.19
N LEU B 374 21.31 29.65 48.96
CA LEU B 374 20.33 29.70 50.05
C LEU B 374 20.81 30.57 51.23
N ALA B 375 22.10 30.52 51.58
CA ALA B 375 22.68 31.41 52.59
C ALA B 375 22.56 32.89 52.18
N ALA B 376 22.83 33.24 50.92
CA ALA B 376 22.61 34.59 50.38
C ALA B 376 21.13 35.00 50.48
N LEU B 377 20.20 34.13 50.08
CA LEU B 377 18.74 34.33 50.20
C LEU B 377 18.26 34.55 51.66
N GLU B 378 19.07 34.22 52.67
CA GLU B 378 18.77 34.35 54.10
C GLU B 378 19.71 35.34 54.84
N GLN B 379 20.54 36.11 54.11
CA GLN B 379 21.41 37.17 54.63
C GLN B 379 21.23 38.50 53.88
N ASP B 380 20.94 38.45 52.58
CA ASP B 380 20.42 39.55 51.75
C ASP B 380 19.64 38.96 50.55
N ALA B 381 18.35 38.65 50.62
CA ALA B 381 17.34 38.80 51.70
C ALA B 381 16.72 40.20 51.89
N GLU B 382 17.26 41.26 51.26
CA GLU B 382 16.69 42.63 51.34
C GLU B 382 16.65 43.32 49.95
N CYS B 383 17.66 43.10 49.10
CA CYS B 383 17.56 43.30 47.64
C CYS B 383 16.65 42.26 46.95
N LEU B 384 16.20 41.23 47.66
CA LEU B 384 15.45 40.07 47.14
C LEU B 384 14.08 40.00 47.81
N LYS B 385 13.04 39.70 47.01
CA LYS B 385 11.65 39.42 47.43
C LYS B 385 11.08 40.43 48.46
N ALA B 386 11.44 41.71 48.31
CA ALA B 386 11.17 42.77 49.28
C ALA B 386 9.66 43.03 49.51
N GLY B 387 9.23 42.98 50.77
CA GLY B 387 7.87 43.29 51.21
C GLY B 387 6.78 42.29 50.78
N LEU B 388 5.55 42.59 51.18
CA LEU B 388 4.32 41.78 51.01
C LEU B 388 4.34 40.35 51.63
N GLY B 389 3.16 39.76 51.66
CA GLY B 389 2.92 38.33 51.46
C GLY B 389 1.71 38.20 50.51
N GLU B 390 1.32 37.06 49.92
CA GLU B 390 1.67 35.63 50.11
C GLU B 390 0.63 34.93 51.02
N ALA B 391 -0.05 35.69 51.89
CA ALA B 391 -1.21 35.22 52.66
C ALA B 391 -2.34 34.70 51.76
N PHE B 392 -2.63 35.42 50.66
CA PHE B 392 -3.60 34.99 49.63
C PHE B 392 -3.16 33.70 48.91
N ILE B 393 -1.87 33.61 48.56
CA ILE B 393 -1.29 32.42 47.91
C ILE B 393 -1.43 31.20 48.83
N ARG B 394 -0.94 31.26 50.07
CA ARG B 394 -1.03 30.12 51.01
C ARG B 394 -2.47 29.74 51.35
N ALA B 395 -3.40 30.70 51.44
CA ALA B 395 -4.82 30.42 51.66
C ALA B 395 -5.46 29.61 50.50
N ALA B 396 -5.24 30.03 49.25
CA ALA B 396 -5.74 29.32 48.07
C ALA B 396 -5.03 27.98 47.83
N VAL B 397 -3.71 27.95 47.97
CA VAL B 397 -2.88 26.74 47.81
C VAL B 397 -3.18 25.71 48.91
N ALA B 398 -3.48 26.12 50.14
CA ALA B 398 -3.90 25.20 51.21
C ALA B 398 -5.15 24.39 50.84
N ALA B 399 -6.16 25.02 50.23
CA ALA B 399 -7.37 24.32 49.77
C ALA B 399 -7.05 23.22 48.74
N ALA B 400 -6.16 23.50 47.78
CA ALA B 400 -5.67 22.50 46.82
C ALA B 400 -4.83 21.41 47.51
N LYS B 401 -3.90 21.79 48.40
CA LYS B 401 -3.07 20.87 49.18
C LYS B 401 -3.88 19.90 50.04
N TYR B 402 -4.96 20.34 50.68
CA TYR B 402 -5.82 19.44 51.47
C TYR B 402 -6.43 18.32 50.61
N GLU B 403 -6.92 18.63 49.40
CA GLU B 403 -7.42 17.61 48.46
C GLU B 403 -6.31 16.67 47.98
N LEU B 404 -5.15 17.22 47.59
CA LEU B 404 -4.00 16.45 47.14
C LEU B 404 -3.45 15.52 48.24
N GLU B 405 -3.28 16.03 49.46
CA GLU B 405 -2.82 15.24 50.61
C GLU B 405 -3.84 14.17 51.04
N ASN B 406 -5.14 14.41 50.91
CA ASN B 406 -6.16 13.38 51.16
C ASN B 406 -6.07 12.22 50.15
N GLU B 407 -5.85 12.50 48.86
CA GLU B 407 -5.60 11.45 47.86
C GLU B 407 -4.25 10.75 48.08
N GLU B 408 -3.17 11.49 48.34
CA GLU B 408 -1.83 10.95 48.56
C GLU B 408 -1.71 10.11 49.84
N THR B 409 -2.33 10.51 50.96
CA THR B 409 -2.26 9.73 52.21
C THR B 409 -3.01 8.40 52.12
N ASP B 410 -4.11 8.34 51.35
CA ASP B 410 -4.79 7.07 51.05
C ASP B 410 -3.94 6.17 50.14
N ALA B 411 -3.29 6.74 49.11
CA ALA B 411 -2.36 6.02 48.25
C ALA B 411 -1.14 5.49 49.02
N GLU B 412 -0.52 6.31 49.88
CA GLU B 412 0.56 5.89 50.79
C GLU B 412 0.11 4.79 51.76
N GLY B 413 -1.11 4.88 52.32
CA GLY B 413 -1.70 3.84 53.15
C GLY B 413 -1.77 2.48 52.45
N ASN B 414 -2.22 2.45 51.19
CA ASN B 414 -2.20 1.24 50.36
C ASN B 414 -0.76 0.77 50.06
N LYS B 415 0.14 1.68 49.69
CA LYS B 415 1.56 1.38 49.41
C LYS B 415 2.28 0.75 50.61
N PHE B 416 2.07 1.25 51.83
CA PHE B 416 2.64 0.67 53.05
C PHE B 416 2.21 -0.79 53.25
N LEU B 417 0.93 -1.10 53.09
CA LEU B 417 0.43 -2.49 53.12
C LEU B 417 1.10 -3.36 52.04
N GLU B 418 1.23 -2.84 50.82
CA GLU B 418 1.95 -3.50 49.71
C GLU B 418 3.47 -3.65 49.95
N TYR B 419 4.06 -2.97 50.93
CA TYR B 419 5.46 -3.15 51.36
C TYR B 419 5.59 -4.11 52.56
N PHE B 420 4.56 -4.24 53.41
CA PHE B 420 4.57 -5.14 54.57
C PHE B 420 4.31 -6.62 54.22
N ILE B 421 3.55 -6.90 53.15
CA ILE B 421 3.31 -8.27 52.62
C ILE B 421 4.59 -8.99 52.14
N SER C 1 -50.83 38.27 26.72
CA SER C 1 -51.48 39.00 25.62
C SER C 1 -51.44 38.21 24.32
N ALA C 2 -52.58 37.63 23.91
CA ALA C 2 -52.72 37.00 22.59
C ALA C 2 -52.46 38.01 21.45
N GLU C 3 -52.95 39.24 21.63
CA GLU C 3 -52.79 40.36 20.69
C GLU C 3 -51.32 40.66 20.41
N HIS C 4 -50.46 40.70 21.45
CA HIS C 4 -49.02 40.93 21.31
C HIS C 4 -48.32 39.84 20.48
N VAL C 5 -48.63 38.56 20.73
CA VAL C 5 -48.07 37.46 19.93
C VAL C 5 -48.52 37.55 18.46
N LEU C 6 -49.78 37.89 18.20
CA LEU C 6 -50.29 38.10 16.84
C LEU C 6 -49.61 39.29 16.15
N THR C 7 -49.45 40.44 16.80
CA THR C 7 -48.79 41.62 16.20
C THR C 7 -47.29 41.42 15.99
N MET C 8 -46.60 40.61 16.81
CA MET C 8 -45.19 40.23 16.55
C MET C 8 -44.99 39.54 15.20
N LEU C 9 -45.96 38.75 14.72
CA LEU C 9 -45.89 38.10 13.40
C LEU C 9 -45.84 39.13 12.25
N ASN C 10 -46.53 40.26 12.40
CA ASN C 10 -46.48 41.39 11.45
C ASN C 10 -45.22 42.26 11.66
N GLU C 11 -44.92 42.60 12.92
CA GLU C 11 -43.80 43.48 13.31
C GLU C 11 -42.42 42.93 12.87
N HIS C 12 -42.27 41.61 12.81
CA HIS C 12 -41.03 40.91 12.42
C HIS C 12 -41.21 40.04 11.16
N ALA C 13 -42.32 40.23 10.42
CA ALA C 13 -42.68 39.54 9.18
C ALA C 13 -42.47 38.01 9.20
N ALA C 14 -42.78 37.37 10.34
CA ALA C 14 -42.55 35.95 10.57
C ALA C 14 -43.31 35.05 9.58
N ALA C 15 -42.58 34.26 8.80
CA ALA C 15 -43.14 33.26 7.88
C ALA C 15 -43.53 31.94 8.59
N PHE C 16 -42.82 31.59 9.66
CA PHE C 16 -43.01 30.36 10.46
C PHE C 16 -42.82 30.64 11.96
N VAL C 17 -43.34 29.74 12.80
CA VAL C 17 -43.22 29.80 14.27
C VAL C 17 -42.82 28.43 14.82
N ARG C 18 -41.95 28.42 15.83
CA ARG C 18 -41.37 27.24 16.47
C ARG C 18 -41.96 27.03 17.86
N PHE C 19 -42.67 25.93 18.08
CA PHE C 19 -43.06 25.44 19.41
C PHE C 19 -41.86 24.75 20.07
N GLU C 20 -41.70 24.94 21.39
CA GLU C 20 -40.54 24.41 22.13
C GLU C 20 -40.93 23.83 23.50
N ALA C 21 -40.28 22.73 23.89
CA ALA C 21 -40.48 21.99 25.14
C ALA C 21 -39.17 21.33 25.60
N THR C 22 -39.20 20.57 26.70
CA THR C 22 -38.04 19.86 27.28
C THR C 22 -38.45 18.48 27.78
N ASP C 23 -37.59 17.48 27.61
CA ASP C 23 -37.82 16.10 28.06
C ASP C 23 -37.39 15.84 29.53
N ALA C 24 -37.72 14.65 30.06
CA ALA C 24 -37.39 14.25 31.42
C ALA C 24 -35.87 14.13 31.69
N ALA C 25 -35.06 13.81 30.68
CA ALA C 25 -33.59 13.73 30.80
C ALA C 25 -32.93 15.11 30.97
N GLY C 26 -33.44 16.14 30.29
CA GLY C 26 -33.00 17.54 30.44
C GLY C 26 -32.68 18.26 29.12
N ALA C 27 -33.03 17.70 27.97
CA ALA C 27 -32.76 18.30 26.66
C ALA C 27 -34.02 18.96 26.08
N SER C 28 -33.86 20.17 25.53
CA SER C 28 -34.91 20.85 24.77
C SER C 28 -35.22 20.15 23.44
N ARG C 29 -36.46 20.31 22.98
CA ARG C 29 -37.02 19.76 21.72
C ARG C 29 -37.98 20.79 21.10
N SER C 30 -38.19 20.70 19.78
CA SER C 30 -39.00 21.69 19.05
C SER C 30 -39.66 21.13 17.77
N LYS C 31 -40.71 21.85 17.32
CA LYS C 31 -41.48 21.61 16.08
C LYS C 31 -41.93 22.96 15.50
N SER C 32 -42.33 23.02 14.24
CA SER C 32 -42.71 24.30 13.59
C SER C 32 -43.76 24.16 12.48
N ILE C 33 -44.45 25.28 12.23
CA ILE C 33 -45.49 25.45 11.19
C ILE C 33 -45.47 26.88 10.62
N PRO C 34 -46.06 27.13 9.43
CA PRO C 34 -46.30 28.49 8.93
C PRO C 34 -47.07 29.37 9.93
N ALA C 35 -46.76 30.66 9.97
CA ALA C 35 -47.42 31.63 10.86
C ALA C 35 -48.93 31.82 10.57
N GLN C 36 -49.37 31.50 9.34
CA GLN C 36 -50.76 31.63 8.88
C GLN C 36 -51.79 30.80 9.68
N PHE C 37 -51.35 29.75 10.37
CA PHE C 37 -52.22 28.88 11.19
C PHE C 37 -52.66 29.50 12.54
N PHE C 38 -52.03 30.59 12.99
CA PHE C 38 -52.29 31.20 14.30
C PHE C 38 -53.64 31.93 14.33
N GLU C 39 -54.56 31.47 15.18
CA GLU C 39 -55.95 31.96 15.34
C GLU C 39 -56.42 31.85 16.80
N LYS C 40 -57.57 32.44 17.15
CA LYS C 40 -58.10 32.49 18.53
C LYS C 40 -58.27 31.13 19.21
N VAL C 41 -58.51 30.06 18.46
CA VAL C 41 -58.78 28.70 19.00
C VAL C 41 -57.55 28.10 19.69
N ILE C 42 -56.35 28.21 19.10
CA ILE C 42 -55.12 27.63 19.66
C ILE C 42 -54.70 28.28 20.98
N HIS C 43 -55.12 29.53 21.23
CA HIS C 43 -54.92 30.24 22.50
C HIS C 43 -55.74 29.67 23.67
N ALA C 44 -56.68 28.76 23.40
CA ALA C 44 -57.55 28.11 24.39
C ALA C 44 -57.56 26.57 24.31
N ARG C 45 -57.06 25.98 23.21
CA ARG C 45 -57.05 24.52 22.96
C ARG C 45 -55.69 23.94 22.56
N GLY C 46 -54.66 24.76 22.38
CA GLY C 46 -53.32 24.33 21.97
C GLY C 46 -53.30 23.60 20.62
N TYR C 47 -52.35 22.68 20.45
CA TYR C 47 -52.19 21.82 19.28
C TYR C 47 -52.23 20.34 19.67
N LEU C 48 -53.25 19.63 19.19
CA LEU C 48 -53.36 18.17 19.28
C LEU C 48 -52.31 17.47 18.40
N GLU C 49 -51.67 16.43 18.94
CA GLU C 49 -50.72 15.56 18.23
C GLU C 49 -50.83 14.09 18.68
N ASP C 50 -50.38 13.17 17.82
CA ASP C 50 -50.14 11.76 18.17
C ASP C 50 -48.92 11.62 19.09
N GLY C 51 -49.15 11.18 20.33
CA GLY C 51 -48.10 10.97 21.34
C GLY C 51 -47.34 9.65 21.22
N GLU C 52 -47.78 8.69 20.39
CA GLU C 52 -47.07 7.40 20.22
C GLU C 52 -45.64 7.55 19.65
N VAL C 53 -45.31 8.70 19.07
CA VAL C 53 -43.95 9.11 18.66
C VAL C 53 -42.96 9.15 19.83
N ASN C 54 -43.44 9.24 21.08
CA ASN C 54 -42.64 9.26 22.31
C ASN C 54 -43.09 8.16 23.28
N ALA C 55 -42.18 7.25 23.64
CA ALA C 55 -42.42 6.02 24.40
C ALA C 55 -42.88 6.19 25.88
N GLY C 56 -43.23 7.41 26.30
CA GLY C 56 -43.67 7.76 27.65
C GLY C 56 -44.64 8.94 27.73
N ALA C 57 -45.40 9.22 26.66
CA ALA C 57 -46.33 10.35 26.57
C ALA C 57 -47.77 10.00 26.14
N ALA C 58 -48.02 8.81 25.57
CA ALA C 58 -49.36 8.34 25.20
C ALA C 58 -49.40 6.80 25.07
N GLY C 59 -50.54 6.27 24.62
CA GLY C 59 -50.74 4.86 24.24
C GLY C 59 -51.68 4.71 23.04
N ALA C 60 -51.75 3.52 22.44
CA ALA C 60 -52.43 3.29 21.16
C ALA C 60 -53.95 3.59 21.16
N ALA C 61 -54.63 3.44 22.31
CA ALA C 61 -56.05 3.77 22.49
C ALA C 61 -56.29 5.25 22.89
N ALA C 62 -55.24 6.05 23.02
CA ALA C 62 -55.24 7.42 23.51
C ALA C 62 -54.22 8.30 22.74
N SER C 63 -54.11 8.08 21.43
CA SER C 63 -53.19 8.72 20.47
C SER C 63 -53.48 10.22 20.18
N ASP C 64 -53.89 10.97 21.20
CA ASP C 64 -54.18 12.41 21.15
C ASP C 64 -53.75 13.09 22.46
N ILE C 65 -52.73 13.94 22.39
CA ILE C 65 -52.22 14.79 23.49
C ILE C 65 -51.98 16.22 22.99
N VAL C 66 -51.81 17.19 23.89
CA VAL C 66 -51.84 18.63 23.58
C VAL C 66 -50.52 19.31 23.96
N LEU C 67 -49.88 19.97 22.98
CA LEU C 67 -48.91 21.04 23.26
C LEU C 67 -49.67 22.36 23.47
N MET C 68 -49.27 23.13 24.50
CA MET C 68 -49.96 24.35 24.91
C MET C 68 -48.97 25.53 24.92
N PRO C 69 -48.83 26.28 23.80
CA PRO C 69 -48.01 27.48 23.74
C PRO C 69 -48.55 28.59 24.64
N GLU C 70 -47.69 29.56 24.99
CA GLU C 70 -48.03 30.68 25.87
C GLU C 70 -47.81 32.05 25.24
N LEU C 71 -48.38 33.07 25.87
CA LEU C 71 -48.69 34.37 25.24
C LEU C 71 -48.06 35.55 26.00
N SER C 72 -46.94 35.27 26.67
CA SER C 72 -46.06 36.20 27.39
C SER C 72 -44.56 35.83 27.23
N THR C 73 -44.26 34.88 26.34
CA THR C 73 -42.96 34.18 26.24
C THR C 73 -42.40 34.13 24.81
N ALA C 74 -43.12 34.66 23.82
CA ALA C 74 -42.70 34.69 22.42
C ALA C 74 -41.43 35.54 22.19
N ALA C 75 -40.59 35.13 21.23
CA ALA C 75 -39.38 35.85 20.81
C ALA C 75 -39.07 35.61 19.32
N VAL C 76 -38.31 36.50 18.70
CA VAL C 76 -37.78 36.31 17.33
C VAL C 76 -36.66 35.26 17.35
N ALA C 77 -36.74 34.27 16.46
CA ALA C 77 -35.75 33.18 16.35
C ALA C 77 -34.52 33.61 15.50
N ALA C 78 -33.87 34.71 15.91
CA ALA C 78 -32.88 35.45 15.12
C ALA C 78 -31.69 34.65 14.55
N ALA C 79 -31.36 33.49 15.14
CA ALA C 79 -30.33 32.57 14.64
C ALA C 79 -30.72 31.82 13.34
N ALA C 80 -32.01 31.80 12.96
CA ALA C 80 -32.52 31.12 11.78
C ALA C 80 -32.10 31.79 10.45
N ALA C 81 -32.17 31.03 9.35
CA ALA C 81 -31.91 31.50 7.98
C ALA C 81 -33.06 32.31 7.34
N ALA C 82 -34.18 32.50 8.05
CA ALA C 82 -35.38 33.20 7.60
C ALA C 82 -36.05 33.99 8.75
N ALA C 83 -36.99 34.87 8.41
CA ALA C 83 -37.83 35.58 9.37
C ALA C 83 -38.81 34.63 10.07
N THR C 84 -38.53 34.26 11.32
CA THR C 84 -39.33 33.31 12.13
C THR C 84 -39.34 33.68 13.62
N ALA C 85 -40.24 33.06 14.38
CA ALA C 85 -40.39 33.27 15.83
C ALA C 85 -40.39 31.94 16.60
N ALA C 86 -40.27 32.00 17.92
CA ALA C 86 -40.26 30.85 18.81
C ALA C 86 -41.08 31.10 20.09
N VAL C 87 -41.73 30.05 20.58
CA VAL C 87 -42.69 30.08 21.71
C VAL C 87 -42.54 28.78 22.51
N ILE C 88 -42.14 28.88 23.78
CA ILE C 88 -42.15 27.74 24.71
C ILE C 88 -43.58 27.34 25.10
N CYS C 89 -43.76 26.05 25.41
CA CYS C 89 -45.04 25.42 25.67
C CYS C 89 -45.02 24.63 26.99
N ASP C 90 -46.19 24.49 27.62
CA ASP C 90 -46.48 23.36 28.50
C ASP C 90 -47.04 22.18 27.66
N GLY C 91 -47.20 21.00 28.28
CA GLY C 91 -47.81 19.83 27.67
C GLY C 91 -48.91 19.25 28.56
N GLY C 92 -49.98 18.71 27.97
CA GLY C 92 -51.20 18.35 28.68
C GLY C 92 -52.12 17.36 27.94
N ALA C 93 -53.15 16.94 28.67
CA ALA C 93 -54.31 16.14 28.30
C ALA C 93 -55.29 15.86 29.47
N ALA C 94 -54.94 15.63 30.75
CA ALA C 94 -53.63 15.44 31.43
C ALA C 94 -52.79 16.74 31.62
N ALA C 95 -51.50 16.79 31.99
CA ALA C 95 -50.45 15.76 32.08
C ALA C 95 -49.50 16.02 33.27
N ALA C 96 -48.56 15.09 33.48
CA ALA C 96 -47.64 15.11 34.62
C ALA C 96 -46.26 14.46 34.32
N ALA C 97 -45.76 14.63 33.09
CA ALA C 97 -44.38 14.30 32.70
C ALA C 97 -43.64 15.50 32.07
N SER C 98 -44.38 16.55 31.67
CA SER C 98 -43.89 17.86 31.22
C SER C 98 -43.13 18.60 32.34
N PRO C 99 -41.79 18.68 32.31
CA PRO C 99 -40.98 19.20 33.42
C PRO C 99 -41.36 20.61 33.87
N ARG C 100 -41.72 21.49 32.94
CA ARG C 100 -42.15 22.88 33.21
C ARG C 100 -43.46 22.94 34.02
N TYR C 101 -44.42 22.09 33.71
CA TYR C 101 -45.67 21.97 34.47
C TYR C 101 -45.44 21.39 35.88
N ILE C 102 -44.52 20.41 36.00
CA ILE C 102 -44.07 19.88 37.29
C ILE C 102 -43.41 20.97 38.15
N ALA C 103 -42.53 21.80 37.56
CA ALA C 103 -41.90 22.92 38.24
C ALA C 103 -42.91 23.98 38.73
N ARG C 104 -43.93 24.28 37.92
CA ARG C 104 -45.04 25.20 38.29
C ARG C 104 -45.84 24.74 39.52
N ALA C 105 -45.95 23.43 39.77
CA ALA C 105 -46.58 22.92 40.98
C ALA C 105 -45.84 23.32 42.27
N ALA C 106 -44.50 23.37 42.26
CA ALA C 106 -43.70 23.85 43.39
C ALA C 106 -43.94 25.35 43.68
N LEU C 107 -44.09 26.17 42.63
CA LEU C 107 -44.45 27.59 42.75
C LEU C 107 -45.87 27.79 43.32
N ALA C 108 -46.83 26.96 42.87
CA ALA C 108 -48.19 26.94 43.42
C ALA C 108 -48.21 26.53 44.90
N GLN C 109 -47.46 25.50 45.29
CA GLN C 109 -47.34 25.04 46.69
C GLN C 109 -46.70 26.09 47.61
N LEU C 110 -45.65 26.80 47.15
CA LEU C 110 -45.03 27.92 47.86
C LEU C 110 -46.06 29.01 48.24
N GLN C 111 -46.92 29.39 47.31
CA GLN C 111 -47.99 30.36 47.53
C GLN C 111 -49.14 29.80 48.39
N ALA C 112 -49.59 28.57 48.10
CA ALA C 112 -50.71 27.93 48.81
C ALA C 112 -50.41 27.64 50.30
N ALA C 113 -49.16 27.32 50.64
CA ALA C 113 -48.69 27.16 52.02
C ALA C 113 -48.65 28.49 52.82
N GLY C 114 -48.72 29.64 52.13
CA GLY C 114 -48.62 30.98 52.74
C GLY C 114 -47.23 31.36 53.27
N ALA C 115 -46.21 30.52 53.04
CA ALA C 115 -44.84 30.75 53.51
C ALA C 115 -44.18 32.00 52.88
N ALA C 116 -44.50 32.26 51.60
CA ALA C 116 -44.04 33.42 50.82
C ALA C 116 -44.97 33.63 49.60
N ALA C 117 -44.58 34.47 48.64
CA ALA C 117 -45.33 34.71 47.40
C ALA C 117 -44.52 34.46 46.11
N GLY C 118 -43.19 34.38 46.19
CA GLY C 118 -42.31 34.06 45.06
C GLY C 118 -40.89 33.66 45.47
N LEU C 119 -40.09 33.28 44.48
CA LEU C 119 -38.73 32.75 44.62
C LEU C 119 -37.79 33.50 43.65
N LEU C 120 -36.60 33.87 44.14
CA LEU C 120 -35.76 34.95 43.58
C LEU C 120 -34.36 34.44 43.17
N SER C 121 -34.26 33.16 42.80
CA SER C 121 -33.02 32.48 42.42
C SER C 121 -32.41 32.92 41.08
N ALA C 122 -31.14 32.55 40.86
CA ALA C 122 -30.38 32.72 39.61
C ALA C 122 -29.24 31.68 39.51
N PHE C 123 -28.63 31.52 38.33
CA PHE C 123 -27.61 30.49 38.05
C PHE C 123 -26.35 31.08 37.40
N ILE C 124 -25.22 30.38 37.58
CA ILE C 124 -23.88 30.76 37.08
C ILE C 124 -23.16 29.57 36.41
N ALA C 125 -23.94 28.64 35.84
CA ALA C 125 -23.47 27.39 35.25
C ALA C 125 -22.35 27.55 34.20
N ASP C 126 -21.38 26.64 34.24
CA ASP C 126 -20.27 26.54 33.29
C ASP C 126 -20.62 25.65 32.09
N PHE C 127 -19.78 25.71 31.05
CA PHE C 127 -19.89 24.95 29.81
C PHE C 127 -18.49 24.70 29.21
N CYS C 128 -18.43 23.87 28.16
CA CYS C 128 -17.20 23.50 27.45
C CYS C 128 -17.34 23.81 25.95
N ILE C 129 -16.21 23.98 25.24
CA ILE C 129 -16.16 24.27 23.79
C ILE C 129 -15.03 23.49 23.11
N PHE C 130 -15.29 23.04 21.88
CA PHE C 130 -14.41 22.16 21.10
C PHE C 130 -14.47 22.45 19.59
N GLY C 131 -13.51 21.89 18.84
CA GLY C 131 -13.45 21.98 17.38
C GLY C 131 -13.62 20.62 16.68
N VAL C 132 -13.07 19.54 17.24
CA VAL C 132 -13.15 18.17 16.69
C VAL C 132 -13.29 17.11 17.80
N PRO C 133 -14.49 16.94 18.40
CA PRO C 133 -14.80 15.78 19.24
C PRO C 133 -14.99 14.50 18.39
N GLU C 134 -14.59 13.36 18.94
CA GLU C 134 -14.75 12.02 18.35
C GLU C 134 -15.00 10.99 19.46
N VAL C 135 -16.20 10.41 19.52
CA VAL C 135 -16.62 9.49 20.59
C VAL C 135 -17.41 8.33 20.00
N ILE C 136 -16.87 7.11 20.07
CA ILE C 136 -17.49 5.88 19.54
C ILE C 136 -17.23 4.66 20.42
N ASN C 137 -18.10 3.65 20.27
CA ASN C 137 -18.07 2.37 20.98
C ASN C 137 -18.52 1.23 20.05
N SER C 138 -17.99 0.03 20.25
CA SER C 138 -18.31 -1.18 19.49
C SER C 138 -18.11 -2.47 20.32
N LYS C 139 -18.29 -3.64 19.70
CA LYS C 139 -17.93 -4.96 20.27
C LYS C 139 -16.41 -5.16 20.45
N THR C 140 -15.56 -4.27 19.96
CA THR C 140 -14.09 -4.44 19.91
C THR C 140 -13.28 -3.25 20.43
N ILE C 141 -13.85 -2.03 20.52
CA ILE C 141 -13.18 -0.84 21.07
C ILE C 141 -14.18 0.16 21.70
N SER C 142 -13.69 1.04 22.56
CA SER C 142 -14.45 2.13 23.20
C SER C 142 -13.51 3.29 23.57
N PHE C 143 -13.76 4.49 23.03
CA PHE C 143 -12.95 5.68 23.33
C PHE C 143 -13.67 7.02 23.08
N PRO C 144 -13.52 8.00 24.00
CA PRO C 144 -13.72 9.42 23.72
C PRO C 144 -12.41 10.12 23.32
N ALA C 145 -12.53 11.23 22.58
CA ALA C 145 -11.47 12.18 22.26
C ALA C 145 -12.07 13.56 21.91
N SER C 146 -11.28 14.63 22.10
CA SER C 146 -11.67 16.02 21.76
C SER C 146 -10.45 16.95 21.70
N THR C 147 -10.61 18.14 21.10
CA THR C 147 -9.57 19.18 21.03
C THR C 147 -10.17 20.57 20.80
N THR C 148 -9.41 21.62 21.11
CA THR C 148 -9.73 23.03 20.87
C THR C 148 -8.45 23.88 20.78
N ALA C 149 -8.49 25.02 20.09
CA ALA C 149 -7.34 25.90 19.87
C ALA C 149 -6.66 26.39 21.17
N ALA C 150 -7.41 26.47 22.27
CA ALA C 150 -6.90 26.86 23.59
C ALA C 150 -6.24 25.71 24.38
N ALA C 151 -6.39 24.44 23.96
CA ALA C 151 -5.98 23.27 24.75
C ALA C 151 -4.45 23.18 24.96
N ALA C 152 -4.03 22.81 26.16
CA ALA C 152 -2.64 22.64 26.57
C ALA C 152 -1.85 21.56 25.78
N ASP C 153 -2.55 20.70 25.02
CA ASP C 153 -1.96 19.66 24.15
C ASP C 153 -1.55 20.19 22.77
N GLN C 154 -2.15 21.27 22.26
CA GLN C 154 -1.88 21.79 20.91
C GLN C 154 -0.52 22.49 20.67
N PRO C 155 0.18 23.15 21.62
CA PRO C 155 1.37 23.95 21.30
C PRO C 155 2.60 23.12 20.85
N GLN C 156 2.57 21.79 21.01
CA GLN C 156 3.58 20.85 20.48
C GLN C 156 3.27 20.37 19.04
N GLU C 157 2.11 20.73 18.45
CA GLU C 157 1.67 20.25 17.14
C GLU C 157 1.89 21.31 16.02
N ALA C 158 2.03 20.85 14.78
CA ALA C 158 2.08 21.69 13.58
C ALA C 158 0.70 22.24 13.20
N ALA C 159 0.68 23.28 12.35
CA ALA C 159 -0.52 23.88 11.75
C ALA C 159 -0.19 24.53 10.39
N ALA C 160 -1.22 24.85 9.60
CA ALA C 160 -1.11 25.38 8.22
C ALA C 160 -0.33 26.71 8.08
N GLY C 161 -0.12 27.44 9.17
CA GLY C 161 0.72 28.65 9.25
C GLY C 161 1.61 28.69 10.50
N GLY C 162 1.91 27.53 11.09
CA GLY C 162 2.59 27.37 12.37
C GLY C 162 1.68 27.58 13.59
N ALA C 163 2.11 27.08 14.76
CA ALA C 163 1.37 27.23 16.02
C ALA C 163 1.35 28.68 16.54
N ALA C 164 0.27 29.07 17.22
CA ALA C 164 0.12 30.40 17.82
C ALA C 164 0.98 30.64 19.08
N GLY C 165 1.41 29.57 19.77
CA GLY C 165 2.21 29.64 20.99
C GLY C 165 1.52 30.32 22.18
N ALA C 166 0.18 30.26 22.23
CA ALA C 166 -0.68 31.05 23.12
C ALA C 166 -1.80 30.23 23.81
N ALA C 167 -1.68 28.90 23.83
CA ALA C 167 -2.62 27.99 24.51
C ALA C 167 -2.68 28.23 26.04
N ALA C 168 -3.79 27.82 26.66
CA ALA C 168 -3.97 27.77 28.11
C ALA C 168 -3.18 26.60 28.76
N GLY C 169 -3.24 26.48 30.09
CA GLY C 169 -2.67 25.37 30.86
C GLY C 169 -3.73 24.57 31.64
N ALA C 170 -3.35 23.42 32.18
CA ALA C 170 -4.20 22.59 33.04
C ALA C 170 -4.64 23.39 34.30
N ALA C 171 -5.95 23.49 34.54
CA ALA C 171 -6.55 24.39 35.54
C ALA C 171 -6.03 25.85 35.49
N GLY C 172 -5.69 26.34 34.29
CA GLY C 172 -4.98 27.59 34.03
C GLY C 172 -5.42 28.27 32.72
N GLY C 173 -6.73 28.50 32.59
CA GLY C 173 -7.37 29.12 31.41
C GLY C 173 -8.52 30.08 31.75
N ALA C 174 -8.51 30.66 32.96
CA ALA C 174 -9.53 31.55 33.52
C ALA C 174 -9.55 32.98 32.91
N ALA C 175 -9.56 33.07 31.57
CA ALA C 175 -9.42 34.32 30.81
C ALA C 175 -10.52 34.53 29.75
N ALA C 176 -11.56 33.68 29.72
CA ALA C 176 -12.70 33.80 28.82
C ALA C 176 -13.56 35.06 29.06
N ALA C 177 -14.26 35.52 28.01
CA ALA C 177 -15.19 36.65 28.06
C ALA C 177 -16.58 36.27 28.65
N GLY C 178 -17.48 37.27 28.74
CA GLY C 178 -18.88 37.11 29.18
C GLY C 178 -19.77 38.23 28.61
N ALA C 179 -21.11 38.15 28.73
CA ALA C 179 -21.92 37.13 29.39
C ALA C 179 -22.22 35.88 28.52
N ALA C 180 -21.49 35.70 27.40
CA ALA C 180 -21.48 34.52 26.54
C ALA C 180 -22.80 34.15 25.79
N GLU C 181 -23.66 35.04 25.27
CA GLU C 181 -23.77 36.52 25.31
C GLU C 181 -25.20 36.91 24.90
N ILE C 182 -25.60 36.55 23.67
CA ILE C 182 -26.79 37.10 22.99
C ILE C 182 -28.12 36.41 23.37
N CYS C 183 -28.08 35.41 24.24
CA CYS C 183 -29.26 34.77 24.83
C CYS C 183 -29.54 35.25 26.28
N PHE C 184 -28.93 36.38 26.68
CA PHE C 184 -29.18 37.03 27.97
C PHE C 184 -29.07 38.56 27.89
N LEU C 185 -28.03 39.09 27.21
CA LEU C 185 -27.75 40.53 27.12
C LEU C 185 -28.81 41.37 26.38
N PRO C 186 -29.23 41.07 25.13
CA PRO C 186 -30.21 41.89 24.43
C PRO C 186 -31.64 41.77 25.00
N GLU C 187 -31.93 40.68 25.69
CA GLU C 187 -33.18 40.46 26.44
C GLU C 187 -33.16 41.08 27.84
N ALA C 188 -31.98 41.49 28.34
CA ALA C 188 -31.70 41.83 29.74
C ALA C 188 -32.36 40.85 30.75
N ALA C 189 -32.31 39.55 30.43
CA ALA C 189 -33.27 38.53 30.90
C ALA C 189 -33.46 38.46 32.43
N GLY C 190 -32.35 38.40 33.19
CA GLY C 190 -32.28 38.51 34.66
C GLY C 190 -32.89 37.36 35.50
N ALA C 191 -34.06 36.84 35.12
CA ALA C 191 -34.84 35.85 35.87
C ALA C 191 -34.20 34.45 35.95
N ALA C 192 -34.73 33.61 36.84
CA ALA C 192 -34.24 32.26 37.17
C ALA C 192 -34.14 31.31 35.96
N ALA C 193 -33.27 30.29 36.09
CA ALA C 193 -32.98 29.27 35.09
C ALA C 193 -34.07 28.17 34.94
N ALA C 194 -35.35 28.53 35.11
CA ALA C 194 -36.45 27.72 34.61
C ALA C 194 -36.55 27.87 33.07
N ASP C 195 -37.30 28.87 32.59
CA ASP C 195 -37.48 29.13 31.16
C ASP C 195 -36.17 29.60 30.48
N ASN C 196 -35.32 30.35 31.18
CA ASN C 196 -34.09 30.95 30.63
C ASN C 196 -32.95 29.96 30.35
N ALA C 197 -32.97 28.75 30.94
CA ALA C 197 -31.89 27.78 30.75
C ALA C 197 -31.76 27.30 29.29
N PHE C 198 -32.87 27.17 28.57
CA PHE C 198 -32.90 26.48 27.27
C PHE C 198 -32.51 27.39 26.11
N THR C 199 -32.81 28.69 26.18
CA THR C 199 -32.26 29.70 25.26
C THR C 199 -30.73 29.81 25.39
N LEU C 200 -30.19 29.67 26.61
CA LEU C 200 -28.73 29.59 26.84
C LEU C 200 -28.13 28.28 26.28
N ARG C 201 -28.72 27.12 26.62
CA ARG C 201 -28.24 25.79 26.16
C ARG C 201 -28.23 25.64 24.63
N THR C 202 -29.24 26.14 23.92
CA THR C 202 -29.25 26.16 22.44
C THR C 202 -28.34 27.27 21.88
N GLY C 203 -28.33 28.45 22.53
CA GLY C 203 -27.54 29.61 22.10
C GLY C 203 -26.04 29.36 22.08
N LEU C 204 -25.48 28.76 23.13
CA LEU C 204 -24.06 28.39 23.21
C LEU C 204 -23.64 27.51 22.03
N GLN C 205 -24.45 26.51 21.68
CA GLN C 205 -24.22 25.62 20.53
C GLN C 205 -24.35 26.36 19.20
N GLU C 206 -25.45 27.10 19.00
CA GLU C 206 -25.76 27.80 17.74
C GLU C 206 -24.71 28.88 17.40
N VAL C 207 -24.28 29.67 18.39
CA VAL C 207 -23.22 30.68 18.23
C VAL C 207 -21.87 30.01 17.93
N ALA C 208 -21.52 28.92 18.62
CA ALA C 208 -20.29 28.17 18.34
C ALA C 208 -20.27 27.61 16.90
N ARG C 209 -21.39 27.01 16.44
CA ARG C 209 -21.55 26.49 15.06
C ARG C 209 -21.38 27.57 14.00
N ARG C 210 -21.89 28.79 14.26
CA ARG C 210 -21.71 29.99 13.41
C ARG C 210 -20.30 30.62 13.49
N TYR C 211 -19.41 30.05 14.31
CA TYR C 211 -17.98 30.35 14.39
C TYR C 211 -17.10 29.09 14.15
N ASN C 212 -17.62 28.10 13.40
CA ASN C 212 -16.95 26.85 13.01
C ASN C 212 -16.43 26.00 14.18
N ALA C 213 -17.14 26.01 15.32
CA ALA C 213 -16.87 25.27 16.54
C ALA C 213 -18.15 24.62 17.10
N ILE C 214 -18.08 23.99 18.27
CA ILE C 214 -19.22 23.42 19.00
C ILE C 214 -19.07 23.67 20.51
N ALA C 215 -20.18 23.54 21.25
CA ALA C 215 -20.25 23.71 22.69
C ALA C 215 -21.02 22.55 23.36
N SER C 216 -20.76 22.29 24.63
CA SER C 216 -21.37 21.20 25.39
C SER C 216 -21.47 21.49 26.90
N ALA C 217 -22.20 20.63 27.61
CA ALA C 217 -22.52 20.75 29.04
C ALA C 217 -22.03 19.52 29.85
N ALA C 218 -21.13 18.72 29.27
CA ALA C 218 -20.53 17.54 29.90
C ALA C 218 -19.76 17.91 31.18
N ALA C 219 -20.27 17.47 32.33
CA ALA C 219 -19.79 17.83 33.68
C ALA C 219 -18.30 17.54 33.94
N ALA C 220 -17.71 16.56 33.24
CA ALA C 220 -16.32 16.12 33.38
C ALA C 220 -15.71 15.84 31.98
N ALA C 221 -15.87 16.78 31.06
CA ALA C 221 -15.48 16.67 29.64
C ALA C 221 -14.00 16.28 29.39
N ALA C 222 -13.10 16.54 30.34
CA ALA C 222 -11.70 16.11 30.32
C ALA C 222 -11.18 15.83 31.75
N ALA C 223 -10.23 14.90 31.87
CA ALA C 223 -9.54 14.58 33.12
C ALA C 223 -8.50 15.67 33.52
N ALA C 224 -8.06 15.65 34.77
CA ALA C 224 -7.04 16.54 35.35
C ALA C 224 -7.27 18.06 35.12
N ALA C 225 -8.54 18.48 35.00
CA ALA C 225 -8.97 19.84 34.71
C ALA C 225 -10.35 20.17 35.33
N ALA C 226 -10.78 21.42 35.21
CA ALA C 226 -12.13 21.88 35.57
C ALA C 226 -13.23 21.24 34.67
N GLY C 227 -14.50 21.48 35.02
CA GLY C 227 -15.66 20.91 34.31
C GLY C 227 -16.94 21.74 34.44
N ALA C 228 -17.98 21.37 33.69
CA ALA C 228 -19.23 22.10 33.55
C ALA C 228 -20.17 21.98 34.77
N GLY C 229 -19.81 22.58 35.91
CA GLY C 229 -20.70 22.71 37.08
C GLY C 229 -21.94 23.57 36.81
N SER C 230 -22.97 23.49 37.67
CA SER C 230 -24.23 24.25 37.54
C SER C 230 -24.64 24.96 38.83
N HIS C 231 -23.65 25.58 39.50
CA HIS C 231 -23.84 26.35 40.73
C HIS C 231 -24.87 27.48 40.56
N SER C 232 -25.55 27.82 41.65
CA SER C 232 -26.68 28.76 41.66
C SER C 232 -26.78 29.53 42.98
N ILE C 233 -27.65 30.54 43.00
CA ILE C 233 -27.99 31.33 44.19
C ILE C 233 -29.51 31.34 44.38
N TRP C 234 -29.95 31.33 45.63
CA TRP C 234 -31.34 31.03 46.01
C TRP C 234 -31.86 31.96 47.11
N ASP C 235 -33.13 32.31 46.98
CA ASP C 235 -33.81 33.34 47.78
C ASP C 235 -35.33 33.22 47.65
N VAL C 236 -36.05 33.82 48.59
CA VAL C 236 -37.50 33.70 48.82
C VAL C 236 -38.04 35.11 49.14
N GLY C 237 -39.27 35.43 48.75
CA GLY C 237 -39.85 36.74 49.04
C GLY C 237 -41.36 36.85 48.96
N ALA C 238 -41.88 37.93 49.55
CA ALA C 238 -43.29 38.32 49.57
C ALA C 238 -43.41 39.84 49.78
N ALA C 239 -44.56 40.43 49.37
CA ALA C 239 -44.86 41.86 49.46
C ALA C 239 -43.74 42.83 49.02
N GLY C 240 -42.83 42.39 48.14
CA GLY C 240 -41.72 43.19 47.59
C GLY C 240 -40.39 43.08 48.35
N THR C 241 -40.23 42.17 49.31
CA THR C 241 -39.01 42.05 50.15
C THR C 241 -38.43 40.63 50.25
N ASN C 242 -37.12 40.56 50.46
CA ASN C 242 -36.33 39.34 50.75
C ASN C 242 -36.75 38.70 52.09
N ALA C 243 -36.78 37.37 52.16
CA ALA C 243 -37.19 36.58 53.34
C ALA C 243 -36.07 35.67 53.92
N PHE C 244 -34.85 35.69 53.38
CA PHE C 244 -33.67 35.02 53.95
C PHE C 244 -32.75 35.97 54.75
N ALA C 245 -32.86 37.28 54.56
CA ALA C 245 -32.16 38.30 55.34
C ALA C 245 -32.55 38.29 56.84
N GLY C 246 -31.57 38.50 57.72
CA GLY C 246 -31.79 38.55 59.17
C GLY C 246 -30.50 38.76 59.98
N ALA C 247 -30.49 38.24 61.21
CA ALA C 247 -29.46 38.49 62.22
C ALA C 247 -28.72 37.22 62.71
N SER C 248 -28.94 36.05 62.07
CA SER C 248 -28.09 34.86 62.29
C SER C 248 -26.80 34.93 61.45
N GLY C 249 -25.99 33.85 61.46
CA GLY C 249 -24.69 33.78 60.77
C GLY C 249 -24.71 34.28 59.32
N ALA C 250 -23.66 35.03 58.93
CA ALA C 250 -23.51 35.66 57.62
C ALA C 250 -24.75 36.43 57.09
N ARG C 251 -25.53 37.05 58.00
CA ARG C 251 -26.74 37.85 57.76
C ARG C 251 -27.95 37.05 57.24
N ALA C 252 -27.92 35.71 57.39
CA ALA C 252 -29.07 34.83 57.19
C ALA C 252 -30.15 35.00 58.29
N THR C 253 -31.18 34.14 58.27
CA THR C 253 -32.27 34.12 59.26
C THR C 253 -32.79 32.70 59.53
N LEU C 254 -33.67 32.54 60.53
CA LEU C 254 -34.16 31.23 60.99
C LEU C 254 -34.93 30.44 59.92
N THR C 255 -35.80 31.07 59.12
CA THR C 255 -36.44 30.39 57.98
C THR C 255 -35.43 30.01 56.88
N GLY C 256 -34.38 30.82 56.68
CA GLY C 256 -33.23 30.45 55.83
C GLY C 256 -32.49 29.22 56.35
N ALA C 257 -32.23 29.13 57.66
CA ALA C 257 -31.66 27.95 58.30
C ALA C 257 -32.55 26.70 58.19
N LYS C 258 -33.87 26.86 58.21
CA LYS C 258 -34.85 25.77 57.96
C LYS C 258 -34.88 25.33 56.49
N TRP C 259 -34.79 26.24 55.53
CA TRP C 259 -34.58 25.90 54.11
C TRP C 259 -33.26 25.13 53.90
N LEU C 260 -32.16 25.60 54.51
CA LEU C 260 -30.87 24.91 54.52
C LEU C 260 -30.95 23.51 55.15
N ALA C 261 -31.65 23.35 56.28
CA ALA C 261 -31.89 22.05 56.89
C ALA C 261 -32.59 21.06 55.95
N GLY C 262 -33.62 21.53 55.22
CA GLY C 262 -34.29 20.76 54.18
C GLY C 262 -33.36 20.37 53.03
N LEU C 263 -32.58 21.33 52.50
CA LEU C 263 -31.58 21.10 51.44
C LEU C 263 -30.50 20.09 51.84
N LEU C 264 -29.95 20.20 53.06
CA LEU C 264 -28.96 19.27 53.61
C LEU C 264 -29.52 17.83 53.70
N ALA C 265 -30.75 17.68 54.23
CA ALA C 265 -31.43 16.38 54.32
C ALA C 265 -31.75 15.77 52.94
N ALA C 266 -32.15 16.59 51.97
CA ALA C 266 -32.56 16.15 50.63
C ALA C 266 -31.40 15.94 49.64
N ALA C 267 -30.16 16.34 49.97
CA ALA C 267 -29.02 16.31 49.04
C ALA C 267 -28.78 14.96 48.36
N ALA C 268 -28.95 13.85 49.09
CA ALA C 268 -28.82 12.48 48.60
C ALA C 268 -29.88 12.07 47.54
N ALA C 269 -30.93 12.85 47.36
CA ALA C 269 -32.02 12.61 46.41
C ALA C 269 -32.17 13.74 45.37
N ALA C 270 -31.89 15.00 45.73
CA ALA C 270 -31.78 16.11 44.78
C ALA C 270 -30.71 15.87 43.69
N ALA C 271 -29.66 15.12 44.02
CA ALA C 271 -28.64 14.65 43.09
C ALA C 271 -29.21 13.83 41.90
N ALA C 272 -30.37 13.18 42.04
CA ALA C 272 -31.03 12.47 40.94
C ALA C 272 -31.45 13.39 39.77
N ALA C 273 -31.63 14.69 40.02
CA ALA C 273 -31.87 15.71 39.00
C ALA C 273 -30.63 16.60 38.77
N ALA C 274 -29.93 17.00 39.83
CA ALA C 274 -28.78 17.91 39.79
C ALA C 274 -27.47 17.27 39.28
N ALA C 275 -27.39 15.93 39.28
CA ALA C 275 -26.22 15.16 38.86
C ALA C 275 -26.65 13.92 38.04
N ALA C 276 -27.59 14.14 37.12
CA ALA C 276 -28.33 13.13 36.32
C ALA C 276 -27.51 12.23 35.37
N ALA C 277 -26.16 12.28 35.39
CA ALA C 277 -25.28 11.47 34.55
C ALA C 277 -23.97 11.11 35.28
N ALA C 278 -23.30 10.02 34.86
CA ALA C 278 -22.04 9.55 35.44
C ALA C 278 -20.89 10.59 35.38
N ALA C 279 -20.90 11.48 34.38
CA ALA C 279 -19.97 12.61 34.30
C ALA C 279 -20.11 13.58 35.49
N ALA C 280 -21.31 13.78 36.02
CA ALA C 280 -21.53 14.62 37.20
C ALA C 280 -21.04 13.93 38.50
N ALA C 281 -21.19 12.61 38.60
CA ALA C 281 -20.57 11.82 39.68
C ALA C 281 -19.03 11.88 39.63
N ALA C 282 -18.44 11.84 38.43
CA ALA C 282 -17.00 12.04 38.23
C ALA C 282 -16.54 13.47 38.60
N ALA C 283 -17.33 14.51 38.24
CA ALA C 283 -17.07 15.89 38.65
C ALA C 283 -17.15 16.09 40.18
N ALA C 284 -18.04 15.35 40.86
CA ALA C 284 -18.21 15.35 42.31
C ALA C 284 -17.18 14.49 43.08
N ALA C 285 -16.27 13.78 42.40
CA ALA C 285 -15.21 12.97 43.02
C ALA C 285 -14.23 13.81 43.87
N ALA C 286 -13.47 13.13 44.74
CA ALA C 286 -12.53 13.74 45.68
C ALA C 286 -11.48 14.65 45.01
N GLY C 287 -11.25 15.82 45.60
CA GLY C 287 -10.24 16.80 45.16
C GLY C 287 -10.30 18.11 45.96
N ALA C 288 -9.27 18.94 45.83
CA ALA C 288 -9.08 20.17 46.62
C ALA C 288 -10.15 21.27 46.41
N ALA C 289 -10.98 21.15 45.38
CA ALA C 289 -12.04 22.11 45.01
C ALA C 289 -13.39 21.44 44.69
N ALA C 290 -13.59 20.18 45.13
CA ALA C 290 -14.86 19.46 45.02
C ALA C 290 -16.01 20.14 45.81
N ALA C 291 -17.26 19.79 45.50
CA ALA C 291 -18.46 20.40 46.06
C ALA C 291 -19.47 19.40 46.69
N ALA C 292 -19.07 18.12 46.83
CA ALA C 292 -19.90 17.05 47.39
C ALA C 292 -20.13 17.15 48.92
N ALA C 293 -19.36 17.99 49.63
CA ALA C 293 -19.48 18.25 51.07
C ALA C 293 -20.81 18.95 51.42
N THR C 294 -21.87 18.19 51.69
CA THR C 294 -23.20 18.65 52.10
C THR C 294 -23.20 19.40 53.46
N ALA C 295 -22.77 20.66 53.41
CA ALA C 295 -22.55 21.55 54.54
C ALA C 295 -22.84 23.02 54.15
N TRP C 296 -22.92 23.91 55.13
CA TRP C 296 -23.17 25.34 54.93
C TRP C 296 -22.14 26.20 55.66
N GLY C 297 -21.94 27.44 55.21
CA GLY C 297 -20.93 28.36 55.75
C GLY C 297 -20.75 29.61 54.87
N ALA C 298 -19.70 30.40 55.14
CA ALA C 298 -19.40 31.63 54.40
C ALA C 298 -17.88 31.84 54.12
N ALA C 299 -17.06 30.80 54.31
CA ALA C 299 -15.60 30.83 54.10
C ALA C 299 -15.01 29.49 53.64
N ALA C 300 -15.55 28.36 54.10
CA ALA C 300 -15.20 27.01 53.63
C ALA C 300 -15.72 26.75 52.19
N ALA C 301 -14.96 27.18 51.19
CA ALA C 301 -15.37 27.23 49.78
C ALA C 301 -15.88 25.90 49.17
N ALA C 302 -15.42 24.75 49.67
CA ALA C 302 -15.86 23.42 49.23
C ALA C 302 -17.27 23.01 49.73
N CYS C 303 -17.82 23.67 50.74
CA CYS C 303 -19.14 23.35 51.30
C CYS C 303 -20.28 23.70 50.33
N ALA C 304 -21.21 22.76 50.15
CA ALA C 304 -22.24 22.77 49.10
C ALA C 304 -23.27 23.91 49.15
N LEU C 305 -23.46 24.55 50.31
CA LEU C 305 -24.53 25.53 50.58
C LEU C 305 -23.96 26.81 51.24
N ASN C 306 -23.17 27.58 50.50
CA ASN C 306 -22.64 28.87 50.97
C ASN C 306 -23.78 29.85 51.33
N ILE C 307 -23.48 30.83 52.18
CA ILE C 307 -24.29 32.05 52.36
C ILE C 307 -23.70 33.15 51.48
N ALA C 308 -24.51 33.71 50.58
CA ALA C 308 -24.18 34.87 49.76
C ALA C 308 -24.32 36.16 50.61
N ALA C 309 -23.35 36.40 51.49
CA ALA C 309 -23.26 37.62 52.30
C ALA C 309 -23.16 38.89 51.41
N ALA C 310 -23.83 39.97 51.84
CA ALA C 310 -23.88 41.26 51.14
C ALA C 310 -24.00 42.43 52.11
N ALA C 311 -23.59 43.64 51.67
CA ALA C 311 -23.72 44.87 52.44
C ALA C 311 -25.18 45.35 52.56
N ALA C 312 -25.97 45.20 51.48
CA ALA C 312 -27.41 45.44 51.47
C ALA C 312 -28.17 44.18 51.95
N ALA C 313 -29.07 44.33 52.92
CA ALA C 313 -29.88 43.23 53.46
C ALA C 313 -30.70 42.52 52.36
N LYS C 314 -31.21 43.26 51.37
CA LYS C 314 -31.93 42.72 50.19
C LYS C 314 -31.12 41.70 49.39
N GLY C 315 -29.79 41.71 49.48
CA GLY C 315 -28.87 40.81 48.79
C GLY C 315 -28.39 39.62 49.64
N ALA C 316 -28.79 39.50 50.91
CA ALA C 316 -28.52 38.33 51.74
C ALA C 316 -29.30 37.10 51.21
N GLN C 317 -28.58 36.12 50.67
CA GLN C 317 -29.12 34.94 49.96
C GLN C 317 -28.27 33.70 50.28
N ILE C 318 -28.57 32.54 49.68
CA ILE C 318 -27.73 31.32 49.77
C ILE C 318 -27.20 30.92 48.39
N GLU C 319 -26.22 30.02 48.33
CA GLU C 319 -25.46 29.63 47.13
C GLU C 319 -25.26 28.11 47.10
N ASN C 320 -25.95 27.43 46.17
CA ASN C 320 -26.01 25.98 46.06
C ASN C 320 -25.02 25.47 44.98
N LYS C 321 -24.33 24.36 45.26
CA LYS C 321 -23.21 23.85 44.43
C LYS C 321 -23.31 22.35 44.08
N ALA C 322 -24.30 21.64 44.60
CA ALA C 322 -24.46 20.18 44.55
C ALA C 322 -24.91 19.62 43.17
N GLY C 323 -24.44 20.17 42.06
CA GLY C 323 -24.84 19.75 40.71
C GLY C 323 -23.95 20.23 39.56
N ALA C 324 -24.21 19.67 38.38
CA ALA C 324 -23.50 19.96 37.13
C ALA C 324 -24.45 20.06 35.91
N ALA C 325 -23.97 20.69 34.84
CA ALA C 325 -24.78 21.12 33.68
C ALA C 325 -25.41 19.98 32.85
N ALA C 326 -25.07 18.71 33.11
CA ALA C 326 -25.79 17.54 32.61
C ALA C 326 -27.24 17.41 33.17
N ALA C 327 -27.58 18.16 34.22
CA ALA C 327 -28.90 18.19 34.88
C ALA C 327 -30.07 18.63 33.98
N ASN C 328 -31.30 18.41 34.49
CA ASN C 328 -32.56 18.93 33.92
C ASN C 328 -33.00 20.20 34.69
N PRO C 329 -32.88 21.41 34.11
CA PRO C 329 -33.17 22.68 34.79
C PRO C 329 -34.53 22.73 35.51
N TYR C 330 -35.64 22.40 34.82
CA TYR C 330 -36.97 22.45 35.43
C TYR C 330 -37.10 21.51 36.65
N LEU C 331 -36.53 20.30 36.58
CA LEU C 331 -36.61 19.32 37.68
C LEU C 331 -35.66 19.67 38.83
N VAL C 332 -34.50 20.29 38.57
CA VAL C 332 -33.64 20.87 39.63
C VAL C 332 -34.37 22.01 40.35
N LEU C 333 -34.95 22.95 39.59
CA LEU C 333 -35.74 24.07 40.10
C LEU C 333 -36.91 23.57 40.97
N ALA C 334 -37.58 22.47 40.58
CA ALA C 334 -38.62 21.83 41.38
C ALA C 334 -38.06 21.15 42.66
N ALA C 335 -37.05 20.28 42.54
CA ALA C 335 -36.56 19.43 43.64
C ALA C 335 -35.88 20.23 44.75
N THR C 336 -35.07 21.23 44.41
CA THR C 336 -34.39 22.09 45.41
C THR C 336 -35.39 22.92 46.24
N VAL C 337 -36.50 23.35 45.61
CA VAL C 337 -37.62 24.02 46.28
C VAL C 337 -38.43 23.06 47.13
N ALA C 338 -38.74 21.85 46.65
CA ALA C 338 -39.46 20.82 47.41
C ALA C 338 -38.78 20.47 48.75
N ALA C 339 -37.45 20.46 48.79
CA ALA C 339 -36.67 20.31 50.02
C ALA C 339 -36.88 21.47 51.01
N GLY C 340 -36.77 22.72 50.54
CA GLY C 340 -36.96 23.92 51.36
C GLY C 340 -38.39 24.06 51.89
N LEU C 341 -39.40 23.74 51.05
CA LEU C 341 -40.83 23.80 51.37
C LEU C 341 -41.27 22.92 52.55
N ASP C 342 -40.49 21.90 52.94
CA ASP C 342 -40.81 21.04 54.09
C ASP C 342 -39.81 21.16 55.24
N GLY C 343 -38.57 21.62 54.99
CA GLY C 343 -37.65 22.05 56.06
C GLY C 343 -38.26 23.10 57.01
N ILE C 344 -39.07 24.02 56.46
CA ILE C 344 -39.88 25.00 57.21
C ILE C 344 -41.09 24.42 57.96
N GLN C 345 -41.44 23.15 57.74
CA GLN C 345 -42.59 22.47 58.36
C GLN C 345 -42.16 21.39 59.37
N SER C 346 -41.03 20.70 59.11
CA SER C 346 -40.34 19.88 60.11
C SER C 346 -39.65 20.71 61.21
N ALA C 347 -39.43 22.01 60.93
CA ALA C 347 -38.64 22.95 61.74
C ALA C 347 -37.24 22.43 62.12
N GLY C 348 -36.63 21.61 61.24
CA GLY C 348 -35.25 21.13 61.38
C GLY C 348 -34.19 22.25 61.37
N ALA C 349 -32.95 21.90 61.68
CA ALA C 349 -31.83 22.83 61.80
C ALA C 349 -30.59 22.35 61.02
N ALA C 350 -29.84 23.30 60.46
CA ALA C 350 -28.69 23.05 59.58
C ALA C 350 -27.38 22.70 60.33
N ALA C 351 -27.42 22.54 61.66
CA ALA C 351 -26.26 22.52 62.57
C ALA C 351 -25.35 23.76 62.43
N GLY C 352 -24.20 23.78 63.11
CA GLY C 352 -23.23 24.90 63.05
C GLY C 352 -22.58 25.07 61.67
N ALA C 353 -22.22 26.32 61.34
CA ALA C 353 -21.54 26.65 60.08
C ALA C 353 -20.11 26.07 60.00
N ALA C 354 -19.72 25.62 58.81
CA ALA C 354 -18.38 25.13 58.50
C ALA C 354 -17.36 26.28 58.36
N ALA C 355 -16.29 26.22 59.16
CA ALA C 355 -15.14 27.15 59.11
C ALA C 355 -13.78 26.46 59.39
N ALA C 356 -13.78 25.13 59.48
CA ALA C 356 -12.60 24.28 59.66
C ALA C 356 -11.96 23.89 58.31
N ASP C 357 -11.24 22.76 58.25
CA ASP C 357 -10.75 22.14 57.01
C ASP C 357 -11.89 21.82 56.01
N ALA C 358 -11.54 21.63 54.73
CA ALA C 358 -12.44 21.69 53.57
C ALA C 358 -13.68 20.76 53.58
N ALA C 359 -13.66 19.64 54.32
CA ALA C 359 -14.80 18.72 54.43
C ALA C 359 -14.90 18.08 55.84
N ALA C 360 -16.15 17.88 56.26
CA ALA C 360 -16.70 17.46 57.58
C ALA C 360 -17.61 18.58 58.14
N ALA C 361 -18.28 18.32 59.28
CA ALA C 361 -19.10 19.27 60.05
C ALA C 361 -19.99 20.21 59.19
N ALA C 362 -21.13 19.76 58.66
CA ALA C 362 -21.86 18.55 59.04
C ALA C 362 -21.23 17.19 58.62
N PRO C 363 -20.96 16.90 57.33
CA PRO C 363 -21.00 15.55 56.75
C PRO C 363 -20.41 14.40 57.58
N SER C 364 -21.18 13.45 58.14
CA SER C 364 -22.64 13.29 58.27
C SER C 364 -23.52 13.44 57.00
N GLU C 365 -24.78 13.85 57.16
CA GLU C 365 -25.98 12.99 57.20
C GLU C 365 -25.89 11.89 58.30
N ILE C 366 -25.39 10.65 58.17
CA ILE C 366 -25.30 9.73 57.03
C ILE C 366 -25.29 8.28 57.56
N PRO C 367 -26.04 7.35 56.94
CA PRO C 367 -25.80 5.92 57.05
C PRO C 367 -25.27 5.34 55.73
N GLY C 368 -24.43 4.30 55.80
CA GLY C 368 -23.57 3.86 54.69
C GLY C 368 -24.12 2.69 53.86
N LYS C 369 -25.44 2.57 53.70
CA LYS C 369 -26.11 1.45 52.99
C LYS C 369 -27.29 1.91 52.13
N MET C 370 -27.54 1.19 51.03
CA MET C 370 -28.73 1.40 50.17
C MET C 370 -30.04 1.14 50.92
N GLU C 371 -30.08 0.16 51.84
CA GLU C 371 -31.24 -0.11 52.69
C GLU C 371 -31.61 1.10 53.56
N ASP C 372 -30.62 1.82 54.11
CA ASP C 372 -30.85 3.04 54.88
C ASP C 372 -31.21 4.25 54.01
N ALA C 373 -30.66 4.36 52.79
CA ALA C 373 -31.10 5.37 51.81
C ALA C 373 -32.58 5.19 51.42
N LEU C 374 -33.02 3.94 51.23
CA LEU C 374 -34.43 3.59 51.01
C LEU C 374 -35.29 3.82 52.27
N ALA C 375 -34.77 3.53 53.47
CA ALA C 375 -35.46 3.86 54.72
C ALA C 375 -35.69 5.37 54.87
N ALA C 376 -34.70 6.21 54.56
CA ALA C 376 -34.85 7.67 54.52
C ALA C 376 -35.93 8.10 53.51
N LEU C 377 -35.91 7.57 52.29
CA LEU C 377 -36.92 7.79 51.24
C LEU C 377 -38.36 7.39 51.67
N GLU C 378 -38.52 6.61 52.73
CA GLU C 378 -39.81 6.12 53.26
C GLU C 378 -40.11 6.63 54.69
N GLN C 379 -39.32 7.57 55.23
CA GLN C 379 -39.52 8.24 56.52
C GLN C 379 -39.47 9.77 56.41
N ASP C 380 -38.66 10.31 55.50
CA ASP C 380 -38.71 11.69 55.00
C ASP C 380 -38.08 11.74 53.58
N ALA C 381 -38.81 11.52 52.48
CA ALA C 381 -40.25 11.27 52.26
C ALA C 381 -41.20 12.49 52.30
N GLU C 382 -40.75 13.67 52.74
CA GLU C 382 -41.56 14.90 52.74
C GLU C 382 -40.77 16.13 52.22
N CYS C 383 -39.47 16.23 52.52
CA CYS C 383 -38.51 17.05 51.77
C CYS C 383 -38.21 16.48 50.36
N LEU C 384 -38.68 15.27 50.04
CA LEU C 384 -38.38 14.51 48.82
C LEU C 384 -39.66 14.25 48.02
N LYS C 385 -39.59 14.41 46.70
CA LYS C 385 -40.65 14.08 45.71
C LYS C 385 -42.06 14.58 46.10
N ALA C 386 -42.13 15.76 46.69
CA ALA C 386 -43.34 16.32 47.31
C ALA C 386 -44.49 16.57 46.29
N GLY C 387 -45.66 16.00 46.57
CA GLY C 387 -46.90 16.18 45.79
C GLY C 387 -46.90 15.55 44.39
N LEU C 388 -48.02 15.73 43.69
CA LEU C 388 -48.38 15.17 42.38
C LEU C 388 -48.37 13.63 42.28
N GLY C 389 -48.92 13.15 41.15
CA GLY C 389 -48.47 11.98 40.42
C GLY C 389 -48.43 12.36 38.92
N GLU C 390 -47.87 11.62 37.97
CA GLU C 390 -47.36 10.23 37.88
C GLU C 390 -48.43 9.28 37.31
N ALA C 391 -49.72 9.63 37.43
CA ALA C 391 -50.84 8.96 36.75
C ALA C 391 -50.68 8.96 35.23
N PHE C 392 -50.25 10.10 34.65
CA PHE C 392 -49.93 10.23 33.23
C PHE C 392 -48.72 9.36 32.81
N ILE C 393 -47.67 9.33 33.64
CA ILE C 393 -46.48 8.50 33.40
C ILE C 393 -46.87 7.02 33.37
N ARG C 394 -47.52 6.50 34.43
CA ARG C 394 -47.91 5.08 34.47
C ARG C 394 -48.91 4.69 33.38
N ALA C 395 -49.82 5.58 32.97
CA ALA C 395 -50.73 5.33 31.85
C ALA C 395 -50.00 5.16 30.51
N ALA C 396 -49.06 6.06 30.18
CA ALA C 396 -48.27 5.97 28.95
C ALA C 396 -47.25 4.82 28.98
N VAL C 397 -46.55 4.64 30.11
CA VAL C 397 -45.58 3.55 30.32
C VAL C 397 -46.25 2.17 30.31
N ALA C 398 -47.48 2.02 30.83
CA ALA C 398 -48.23 0.77 30.77
C ALA C 398 -48.44 0.29 29.31
N ALA C 399 -48.78 1.20 28.38
CA ALA C 399 -48.94 0.85 26.97
C ALA C 399 -47.65 0.29 26.35
N ALA C 400 -46.49 0.89 26.65
CA ALA C 400 -45.17 0.37 26.26
C ALA C 400 -44.84 -0.96 26.95
N LYS C 401 -45.08 -1.08 28.26
CA LYS C 401 -44.87 -2.30 29.05
C LYS C 401 -45.70 -3.48 28.54
N TYR C 402 -46.96 -3.30 28.13
CA TYR C 402 -47.77 -4.38 27.56
C TYR C 402 -47.15 -4.97 26.29
N GLU C 403 -46.64 -4.14 25.38
CA GLU C 403 -45.92 -4.61 24.18
C GLU C 403 -44.60 -5.32 24.54
N LEU C 404 -43.80 -4.74 25.44
CA LEU C 404 -42.54 -5.32 25.90
C LEU C 404 -42.74 -6.67 26.61
N GLU C 405 -43.71 -6.76 27.53
CA GLU C 405 -44.05 -8.00 28.23
C GLU C 405 -44.64 -9.07 27.31
N ASN C 406 -45.39 -8.71 26.27
CA ASN C 406 -45.86 -9.66 25.25
C ASN C 406 -44.69 -10.28 24.45
N GLU C 407 -43.69 -9.49 24.06
CA GLU C 407 -42.47 -10.01 23.44
C GLU C 407 -41.61 -10.84 24.42
N GLU C 408 -41.41 -10.36 25.64
CA GLU C 408 -40.60 -11.04 26.66
C GLU C 408 -41.23 -12.36 27.15
N THR C 409 -42.55 -12.43 27.35
CA THR C 409 -43.20 -13.68 27.80
C THR C 409 -43.16 -14.78 26.74
N ASP C 410 -43.22 -14.43 25.44
CA ASP C 410 -43.00 -15.39 24.35
C ASP C 410 -41.55 -15.86 24.29
N ALA C 411 -40.57 -14.95 24.47
CA ALA C 411 -39.16 -15.29 24.55
C ALA C 411 -38.84 -16.20 25.77
N GLU C 412 -39.37 -15.87 26.96
CA GLU C 412 -39.28 -16.72 28.15
C GLU C 412 -39.92 -18.09 27.94
N GLY C 413 -41.09 -18.17 27.29
CA GLY C 413 -41.74 -19.43 26.90
C GLY C 413 -40.83 -20.34 26.08
N ASN C 414 -40.15 -19.79 25.06
CA ASN C 414 -39.14 -20.51 24.28
C ASN C 414 -37.92 -20.91 25.13
N LYS C 415 -37.39 -20.00 25.95
CA LYS C 415 -36.25 -20.25 26.85
C LYS C 415 -36.52 -21.38 27.86
N PHE C 416 -37.72 -21.45 28.46
CA PHE C 416 -38.10 -22.53 29.36
C PHE C 416 -38.06 -23.91 28.67
N LEU C 417 -38.60 -24.03 27.46
CA LEU C 417 -38.48 -25.25 26.64
C LEU C 417 -37.02 -25.61 26.36
N GLU C 418 -36.18 -24.63 26.00
CA GLU C 418 -34.74 -24.79 25.82
C GLU C 418 -33.96 -25.14 27.11
N TYR C 419 -34.56 -24.99 28.30
CA TYR C 419 -34.00 -25.44 29.58
C TYR C 419 -34.50 -26.83 30.00
N PHE C 420 -35.70 -27.24 29.56
CA PHE C 420 -36.28 -28.55 29.89
C PHE C 420 -35.72 -29.72 29.04
N ILE C 421 -35.29 -29.45 27.80
CA ILE C 421 -34.60 -30.43 26.91
C ILE C 421 -33.28 -30.97 27.48
N SER D 1 -61.85 26.47 -15.36
CA SER D 1 -61.64 27.66 -16.23
C SER D 1 -60.41 27.50 -17.10
N ALA D 2 -60.59 27.24 -18.40
CA ALA D 2 -59.49 27.26 -19.38
C ALA D 2 -58.81 28.64 -19.44
N GLU D 3 -59.62 29.70 -19.36
CA GLU D 3 -59.18 31.10 -19.36
C GLU D 3 -58.19 31.39 -18.23
N HIS D 4 -58.47 30.91 -17.00
CA HIS D 4 -57.58 31.08 -15.84
C HIS D 4 -56.22 30.40 -16.04
N VAL D 5 -56.18 29.17 -16.56
CA VAL D 5 -54.91 28.48 -16.86
C VAL D 5 -54.12 29.23 -17.93
N LEU D 6 -54.78 29.74 -18.98
CA LEU D 6 -54.13 30.55 -20.02
C LEU D 6 -53.58 31.88 -19.46
N THR D 7 -54.33 32.62 -18.64
CA THR D 7 -53.86 33.89 -18.05
C THR D 7 -52.74 33.70 -17.02
N MET D 8 -52.69 32.57 -16.29
CA MET D 8 -51.55 32.23 -15.41
C MET D 8 -50.21 32.19 -16.16
N LEU D 9 -50.18 31.75 -17.42
CA LEU D 9 -48.97 31.73 -18.24
C LEU D 9 -48.40 33.15 -18.47
N ASN D 10 -49.27 34.16 -18.60
CA ASN D 10 -48.88 35.57 -18.69
C ASN D 10 -48.57 36.17 -17.30
N GLU D 11 -49.43 35.91 -16.31
CA GLU D 11 -49.33 36.45 -14.93
C GLU D 11 -48.02 36.06 -14.22
N HIS D 12 -47.47 34.88 -14.55
CA HIS D 12 -46.24 34.33 -13.97
C HIS D 12 -45.13 34.11 -15.02
N ALA D 13 -45.29 34.68 -16.23
CA ALA D 13 -44.37 34.62 -17.37
C ALA D 13 -43.79 33.22 -17.66
N ALA D 14 -44.61 32.17 -17.53
CA ALA D 14 -44.22 30.78 -17.66
C ALA D 14 -43.65 30.45 -19.06
N ALA D 15 -42.39 30.03 -19.11
CA ALA D 15 -41.73 29.57 -20.34
C ALA D 15 -42.08 28.11 -20.69
N PHE D 16 -42.34 27.27 -19.69
CA PHE D 16 -42.67 25.84 -19.82
C PHE D 16 -43.76 25.43 -18.82
N VAL D 17 -44.42 24.29 -19.08
CA VAL D 17 -45.46 23.70 -18.22
C VAL D 17 -45.21 22.20 -18.05
N ARG D 18 -45.43 21.70 -16.83
CA ARG D 18 -45.19 20.31 -16.40
C ARG D 18 -46.53 19.57 -16.22
N PHE D 19 -46.75 18.54 -17.03
CA PHE D 19 -47.82 17.56 -16.82
C PHE D 19 -47.40 16.56 -15.73
N GLU D 20 -48.33 16.14 -14.87
CA GLU D 20 -48.04 15.26 -13.72
C GLU D 20 -49.11 14.18 -13.52
N ALA D 21 -48.67 12.98 -13.14
CA ALA D 21 -49.49 11.79 -12.89
C ALA D 21 -48.85 10.90 -11.81
N THR D 22 -49.45 9.75 -11.51
CA THR D 22 -48.97 8.78 -10.50
C THR D 22 -49.17 7.34 -11.00
N ASP D 23 -48.21 6.46 -10.70
CA ASP D 23 -48.26 5.03 -11.08
C ASP D 23 -49.02 4.14 -10.08
N ALA D 24 -49.22 2.86 -10.44
CA ALA D 24 -49.92 1.89 -9.60
C ALA D 24 -49.19 1.56 -8.28
N ALA D 25 -47.85 1.66 -8.25
CA ALA D 25 -47.06 1.42 -7.04
C ALA D 25 -47.21 2.53 -5.99
N GLY D 26 -47.33 3.80 -6.42
CA GLY D 26 -47.62 4.96 -5.57
C GLY D 26 -46.68 6.15 -5.75
N ALA D 27 -45.85 6.18 -6.79
CA ALA D 27 -44.91 7.26 -7.06
C ALA D 27 -45.43 8.20 -8.16
N SER D 28 -45.28 9.51 -7.95
CA SER D 28 -45.57 10.52 -8.96
C SER D 28 -44.54 10.49 -10.10
N ARG D 29 -44.98 10.93 -11.29
CA ARG D 29 -44.21 11.01 -12.54
C ARG D 29 -44.62 12.27 -13.32
N SER D 30 -43.74 12.79 -14.18
CA SER D 30 -43.98 14.05 -14.90
C SER D 30 -43.26 14.14 -16.25
N LYS D 31 -43.76 15.06 -17.11
CA LYS D 31 -43.23 15.43 -18.43
C LYS D 31 -43.48 16.93 -18.67
N SER D 32 -42.79 17.57 -19.62
CA SER D 32 -42.93 19.01 -19.86
C SER D 32 -42.70 19.44 -21.31
N ILE D 33 -43.25 20.61 -21.66
CA ILE D 33 -43.16 21.28 -22.96
C ILE D 33 -43.16 22.82 -22.79
N PRO D 34 -42.70 23.60 -23.79
CA PRO D 34 -42.90 25.06 -23.82
C PRO D 34 -44.37 25.46 -23.66
N ALA D 35 -44.63 26.59 -22.98
CA ALA D 35 -45.97 27.12 -22.76
C ALA D 35 -46.70 27.53 -24.06
N GLN D 36 -45.95 27.80 -25.14
CA GLN D 36 -46.48 28.22 -26.45
C GLN D 36 -47.42 27.21 -27.12
N PHE D 37 -47.35 25.92 -26.75
CA PHE D 37 -48.21 24.85 -27.30
C PHE D 37 -49.66 24.85 -26.77
N PHE D 38 -49.95 25.59 -25.70
CA PHE D 38 -51.28 25.60 -25.05
C PHE D 38 -52.32 26.34 -25.89
N GLU D 39 -53.36 25.62 -26.35
CA GLU D 39 -54.44 26.09 -27.23
C GLU D 39 -55.78 25.39 -26.90
N LYS D 40 -56.90 25.85 -27.46
CA LYS D 40 -58.26 25.35 -27.17
C LYS D 40 -58.45 23.83 -27.38
N VAL D 41 -57.70 23.21 -28.29
CA VAL D 41 -57.84 21.79 -28.64
C VAL D 41 -57.44 20.86 -27.48
N ILE D 42 -56.33 21.13 -26.79
CA ILE D 42 -55.82 20.27 -25.70
C ILE D 42 -56.76 20.25 -24.49
N HIS D 43 -57.58 21.30 -24.31
CA HIS D 43 -58.64 21.38 -23.28
C HIS D 43 -59.82 20.42 -23.52
N ALA D 44 -59.89 19.78 -24.70
CA ALA D 44 -60.94 18.83 -25.09
C ALA D 44 -60.40 17.49 -25.60
N ARG D 45 -59.10 17.39 -25.95
CA ARG D 45 -58.46 16.19 -26.54
C ARG D 45 -57.17 15.74 -25.82
N GLY D 46 -56.69 16.49 -24.82
CA GLY D 46 -55.46 16.18 -24.10
C GLY D 46 -54.21 16.11 -24.99
N TYR D 47 -53.25 15.28 -24.60
CA TYR D 47 -52.01 15.00 -25.33
C TYR D 47 -51.86 13.50 -25.63
N LEU D 48 -51.88 13.15 -26.91
CA LEU D 48 -51.56 11.81 -27.40
C LEU D 48 -50.06 11.49 -27.22
N GLU D 49 -49.77 10.27 -26.76
CA GLU D 49 -48.41 9.73 -26.63
C GLU D 49 -48.35 8.22 -26.94
N ASP D 50 -47.16 7.74 -27.30
CA ASP D 50 -46.85 6.30 -27.36
C ASP D 50 -46.77 5.68 -25.96
N GLY D 51 -47.69 4.76 -25.65
CA GLY D 51 -47.74 4.07 -24.37
C GLY D 51 -46.80 2.88 -24.21
N GLU D 52 -46.14 2.41 -25.28
CA GLU D 52 -45.18 1.27 -25.21
C GLU D 52 -43.97 1.55 -24.30
N VAL D 53 -43.70 2.81 -23.96
CA VAL D 53 -42.71 3.26 -22.97
C VAL D 53 -43.01 2.73 -21.55
N ASN D 54 -44.25 2.29 -21.28
CA ASN D 54 -44.70 1.73 -20.00
C ASN D 54 -45.35 0.34 -20.22
N ALA D 55 -44.79 -0.69 -19.58
CA ALA D 55 -45.13 -2.12 -19.77
C ALA D 55 -46.55 -2.56 -19.32
N GLY D 56 -47.45 -1.62 -19.02
CA GLY D 56 -48.82 -1.86 -18.57
C GLY D 56 -49.82 -0.77 -18.94
N ALA D 57 -49.56 0.00 -20.02
CA ALA D 57 -50.39 1.12 -20.45
C ALA D 57 -50.82 1.10 -21.95
N ALA D 58 -50.17 0.30 -22.80
CA ALA D 58 -50.54 0.13 -24.21
C ALA D 58 -49.99 -1.20 -24.80
N GLY D 59 -50.16 -1.40 -26.10
CA GLY D 59 -49.56 -2.49 -26.89
C GLY D 59 -49.18 -2.03 -28.30
N ALA D 60 -48.41 -2.83 -29.03
CA ALA D 60 -47.79 -2.45 -30.31
C ALA D 60 -48.78 -2.06 -31.43
N ALA D 61 -49.99 -2.65 -31.43
CA ALA D 61 -51.06 -2.33 -32.37
C ALA D 61 -51.97 -1.16 -31.92
N ALA D 62 -51.68 -0.56 -30.76
CA ALA D 62 -52.48 0.46 -30.08
C ALA D 62 -51.58 1.50 -29.37
N SER D 63 -50.47 1.87 -30.03
CA SER D 63 -49.41 2.79 -29.58
C SER D 63 -49.83 4.28 -29.51
N ASP D 64 -51.07 4.55 -29.08
CA ASP D 64 -51.65 5.88 -28.89
C ASP D 64 -52.58 5.89 -27.66
N ILE D 65 -52.19 6.62 -26.62
CA ILE D 65 -52.97 6.87 -25.39
C ILE D 65 -52.90 8.35 -25.01
N VAL D 66 -53.78 8.82 -24.12
CA VAL D 66 -54.00 10.26 -23.85
C VAL D 66 -53.72 10.61 -22.39
N LEU D 67 -52.82 11.58 -22.16
CA LEU D 67 -52.78 12.35 -20.91
C LEU D 67 -53.79 13.50 -21.00
N MET D 68 -54.57 13.71 -19.94
CA MET D 68 -55.66 14.68 -19.89
C MET D 68 -55.45 15.67 -18.72
N PRO D 69 -54.77 16.82 -18.96
CA PRO D 69 -54.60 17.87 -17.95
C PRO D 69 -55.94 18.51 -17.58
N GLU D 70 -56.00 19.17 -16.42
CA GLU D 70 -57.20 19.81 -15.90
C GLU D 70 -57.02 21.31 -15.61
N LEU D 71 -58.15 21.99 -15.44
CA LEU D 71 -58.27 23.46 -15.61
C LEU D 71 -58.83 24.15 -14.34
N SER D 72 -58.58 23.51 -13.20
CA SER D 72 -58.88 23.98 -11.84
C SER D 72 -57.77 23.61 -10.83
N THR D 73 -56.63 23.12 -11.33
CA THR D 73 -55.56 22.44 -10.55
C THR D 73 -54.15 22.98 -10.85
N ALA D 74 -54.01 23.94 -11.77
CA ALA D 74 -52.72 24.54 -12.14
C ALA D 74 -52.07 25.31 -10.97
N ALA D 75 -50.74 25.29 -10.91
CA ALA D 75 -49.93 26.03 -9.93
C ALA D 75 -48.56 26.44 -10.52
N VAL D 76 -47.92 27.46 -9.94
CA VAL D 76 -46.53 27.84 -10.27
C VAL D 76 -45.56 26.81 -9.69
N ALA D 77 -44.64 26.31 -10.51
CA ALA D 77 -43.63 25.30 -10.11
C ALA D 77 -42.42 25.97 -9.43
N ALA D 78 -42.67 26.73 -8.36
CA ALA D 78 -41.72 27.68 -7.73
C ALA D 78 -40.34 27.11 -7.31
N ALA D 79 -40.23 25.79 -7.11
CA ALA D 79 -38.96 25.11 -6.82
C ALA D 79 -37.99 25.03 -8.03
N ALA D 80 -38.47 25.26 -9.26
CA ALA D 80 -37.68 25.20 -10.49
C ALA D 80 -36.65 26.35 -10.62
N ALA D 81 -35.64 26.15 -11.47
CA ALA D 81 -34.60 27.14 -11.81
C ALA D 81 -35.07 28.23 -12.81
N ALA D 82 -36.32 28.17 -13.29
CA ALA D 82 -36.91 29.09 -14.26
C ALA D 82 -38.40 29.34 -13.98
N ALA D 83 -38.98 30.35 -14.63
CA ALA D 83 -40.42 30.63 -14.59
C ALA D 83 -41.23 29.54 -15.33
N THR D 84 -41.87 28.65 -14.57
CA THR D 84 -42.64 27.50 -15.10
C THR D 84 -43.87 27.19 -14.23
N ALA D 85 -44.78 26.37 -14.76
CA ALA D 85 -46.01 25.95 -14.08
C ALA D 85 -46.18 24.42 -14.09
N ALA D 86 -47.11 23.89 -13.30
CA ALA D 86 -47.40 22.47 -13.20
C ALA D 86 -48.92 22.20 -13.13
N VAL D 87 -49.34 21.09 -13.72
CA VAL D 87 -50.75 20.70 -13.92
C VAL D 87 -50.86 19.18 -13.79
N ILE D 88 -51.60 18.68 -12.79
CA ILE D 88 -51.94 17.26 -12.68
C ILE D 88 -52.96 16.83 -13.75
N CYS D 89 -52.88 15.55 -14.14
CA CYS D 89 -53.64 14.96 -15.23
C CYS D 89 -54.37 13.69 -14.79
N ASP D 90 -55.48 13.37 -15.46
CA ASP D 90 -55.97 11.99 -15.58
C ASP D 90 -55.31 11.33 -16.82
N GLY D 91 -55.49 10.02 -16.99
CA GLY D 91 -55.03 9.27 -18.17
C GLY D 91 -56.17 8.45 -18.77
N GLY D 92 -56.18 8.30 -20.09
CA GLY D 92 -57.32 7.75 -20.83
C GLY D 92 -57.02 7.24 -22.24
N ALA D 93 -58.05 6.62 -22.83
CA ALA D 93 -58.21 6.15 -24.20
C ALA D 93 -59.58 5.46 -24.48
N ALA D 94 -60.24 4.68 -23.60
CA ALA D 94 -59.91 4.11 -22.27
C ALA D 94 -59.96 5.15 -21.10
N ALA D 95 -59.49 4.93 -19.86
CA ALA D 95 -58.62 3.90 -19.29
C ALA D 95 -59.01 3.55 -17.84
N ALA D 96 -58.33 2.56 -17.26
CA ALA D 96 -58.64 2.01 -15.93
C ALA D 96 -57.40 1.46 -15.19
N ALA D 97 -56.24 2.11 -15.36
CA ALA D 97 -55.03 1.88 -14.54
C ALA D 97 -54.50 3.18 -13.90
N SER D 98 -54.97 4.35 -14.38
CA SER D 98 -54.74 5.69 -13.81
C SER D 98 -55.36 5.81 -12.41
N PRO D 99 -54.56 5.80 -11.31
CA PRO D 99 -55.08 5.73 -9.94
C PRO D 99 -56.08 6.83 -9.57
N ARG D 100 -55.87 8.05 -10.07
CA ARG D 100 -56.75 9.21 -9.85
C ARG D 100 -58.15 9.01 -10.46
N TYR D 101 -58.23 8.45 -11.66
CA TYR D 101 -59.50 8.10 -12.31
C TYR D 101 -60.23 6.95 -11.59
N ILE D 102 -59.47 5.96 -11.10
CA ILE D 102 -60.00 4.88 -10.24
C ILE D 102 -60.57 5.45 -8.93
N ALA D 103 -59.88 6.39 -8.27
CA ALA D 103 -60.37 7.06 -7.06
C ALA D 103 -61.66 7.87 -7.31
N ARG D 104 -61.76 8.56 -8.44
CA ARG D 104 -62.97 9.30 -8.86
C ARG D 104 -64.21 8.42 -9.03
N ALA D 105 -64.06 7.14 -9.39
CA ALA D 105 -65.17 6.20 -9.44
C ALA D 105 -65.81 5.95 -8.06
N ALA D 106 -65.02 5.91 -6.97
CA ALA D 106 -65.55 5.79 -5.60
C ALA D 106 -66.37 7.03 -5.20
N LEU D 107 -65.93 8.23 -5.59
CA LEU D 107 -66.68 9.49 -5.37
C LEU D 107 -68.00 9.51 -6.17
N ALA D 108 -67.98 9.04 -7.42
CA ALA D 108 -69.18 8.88 -8.24
C ALA D 108 -70.18 7.87 -7.63
N GLN D 109 -69.70 6.72 -7.14
CA GLN D 109 -70.52 5.69 -6.48
C GLN D 109 -71.15 6.20 -5.17
N LEU D 110 -70.42 6.95 -4.35
CA LEU D 110 -70.92 7.62 -3.14
C LEU D 110 -72.15 8.50 -3.43
N GLN D 111 -72.08 9.31 -4.48
CA GLN D 111 -73.19 10.16 -4.93
C GLN D 111 -74.33 9.37 -5.59
N ALA D 112 -74.01 8.42 -6.48
CA ALA D 112 -74.98 7.61 -7.21
C ALA D 112 -75.83 6.69 -6.30
N ALA D 113 -75.24 6.16 -5.22
CA ALA D 113 -75.95 5.39 -4.19
C ALA D 113 -76.92 6.24 -3.34
N GLY D 114 -76.81 7.58 -3.38
CA GLY D 114 -77.62 8.51 -2.59
C GLY D 114 -77.32 8.52 -1.08
N ALA D 115 -76.28 7.80 -0.64
CA ALA D 115 -75.89 7.70 0.77
C ALA D 115 -75.42 9.04 1.36
N ALA D 116 -74.74 9.86 0.54
CA ALA D 116 -74.25 11.20 0.87
C ALA D 116 -73.96 11.99 -0.44
N ALA D 117 -73.27 13.13 -0.35
CA ALA D 117 -72.87 13.93 -1.51
C ALA D 117 -71.36 14.21 -1.60
N GLY D 118 -70.60 14.01 -0.51
CA GLY D 118 -69.14 14.15 -0.48
C GLY D 118 -68.49 13.51 0.74
N LEU D 119 -67.15 13.53 0.76
CA LEU D 119 -66.28 12.91 1.76
C LEU D 119 -65.25 13.93 2.26
N LEU D 120 -65.02 13.96 3.58
CA LEU D 120 -64.45 15.11 4.30
C LEU D 120 -63.14 14.73 5.05
N SER D 121 -62.42 13.74 4.55
CA SER D 121 -61.18 13.20 5.14
C SER D 121 -59.96 14.14 5.09
N ALA D 122 -58.93 13.82 5.89
CA ALA D 122 -57.61 14.45 5.90
C ALA D 122 -56.54 13.47 6.45
N PHE D 123 -55.25 13.79 6.29
CA PHE D 123 -54.12 12.91 6.65
C PHE D 123 -53.07 13.64 7.51
N ILE D 124 -52.32 12.85 8.30
CA ILE D 124 -51.28 13.31 9.23
C ILE D 124 -49.98 12.48 9.09
N ALA D 125 -49.73 11.95 7.89
CA ALA D 125 -48.63 11.05 7.59
C ALA D 125 -47.23 11.56 8.00
N ASP D 126 -46.40 10.66 8.51
CA ASP D 126 -45.01 10.90 8.90
C ASP D 126 -44.04 10.65 7.73
N PHE D 127 -42.79 11.09 7.90
CA PHE D 127 -41.69 10.96 6.94
C PHE D 127 -40.34 10.89 7.67
N CYS D 128 -39.27 10.59 6.94
CA CYS D 128 -37.90 10.48 7.44
C CYS D 128 -36.96 11.42 6.66
N ILE D 129 -35.83 11.79 7.27
CA ILE D 129 -34.80 12.67 6.66
C ILE D 129 -33.39 12.19 6.97
N PHE D 130 -32.48 12.34 6.00
CA PHE D 130 -31.11 11.81 6.03
C PHE D 130 -30.12 12.74 5.31
N GLY D 131 -28.82 12.49 5.52
CA GLY D 131 -27.72 13.19 4.86
C GLY D 131 -26.88 12.29 3.94
N VAL D 132 -26.63 11.04 4.34
CA VAL D 132 -25.84 10.05 3.56
C VAL D 132 -26.42 8.63 3.69
N PRO D 133 -27.53 8.30 2.98
CA PRO D 133 -27.97 6.92 2.80
C PRO D 133 -27.06 6.15 1.82
N GLU D 134 -26.87 4.86 2.06
CA GLU D 134 -26.11 3.92 1.23
C GLU D 134 -26.76 2.54 1.27
N VAL D 135 -27.34 2.08 0.16
CA VAL D 135 -28.10 0.80 0.09
C VAL D 135 -27.77 0.08 -1.22
N ILE D 136 -27.11 -1.08 -1.11
CA ILE D 136 -26.70 -1.91 -2.27
C ILE D 136 -26.84 -3.41 -1.99
N ASN D 137 -26.93 -4.19 -3.07
CA ASN D 137 -27.03 -5.66 -3.09
C ASN D 137 -26.25 -6.24 -4.28
N SER D 138 -25.71 -7.45 -4.12
CA SER D 138 -24.96 -8.18 -5.14
C SER D 138 -25.06 -9.71 -4.94
N LYS D 139 -24.34 -10.48 -5.77
CA LYS D 139 -24.14 -11.94 -5.60
C LYS D 139 -23.32 -12.32 -4.36
N THR D 140 -22.72 -11.36 -3.64
CA THR D 140 -21.77 -11.59 -2.54
C THR D 140 -22.05 -10.81 -1.26
N ILE D 141 -22.83 -9.71 -1.29
CA ILE D 141 -23.21 -8.93 -0.10
C ILE D 141 -24.57 -8.23 -0.28
N SER D 142 -25.20 -7.85 0.83
CA SER D 142 -26.46 -7.09 0.88
C SER D 142 -26.56 -6.27 2.17
N PHE D 143 -26.67 -4.94 2.08
CA PHE D 143 -26.78 -4.06 3.25
C PHE D 143 -27.45 -2.70 2.96
N PRO D 144 -28.34 -2.22 3.84
CA PRO D 144 -28.69 -0.81 3.97
C PRO D 144 -27.84 -0.10 5.05
N ALA D 145 -27.69 1.22 4.91
CA ALA D 145 -27.13 2.14 5.91
C ALA D 145 -27.66 3.57 5.67
N SER D 146 -27.66 4.39 6.72
CA SER D 146 -28.06 5.82 6.67
C SER D 146 -27.59 6.59 7.91
N THR D 147 -27.61 7.93 7.85
CA THR D 147 -27.27 8.83 8.96
C THR D 147 -27.88 10.22 8.79
N THR D 148 -27.98 10.98 9.89
CA THR D 148 -28.44 12.37 9.95
C THR D 148 -27.88 13.08 11.18
N ALA D 149 -27.75 14.40 11.15
CA ALA D 149 -27.17 15.21 12.24
C ALA D 149 -27.88 15.04 13.60
N ALA D 150 -29.18 14.68 13.58
CA ALA D 150 -29.98 14.43 14.78
C ALA D 150 -29.82 13.00 15.36
N ALA D 151 -29.20 12.06 14.64
CA ALA D 151 -29.18 10.64 15.01
C ALA D 151 -28.41 10.36 16.31
N ALA D 152 -28.95 9.47 17.15
CA ALA D 152 -28.36 9.04 18.43
C ALA D 152 -26.98 8.35 18.31
N ASP D 153 -26.56 7.96 17.10
CA ASP D 153 -25.25 7.36 16.81
C ASP D 153 -24.12 8.40 16.60
N GLN D 154 -24.44 9.64 16.19
CA GLN D 154 -23.44 10.67 15.88
C GLN D 154 -22.67 11.31 17.07
N PRO D 155 -23.18 11.44 18.32
CA PRO D 155 -22.47 12.21 19.37
C PRO D 155 -21.16 11.57 19.86
N GLN D 156 -20.88 10.31 19.50
CA GLN D 156 -19.60 9.63 19.75
C GLN D 156 -18.56 9.84 18.63
N GLU D 157 -18.92 10.49 17.52
CA GLU D 157 -18.05 10.67 16.34
C GLU D 157 -17.43 12.08 16.26
N ALA D 158 -16.27 12.19 15.60
CA ALA D 158 -15.62 13.47 15.30
C ALA D 158 -16.32 14.23 14.15
N ALA D 159 -16.02 15.53 14.04
CA ALA D 159 -16.47 16.41 12.95
C ALA D 159 -15.47 17.56 12.73
N ALA D 160 -15.60 18.27 11.59
CA ALA D 160 -14.67 19.33 11.14
C ALA D 160 -14.51 20.53 12.11
N GLY D 161 -15.43 20.70 13.06
CA GLY D 161 -15.37 21.70 14.15
C GLY D 161 -15.78 21.13 15.52
N GLY D 162 -15.67 19.81 15.69
CA GLY D 162 -16.18 19.06 16.85
C GLY D 162 -17.69 18.79 16.81
N ALA D 163 -18.15 17.81 17.60
CA ALA D 163 -19.57 17.44 17.69
C ALA D 163 -20.41 18.52 18.38
N ALA D 164 -21.68 18.66 17.99
CA ALA D 164 -22.63 19.60 18.57
C ALA D 164 -23.13 19.21 19.98
N GLY D 165 -23.05 17.93 20.35
CA GLY D 165 -23.51 17.40 21.65
C GLY D 165 -25.03 17.54 21.90
N ALA D 166 -25.84 17.56 20.82
CA ALA D 166 -27.26 17.95 20.84
C ALA D 166 -28.17 16.99 20.03
N ALA D 167 -27.70 15.78 19.72
CA ALA D 167 -28.48 14.74 19.04
C ALA D 167 -29.74 14.30 19.85
N ALA D 168 -30.72 13.74 19.15
CA ALA D 168 -31.89 13.08 19.73
C ALA D 168 -31.53 11.70 20.32
N GLY D 169 -32.52 11.01 20.92
CA GLY D 169 -32.42 9.64 21.42
C GLY D 169 -33.38 8.67 20.73
N ALA D 170 -33.19 7.37 20.94
CA ALA D 170 -34.09 6.31 20.45
C ALA D 170 -35.52 6.51 20.99
N ALA D 171 -36.52 6.59 20.09
CA ALA D 171 -37.90 7.01 20.39
C ALA D 171 -38.00 8.31 21.24
N GLY D 172 -37.05 9.25 21.04
CA GLY D 172 -36.84 10.43 21.87
C GLY D 172 -36.34 11.63 21.07
N GLY D 173 -37.07 12.00 20.02
CA GLY D 173 -36.77 13.11 19.09
C GLY D 173 -38.01 13.91 18.64
N ALA D 174 -39.07 13.91 19.45
CA ALA D 174 -40.38 14.53 19.18
C ALA D 174 -40.38 16.08 19.30
N ALA D 175 -39.42 16.75 18.64
CA ALA D 175 -39.15 18.19 18.75
C ALA D 175 -39.08 18.92 17.38
N ALA D 176 -39.42 18.24 16.28
CA ALA D 176 -39.46 18.82 14.94
C ALA D 176 -40.54 19.91 14.76
N ALA D 177 -40.32 20.82 13.82
CA ALA D 177 -41.25 21.89 13.43
C ALA D 177 -42.39 21.39 12.50
N GLY D 178 -43.31 22.31 12.14
CA GLY D 178 -44.41 22.08 11.20
C GLY D 178 -44.86 23.39 10.52
N ALA D 179 -45.72 23.37 9.49
CA ALA D 179 -46.37 22.22 8.85
C ALA D 179 -45.51 21.49 7.78
N ALA D 180 -44.20 21.77 7.74
CA ALA D 180 -43.18 21.08 6.95
C ALA D 180 -43.29 21.17 5.39
N GLU D 181 -43.69 22.25 4.72
CA GLU D 181 -44.24 23.57 5.11
C GLU D 181 -44.92 24.20 3.87
N ILE D 182 -44.11 24.44 2.82
CA ILE D 182 -44.47 25.31 1.67
C ILE D 182 -45.34 24.63 0.59
N CYS D 183 -45.66 23.35 0.75
CA CYS D 183 -46.59 22.60 -0.10
C CYS D 183 -47.98 22.43 0.57
N PHE D 184 -48.27 23.23 1.61
CA PHE D 184 -49.58 23.27 2.27
C PHE D 184 -49.93 24.67 2.79
N LEU D 185 -48.98 25.36 3.44
CA LEU D 185 -49.19 26.68 4.08
C LEU D 185 -49.54 27.83 3.10
N PRO D 186 -48.76 28.13 2.03
CA PRO D 186 -49.06 29.24 1.13
C PRO D 186 -50.30 28.99 0.25
N GLU D 187 -50.65 27.73 0.03
CA GLU D 187 -51.88 27.30 -0.67
C GLU D 187 -53.11 27.25 0.27
N ALA D 188 -52.90 27.32 1.59
CA ALA D 188 -53.88 27.00 2.63
C ALA D 188 -54.72 25.73 2.32
N ALA D 189 -54.06 24.69 1.80
CA ALA D 189 -54.65 23.65 0.95
C ALA D 189 -55.87 22.93 1.55
N GLY D 190 -55.77 22.47 2.81
CA GLY D 190 -56.86 21.93 3.64
C GLY D 190 -57.47 20.57 3.23
N ALA D 191 -57.72 20.35 1.94
CA ALA D 191 -58.45 19.20 1.40
C ALA D 191 -57.68 17.86 1.51
N ALA D 192 -58.40 16.76 1.28
CA ALA D 192 -57.93 15.37 1.41
C ALA D 192 -56.68 15.03 0.60
N ALA D 193 -55.95 13.99 1.04
CA ALA D 193 -54.72 13.48 0.44
C ALA D 193 -54.91 12.64 -0.84
N ALA D 194 -55.90 12.99 -1.68
CA ALA D 194 -55.93 12.54 -3.07
C ALA D 194 -54.89 13.35 -3.88
N ASP D 195 -55.29 14.52 -4.41
CA ASP D 195 -54.41 15.39 -5.20
C ASP D 195 -53.27 16.01 -4.36
N ASN D 196 -53.53 16.32 -3.08
CA ASN D 196 -52.59 17.01 -2.20
C ASN D 196 -51.39 16.15 -1.72
N ALA D 197 -51.46 14.82 -1.81
CA ALA D 197 -50.37 13.94 -1.34
C ALA D 197 -49.06 14.14 -2.13
N PHE D 198 -49.14 14.41 -3.44
CA PHE D 198 -47.98 14.36 -4.33
C PHE D 198 -47.16 15.65 -4.32
N THR D 199 -47.81 16.81 -4.14
CA THR D 199 -47.11 18.08 -3.85
C THR D 199 -46.33 18.01 -2.52
N LEU D 200 -46.87 17.32 -1.50
CA LEU D 200 -46.17 17.04 -0.25
C LEU D 200 -44.99 16.06 -0.45
N ARG D 201 -45.22 14.92 -1.12
CA ARG D 201 -44.18 13.89 -1.37
C ARG D 201 -43.00 14.41 -2.19
N THR D 202 -43.22 15.24 -3.21
CA THR D 202 -42.13 15.89 -3.96
C THR D 202 -41.53 17.06 -3.17
N GLY D 203 -42.36 17.85 -2.48
CA GLY D 203 -41.95 19.02 -1.70
C GLY D 203 -40.96 18.70 -0.58
N LEU D 204 -41.22 17.67 0.22
CA LEU D 204 -40.33 17.20 1.28
C LEU D 204 -38.92 16.88 0.76
N GLN D 205 -38.84 16.20 -0.39
CA GLN D 205 -37.56 15.88 -1.05
C GLN D 205 -36.89 17.13 -1.62
N GLU D 206 -37.62 17.96 -2.37
CA GLU D 206 -37.08 19.15 -3.05
C GLU D 206 -36.54 20.20 -2.05
N VAL D 207 -37.27 20.44 -0.95
CA VAL D 207 -36.84 21.34 0.13
C VAL D 207 -35.61 20.78 0.85
N ALA D 208 -35.58 19.48 1.16
CA ALA D 208 -34.40 18.84 1.76
C ALA D 208 -33.15 18.95 0.87
N ARG D 209 -33.28 18.70 -0.44
CA ARG D 209 -32.19 18.83 -1.44
C ARG D 209 -31.63 20.25 -1.51
N ARG D 210 -32.51 21.27 -1.41
CA ARG D 210 -32.15 22.70 -1.32
C ARG D 210 -31.56 23.13 0.04
N TYR D 211 -31.48 22.20 1.00
CA TYR D 211 -30.77 22.34 2.29
C TYR D 211 -29.69 21.24 2.48
N ASN D 212 -29.14 20.72 1.36
CA ASN D 212 -28.05 19.72 1.33
C ASN D 212 -28.35 18.41 2.09
N ALA D 213 -29.62 17.98 2.08
CA ALA D 213 -30.13 16.76 2.70
C ALA D 213 -31.11 16.03 1.75
N ILE D 214 -31.74 14.95 2.21
CA ILE D 214 -32.79 14.21 1.50
C ILE D 214 -33.90 13.77 2.46
N ALA D 215 -35.05 13.42 1.90
CA ALA D 215 -36.24 12.94 2.64
C ALA D 215 -36.81 11.67 1.99
N SER D 216 -37.53 10.86 2.78
CA SER D 216 -38.12 9.59 2.34
C SER D 216 -39.39 9.22 3.12
N ALA D 217 -40.09 8.19 2.63
CA ALA D 217 -41.37 7.70 3.13
C ALA D 217 -41.30 6.21 3.55
N ALA D 218 -40.10 5.67 3.74
CA ALA D 218 -39.84 4.29 4.17
C ALA D 218 -40.45 4.03 5.56
N ALA D 219 -41.47 3.16 5.60
CA ALA D 219 -42.29 2.87 6.77
C ALA D 219 -41.52 2.39 8.03
N ALA D 220 -40.36 1.77 7.83
CA ALA D 220 -39.49 1.22 8.89
C ALA D 220 -38.01 1.52 8.59
N ALA D 221 -37.70 2.78 8.26
CA ALA D 221 -36.38 3.27 7.83
C ALA D 221 -35.21 2.91 8.76
N ALA D 222 -35.46 2.68 10.05
CA ALA D 222 -34.49 2.20 11.04
C ALA D 222 -35.15 1.30 12.10
N ALA D 223 -34.39 0.33 12.63
CA ALA D 223 -34.81 -0.54 13.73
C ALA D 223 -34.83 0.19 15.09
N ALA D 224 -35.50 -0.40 16.09
CA ALA D 224 -35.60 0.08 17.48
C ALA D 224 -36.04 1.56 17.64
N ALA D 225 -36.83 2.07 16.68
CA ALA D 225 -37.29 3.46 16.62
C ALA D 225 -38.67 3.58 15.93
N ALA D 226 -39.23 4.79 15.91
CA ALA D 226 -40.43 5.15 15.14
C ALA D 226 -40.22 5.04 13.61
N GLY D 227 -41.30 5.19 12.84
CA GLY D 227 -41.29 5.07 11.37
C GLY D 227 -42.41 5.85 10.67
N ALA D 228 -42.34 5.92 9.34
CA ALA D 228 -43.21 6.73 8.48
C ALA D 228 -44.63 6.15 8.31
N GLY D 229 -45.46 6.17 9.37
CA GLY D 229 -46.89 5.85 9.30
C GLY D 229 -47.69 6.83 8.42
N SER D 230 -48.91 6.46 8.02
CA SER D 230 -49.80 7.29 7.17
C SER D 230 -51.23 7.40 7.73
N HIS D 231 -51.33 7.59 9.04
CA HIS D 231 -52.59 7.77 9.76
C HIS D 231 -53.42 8.93 9.19
N SER D 232 -54.74 8.82 9.31
CA SER D 232 -55.71 9.73 8.69
C SER D 232 -56.99 9.86 9.53
N ILE D 233 -57.84 10.82 9.15
CA ILE D 233 -59.16 11.05 9.72
C ILE D 233 -60.21 11.08 8.61
N TRP D 234 -61.40 10.56 8.89
CA TRP D 234 -62.41 10.22 7.88
C TRP D 234 -63.83 10.62 8.31
N ASP D 235 -64.59 11.09 7.33
CA ASP D 235 -65.91 11.71 7.51
C ASP D 235 -66.68 11.77 6.18
N VAL D 236 -67.99 11.96 6.27
CA VAL D 236 -68.98 11.85 5.19
C VAL D 236 -69.97 13.02 5.36
N GLY D 237 -70.51 13.56 4.26
CA GLY D 237 -71.48 14.66 4.35
C GLY D 237 -72.35 14.90 3.13
N ALA D 238 -73.44 15.65 3.35
CA ALA D 238 -74.40 16.09 2.35
C ALA D 238 -75.10 17.37 2.83
N ALA D 239 -75.65 18.17 1.89
CA ALA D 239 -76.36 19.43 2.13
C ALA D 239 -75.66 20.42 3.10
N GLY D 240 -74.33 20.34 3.25
CA GLY D 240 -73.52 21.21 4.10
C GLY D 240 -73.26 20.69 5.54
N THR D 241 -73.59 19.44 5.87
CA THR D 241 -73.46 18.89 7.23
C THR D 241 -72.75 17.53 7.30
N ASN D 242 -72.10 17.28 8.45
CA ASN D 242 -71.47 16.01 8.86
C ASN D 242 -72.52 14.88 9.00
N ALA D 243 -72.17 13.65 8.60
CA ALA D 243 -73.05 12.46 8.63
C ALA D 243 -72.54 11.31 9.54
N PHE D 244 -71.42 11.48 10.25
CA PHE D 244 -70.94 10.55 11.29
C PHE D 244 -71.27 10.99 12.72
N ALA D 245 -71.63 12.25 12.94
CA ALA D 245 -72.10 12.78 14.22
C ALA D 245 -73.43 12.16 14.66
N GLY D 246 -73.59 11.89 15.96
CA GLY D 246 -74.81 11.32 16.55
C GLY D 246 -74.72 11.07 18.05
N ALA D 247 -75.46 10.07 18.53
CA ALA D 247 -75.68 9.78 19.96
C ALA D 247 -75.21 8.37 20.40
N SER D 248 -74.50 7.62 19.55
CA SER D 248 -73.79 6.39 19.97
C SER D 248 -72.42 6.73 20.59
N GLY D 249 -71.62 5.70 20.91
CA GLY D 249 -70.32 5.83 21.58
C GLY D 249 -69.40 6.92 20.98
N ALA D 250 -68.72 7.68 21.86
CA ALA D 250 -67.84 8.81 21.51
C ALA D 250 -68.44 9.81 20.49
N ARG D 251 -69.77 10.03 20.52
CA ARG D 251 -70.55 10.94 19.66
C ARG D 251 -70.62 10.53 18.18
N ALA D 252 -70.31 9.27 17.87
CA ALA D 252 -70.57 8.64 16.56
C ALA D 252 -72.07 8.40 16.31
N THR D 253 -72.41 7.71 15.20
CA THR D 253 -73.78 7.34 14.83
C THR D 253 -73.84 5.99 14.11
N LEU D 254 -75.05 5.47 13.87
CA LEU D 254 -75.29 4.13 13.31
C LEU D 254 -74.69 3.94 11.90
N THR D 255 -74.81 4.91 10.99
CA THR D 255 -74.13 4.84 9.68
C THR D 255 -72.60 4.90 9.81
N GLY D 256 -72.08 5.64 10.80
CA GLY D 256 -70.66 5.59 11.18
C GLY D 256 -70.22 4.21 11.66
N ALA D 257 -71.01 3.55 12.51
CA ALA D 257 -70.79 2.16 12.93
C ALA D 257 -70.83 1.15 11.77
N LYS D 258 -71.69 1.38 10.76
CA LYS D 258 -71.75 0.58 9.52
C LYS D 258 -70.53 0.82 8.60
N TRP D 259 -70.04 2.06 8.47
CA TRP D 259 -68.75 2.35 7.81
C TRP D 259 -67.59 1.65 8.53
N LEU D 260 -67.54 1.72 9.87
CA LEU D 260 -66.55 1.01 10.70
C LEU D 260 -66.65 -0.51 10.53
N ALA D 261 -67.85 -1.10 10.48
CA ALA D 261 -68.04 -2.52 10.21
C ALA D 261 -67.45 -2.95 8.85
N GLY D 262 -67.66 -2.14 7.80
CA GLY D 262 -67.05 -2.33 6.49
C GLY D 262 -65.52 -2.25 6.54
N LEU D 263 -64.96 -1.22 7.18
CA LEU D 263 -63.51 -1.03 7.38
C LEU D 263 -62.85 -2.19 8.15
N LEU D 264 -63.47 -2.66 9.23
CA LEU D 264 -63.00 -3.80 10.02
C LEU D 264 -62.96 -5.10 9.17
N ALA D 265 -64.02 -5.37 8.41
CA ALA D 265 -64.09 -6.53 7.51
C ALA D 265 -63.06 -6.46 6.36
N ALA D 266 -62.84 -5.27 5.80
CA ALA D 266 -61.94 -5.06 4.65
C ALA D 266 -60.46 -4.90 5.01
N ALA D 267 -60.08 -4.77 6.29
CA ALA D 267 -58.72 -4.47 6.74
C ALA D 267 -57.65 -5.42 6.16
N ALA D 268 -57.95 -6.72 6.05
CA ALA D 268 -57.08 -7.75 5.48
C ALA D 268 -56.78 -7.58 3.96
N ALA D 269 -57.52 -6.72 3.26
CA ALA D 269 -57.38 -6.45 1.83
C ALA D 269 -57.05 -4.97 1.52
N ALA D 270 -57.54 -4.02 2.33
CA ALA D 270 -57.13 -2.62 2.28
C ALA D 270 -55.61 -2.44 2.51
N ALA D 271 -54.99 -3.33 3.30
CA ALA D 271 -53.55 -3.43 3.49
C ALA D 271 -52.74 -3.60 2.17
N ALA D 272 -53.34 -4.17 1.11
CA ALA D 272 -52.69 -4.28 -0.20
C ALA D 272 -52.35 -2.92 -0.85
N ALA D 273 -53.05 -1.85 -0.46
CA ALA D 273 -52.75 -0.47 -0.85
C ALA D 273 -52.12 0.34 0.29
N ALA D 274 -52.63 0.19 1.52
CA ALA D 274 -52.19 0.95 2.71
C ALA D 274 -50.84 0.50 3.30
N ALA D 275 -50.37 -0.71 2.96
CA ALA D 275 -49.13 -1.32 3.43
C ALA D 275 -48.40 -2.04 2.28
N ALA D 276 -48.32 -1.37 1.12
CA ALA D 276 -47.86 -1.88 -0.18
C ALA D 276 -46.38 -2.34 -0.28
N ALA D 277 -45.62 -2.40 0.82
CA ALA D 277 -44.22 -2.83 0.85
C ALA D 277 -43.88 -3.56 2.17
N ALA D 278 -42.83 -4.40 2.15
CA ALA D 278 -42.37 -5.17 3.31
C ALA D 278 -41.97 -4.30 4.52
N ALA D 279 -41.51 -3.06 4.28
CA ALA D 279 -41.25 -2.08 5.34
C ALA D 279 -42.51 -1.71 6.13
N ALA D 280 -43.69 -1.68 5.51
CA ALA D 280 -44.96 -1.42 6.20
C ALA D 280 -45.42 -2.63 7.03
N ALA D 281 -45.17 -3.85 6.56
CA ALA D 281 -45.36 -5.07 7.35
C ALA D 281 -44.43 -5.11 8.59
N ALA D 282 -43.18 -4.66 8.44
CA ALA D 282 -42.23 -4.50 9.55
C ALA D 282 -42.68 -3.41 10.55
N ALA D 283 -43.20 -2.26 10.06
CA ALA D 283 -43.79 -1.22 10.90
C ALA D 283 -45.04 -1.69 11.68
N ALA D 284 -45.84 -2.58 11.08
CA ALA D 284 -47.01 -3.20 11.69
C ALA D 284 -46.71 -4.39 12.64
N ALA D 285 -45.44 -4.79 12.81
CA ALA D 285 -45.04 -5.87 13.71
C ALA D 285 -45.35 -5.55 15.20
N ALA D 286 -45.33 -6.59 16.04
CA ALA D 286 -45.67 -6.52 17.46
C ALA D 286 -44.82 -5.48 18.24
N GLY D 287 -45.48 -4.70 19.10
CA GLY D 287 -44.87 -3.70 19.98
C GLY D 287 -45.91 -2.87 20.76
N ALA D 288 -45.46 -2.14 21.77
CA ALA D 288 -46.31 -1.39 22.71
C ALA D 288 -47.14 -0.23 22.08
N ALA D 289 -46.82 0.17 20.84
CA ALA D 289 -47.47 1.26 20.10
C ALA D 289 -47.83 0.89 18.65
N ALA D 290 -47.88 -0.42 18.32
CA ALA D 290 -48.33 -0.92 17.03
C ALA D 290 -49.81 -0.57 16.72
N ALA D 291 -50.20 -0.67 15.45
CA ALA D 291 -51.53 -0.27 14.96
C ALA D 291 -52.27 -1.37 14.15
N ALA D 292 -51.75 -2.61 14.15
CA ALA D 292 -52.33 -3.76 13.44
C ALA D 292 -53.63 -4.31 14.07
N ALA D 293 -53.96 -3.91 15.31
CA ALA D 293 -55.19 -4.30 16.02
C ALA D 293 -56.45 -3.72 15.36
N THR D 294 -57.04 -4.45 14.41
CA THR D 294 -58.28 -4.12 13.68
C THR D 294 -59.51 -4.03 14.61
N ALA D 295 -59.62 -2.91 15.32
CA ALA D 295 -60.61 -2.61 16.35
C ALA D 295 -60.94 -1.11 16.37
N TRP D 296 -62.00 -0.72 17.08
CA TRP D 296 -62.44 0.67 17.22
C TRP D 296 -62.65 1.05 18.69
N GLY D 297 -62.57 2.35 19.00
CA GLY D 297 -62.67 2.87 20.36
C GLY D 297 -62.30 4.36 20.45
N ALA D 298 -62.12 4.87 21.67
CA ALA D 298 -61.77 6.29 21.93
C ALA D 298 -60.74 6.48 23.07
N ALA D 299 -60.07 5.41 23.50
CA ALA D 299 -59.05 5.43 24.58
C ALA D 299 -57.94 4.37 24.40
N ALA D 300 -58.25 3.20 23.85
CA ALA D 300 -57.28 2.16 23.48
C ALA D 300 -56.44 2.59 22.25
N ALA D 301 -55.38 3.35 22.47
CA ALA D 301 -54.59 4.04 21.43
C ALA D 301 -54.02 3.14 20.31
N ALA D 302 -53.76 1.86 20.58
CA ALA D 302 -53.28 0.89 19.60
C ALA D 302 -54.35 0.40 18.59
N CYS D 303 -55.65 0.60 18.87
CA CYS D 303 -56.74 0.16 17.99
C CYS D 303 -56.80 0.97 16.69
N ALA D 304 -56.93 0.28 15.56
CA ALA D 304 -56.75 0.82 14.21
C ALA D 304 -57.76 1.89 13.76
N LEU D 305 -58.94 1.98 14.39
CA LEU D 305 -60.07 2.81 13.96
C LEU D 305 -60.63 3.64 15.15
N ASN D 306 -59.85 4.59 15.66
CA ASN D 306 -60.28 5.51 16.71
C ASN D 306 -61.53 6.33 16.30
N ILE D 307 -62.29 6.82 17.28
CA ILE D 307 -63.27 7.90 17.09
C ILE D 307 -62.61 9.22 17.46
N ALA D 308 -62.60 10.17 16.52
CA ALA D 308 -62.17 11.54 16.73
C ALA D 308 -63.27 12.34 17.44
N ALA D 309 -63.43 12.11 18.74
CA ALA D 309 -64.35 12.85 19.61
C ALA D 309 -64.04 14.36 19.62
N ALA D 310 -65.08 15.20 19.65
CA ALA D 310 -64.98 16.67 19.64
C ALA D 310 -66.14 17.31 20.41
N ALA D 311 -65.96 18.55 20.88
CA ALA D 311 -66.99 19.34 21.56
C ALA D 311 -68.09 19.82 20.58
N ALA D 312 -67.71 20.21 19.36
CA ALA D 312 -68.63 20.53 18.27
C ALA D 312 -69.04 19.25 17.52
N ALA D 313 -70.34 19.03 17.33
CA ALA D 313 -70.87 17.86 16.61
C ALA D 313 -70.34 17.75 15.17
N LYS D 314 -70.12 18.89 14.49
CA LYS D 314 -69.50 18.97 13.16
C LYS D 314 -68.11 18.34 13.07
N GLY D 315 -67.40 18.21 14.20
CA GLY D 315 -66.06 17.63 14.31
C GLY D 315 -66.03 16.17 14.75
N ALA D 316 -67.18 15.54 15.03
CA ALA D 316 -67.27 14.11 15.32
C ALA D 316 -66.96 13.28 14.05
N GLN D 317 -65.83 12.59 14.04
CA GLN D 317 -65.26 11.87 12.89
C GLN D 317 -64.60 10.56 13.34
N ILE D 318 -63.97 9.80 12.43
CA ILE D 318 -63.16 8.61 12.78
C ILE D 318 -61.69 8.80 12.38
N GLU D 319 -60.80 7.95 12.86
CA GLU D 319 -59.34 8.06 12.74
C GLU D 319 -58.72 6.69 12.41
N ASN D 320 -58.23 6.54 11.18
CA ASN D 320 -57.73 5.28 10.62
C ASN D 320 -56.18 5.23 10.70
N LYS D 321 -55.64 4.06 11.06
CA LYS D 321 -54.19 3.88 11.37
C LYS D 321 -53.53 2.69 10.66
N ALA D 322 -54.28 1.89 9.90
CA ALA D 322 -53.88 0.62 9.31
C ALA D 322 -52.95 0.74 8.07
N GLY D 323 -52.02 1.69 8.04
CA GLY D 323 -51.12 1.92 6.90
C GLY D 323 -49.89 2.78 7.18
N ALA D 324 -48.99 2.81 6.19
CA ALA D 324 -47.73 3.56 6.22
C ALA D 324 -47.42 4.24 4.87
N ALA D 325 -46.53 5.24 4.90
CA ALA D 325 -46.29 6.18 3.80
C ALA D 325 -45.68 5.57 2.51
N ALA D 326 -45.28 4.29 2.54
CA ALA D 326 -44.98 3.50 1.33
C ALA D 326 -46.20 3.25 0.41
N ALA D 327 -47.42 3.49 0.91
CA ALA D 327 -48.70 3.33 0.20
C ALA D 327 -48.86 4.19 -1.07
N ASN D 328 -49.89 3.87 -1.87
CA ASN D 328 -50.38 4.67 -3.00
C ASN D 328 -51.61 5.51 -2.57
N PRO D 329 -51.49 6.84 -2.40
CA PRO D 329 -52.56 7.70 -1.90
C PRO D 329 -53.91 7.54 -2.60
N TYR D 330 -53.95 7.61 -3.94
CA TYR D 330 -55.21 7.49 -4.70
C TYR D 330 -55.90 6.13 -4.47
N LEU D 331 -55.14 5.03 -4.43
CA LEU D 331 -55.69 3.69 -4.22
C LEU D 331 -56.10 3.43 -2.76
N VAL D 332 -55.41 4.01 -1.77
CA VAL D 332 -55.87 4.02 -0.37
C VAL D 332 -57.19 4.79 -0.23
N LEU D 333 -57.26 6.00 -0.78
CA LEU D 333 -58.46 6.84 -0.82
C LEU D 333 -59.65 6.10 -1.47
N ALA D 334 -59.40 5.33 -2.54
CA ALA D 334 -60.41 4.48 -3.17
C ALA D 334 -60.83 3.27 -2.29
N ALA D 335 -59.87 2.47 -1.81
CA ALA D 335 -60.12 1.21 -1.12
C ALA D 335 -60.82 1.39 0.25
N THR D 336 -60.38 2.38 1.04
CA THR D 336 -60.99 2.67 2.36
C THR D 336 -62.45 3.13 2.23
N VAL D 337 -62.78 3.87 1.16
CA VAL D 337 -64.15 4.26 0.80
C VAL D 337 -64.97 3.09 0.28
N ALA D 338 -64.41 2.24 -0.57
CA ALA D 338 -65.08 1.03 -1.09
C ALA D 338 -65.57 0.08 0.03
N ALA D 339 -64.81 -0.03 1.13
CA ALA D 339 -65.21 -0.76 2.33
C ALA D 339 -66.44 -0.13 3.02
N GLY D 340 -66.40 1.19 3.26
CA GLY D 340 -67.51 1.92 3.88
C GLY D 340 -68.80 1.92 3.05
N LEU D 341 -68.67 2.07 1.73
CA LEU D 341 -69.77 2.09 0.76
C LEU D 341 -70.64 0.82 0.74
N ASP D 342 -70.14 -0.32 1.23
CA ASP D 342 -70.92 -1.57 1.30
C ASP D 342 -71.22 -2.03 2.73
N GLY D 343 -70.45 -1.60 3.74
CA GLY D 343 -70.84 -1.74 5.16
C GLY D 343 -72.22 -1.16 5.47
N ILE D 344 -72.58 -0.04 4.82
CA ILE D 344 -73.92 0.57 4.87
C ILE D 344 -75.02 -0.18 4.09
N GLN D 345 -74.66 -1.21 3.31
CA GLN D 345 -75.59 -2.01 2.48
C GLN D 345 -75.75 -3.44 3.01
N SER D 346 -74.69 -4.04 3.57
CA SER D 346 -74.76 -5.25 4.39
C SER D 346 -75.43 -5.03 5.76
N ALA D 347 -75.49 -3.75 6.20
CA ALA D 347 -75.92 -3.32 7.52
C ALA D 347 -75.21 -4.05 8.70
N GLY D 348 -73.94 -4.45 8.48
CA GLY D 348 -73.08 -5.05 9.50
C GLY D 348 -72.79 -4.11 10.69
N ALA D 349 -72.18 -4.65 11.74
CA ALA D 349 -71.89 -3.94 12.99
C ALA D 349 -70.44 -4.12 13.43
N ALA D 350 -69.87 -3.08 14.05
CA ALA D 350 -68.47 -3.01 14.45
C ALA D 350 -68.13 -3.74 15.78
N ALA D 351 -69.10 -4.46 16.37
CA ALA D 351 -69.08 -4.95 17.76
C ALA D 351 -68.82 -3.84 18.81
N GLY D 352 -68.65 -4.20 20.09
CA GLY D 352 -68.39 -3.24 21.17
C GLY D 352 -67.03 -2.53 21.04
N ALA D 353 -66.95 -1.29 21.55
CA ALA D 353 -65.72 -0.50 21.56
C ALA D 353 -64.63 -1.09 22.48
N ALA D 354 -63.38 -1.00 22.05
CA ALA D 354 -62.20 -1.41 22.83
C ALA D 354 -61.85 -0.38 23.92
N ALA D 355 -61.79 -0.86 25.17
CA ALA D 355 -61.37 -0.09 26.36
C ALA D 355 -60.55 -0.93 27.37
N ALA D 356 -60.21 -2.16 27.01
CA ALA D 356 -59.38 -3.09 27.79
C ALA D 356 -57.87 -2.89 27.49
N ASP D 357 -57.05 -3.94 27.70
CA ASP D 357 -55.64 -3.99 27.26
C ASP D 357 -55.48 -3.77 25.74
N ALA D 358 -54.26 -3.42 25.31
CA ALA D 358 -53.95 -2.79 24.01
C ALA D 358 -54.39 -3.54 22.74
N ALA D 359 -54.59 -4.87 22.78
CA ALA D 359 -55.06 -5.67 21.64
C ALA D 359 -55.97 -6.84 22.08
N ALA D 360 -56.97 -7.12 21.23
CA ALA D 360 -58.14 -8.02 21.33
C ALA D 360 -59.45 -7.19 21.24
N ALA D 361 -60.60 -7.87 21.20
CA ALA D 361 -61.95 -7.29 21.23
C ALA D 361 -62.14 -6.01 20.36
N ALA D 362 -62.28 -6.10 19.03
CA ALA D 362 -62.62 -7.31 18.26
C ALA D 362 -61.50 -8.39 18.15
N PRO D 363 -60.30 -8.11 17.60
CA PRO D 363 -59.47 -9.07 16.86
C PRO D 363 -59.37 -10.51 17.41
N SER D 364 -59.95 -11.54 16.78
CA SER D 364 -60.86 -11.64 15.61
C SER D 364 -60.49 -10.89 14.31
N GLU D 365 -61.48 -10.51 13.51
CA GLU D 365 -61.96 -11.21 12.31
C GLU D 365 -62.38 -12.68 12.60
N ILE D 366 -61.60 -13.77 12.55
CA ILE D 366 -60.41 -14.12 11.75
C ILE D 366 -60.35 -15.65 11.58
N PRO D 367 -60.04 -16.16 10.38
CA PRO D 367 -59.54 -17.51 10.19
C PRO D 367 -58.06 -17.50 9.75
N GLY D 368 -57.30 -18.53 10.16
CA GLY D 368 -55.82 -18.51 10.13
C GLY D 368 -55.16 -19.15 8.90
N LYS D 369 -55.79 -19.10 7.72
CA LYS D 369 -55.31 -19.76 6.48
C LYS D 369 -55.51 -18.88 5.24
N MET D 370 -54.63 -19.03 4.25
CA MET D 370 -54.76 -18.39 2.93
C MET D 370 -56.01 -18.85 2.17
N GLU D 371 -56.40 -20.13 2.32
CA GLU D 371 -57.64 -20.66 1.72
C GLU D 371 -58.89 -19.92 2.25
N ASP D 372 -58.93 -19.58 3.54
CA ASP D 372 -60.02 -18.81 4.13
C ASP D 372 -59.95 -17.30 3.78
N ALA D 373 -58.76 -16.73 3.62
CA ALA D 373 -58.61 -15.36 3.10
C ALA D 373 -59.14 -15.25 1.64
N LEU D 374 -58.86 -16.26 0.81
CA LEU D 374 -59.43 -16.38 -0.54
C LEU D 374 -60.94 -16.65 -0.52
N ALA D 375 -61.45 -17.47 0.41
CA ALA D 375 -62.89 -17.67 0.61
C ALA D 375 -63.61 -16.36 0.96
N ALA D 376 -63.04 -15.53 1.85
CA ALA D 376 -63.55 -14.20 2.17
C ALA D 376 -63.58 -13.30 0.92
N LEU D 377 -62.49 -13.25 0.16
CA LEU D 377 -62.38 -12.52 -1.13
C LEU D 377 -63.42 -12.96 -2.19
N GLU D 378 -64.07 -14.12 -2.02
CA GLU D 378 -65.08 -14.69 -2.93
C GLU D 378 -66.48 -14.83 -2.29
N GLN D 379 -66.69 -14.27 -1.09
CA GLN D 379 -67.99 -14.22 -0.38
C GLN D 379 -68.36 -12.79 0.07
N ASP D 380 -67.36 -11.97 0.42
CA ASP D 380 -67.44 -10.51 0.56
C ASP D 380 -66.04 -9.90 0.36
N ALA D 381 -65.58 -9.57 -0.86
CA ALA D 381 -66.20 -9.60 -2.20
C ALA D 381 -67.16 -8.45 -2.57
N GLU D 382 -67.59 -7.61 -1.62
CA GLU D 382 -68.45 -6.45 -1.89
C GLU D 382 -67.98 -5.18 -1.14
N CYS D 383 -67.46 -5.31 0.08
CA CYS D 383 -66.58 -4.32 0.73
C CYS D 383 -65.18 -4.24 0.08
N LEU D 384 -64.86 -5.15 -0.84
CA LEU D 384 -63.53 -5.33 -1.44
C LEU D 384 -63.63 -5.13 -2.97
N LYS D 385 -62.64 -4.42 -3.54
CA LYS D 385 -62.43 -4.22 -4.99
C LYS D 385 -63.70 -3.83 -5.78
N ALA D 386 -64.57 -3.02 -5.16
CA ALA D 386 -65.91 -2.69 -5.65
C ALA D 386 -65.91 -1.95 -7.01
N GLY D 387 -66.63 -2.50 -7.98
CA GLY D 387 -66.84 -1.91 -9.31
C GLY D 387 -65.60 -1.87 -10.22
N LEU D 388 -65.81 -1.33 -11.44
CA LEU D 388 -64.86 -1.24 -12.56
C LEU D 388 -64.30 -2.58 -13.08
N GLY D 389 -63.65 -2.48 -14.24
CA GLY D 389 -62.47 -3.25 -14.61
C GLY D 389 -61.45 -2.27 -15.23
N GLU D 390 -60.18 -2.56 -15.50
CA GLU D 390 -59.38 -3.81 -15.56
C GLU D 390 -59.29 -4.33 -17.00
N ALA D 391 -60.25 -3.98 -17.87
CA ALA D 391 -60.20 -4.21 -19.32
C ALA D 391 -58.97 -3.55 -19.97
N PHE D 392 -58.64 -2.32 -19.57
CA PHE D 392 -57.44 -1.60 -20.00
C PHE D 392 -56.15 -2.30 -19.51
N ILE D 393 -56.14 -2.76 -18.25
CA ILE D 393 -54.99 -3.48 -17.67
C ILE D 393 -54.74 -4.77 -18.46
N ARG D 394 -55.74 -5.65 -18.60
CA ARG D 394 -55.57 -6.92 -19.33
C ARG D 394 -55.22 -6.72 -20.81
N ALA D 395 -55.73 -5.68 -21.47
CA ALA D 395 -55.37 -5.35 -22.86
C ALA D 395 -53.88 -4.99 -23.01
N ALA D 396 -53.36 -4.10 -22.15
CA ALA D 396 -51.95 -3.71 -22.16
C ALA D 396 -51.01 -4.83 -21.69
N VAL D 397 -51.38 -5.52 -20.60
CA VAL D 397 -50.62 -6.66 -20.05
C VAL D 397 -50.59 -7.85 -21.01
N ALA D 398 -51.65 -8.12 -21.78
CA ALA D 398 -51.65 -9.16 -22.81
C ALA D 398 -50.56 -8.95 -23.87
N ALA D 399 -50.35 -7.71 -24.34
CA ALA D 399 -49.28 -7.40 -25.29
C ALA D 399 -47.88 -7.73 -24.74
N ALA D 400 -47.61 -7.40 -23.47
CA ALA D 400 -46.38 -7.79 -22.78
C ALA D 400 -46.28 -9.32 -22.58
N LYS D 401 -47.36 -9.97 -22.13
CA LYS D 401 -47.44 -11.42 -21.94
C LYS D 401 -47.19 -12.20 -23.23
N TYR D 402 -47.68 -11.77 -24.39
CA TYR D 402 -47.41 -12.44 -25.66
C TYR D 402 -45.91 -12.46 -25.99
N GLU D 403 -45.18 -11.36 -25.80
CA GLU D 403 -43.73 -11.32 -25.98
C GLU D 403 -42.99 -12.20 -24.96
N LEU D 404 -43.36 -12.13 -23.68
CA LEU D 404 -42.78 -12.94 -22.61
C LEU D 404 -43.01 -14.45 -22.82
N GLU D 405 -44.24 -14.85 -23.16
CA GLU D 405 -44.58 -16.25 -23.46
C GLU D 405 -43.90 -16.77 -24.73
N ASN D 406 -43.68 -15.94 -25.75
CA ASN D 406 -42.91 -16.33 -26.94
C ASN D 406 -41.44 -16.62 -26.60
N GLU D 407 -40.80 -15.81 -25.75
CA GLU D 407 -39.44 -16.09 -25.25
C GLU D 407 -39.41 -17.32 -24.33
N GLU D 408 -40.35 -17.44 -23.39
CA GLU D 408 -40.43 -18.55 -22.43
C GLU D 408 -40.74 -19.90 -23.09
N THR D 409 -41.65 -19.96 -24.07
CA THR D 409 -41.99 -21.23 -24.75
C THR D 409 -40.83 -21.76 -25.61
N ASP D 410 -40.01 -20.88 -26.20
CA ASP D 410 -38.77 -21.28 -26.88
C ASP D 410 -37.72 -21.79 -25.88
N ALA D 411 -37.56 -21.12 -24.73
CA ALA D 411 -36.68 -21.56 -23.65
C ALA D 411 -37.11 -22.92 -23.06
N GLU D 412 -38.41 -23.11 -22.79
CA GLU D 412 -38.98 -24.39 -22.36
C GLU D 412 -38.78 -25.49 -23.42
N GLY D 413 -38.96 -25.19 -24.70
CA GLY D 413 -38.66 -26.11 -25.81
C GLY D 413 -37.22 -26.63 -25.79
N ASN D 414 -36.24 -25.75 -25.58
CA ASN D 414 -34.84 -26.14 -25.41
C ASN D 414 -34.63 -26.95 -24.11
N LYS D 415 -35.22 -26.52 -22.98
CA LYS D 415 -35.13 -27.22 -21.69
C LYS D 415 -35.68 -28.65 -21.75
N PHE D 416 -36.82 -28.88 -22.42
CA PHE D 416 -37.38 -30.23 -22.60
C PHE D 416 -36.41 -31.16 -23.34
N LEU D 417 -35.78 -30.70 -24.43
CA LEU D 417 -34.74 -31.47 -25.14
C LEU D 417 -33.55 -31.77 -24.20
N GLU D 418 -33.10 -30.79 -23.42
CA GLU D 418 -32.05 -30.96 -22.40
C GLU D 418 -32.44 -31.89 -21.23
N TYR D 419 -33.73 -32.23 -21.06
CA TYR D 419 -34.21 -33.23 -20.09
C TYR D 419 -34.39 -34.63 -20.72
N PHE D 420 -34.65 -34.71 -22.02
CA PHE D 420 -34.82 -35.99 -22.74
C PHE D 420 -33.50 -36.71 -23.07
N ILE D 421 -32.39 -35.97 -23.27
CA ILE D 421 -31.04 -36.52 -23.48
C ILE D 421 -30.50 -37.33 -22.29
N SER E 1 -33.40 34.87 -49.30
CA SER E 1 -33.01 36.29 -49.22
C SER E 1 -31.57 36.44 -48.71
N ALA E 2 -30.64 36.78 -49.60
CA ALA E 2 -29.26 37.14 -49.22
C ALA E 2 -29.25 38.36 -48.27
N GLU E 3 -30.11 39.34 -48.55
CA GLU E 3 -30.29 40.56 -47.77
C GLU E 3 -30.63 40.26 -46.30
N HIS E 4 -31.56 39.32 -46.05
CA HIS E 4 -31.95 38.91 -44.69
C HIS E 4 -30.79 38.29 -43.90
N VAL E 5 -30.00 37.40 -44.53
CA VAL E 5 -28.81 36.82 -43.88
C VAL E 5 -27.77 37.91 -43.55
N LEU E 6 -27.54 38.86 -44.46
CA LEU E 6 -26.64 39.99 -44.22
C LEU E 6 -27.14 40.90 -43.08
N THR E 7 -28.43 41.26 -43.04
CA THR E 7 -28.98 42.12 -41.96
C THR E 7 -29.03 41.42 -40.60
N MET E 8 -29.19 40.09 -40.55
CA MET E 8 -29.06 39.32 -39.29
C MET E 8 -27.70 39.51 -38.60
N LEU E 9 -26.61 39.66 -39.36
CA LEU E 9 -25.27 39.92 -38.80
C LEU E 9 -25.22 41.24 -38.02
N ASN E 10 -25.94 42.27 -38.48
CA ASN E 10 -26.09 43.55 -37.77
C ASN E 10 -27.12 43.47 -36.64
N GLU E 11 -28.28 42.87 -36.89
CA GLU E 11 -29.41 42.75 -35.95
C GLU E 11 -29.05 41.99 -34.65
N HIS E 12 -28.11 41.04 -34.75
CA HIS E 12 -27.64 40.21 -33.62
C HIS E 12 -26.14 40.38 -33.34
N ALA E 13 -25.52 41.43 -33.91
CA ALA E 13 -24.11 41.81 -33.77
C ALA E 13 -23.10 40.63 -33.89
N ALA E 14 -23.36 39.69 -34.81
CA ALA E 14 -22.60 38.47 -34.99
C ALA E 14 -21.12 38.74 -35.34
N ALA E 15 -20.20 38.29 -34.49
CA ALA E 15 -18.76 38.37 -34.73
C ALA E 15 -18.24 37.23 -35.64
N PHE E 16 -18.90 36.06 -35.60
CA PHE E 16 -18.54 34.86 -36.37
C PHE E 16 -19.81 34.13 -36.86
N VAL E 17 -19.64 33.27 -37.87
CA VAL E 17 -20.71 32.44 -38.45
C VAL E 17 -20.23 31.00 -38.63
N ARG E 18 -21.11 30.03 -38.35
CA ARG E 18 -20.86 28.59 -38.37
C ARG E 18 -21.55 27.93 -39.58
N PHE E 19 -20.77 27.37 -40.49
CA PHE E 19 -21.24 26.48 -41.54
C PHE E 19 -21.49 25.08 -40.96
N GLU E 20 -22.56 24.40 -41.40
CA GLU E 20 -22.96 23.10 -40.85
C GLU E 20 -23.40 22.11 -41.94
N ALA E 21 -23.06 20.84 -41.75
CA ALA E 21 -23.36 19.71 -42.66
C ALA E 21 -23.50 18.40 -41.86
N THR E 22 -23.74 17.27 -42.56
CA THR E 22 -23.89 15.94 -41.96
C THR E 22 -23.19 14.88 -42.81
N ASP E 23 -22.57 13.89 -42.17
CA ASP E 23 -21.87 12.77 -42.85
C ASP E 23 -22.80 11.59 -43.22
N ALA E 24 -22.25 10.61 -43.96
CA ALA E 24 -22.98 9.42 -44.39
C ALA E 24 -23.43 8.50 -43.23
N ALA E 25 -22.70 8.48 -42.11
CA ALA E 25 -23.05 7.68 -40.94
C ALA E 25 -24.27 8.25 -40.18
N GLY E 26 -24.41 9.58 -40.10
CA GLY E 26 -25.57 10.28 -39.55
C GLY E 26 -25.26 11.36 -38.52
N ALA E 27 -24.00 11.77 -38.37
CA ALA E 27 -23.58 12.79 -37.41
C ALA E 27 -23.36 14.15 -38.10
N SER E 28 -23.85 15.22 -37.47
CA SER E 28 -23.57 16.59 -37.90
C SER E 28 -22.11 16.99 -37.66
N ARG E 29 -21.61 17.92 -38.49
CA ARG E 29 -20.25 18.49 -38.49
C ARG E 29 -20.31 19.99 -38.82
N SER E 30 -19.32 20.76 -38.39
CA SER E 30 -19.31 22.22 -38.57
C SER E 30 -17.90 22.84 -38.64
N LYS E 31 -17.86 24.06 -39.20
CA LYS E 31 -16.67 24.94 -39.32
C LYS E 31 -17.11 26.40 -39.19
N SER E 32 -16.19 27.34 -38.93
CA SER E 32 -16.55 28.75 -38.72
C SER E 32 -15.46 29.75 -39.12
N ILE E 33 -15.89 30.99 -39.39
CA ILE E 33 -15.08 32.15 -39.77
C ILE E 33 -15.69 33.46 -39.21
N PRO E 34 -14.92 34.56 -39.10
CA PRO E 34 -15.46 35.90 -38.83
C PRO E 34 -16.58 36.30 -39.80
N ALA E 35 -17.58 37.03 -39.31
CA ALA E 35 -18.70 37.51 -40.12
C ALA E 35 -18.30 38.50 -41.24
N GLN E 36 -17.14 39.15 -41.11
CA GLN E 36 -16.60 40.13 -42.07
C GLN E 36 -16.35 39.58 -43.49
N PHE E 37 -16.18 38.26 -43.64
CA PHE E 37 -15.95 37.60 -44.92
C PHE E 37 -17.19 37.48 -45.82
N PHE E 38 -18.40 37.70 -45.30
CA PHE E 38 -19.66 37.51 -46.03
C PHE E 38 -19.90 38.62 -47.07
N GLU E 39 -19.94 38.24 -48.34
CA GLU E 39 -20.07 39.13 -49.52
C GLU E 39 -20.90 38.45 -50.64
N LYS E 40 -21.29 39.19 -51.68
CA LYS E 40 -22.15 38.70 -52.78
C LYS E 40 -21.64 37.45 -53.52
N VAL E 41 -20.33 37.23 -53.56
CA VAL E 41 -19.70 36.11 -54.29
C VAL E 41 -20.03 34.75 -53.67
N ILE E 42 -19.97 34.61 -52.34
CA ILE E 42 -20.22 33.33 -51.65
C ILE E 42 -21.67 32.86 -51.80
N HIS E 43 -22.62 33.78 -52.04
CA HIS E 43 -24.03 33.48 -52.33
C HIS E 43 -24.25 32.81 -53.70
N ALA E 44 -23.22 32.75 -54.56
CA ALA E 44 -23.26 32.14 -55.88
C ALA E 44 -22.13 31.12 -56.14
N ARG E 45 -21.07 31.09 -55.31
CA ARG E 45 -19.89 30.21 -55.45
C ARG E 45 -19.52 29.41 -54.20
N GLY E 46 -20.20 29.62 -53.07
CA GLY E 46 -19.92 28.94 -51.80
C GLY E 46 -18.50 29.16 -51.29
N TYR E 47 -17.96 28.19 -50.56
CA TYR E 47 -16.59 28.17 -50.03
C TYR E 47 -15.83 26.93 -50.52
N LEU E 48 -14.77 27.18 -51.30
CA LEU E 48 -13.79 26.16 -51.72
C LEU E 48 -12.95 25.68 -50.52
N GLU E 49 -12.74 24.37 -50.41
CA GLU E 49 -11.87 23.73 -49.43
C GLU E 49 -11.13 22.50 -50.01
N ASP E 50 -10.01 22.14 -49.38
CA ASP E 50 -9.33 20.85 -49.61
C ASP E 50 -10.14 19.69 -49.01
N GLY E 51 -10.62 18.79 -49.89
CA GLY E 51 -11.39 17.62 -49.49
C GLY E 51 -10.58 16.41 -49.02
N GLU E 52 -9.24 16.40 -49.19
CA GLU E 52 -8.39 15.28 -48.73
C GLU E 52 -8.43 15.05 -47.21
N VAL E 53 -8.90 16.03 -46.43
CA VAL E 53 -9.20 15.93 -44.99
C VAL E 53 -10.27 14.85 -44.69
N ASN E 54 -11.07 14.43 -45.67
CA ASN E 54 -12.10 13.41 -45.55
C ASN E 54 -11.90 12.30 -46.61
N ALA E 55 -11.72 11.06 -46.16
CA ALA E 55 -11.34 9.88 -46.97
C ALA E 55 -12.37 9.39 -48.02
N GLY E 56 -13.42 10.17 -48.29
CA GLY E 56 -14.50 9.85 -49.24
C GLY E 56 -15.16 11.07 -49.89
N ALA E 57 -14.44 12.21 -49.99
CA ALA E 57 -14.95 13.47 -50.54
C ALA E 57 -14.09 14.12 -51.65
N ALA E 58 -12.82 13.72 -51.81
CA ALA E 58 -11.94 14.20 -52.88
C ALA E 58 -10.76 13.23 -53.14
N GLY E 59 -9.84 13.63 -54.01
CA GLY E 59 -8.55 12.95 -54.27
C GLY E 59 -7.42 13.94 -54.55
N ALA E 60 -6.17 13.48 -54.54
CA ALA E 60 -4.98 14.33 -54.57
C ALA E 60 -4.85 15.23 -55.82
N ALA E 61 -5.38 14.79 -56.97
CA ALA E 61 -5.41 15.57 -58.22
C ALA E 61 -6.65 16.49 -58.35
N ALA E 62 -7.54 16.50 -57.35
CA ALA E 62 -8.82 17.18 -57.33
C ALA E 62 -9.14 17.75 -55.92
N SER E 63 -8.11 18.28 -55.25
CA SER E 63 -8.10 18.84 -53.88
C SER E 63 -8.87 20.18 -53.72
N ASP E 64 -10.01 20.32 -54.41
CA ASP E 64 -10.90 21.48 -54.37
C ASP E 64 -12.37 21.02 -54.50
N ILE E 65 -13.14 21.20 -53.42
CA ILE E 65 -14.60 20.95 -53.34
C ILE E 65 -15.30 22.11 -52.64
N VAL E 66 -16.63 22.21 -52.74
CA VAL E 66 -17.40 23.40 -52.35
C VAL E 66 -18.44 23.06 -51.26
N LEU E 67 -18.37 23.77 -50.12
CA LEU E 67 -19.51 23.93 -49.22
C LEU E 67 -20.41 25.06 -49.72
N MET E 68 -21.72 24.86 -49.73
CA MET E 68 -22.71 25.79 -50.29
C MET E 68 -23.76 26.15 -49.23
N PRO E 69 -23.54 27.23 -48.43
CA PRO E 69 -24.52 27.73 -47.46
C PRO E 69 -25.78 28.25 -48.15
N GLU E 70 -26.88 28.35 -47.40
CA GLU E 70 -28.18 28.78 -47.91
C GLU E 70 -28.76 29.99 -47.15
N LEU E 71 -29.77 30.61 -47.76
CA LEU E 71 -30.16 32.01 -47.49
C LEU E 71 -31.65 32.12 -47.08
N SER E 72 -32.16 31.04 -46.48
CA SER E 72 -33.49 30.89 -45.90
C SER E 72 -33.46 30.04 -44.60
N THR E 73 -32.27 29.73 -44.09
CA THR E 73 -32.01 28.71 -43.05
C THR E 73 -31.13 29.22 -41.90
N ALA E 74 -30.65 30.47 -41.96
CA ALA E 74 -29.80 31.08 -40.92
C ALA E 74 -30.52 31.22 -39.57
N ALA E 75 -29.77 31.08 -38.47
CA ALA E 75 -30.25 31.27 -37.10
C ALA E 75 -29.13 31.79 -36.17
N VAL E 76 -29.50 32.41 -35.04
CA VAL E 76 -28.55 32.80 -33.99
C VAL E 76 -28.09 31.55 -33.23
N ALA E 77 -26.78 31.38 -33.07
CA ALA E 77 -26.16 30.24 -32.37
C ALA E 77 -26.16 30.46 -30.83
N ALA E 78 -27.34 30.70 -30.25
CA ALA E 78 -27.54 31.21 -28.88
C ALA E 78 -26.87 30.42 -27.74
N ALA E 79 -26.54 29.13 -27.95
CA ALA E 79 -25.79 28.30 -27.00
C ALA E 79 -24.29 28.69 -26.85
N ALA E 80 -23.73 29.46 -27.80
CA ALA E 80 -22.33 29.89 -27.80
C ALA E 80 -21.98 30.90 -26.70
N ALA E 81 -20.68 31.02 -26.38
CA ALA E 81 -20.14 31.98 -25.42
C ALA E 81 -20.00 33.43 -25.96
N ALA E 82 -20.37 33.67 -27.23
CA ALA E 82 -20.27 34.96 -27.91
C ALA E 82 -21.45 35.17 -28.88
N ALA E 83 -21.62 36.40 -29.37
CA ALA E 83 -22.58 36.74 -30.42
C ALA E 83 -22.18 36.13 -31.77
N THR E 84 -22.85 35.05 -32.19
CA THR E 84 -22.56 34.30 -33.43
C THR E 84 -23.84 33.74 -34.07
N ALA E 85 -23.73 33.29 -35.32
CA ALA E 85 -24.82 32.70 -36.10
C ALA E 85 -24.43 31.35 -36.71
N ALA E 86 -25.41 30.60 -37.21
CA ALA E 86 -25.22 29.30 -37.84
C ALA E 86 -26.08 29.14 -39.10
N VAL E 87 -25.55 28.42 -40.10
CA VAL E 87 -26.12 28.25 -41.44
C VAL E 87 -25.80 26.84 -41.94
N ILE E 88 -26.83 26.02 -42.17
CA ILE E 88 -26.67 24.72 -42.83
C ILE E 88 -26.34 24.87 -44.33
N CYS E 89 -25.62 23.88 -44.86
CA CYS E 89 -25.07 23.88 -46.21
C CYS E 89 -25.43 22.59 -46.96
N ASP E 90 -25.50 22.68 -48.29
CA ASP E 90 -25.25 21.53 -49.17
C ASP E 90 -23.74 21.42 -49.48
N GLY E 91 -23.32 20.33 -50.11
CA GLY E 91 -21.94 20.13 -50.57
C GLY E 91 -21.90 19.73 -52.05
N GLY E 92 -20.88 20.17 -52.79
CA GLY E 92 -20.84 20.08 -54.25
C GLY E 92 -19.45 20.21 -54.88
N ALA E 93 -19.44 19.98 -56.20
CA ALA E 93 -18.35 20.16 -57.17
C ALA E 93 -18.75 19.76 -58.62
N ALA E 94 -19.55 18.73 -58.95
CA ALA E 94 -20.16 17.62 -58.18
C ALA E 94 -21.38 18.05 -57.30
N ALA E 95 -21.97 17.29 -56.37
CA ALA E 95 -21.55 16.04 -55.70
C ALA E 95 -22.76 15.14 -55.37
N ALA E 96 -22.47 13.94 -54.84
CA ALA E 96 -23.47 12.90 -54.58
C ALA E 96 -23.12 11.99 -53.38
N ALA E 97 -22.51 12.57 -52.33
CA ALA E 97 -22.33 11.93 -51.02
C ALA E 97 -22.90 12.77 -49.86
N SER E 98 -23.19 14.06 -50.11
CA SER E 98 -23.89 15.00 -49.23
C SER E 98 -25.34 14.55 -48.98
N PRO E 99 -25.68 14.01 -47.79
CA PRO E 99 -26.98 13.39 -47.51
C PRO E 99 -28.19 14.29 -47.80
N ARG E 100 -28.07 15.60 -47.51
CA ARG E 100 -29.12 16.60 -47.74
C ARG E 100 -29.43 16.79 -49.23
N TYR E 101 -28.41 16.80 -50.09
CA TYR E 101 -28.57 16.87 -51.54
C TYR E 101 -29.17 15.57 -52.11
N ILE E 102 -28.79 14.41 -51.57
CA ILE E 102 -29.41 13.11 -51.88
C ILE E 102 -30.90 13.09 -51.50
N ALA E 103 -31.27 13.60 -50.32
CA ALA E 103 -32.66 13.72 -49.89
C ALA E 103 -33.50 14.64 -50.79
N ARG E 104 -32.92 15.77 -51.24
CA ARG E 104 -33.56 16.71 -52.19
C ARG E 104 -33.90 16.07 -53.55
N ALA E 105 -33.14 15.07 -54.00
CA ALA E 105 -33.48 14.32 -55.22
C ALA E 105 -34.80 13.54 -55.11
N ALA E 106 -35.13 12.98 -53.93
CA ALA E 106 -36.42 12.32 -53.70
C ALA E 106 -37.60 13.32 -53.76
N LEU E 107 -37.42 14.53 -53.24
CA LEU E 107 -38.40 15.63 -53.35
C LEU E 107 -38.61 16.09 -54.80
N ALA E 108 -37.52 16.20 -55.57
CA ALA E 108 -37.57 16.50 -56.99
C ALA E 108 -38.30 15.40 -57.80
N GLN E 109 -38.02 14.12 -57.52
CA GLN E 109 -38.68 12.97 -58.17
C GLN E 109 -40.18 12.90 -57.84
N LEU E 110 -40.59 13.18 -56.60
CA LEU E 110 -42.01 13.28 -56.19
C LEU E 110 -42.79 14.28 -57.05
N GLN E 111 -42.21 15.46 -57.29
CA GLN E 111 -42.80 16.51 -58.13
C GLN E 111 -42.74 16.16 -59.62
N ALA E 112 -41.60 15.67 -60.12
CA ALA E 112 -41.37 15.33 -61.53
C ALA E 112 -42.26 14.17 -62.03
N ALA E 113 -42.56 13.18 -61.18
CA ALA E 113 -43.50 12.10 -61.46
C ALA E 113 -44.98 12.56 -61.54
N GLY E 114 -45.29 13.77 -61.07
CA GLY E 114 -46.66 14.32 -61.02
C GLY E 114 -47.60 13.66 -60.00
N ALA E 115 -47.09 12.74 -59.17
CA ALA E 115 -47.87 12.02 -58.17
C ALA E 115 -48.45 12.94 -57.07
N ALA E 116 -47.70 13.98 -56.68
CA ALA E 116 -48.06 15.01 -55.71
C ALA E 116 -47.17 16.26 -55.90
N ALA E 117 -47.18 17.19 -54.95
CA ALA E 117 -46.33 18.39 -54.97
C ALA E 117 -45.45 18.57 -53.72
N GLY E 118 -45.75 17.87 -52.62
CA GLY E 118 -44.96 17.87 -51.39
C GLY E 118 -45.28 16.72 -50.44
N LEU E 119 -44.51 16.64 -49.34
CA LEU E 119 -44.55 15.58 -48.33
C LEU E 119 -44.62 16.21 -46.93
N LEU E 120 -45.47 15.66 -46.07
CA LEU E 120 -46.03 16.34 -44.88
C LEU E 120 -45.70 15.57 -43.57
N SER E 121 -44.58 14.85 -43.55
CA SER E 121 -44.13 14.02 -42.42
C SER E 121 -43.66 14.80 -41.18
N ALA E 122 -43.54 14.09 -40.04
CA ALA E 122 -42.97 14.56 -38.78
C ALA E 122 -42.43 13.37 -37.95
N PHE E 123 -41.66 13.63 -36.89
CA PHE E 123 -40.98 12.60 -36.08
C PHE E 123 -41.23 12.81 -34.57
N ILE E 124 -41.13 11.71 -33.81
CA ILE E 124 -41.35 11.64 -32.35
C ILE E 124 -40.22 10.86 -31.64
N ALA E 125 -39.01 10.89 -32.21
CA ALA E 125 -37.85 10.12 -31.77
C ALA E 125 -37.50 10.31 -30.27
N ASP E 126 -37.10 9.21 -29.63
CA ASP E 126 -36.64 9.17 -28.24
C ASP E 126 -35.12 9.38 -28.13
N PHE E 127 -34.65 9.61 -26.91
CA PHE E 127 -33.24 9.83 -26.56
C PHE E 127 -32.96 9.36 -25.11
N CYS E 128 -31.69 9.33 -24.72
CA CYS E 128 -31.21 8.91 -23.40
C CYS E 128 -30.37 10.02 -22.75
N ILE E 129 -30.27 10.02 -21.41
CA ILE E 129 -29.49 11.00 -20.63
C ILE E 129 -28.72 10.33 -19.49
N PHE E 130 -27.52 10.82 -19.21
CA PHE E 130 -26.57 10.23 -18.26
C PHE E 130 -25.73 11.31 -17.54
N GLY E 131 -25.05 10.90 -16.46
CA GLY E 131 -24.12 11.74 -15.70
C GLY E 131 -22.66 11.27 -15.77
N VAL E 132 -22.41 9.95 -15.76
CA VAL E 132 -21.06 9.34 -15.83
C VAL E 132 -21.06 8.05 -16.67
N PRO E 133 -21.09 8.14 -18.01
CA PRO E 133 -20.78 7.01 -18.89
C PRO E 133 -19.28 6.68 -18.90
N GLU E 134 -18.95 5.40 -19.03
CA GLU E 134 -17.58 4.86 -19.12
C GLU E 134 -17.57 3.65 -20.06
N VAL E 135 -16.94 3.76 -21.24
CA VAL E 135 -16.94 2.70 -22.27
C VAL E 135 -15.55 2.58 -22.89
N ILE E 136 -14.88 1.45 -22.67
CA ILE E 136 -13.52 1.18 -23.19
C ILE E 136 -13.33 -0.28 -23.62
N ASN E 137 -12.35 -0.51 -24.49
CA ASN E 137 -11.95 -1.82 -25.03
C ASN E 137 -10.41 -1.88 -25.19
N SER E 138 -9.84 -3.07 -25.05
CA SER E 138 -8.41 -3.35 -25.19
C SER E 138 -8.13 -4.80 -25.65
N LYS E 139 -6.85 -5.18 -25.73
CA LYS E 139 -6.40 -6.58 -25.93
C LYS E 139 -6.73 -7.52 -24.76
N THR E 140 -7.21 -7.01 -23.62
CA THR E 140 -7.39 -7.76 -22.36
C THR E 140 -8.76 -7.60 -21.68
N ILE E 141 -9.52 -6.53 -21.99
CA ILE E 141 -10.88 -6.32 -21.46
C ILE E 141 -11.77 -5.52 -22.43
N SER E 142 -13.09 -5.61 -22.24
CA SER E 142 -14.11 -4.86 -22.99
C SER E 142 -15.38 -4.68 -22.16
N PHE E 143 -15.79 -3.43 -21.88
CA PHE E 143 -17.00 -3.14 -21.10
C PHE E 143 -17.59 -1.74 -21.37
N PRO E 144 -18.94 -1.63 -21.49
CA PRO E 144 -19.68 -0.40 -21.26
C PRO E 144 -20.20 -0.29 -19.81
N ALA E 145 -20.42 0.95 -19.37
CA ALA E 145 -21.11 1.31 -18.11
C ALA E 145 -21.70 2.74 -18.21
N SER E 146 -22.73 3.02 -17.43
CA SER E 146 -23.38 4.35 -17.33
C SER E 146 -24.26 4.48 -16.09
N THR E 147 -24.64 5.71 -15.72
CA THR E 147 -25.54 6.01 -14.60
C THR E 147 -26.21 7.38 -14.74
N THR E 148 -27.33 7.59 -14.04
CA THR E 148 -28.07 8.85 -13.95
C THR E 148 -28.88 8.91 -12.64
N ALA E 149 -29.19 10.10 -12.14
CA ALA E 149 -29.91 10.32 -10.88
C ALA E 149 -31.29 9.63 -10.81
N ALA E 150 -31.93 9.41 -11.96
CA ALA E 150 -33.21 8.72 -12.08
C ALA E 150 -33.11 7.18 -12.10
N ALA E 151 -31.92 6.59 -12.26
CA ALA E 151 -31.73 5.16 -12.49
C ALA E 151 -32.16 4.29 -11.29
N ALA E 152 -32.82 3.16 -11.57
CA ALA E 152 -33.30 2.18 -10.59
C ALA E 152 -32.18 1.52 -9.75
N ASP E 153 -30.91 1.66 -10.15
CA ASP E 153 -29.73 1.15 -9.43
C ASP E 153 -29.23 2.10 -8.31
N GLN E 154 -29.51 3.41 -8.40
CA GLN E 154 -29.00 4.40 -7.43
C GLN E 154 -29.63 4.40 -6.01
N PRO E 155 -30.90 4.02 -5.73
CA PRO E 155 -31.49 4.20 -4.40
C PRO E 155 -30.89 3.32 -3.29
N GLN E 156 -30.07 2.32 -3.64
CA GLN E 156 -29.28 1.51 -2.69
C GLN E 156 -27.90 2.11 -2.37
N GLU E 157 -27.48 3.21 -3.03
CA GLU E 157 -26.15 3.81 -2.87
C GLU E 157 -26.17 5.07 -1.96
N ALA E 158 -25.03 5.37 -1.33
CA ALA E 158 -24.81 6.60 -0.57
C ALA E 158 -24.61 7.84 -1.49
N ALA E 159 -24.75 9.03 -0.90
CA ALA E 159 -24.48 10.33 -1.55
C ALA E 159 -24.08 11.39 -0.51
N ALA E 160 -23.53 12.52 -0.96
CA ALA E 160 -22.98 13.60 -0.12
C ALA E 160 -23.98 14.25 0.87
N GLY E 161 -25.28 14.06 0.67
CA GLY E 161 -26.36 14.48 1.58
C GLY E 161 -27.45 13.41 1.77
N GLY E 162 -27.10 12.13 1.54
CA GLY E 162 -28.04 11.00 1.50
C GLY E 162 -28.81 10.88 0.17
N ALA E 163 -29.36 9.69 -0.10
CA ALA E 163 -30.16 9.42 -1.30
C ALA E 163 -31.51 10.15 -1.30
N ALA E 164 -32.00 10.54 -2.48
CA ALA E 164 -33.30 11.21 -2.64
C ALA E 164 -34.52 10.28 -2.46
N GLY E 165 -34.35 8.96 -2.60
CA GLY E 165 -35.42 7.96 -2.48
C GLY E 165 -36.55 8.09 -3.51
N ALA E 166 -36.23 8.63 -4.71
CA ALA E 166 -37.21 9.07 -5.71
C ALA E 166 -36.86 8.62 -7.16
N ALA E 167 -35.97 7.63 -7.31
CA ALA E 167 -35.60 7.05 -8.61
C ALA E 167 -36.80 6.39 -9.35
N ALA E 168 -36.69 6.26 -10.67
CA ALA E 168 -37.61 5.50 -11.51
C ALA E 168 -37.42 3.97 -11.34
N GLY E 169 -38.23 3.17 -12.05
CA GLY E 169 -38.11 1.72 -12.13
C GLY E 169 -37.86 1.21 -13.56
N ALA E 170 -37.51 -0.06 -13.71
CA ALA E 170 -37.34 -0.73 -15.00
C ALA E 170 -38.66 -0.68 -15.81
N ALA E 171 -38.60 -0.15 -17.04
CA ALA E 171 -39.77 0.19 -17.87
C ALA E 171 -40.87 1.00 -17.12
N GLY E 172 -40.45 1.86 -16.18
CA GLY E 172 -41.31 2.55 -15.21
C GLY E 172 -40.79 3.94 -14.85
N GLY E 173 -40.56 4.78 -15.86
CA GLY E 173 -40.04 6.16 -15.74
C GLY E 173 -40.68 7.16 -16.72
N ALA E 174 -41.92 6.88 -17.17
CA ALA E 174 -42.68 7.65 -18.16
C ALA E 174 -43.25 9.00 -17.62
N ALA E 175 -42.40 9.81 -16.98
CA ALA E 175 -42.77 11.04 -16.26
C ALA E 175 -41.95 12.28 -16.67
N ALA E 176 -41.11 12.17 -17.71
CA ALA E 176 -40.31 13.28 -18.26
C ALA E 176 -41.16 14.41 -18.87
N ALA E 177 -40.61 15.62 -18.90
CA ALA E 177 -41.20 16.82 -19.51
C ALA E 177 -41.04 16.85 -21.05
N GLY E 178 -41.59 17.90 -21.69
CA GLY E 178 -41.46 18.19 -23.12
C GLY E 178 -41.65 19.68 -23.43
N ALA E 179 -41.39 20.17 -24.65
CA ALA E 179 -40.93 19.46 -25.86
C ALA E 179 -39.40 19.21 -25.94
N ALA E 180 -38.69 19.38 -24.82
CA ALA E 180 -37.27 19.03 -24.62
C ALA E 180 -36.22 19.79 -25.47
N GLU E 181 -36.28 21.09 -25.79
CA GLU E 181 -37.31 22.14 -25.63
C GLU E 181 -36.97 23.29 -26.61
N ILE E 182 -35.79 23.91 -26.43
CA ILE E 182 -35.44 25.21 -27.03
C ILE E 182 -34.93 25.13 -28.49
N CYS E 183 -34.83 23.93 -29.05
CA CYS E 183 -34.53 23.69 -30.47
C CYS E 183 -35.79 23.35 -31.29
N PHE E 184 -36.99 23.63 -30.75
CA PHE E 184 -38.26 23.48 -31.46
C PHE E 184 -39.30 24.54 -31.03
N LEU E 185 -39.43 24.81 -29.73
CA LEU E 185 -40.44 25.74 -29.17
C LEU E 185 -40.27 27.22 -29.59
N PRO E 186 -39.11 27.89 -29.42
CA PRO E 186 -38.96 29.31 -29.77
C PRO E 186 -38.97 29.55 -31.30
N GLU E 187 -38.61 28.54 -32.08
CA GLU E 187 -38.69 28.54 -33.55
C GLU E 187 -40.09 28.18 -34.07
N ALA E 188 -40.98 27.65 -33.22
CA ALA E 188 -42.24 26.98 -33.57
C ALA E 188 -42.10 26.04 -34.80
N ALA E 189 -41.00 25.28 -34.85
CA ALA E 189 -40.39 24.76 -36.08
C ALA E 189 -41.34 23.94 -36.98
N GLY E 190 -42.07 22.97 -36.40
CA GLY E 190 -43.17 22.21 -37.02
C GLY E 190 -42.82 21.20 -38.14
N ALA E 191 -41.93 21.59 -39.07
CA ALA E 191 -41.59 20.83 -40.28
C ALA E 191 -40.81 19.52 -40.03
N ALA E 192 -40.72 18.69 -41.07
CA ALA E 192 -40.11 17.35 -41.05
C ALA E 192 -38.66 17.30 -40.56
N ALA E 193 -38.23 16.13 -40.07
CA ALA E 193 -36.89 15.84 -39.53
C ALA E 193 -35.80 15.66 -40.61
N ALA E 194 -35.87 16.40 -41.73
CA ALA E 194 -34.71 16.61 -42.60
C ALA E 194 -33.75 17.61 -41.92
N ASP E 195 -33.95 18.91 -42.15
CA ASP E 195 -33.10 19.98 -41.58
C ASP E 195 -33.26 20.09 -40.05
N ASN E 196 -34.46 19.83 -39.51
CA ASN E 196 -34.76 20.00 -38.09
C ASN E 196 -34.15 18.94 -37.14
N ALA E 197 -33.71 17.79 -37.66
CA ALA E 197 -33.14 16.72 -36.82
C ALA E 197 -31.84 17.14 -36.11
N PHE E 198 -31.01 17.95 -36.76
CA PHE E 198 -29.64 18.21 -36.29
C PHE E 198 -29.55 19.31 -35.24
N THR E 199 -30.44 20.32 -35.30
CA THR E 199 -30.63 21.29 -34.20
C THR E 199 -31.14 20.59 -32.92
N LEU E 200 -32.01 19.57 -33.05
CA LEU E 200 -32.43 18.73 -31.92
C LEU E 200 -31.28 17.85 -31.39
N ARG E 201 -30.57 17.12 -32.26
CA ARG E 201 -29.44 16.24 -31.88
C ARG E 201 -28.30 16.97 -31.18
N THR E 202 -27.93 18.18 -31.63
CA THR E 202 -26.93 19.01 -30.92
C THR E 202 -27.52 19.68 -29.68
N GLY E 203 -28.77 20.14 -29.75
CA GLY E 203 -29.47 20.83 -28.66
C GLY E 203 -29.61 19.99 -27.39
N LEU E 204 -30.05 18.73 -27.53
CA LEU E 204 -30.16 17.79 -26.41
C LEU E 204 -28.84 17.63 -25.65
N GLN E 205 -27.72 17.51 -26.37
CA GLN E 205 -26.38 17.41 -25.79
C GLN E 205 -25.95 18.74 -25.14
N GLU E 206 -26.08 19.85 -25.86
CA GLU E 206 -25.63 21.18 -25.40
C GLU E 206 -26.38 21.66 -24.14
N VAL E 207 -27.71 21.45 -24.09
CA VAL E 207 -28.53 21.76 -22.91
C VAL E 207 -28.17 20.86 -21.73
N ALA E 208 -27.96 19.55 -21.95
CA ALA E 208 -27.52 18.63 -20.90
C ALA E 208 -26.15 19.03 -20.32
N ARG E 209 -25.18 19.38 -21.17
CA ARG E 209 -23.83 19.85 -20.76
C ARG E 209 -23.90 21.12 -19.90
N ARG E 210 -24.80 22.05 -20.24
CA ARG E 210 -25.10 23.27 -19.47
C ARG E 210 -25.90 23.03 -18.18
N TYR E 211 -26.27 21.78 -17.89
CA TYR E 211 -26.85 21.29 -16.63
C TYR E 211 -26.01 20.15 -16.00
N ASN E 212 -24.71 20.11 -16.29
CA ASN E 212 -23.72 19.16 -15.74
C ASN E 212 -24.05 17.67 -16.01
N ALA E 213 -24.66 17.38 -17.17
CA ALA E 213 -25.05 16.06 -17.64
C ALA E 213 -24.70 15.88 -19.13
N ILE E 214 -25.07 14.76 -19.73
CA ILE E 214 -24.92 14.47 -21.17
C ILE E 214 -26.16 13.74 -21.71
N ALA E 215 -26.33 13.74 -23.03
CA ALA E 215 -27.42 13.09 -23.75
C ALA E 215 -26.90 12.26 -24.94
N SER E 216 -27.65 11.25 -25.36
CA SER E 216 -27.28 10.34 -26.45
C SER E 216 -28.49 9.76 -27.19
N ALA E 217 -28.22 9.10 -28.32
CA ALA E 217 -29.20 8.53 -29.24
C ALA E 217 -29.02 7.00 -29.44
N ALA E 218 -28.27 6.35 -28.53
CA ALA E 218 -28.01 4.90 -28.54
C ALA E 218 -29.32 4.11 -28.40
N ALA E 219 -29.69 3.39 -29.47
CA ALA E 219 -30.97 2.67 -29.62
C ALA E 219 -31.28 1.65 -28.51
N ALA E 220 -30.26 1.09 -27.87
CA ALA E 220 -30.35 0.08 -26.81
C ALA E 220 -29.35 0.38 -25.68
N ALA E 221 -29.33 1.62 -25.21
CA ALA E 221 -28.37 2.16 -24.21
C ALA E 221 -28.26 1.35 -22.90
N ALA E 222 -29.30 0.60 -22.52
CA ALA E 222 -29.30 -0.33 -21.39
C ALA E 222 -30.20 -1.55 -21.65
N ALA E 223 -29.84 -2.70 -21.08
CA ALA E 223 -30.64 -3.93 -21.13
C ALA E 223 -31.89 -3.86 -20.21
N ALA E 224 -32.85 -4.78 -20.42
CA ALA E 224 -34.09 -4.94 -19.65
C ALA E 224 -34.93 -3.65 -19.47
N ALA E 225 -34.85 -2.72 -20.43
CA ALA E 225 -35.49 -1.41 -20.41
C ALA E 225 -35.85 -0.90 -21.83
N ALA E 226 -36.54 0.23 -21.91
CA ALA E 226 -36.79 0.97 -23.16
C ALA E 226 -35.49 1.52 -23.80
N GLY E 227 -35.60 2.07 -25.02
CA GLY E 227 -34.47 2.59 -25.79
C GLY E 227 -34.85 3.68 -26.81
N ALA E 228 -33.84 4.31 -27.41
CA ALA E 228 -33.97 5.47 -28.29
C ALA E 228 -34.50 5.13 -29.70
N GLY E 229 -35.78 4.75 -29.81
CA GLY E 229 -36.48 4.59 -31.10
C GLY E 229 -36.61 5.91 -31.89
N SER E 230 -36.93 5.84 -33.19
CA SER E 230 -37.06 7.02 -34.08
C SER E 230 -38.35 6.98 -34.90
N HIS E 231 -39.46 6.59 -34.25
CA HIS E 231 -40.79 6.52 -34.86
C HIS E 231 -41.22 7.87 -35.45
N SER E 232 -42.06 7.81 -36.49
CA SER E 232 -42.46 8.98 -37.29
C SER E 232 -43.88 8.82 -37.86
N ILE E 233 -44.40 9.91 -38.43
CA ILE E 233 -45.68 9.95 -39.14
C ILE E 233 -45.48 10.54 -40.53
N TRP E 234 -46.23 10.04 -41.51
CA TRP E 234 -45.97 10.25 -42.94
C TRP E 234 -47.25 10.52 -43.73
N ASP E 235 -47.12 11.42 -44.70
CA ASP E 235 -48.22 12.00 -45.47
C ASP E 235 -47.70 12.68 -46.75
N VAL E 236 -48.61 12.90 -47.70
CA VAL E 236 -48.36 13.35 -49.08
C VAL E 236 -49.43 14.39 -49.43
N GLY E 237 -49.11 15.39 -50.26
CA GLY E 237 -50.09 16.40 -50.64
C GLY E 237 -49.77 17.22 -51.90
N ALA E 238 -50.81 17.87 -52.42
CA ALA E 238 -50.78 18.77 -53.56
C ALA E 238 -51.94 19.77 -53.50
N ALA E 239 -51.81 20.93 -54.16
CA ALA E 239 -52.81 22.01 -54.22
C ALA E 239 -53.43 22.43 -52.85
N GLY E 240 -52.72 22.20 -51.74
CA GLY E 240 -53.15 22.55 -50.38
C GLY E 240 -53.90 21.45 -49.61
N THR E 241 -53.95 20.21 -50.08
CA THR E 241 -54.72 19.11 -49.45
C THR E 241 -53.93 17.80 -49.27
N ASN E 242 -54.33 17.03 -48.25
CA ASN E 242 -53.85 15.67 -47.93
C ASN E 242 -54.23 14.67 -49.04
N ALA E 243 -53.34 13.71 -49.35
CA ALA E 243 -53.52 12.69 -50.40
C ALA E 243 -53.53 11.23 -49.89
N PHE E 244 -53.45 10.99 -48.58
CA PHE E 244 -53.65 9.67 -47.95
C PHE E 244 -55.06 9.47 -47.36
N ALA E 245 -55.82 10.54 -47.13
CA ALA E 245 -57.21 10.50 -46.70
C ALA E 245 -58.14 9.84 -47.74
N GLY E 246 -59.12 9.05 -47.28
CA GLY E 246 -60.10 8.37 -48.13
C GLY E 246 -61.08 7.49 -47.37
N ALA E 247 -61.57 6.43 -48.03
CA ALA E 247 -62.66 5.58 -47.58
C ALA E 247 -62.28 4.08 -47.40
N SER E 248 -60.99 3.72 -47.51
CA SER E 248 -60.50 2.39 -47.10
C SER E 248 -60.26 2.32 -45.58
N GLY E 249 -59.70 1.20 -45.09
CA GLY E 249 -59.47 0.94 -43.66
C GLY E 249 -58.83 2.11 -42.89
N ALA E 250 -59.31 2.36 -41.67
CA ALA E 250 -58.89 3.47 -40.80
C ALA E 250 -58.77 4.86 -41.48
N ARG E 251 -59.67 5.13 -42.46
CA ARG E 251 -59.77 6.38 -43.25
C ARG E 251 -58.59 6.66 -44.19
N ALA E 252 -57.78 5.63 -44.49
CA ALA E 252 -56.76 5.65 -45.54
C ALA E 252 -57.39 5.65 -46.97
N THR E 253 -56.55 5.53 -48.00
CA THR E 253 -56.97 5.46 -49.41
C THR E 253 -56.06 4.56 -50.25
N LEU E 254 -56.42 4.29 -51.51
CA LEU E 254 -55.72 3.34 -52.40
C LEU E 254 -54.27 3.74 -52.70
N THR E 255 -53.97 5.02 -52.95
CA THR E 255 -52.56 5.47 -53.10
C THR E 255 -51.78 5.35 -51.78
N GLY E 256 -52.44 5.55 -50.63
CA GLY E 256 -51.86 5.25 -49.31
C GLY E 256 -51.53 3.77 -49.14
N ALA E 257 -52.42 2.86 -49.55
CA ALA E 257 -52.18 1.42 -49.58
C ALA E 257 -51.03 1.01 -50.52
N LYS E 258 -50.85 1.72 -51.66
CA LYS E 258 -49.71 1.54 -52.58
C LYS E 258 -48.39 2.06 -52.00
N TRP E 259 -48.38 3.20 -51.29
CA TRP E 259 -47.22 3.65 -50.50
C TRP E 259 -46.85 2.63 -49.42
N LEU E 260 -47.84 2.12 -48.67
CA LEU E 260 -47.65 1.05 -47.68
C LEU E 260 -47.10 -0.24 -48.31
N ALA E 261 -47.60 -0.66 -49.47
CA ALA E 261 -47.07 -1.81 -50.22
C ALA E 261 -45.57 -1.65 -50.55
N GLY E 262 -45.17 -0.45 -51.01
CA GLY E 262 -43.78 -0.10 -51.25
C GLY E 262 -42.93 -0.16 -49.97
N LEU E 263 -43.41 0.45 -48.87
CA LEU E 263 -42.75 0.43 -47.56
C LEU E 263 -42.56 -0.99 -47.00
N LEU E 264 -43.60 -1.84 -47.08
CA LEU E 264 -43.55 -3.24 -46.66
C LEU E 264 -42.49 -4.04 -47.45
N ALA E 265 -42.46 -3.88 -48.78
CA ALA E 265 -41.48 -4.53 -49.65
C ALA E 265 -40.03 -4.04 -49.39
N ALA E 266 -39.85 -2.75 -49.13
CA ALA E 266 -38.54 -2.12 -48.93
C ALA E 266 -37.98 -2.25 -47.50
N ALA E 267 -38.75 -2.71 -46.51
CA ALA E 267 -38.36 -2.73 -45.10
C ALA E 267 -37.00 -3.40 -44.82
N ALA E 268 -36.70 -4.51 -45.53
CA ALA E 268 -35.44 -5.24 -45.43
C ALA E 268 -34.20 -4.47 -45.92
N ALA E 269 -34.38 -3.34 -46.61
CA ALA E 269 -33.31 -2.48 -47.14
C ALA E 269 -33.35 -1.05 -46.58
N ALA E 270 -34.54 -0.51 -46.26
CA ALA E 270 -34.69 0.75 -45.51
C ALA E 270 -34.01 0.70 -44.13
N ALA E 271 -33.96 -0.49 -43.51
CA ALA E 271 -33.21 -0.76 -42.28
C ALA E 271 -31.71 -0.40 -42.37
N ALA E 272 -31.09 -0.41 -43.55
CA ALA E 272 -29.70 0.01 -43.74
C ALA E 272 -29.44 1.49 -43.37
N ALA E 273 -30.47 2.33 -43.40
CA ALA E 273 -30.43 3.73 -42.94
C ALA E 273 -31.16 3.91 -41.59
N ALA E 274 -32.33 3.28 -41.43
CA ALA E 274 -33.19 3.42 -40.23
C ALA E 274 -32.69 2.66 -38.99
N ALA E 275 -31.78 1.69 -39.17
CA ALA E 275 -31.22 0.85 -38.10
C ALA E 275 -29.70 0.65 -38.32
N ALA E 276 -29.01 1.73 -38.65
CA ALA E 276 -27.61 1.81 -39.10
C ALA E 276 -26.51 1.34 -38.11
N ALA E 277 -26.86 0.75 -36.96
CA ALA E 277 -25.93 0.25 -35.94
C ALA E 277 -26.46 -1.00 -35.23
N ALA E 278 -25.58 -1.83 -34.66
CA ALA E 278 -25.93 -3.05 -33.93
C ALA E 278 -26.86 -2.82 -32.73
N ALA E 279 -26.79 -1.63 -32.10
CA ALA E 279 -27.73 -1.22 -31.05
C ALA E 279 -29.20 -1.15 -31.54
N ALA E 280 -29.42 -0.76 -32.80
CA ALA E 280 -30.77 -0.74 -33.39
C ALA E 280 -31.28 -2.15 -33.70
N ALA E 281 -30.40 -3.06 -34.12
CA ALA E 281 -30.73 -4.49 -34.25
C ALA E 281 -31.08 -5.12 -32.88
N ALA E 282 -30.38 -4.75 -31.81
CA ALA E 282 -30.70 -5.15 -30.43
C ALA E 282 -32.04 -4.57 -29.95
N ALA E 283 -32.34 -3.29 -30.27
CA ALA E 283 -33.64 -2.67 -29.98
C ALA E 283 -34.81 -3.35 -30.73
N ALA E 284 -34.57 -3.84 -31.96
CA ALA E 284 -35.52 -4.57 -32.78
C ALA E 284 -35.69 -6.07 -32.42
N ALA E 285 -34.92 -6.59 -31.44
CA ALA E 285 -35.03 -7.99 -30.99
C ALA E 285 -36.40 -8.32 -30.39
N ALA E 286 -36.70 -9.62 -30.27
CA ALA E 286 -37.98 -10.15 -29.79
C ALA E 286 -38.39 -9.61 -28.39
N GLY E 287 -39.66 -9.24 -28.25
CA GLY E 287 -40.26 -8.76 -27.00
C GLY E 287 -41.71 -8.27 -27.18
N ALA E 288 -42.43 -8.09 -26.08
CA ALA E 288 -43.86 -7.75 -26.05
C ALA E 288 -44.24 -6.38 -26.67
N ALA E 289 -43.25 -5.51 -26.93
CA ALA E 289 -43.43 -4.16 -27.48
C ALA E 289 -42.44 -3.84 -28.63
N ALA E 290 -41.83 -4.88 -29.24
CA ALA E 290 -40.97 -4.74 -30.42
C ALA E 290 -41.74 -4.18 -31.64
N ALA E 291 -40.99 -3.69 -32.65
CA ALA E 291 -41.54 -3.03 -33.84
C ALA E 291 -41.03 -3.61 -35.18
N ALA E 292 -40.33 -4.76 -35.15
CA ALA E 292 -39.80 -5.44 -36.33
C ALA E 292 -40.86 -6.13 -37.22
N ALA E 293 -42.10 -6.28 -36.74
CA ALA E 293 -43.23 -6.84 -37.48
C ALA E 293 -43.67 -5.95 -38.65
N THR E 294 -43.09 -6.15 -39.84
CA THR E 294 -43.38 -5.45 -41.10
C THR E 294 -44.83 -5.68 -41.59
N ALA E 295 -45.77 -4.97 -40.96
CA ALA E 295 -47.22 -5.08 -41.14
C ALA E 295 -47.89 -3.71 -40.93
N TRP E 296 -49.16 -3.60 -41.31
CA TRP E 296 -49.96 -2.38 -41.16
C TRP E 296 -51.30 -2.65 -40.45
N GLY E 297 -51.89 -1.63 -39.84
CA GLY E 297 -53.12 -1.74 -39.06
C GLY E 297 -53.44 -0.47 -38.25
N ALA E 298 -54.40 -0.55 -37.33
CA ALA E 298 -54.82 0.59 -36.48
C ALA E 298 -55.11 0.19 -35.01
N ALA E 299 -54.70 -1.00 -34.58
CA ALA E 299 -54.91 -1.53 -33.22
C ALA E 299 -53.79 -2.47 -32.73
N ALA E 300 -53.20 -3.27 -33.64
CA ALA E 300 -52.03 -4.11 -33.37
C ALA E 300 -50.75 -3.26 -33.18
N ALA E 301 -50.52 -2.75 -31.97
CA ALA E 301 -49.50 -1.74 -31.66
C ALA E 301 -48.05 -2.10 -32.06
N ALA E 302 -47.70 -3.39 -32.10
CA ALA E 302 -46.38 -3.87 -32.52
C ALA E 302 -46.11 -3.79 -34.05
N CYS E 303 -47.15 -3.64 -34.88
CA CYS E 303 -47.01 -3.58 -36.35
C CYS E 303 -46.33 -2.28 -36.80
N ALA E 304 -45.35 -2.41 -37.70
CA ALA E 304 -44.40 -1.35 -38.08
C ALA E 304 -44.99 -0.12 -38.79
N LEU E 305 -46.19 -0.23 -39.39
CA LEU E 305 -46.81 0.79 -40.24
C LEU E 305 -48.27 1.06 -39.83
N ASN E 306 -48.48 1.64 -38.66
CA ASN E 306 -49.82 2.04 -38.18
C ASN E 306 -50.50 3.04 -39.15
N ILE E 307 -51.83 3.11 -39.11
CA ILE E 307 -52.61 4.23 -39.66
C ILE E 307 -52.91 5.22 -38.53
N ALA E 308 -52.49 6.48 -38.70
CA ALA E 308 -52.82 7.59 -37.82
C ALA E 308 -54.25 8.08 -38.10
N ALA E 309 -55.24 7.31 -37.64
CA ALA E 309 -56.66 7.68 -37.71
C ALA E 309 -56.94 9.01 -36.98
N ALA E 310 -57.85 9.82 -37.54
CA ALA E 310 -58.24 11.14 -37.02
C ALA E 310 -59.71 11.46 -37.36
N ALA E 311 -60.33 12.36 -36.58
CA ALA E 311 -61.69 12.85 -36.83
C ALA E 311 -61.77 13.78 -38.05
N ALA E 312 -60.75 14.63 -38.26
CA ALA E 312 -60.58 15.46 -39.45
C ALA E 312 -59.87 14.67 -40.55
N ALA E 313 -60.43 14.64 -41.77
CA ALA E 313 -59.85 13.94 -42.92
C ALA E 313 -58.42 14.43 -43.26
N LYS E 314 -58.15 15.73 -43.07
CA LYS E 314 -56.81 16.34 -43.24
C LYS E 314 -55.72 15.71 -42.36
N GLY E 315 -56.11 15.05 -41.25
CA GLY E 315 -55.22 14.38 -40.30
C GLY E 315 -55.07 12.88 -40.50
N ALA E 316 -55.76 12.27 -41.48
CA ALA E 316 -55.58 10.87 -41.85
C ALA E 316 -54.21 10.65 -42.51
N GLN E 317 -53.30 9.95 -41.81
CA GLN E 317 -51.89 9.77 -42.16
C GLN E 317 -51.43 8.34 -41.81
N ILE E 318 -50.15 8.01 -42.00
CA ILE E 318 -49.55 6.73 -41.54
C ILE E 318 -48.45 6.97 -40.51
N GLU E 319 -48.01 5.93 -39.81
CA GLU E 319 -47.09 5.98 -38.66
C GLU E 319 -46.05 4.85 -38.76
N ASN E 320 -44.80 5.21 -39.04
CA ASN E 320 -43.70 4.28 -39.30
C ASN E 320 -42.83 4.09 -38.04
N LYS E 321 -42.41 2.84 -37.78
CA LYS E 321 -41.73 2.44 -36.53
C LYS E 321 -40.43 1.64 -36.72
N ALA E 322 -40.07 1.30 -37.96
CA ALA E 322 -38.99 0.39 -38.33
C ALA E 322 -37.56 0.96 -38.18
N GLY E 323 -37.29 1.76 -37.15
CA GLY E 323 -35.98 2.39 -36.94
C GLY E 323 -35.72 2.96 -35.54
N ALA E 324 -34.47 3.35 -35.31
CA ALA E 324 -33.98 3.92 -34.06
C ALA E 324 -33.00 5.10 -34.28
N ALA E 325 -32.80 5.92 -33.24
CA ALA E 325 -32.14 7.23 -33.32
C ALA E 325 -30.63 7.19 -33.68
N ALA E 326 -30.01 6.00 -33.74
CA ALA E 326 -28.70 5.79 -34.35
C ALA E 326 -28.66 6.05 -35.88
N ALA E 327 -29.82 6.14 -36.53
CA ALA E 327 -29.99 6.39 -37.97
C ALA E 327 -29.43 7.73 -38.48
N ASN E 328 -29.33 7.86 -39.82
CA ASN E 328 -29.03 9.10 -40.54
C ASN E 328 -30.34 9.76 -41.04
N PRO E 329 -30.81 10.87 -40.45
CA PRO E 329 -32.08 11.51 -40.79
C PRO E 329 -32.30 11.76 -42.28
N TYR E 330 -31.35 12.41 -42.98
CA TYR E 330 -31.51 12.71 -44.40
C TYR E 330 -31.66 11.44 -45.27
N LEU E 331 -30.89 10.39 -44.97
CA LEU E 331 -30.96 9.13 -45.73
C LEU E 331 -32.21 8.29 -45.40
N VAL E 332 -32.72 8.34 -44.16
CA VAL E 332 -34.03 7.78 -43.80
C VAL E 332 -35.16 8.50 -44.55
N LEU E 333 -35.16 9.83 -44.52
CA LEU E 333 -36.11 10.69 -45.24
C LEU E 333 -36.09 10.40 -46.76
N ALA E 334 -34.91 10.14 -47.34
CA ALA E 334 -34.78 9.72 -48.73
C ALA E 334 -35.31 8.29 -48.99
N ALA E 335 -34.85 7.29 -48.23
CA ALA E 335 -35.12 5.87 -48.47
C ALA E 335 -36.60 5.49 -48.27
N THR E 336 -37.25 6.01 -47.23
CA THR E 336 -38.67 5.75 -46.94
C THR E 336 -39.58 6.32 -48.04
N VAL E 337 -39.21 7.47 -48.62
CA VAL E 337 -39.88 8.08 -49.78
C VAL E 337 -39.62 7.30 -51.06
N ALA E 338 -38.37 6.87 -51.32
CA ALA E 338 -38.02 6.05 -52.49
C ALA E 338 -38.85 4.76 -52.60
N ALA E 339 -39.17 4.13 -51.47
CA ALA E 339 -40.08 2.98 -51.42
C ALA E 339 -41.52 3.33 -51.85
N GLY E 340 -42.08 4.41 -51.29
CA GLY E 340 -43.43 4.88 -51.64
C GLY E 340 -43.58 5.33 -53.09
N LEU E 341 -42.56 6.03 -53.62
CA LEU E 341 -42.49 6.55 -55.00
C LEU E 341 -42.60 5.47 -56.10
N ASP E 342 -42.33 4.19 -55.80
CA ASP E 342 -42.44 3.10 -56.77
C ASP E 342 -43.54 2.09 -56.42
N GLY E 343 -43.97 1.99 -55.15
CA GLY E 343 -45.21 1.28 -54.79
C GLY E 343 -46.45 1.76 -55.57
N ILE E 344 -46.52 3.07 -55.84
CA ILE E 344 -47.54 3.70 -56.70
C ILE E 344 -47.38 3.44 -58.21
N GLN E 345 -46.26 2.83 -58.64
CA GLN E 345 -45.95 2.53 -60.06
C GLN E 345 -45.99 1.03 -60.35
N SER E 346 -45.60 0.18 -59.40
CA SER E 346 -45.87 -1.27 -59.41
C SER E 346 -47.35 -1.61 -59.18
N ALA E 347 -48.11 -0.65 -58.62
CA ALA E 347 -49.50 -0.81 -58.16
C ALA E 347 -49.70 -2.02 -57.22
N GLY E 348 -48.68 -2.38 -56.43
CA GLY E 348 -48.75 -3.42 -55.40
C GLY E 348 -49.75 -3.11 -54.27
N ALA E 349 -50.00 -4.09 -53.42
CA ALA E 349 -50.98 -4.01 -52.33
C ALA E 349 -50.39 -4.47 -50.98
N ALA E 350 -50.84 -3.85 -49.89
CA ALA E 350 -50.33 -4.05 -48.54
C ALA E 350 -50.89 -5.31 -47.82
N ALA E 351 -51.68 -6.14 -48.51
CA ALA E 351 -52.55 -7.19 -47.95
C ALA E 351 -53.52 -6.66 -46.86
N GLY E 352 -54.26 -7.55 -46.19
CA GLY E 352 -55.21 -7.18 -45.13
C GLY E 352 -54.53 -6.58 -43.89
N ALA E 353 -55.24 -5.69 -43.18
CA ALA E 353 -54.77 -5.07 -41.94
C ALA E 353 -54.63 -6.08 -40.79
N ALA E 354 -53.59 -5.90 -39.96
CA ALA E 354 -53.34 -6.68 -38.75
C ALA E 354 -54.28 -6.27 -37.60
N ALA E 355 -55.02 -7.24 -37.05
CA ALA E 355 -55.88 -7.09 -35.88
C ALA E 355 -55.90 -8.34 -34.96
N ALA E 356 -55.05 -9.32 -35.25
CA ALA E 356 -54.85 -10.55 -34.47
C ALA E 356 -53.79 -10.35 -33.35
N ASP E 357 -53.14 -11.44 -32.91
CA ASP E 357 -51.97 -11.40 -32.03
C ASP E 357 -50.80 -10.55 -32.60
N ALA E 358 -49.86 -10.13 -31.73
CA ALA E 358 -48.92 -9.04 -31.94
C ALA E 358 -48.00 -9.13 -33.18
N ALA E 359 -47.73 -10.33 -33.73
CA ALA E 359 -46.92 -10.51 -34.93
C ALA E 359 -47.41 -11.69 -35.80
N ALA E 360 -47.28 -11.50 -37.13
CA ALA E 360 -47.77 -12.27 -38.29
C ALA E 360 -48.73 -11.40 -39.14
N ALA E 361 -49.18 -11.90 -40.30
CA ALA E 361 -50.18 -11.30 -41.19
C ALA E 361 -50.04 -9.76 -41.37
N ALA E 362 -49.11 -9.26 -42.19
CA ALA E 362 -48.37 -9.98 -43.23
C ALA E 362 -47.28 -10.99 -42.74
N PRO E 363 -46.26 -10.59 -41.95
CA PRO E 363 -44.91 -11.18 -41.95
C PRO E 363 -44.81 -12.72 -42.06
N SER E 364 -44.37 -13.34 -43.16
CA SER E 364 -44.01 -12.86 -44.52
C SER E 364 -43.05 -11.65 -44.65
N GLU E 365 -43.16 -10.88 -45.73
CA GLU E 365 -42.33 -10.97 -46.95
C GLU E 365 -42.34 -12.38 -47.59
N ILE E 366 -41.50 -13.39 -47.32
CA ILE E 366 -40.09 -13.45 -46.89
C ILE E 366 -39.46 -14.75 -47.40
N PRO E 367 -38.22 -14.71 -47.92
CA PRO E 367 -37.36 -15.89 -48.04
C PRO E 367 -36.17 -15.79 -47.06
N GLY E 368 -35.70 -16.94 -46.56
CA GLY E 368 -34.81 -17.02 -45.39
C GLY E 368 -33.31 -17.12 -45.68
N LYS E 369 -32.82 -16.52 -46.78
CA LYS E 369 -31.41 -16.60 -47.22
C LYS E 369 -30.88 -15.26 -47.75
N MET E 370 -29.58 -15.04 -47.58
CA MET E 370 -28.86 -13.88 -48.16
C MET E 370 -28.90 -13.87 -49.69
N GLU E 371 -28.83 -15.05 -50.33
CA GLU E 371 -28.98 -15.19 -51.79
C GLU E 371 -30.32 -14.66 -52.30
N ASP E 372 -31.41 -14.91 -51.57
CA ASP E 372 -32.74 -14.39 -51.90
C ASP E 372 -32.91 -12.90 -51.57
N ALA E 373 -32.26 -12.39 -50.51
CA ALA E 373 -32.21 -10.95 -50.23
C ALA E 373 -31.47 -10.18 -51.37
N LEU E 374 -30.38 -10.75 -51.88
CA LEU E 374 -29.67 -10.23 -53.06
C LEU E 374 -30.50 -10.38 -54.36
N ALA E 375 -31.24 -11.48 -54.52
CA ALA E 375 -32.17 -11.64 -55.65
C ALA E 375 -33.27 -10.56 -55.64
N ALA E 376 -33.86 -10.25 -54.48
CA ALA E 376 -34.81 -9.15 -54.31
C ALA E 376 -34.18 -7.80 -54.69
N LEU E 377 -32.97 -7.50 -54.20
CA LEU E 377 -32.18 -6.30 -54.54
C LEU E 377 -31.87 -6.16 -56.05
N GLU E 378 -32.02 -7.23 -56.84
CA GLU E 378 -31.76 -7.27 -58.29
C GLU E 378 -33.02 -7.58 -59.14
N GLN E 379 -34.22 -7.58 -58.52
CA GLN E 379 -35.52 -7.75 -59.18
C GLN E 379 -36.52 -6.63 -58.81
N ASP E 380 -36.45 -6.12 -57.58
CA ASP E 380 -37.06 -4.86 -57.11
C ASP E 380 -36.25 -4.32 -55.90
N ALA E 381 -35.19 -3.53 -56.05
CA ALA E 381 -34.54 -2.93 -57.24
C ALA E 381 -35.20 -1.68 -57.85
N GLU E 382 -36.42 -1.30 -57.45
CA GLU E 382 -37.10 -0.08 -57.92
C GLU E 382 -37.77 0.71 -56.76
N CYS E 383 -38.34 0.02 -55.77
CA CYS E 383 -38.60 0.57 -54.43
C CYS E 383 -37.32 0.82 -53.61
N LEU E 384 -36.15 0.37 -54.10
CA LEU E 384 -34.86 0.39 -53.40
C LEU E 384 -33.85 1.23 -54.19
N LYS E 385 -33.06 2.04 -53.47
CA LYS E 385 -31.92 2.84 -53.97
C LYS E 385 -32.21 3.62 -55.28
N ALA E 386 -33.43 4.14 -55.40
CA ALA E 386 -33.96 4.74 -56.63
C ALA E 386 -33.17 6.00 -57.09
N GLY E 387 -32.71 5.98 -58.34
CA GLY E 387 -32.03 7.10 -59.01
C GLY E 387 -30.63 7.44 -58.47
N LEU E 388 -30.03 8.46 -59.08
CA LEU E 388 -28.65 8.97 -58.86
C LEU E 388 -27.51 7.94 -59.10
N GLY E 389 -26.30 8.49 -59.13
CA GLY E 389 -25.08 7.88 -58.61
C GLY E 389 -24.32 8.96 -57.80
N GLU E 390 -23.28 8.72 -57.01
CA GLU E 390 -22.38 7.56 -56.79
C GLU E 390 -21.08 7.71 -57.61
N ALA E 391 -21.13 8.47 -58.72
CA ALA E 391 -19.95 8.88 -59.48
C ALA E 391 -18.94 9.67 -58.62
N PHE E 392 -19.43 10.58 -57.78
CA PHE E 392 -18.61 11.32 -56.80
C PHE E 392 -17.99 10.40 -55.73
N ILE E 393 -18.78 9.44 -55.23
CA ILE E 393 -18.32 8.45 -54.23
C ILE E 393 -17.18 7.61 -54.83
N ARG E 394 -17.39 6.96 -55.99
CA ARG E 394 -16.36 6.12 -56.62
C ARG E 394 -15.11 6.91 -57.02
N ALA E 395 -15.24 8.17 -57.46
CA ALA E 395 -14.10 9.04 -57.76
C ALA E 395 -13.21 9.33 -56.53
N ALA E 396 -13.83 9.72 -55.40
CA ALA E 396 -13.11 9.97 -54.15
C ALA E 396 -12.56 8.69 -53.51
N VAL E 397 -13.36 7.63 -53.47
CA VAL E 397 -12.97 6.31 -52.92
C VAL E 397 -11.87 5.66 -53.76
N ALA E 398 -11.84 5.82 -55.09
CA ALA E 398 -10.75 5.33 -55.94
C ALA E 398 -9.38 5.90 -55.53
N ALA E 399 -9.29 7.20 -55.21
CA ALA E 399 -8.05 7.82 -54.74
C ALA E 399 -7.53 7.18 -53.45
N ALA E 400 -8.42 6.91 -52.48
CA ALA E 400 -8.08 6.17 -51.26
C ALA E 400 -7.69 4.71 -51.55
N LYS E 401 -8.47 4.01 -52.39
CA LYS E 401 -8.20 2.63 -52.81
C LYS E 401 -6.85 2.46 -53.50
N TYR E 402 -6.42 3.39 -54.35
CA TYR E 402 -5.10 3.32 -54.99
C TYR E 402 -3.96 3.33 -53.96
N GLU E 403 -4.02 4.18 -52.93
CA GLU E 403 -3.04 4.20 -51.84
C GLU E 403 -3.08 2.91 -51.01
N LEU E 404 -4.28 2.45 -50.64
CA LEU E 404 -4.48 1.22 -49.87
C LEU E 404 -3.98 -0.03 -50.63
N GLU E 405 -4.33 -0.16 -51.91
CA GLU E 405 -3.88 -1.27 -52.77
C GLU E 405 -2.36 -1.23 -53.04
N ASN E 406 -1.74 -0.06 -53.13
CA ASN E 406 -0.28 0.05 -53.24
C ASN E 406 0.43 -0.46 -51.97
N GLU E 407 -0.08 -0.15 -50.77
CA GLU E 407 0.45 -0.71 -49.52
C GLU E 407 0.16 -2.22 -49.40
N GLU E 408 -1.06 -2.66 -49.71
CA GLU E 408 -1.47 -4.07 -49.62
C GLU E 408 -0.75 -4.97 -50.63
N THR E 409 -0.53 -4.54 -51.88
CA THR E 409 0.16 -5.37 -52.89
C THR E 409 1.65 -5.56 -52.56
N ASP E 410 2.30 -4.57 -51.93
CA ASP E 410 3.67 -4.73 -51.41
C ASP E 410 3.71 -5.69 -50.22
N ALA E 411 2.74 -5.59 -49.29
CA ALA E 411 2.59 -6.52 -48.18
C ALA E 411 2.32 -7.96 -48.64
N GLU E 412 1.41 -8.16 -49.60
CA GLU E 412 1.15 -9.46 -50.24
C GLU E 412 2.39 -10.00 -50.95
N GLY E 413 3.16 -9.16 -51.66
CA GLY E 413 4.43 -9.53 -52.27
C GLY E 413 5.43 -10.12 -51.26
N ASN E 414 5.59 -9.48 -50.10
CA ASN E 414 6.40 -10.01 -49.00
C ASN E 414 5.82 -11.32 -48.42
N LYS E 415 4.51 -11.37 -48.19
CA LYS E 415 3.80 -12.57 -47.68
C LYS E 415 3.97 -13.78 -48.59
N PHE E 416 3.87 -13.62 -49.91
CA PHE E 416 4.10 -14.71 -50.88
C PHE E 416 5.51 -15.30 -50.76
N LEU E 417 6.54 -14.46 -50.68
CA LEU E 417 7.92 -14.92 -50.43
C LEU E 417 8.03 -15.68 -49.10
N GLU E 418 7.41 -15.17 -48.03
CA GLU E 418 7.32 -15.84 -46.72
C GLU E 418 6.51 -17.15 -46.73
N TYR E 419 5.73 -17.44 -47.77
CA TYR E 419 5.04 -18.72 -47.98
C TYR E 419 5.83 -19.69 -48.88
N PHE E 420 6.68 -19.19 -49.78
CA PHE E 420 7.50 -20.02 -50.68
C PHE E 420 8.75 -20.61 -50.01
N ILE E 421 9.32 -19.94 -48.99
CA ILE E 421 10.46 -20.44 -48.17
C ILE E 421 10.14 -21.73 -47.39
N SER F 1 6.07 55.06 -41.16
CA SER F 1 5.79 56.27 -40.36
C SER F 1 6.21 56.08 -38.91
N ALA F 2 7.33 56.71 -38.50
CA ALA F 2 7.74 56.77 -37.09
C ALA F 2 6.68 57.45 -36.22
N GLU F 3 6.07 58.51 -36.75
CA GLU F 3 5.00 59.29 -36.11
C GLU F 3 3.80 58.41 -35.74
N HIS F 4 3.35 57.52 -36.65
CA HIS F 4 2.24 56.59 -36.40
C HIS F 4 2.54 55.61 -35.25
N VAL F 5 3.74 55.03 -35.21
CA VAL F 5 4.14 54.14 -34.10
C VAL F 5 4.18 54.90 -32.77
N LEU F 6 4.69 56.13 -32.75
CA LEU F 6 4.69 56.98 -31.55
C LEU F 6 3.26 57.34 -31.10
N THR F 7 2.36 57.74 -31.99
CA THR F 7 0.97 58.08 -31.63
C THR F 7 0.15 56.87 -31.19
N MET F 8 0.42 55.66 -31.70
CA MET F 8 -0.20 54.42 -31.19
C MET F 8 0.03 54.19 -29.70
N LEU F 9 1.20 54.58 -29.16
CA LEU F 9 1.49 54.47 -27.73
C LEU F 9 0.54 55.32 -26.87
N ASN F 10 0.13 56.49 -27.37
CA ASN F 10 -0.88 57.35 -26.72
C ASN F 10 -2.31 56.86 -27.00
N GLU F 11 -2.62 56.51 -28.25
CA GLU F 11 -3.95 56.08 -28.72
C GLU F 11 -4.46 54.82 -27.99
N HIS F 12 -3.55 53.93 -27.59
CA HIS F 12 -3.85 52.66 -26.89
C HIS F 12 -3.22 52.59 -25.49
N ALA F 13 -2.75 53.74 -24.96
CA ALA F 13 -2.15 53.91 -23.63
C ALA F 13 -1.10 52.83 -23.26
N ALA F 14 -0.28 52.40 -24.23
CA ALA F 14 0.69 51.32 -24.08
C ALA F 14 1.75 51.62 -22.98
N ALA F 15 1.79 50.78 -21.96
CA ALA F 15 2.80 50.85 -20.89
C ALA F 15 4.14 50.18 -21.30
N PHE F 16 4.09 49.16 -22.16
CA PHE F 16 5.24 48.39 -22.65
C PHE F 16 5.09 48.04 -24.13
N VAL F 17 6.20 47.69 -24.78
CA VAL F 17 6.25 47.27 -26.19
C VAL F 17 7.12 46.02 -26.34
N ARG F 18 6.69 45.09 -27.20
CA ARG F 18 7.30 43.78 -27.46
C ARG F 18 8.00 43.77 -28.82
N PHE F 19 9.32 43.61 -28.84
CA PHE F 19 10.09 43.29 -30.04
C PHE F 19 9.94 41.80 -30.37
N GLU F 20 9.86 41.46 -31.66
CA GLU F 20 9.61 40.07 -32.11
C GLU F 20 10.47 39.69 -33.32
N ALA F 21 10.93 38.44 -33.35
CA ALA F 21 11.78 37.84 -34.40
C ALA F 21 11.51 36.33 -34.52
N THR F 22 12.24 35.64 -35.39
CA THR F 22 12.12 34.19 -35.64
C THR F 22 13.49 33.55 -35.83
N ASP F 23 13.69 32.34 -35.32
CA ASP F 23 14.95 31.58 -35.44
C ASP F 23 15.05 30.74 -36.74
N ALA F 24 16.23 30.15 -36.99
CA ALA F 24 16.49 29.32 -38.16
C ALA F 24 15.65 28.02 -38.21
N ALA F 25 15.26 27.47 -37.06
CA ALA F 25 14.41 26.27 -36.99
C ALA F 25 12.95 26.53 -37.41
N GLY F 26 12.40 27.71 -37.07
CA GLY F 26 11.08 28.17 -37.51
C GLY F 26 10.17 28.68 -36.39
N ALA F 27 10.68 28.90 -35.18
CA ALA F 27 9.90 29.37 -34.04
C ALA F 27 10.12 30.87 -33.79
N SER F 28 9.03 31.60 -33.54
CA SER F 28 9.08 33.00 -33.10
C SER F 28 9.65 33.15 -31.68
N ARG F 29 10.27 34.31 -31.43
CA ARG F 29 10.89 34.72 -30.15
C ARG F 29 10.64 36.21 -29.91
N SER F 30 10.68 36.65 -28.65
CA SER F 30 10.35 38.04 -28.29
C SER F 30 11.05 38.53 -27.00
N LYS F 31 11.11 39.87 -26.87
CA LYS F 31 11.63 40.62 -25.71
C LYS F 31 10.81 41.91 -25.54
N SER F 32 10.88 42.57 -24.38
CA SER F 32 10.06 43.77 -24.12
C SER F 32 10.70 44.77 -23.14
N ILE F 33 10.25 46.03 -23.26
CA ILE F 33 10.66 47.18 -22.43
C ILE F 33 9.48 48.16 -22.23
N PRO F 34 9.52 49.05 -21.22
CA PRO F 34 8.57 50.17 -21.10
C PRO F 34 8.51 51.03 -22.37
N ALA F 35 7.33 51.55 -22.69
CA ALA F 35 7.11 52.41 -23.86
C ALA F 35 7.89 53.75 -23.81
N GLN F 36 8.27 54.20 -22.59
CA GLN F 36 8.99 55.46 -22.36
C GLN F 36 10.37 55.56 -23.04
N PHE F 37 10.98 54.42 -23.40
CA PHE F 37 12.29 54.37 -24.07
C PHE F 37 12.26 54.74 -25.57
N PHE F 38 11.08 54.79 -26.20
CA PHE F 38 10.93 55.03 -27.64
C PHE F 38 11.23 56.50 -28.01
N GLU F 39 12.27 56.71 -28.82
CA GLU F 39 12.79 58.03 -29.26
C GLU F 39 13.35 57.96 -30.70
N LYS F 40 13.66 59.10 -31.31
CA LYS F 40 14.12 59.21 -32.71
C LYS F 40 15.36 58.36 -33.06
N VAL F 41 16.23 58.09 -32.09
CA VAL F 41 17.50 57.35 -32.31
C VAL F 41 17.27 55.88 -32.69
N ILE F 42 16.36 55.18 -32.00
CA ILE F 42 16.09 53.75 -32.25
C ILE F 42 15.48 53.49 -33.64
N HIS F 43 14.82 54.49 -34.23
CA HIS F 43 14.30 54.45 -35.60
C HIS F 43 15.39 54.45 -36.69
N ALA F 44 16.65 54.70 -36.31
CA ALA F 44 17.81 54.73 -37.21
C ALA F 44 18.99 53.84 -36.75
N ARG F 45 19.00 53.38 -35.49
CA ARG F 45 20.08 52.57 -34.89
C ARG F 45 19.62 51.28 -34.19
N GLY F 46 18.31 51.02 -34.11
CA GLY F 46 17.74 49.84 -33.45
C GLY F 46 18.13 49.72 -31.96
N TYR F 47 18.21 48.49 -31.46
CA TYR F 47 18.63 48.15 -30.11
C TYR F 47 19.84 47.20 -30.12
N LEU F 48 20.97 47.67 -29.60
CA LEU F 48 22.16 46.87 -29.34
C LEU F 48 21.93 45.87 -28.19
N GLU F 49 22.38 44.62 -28.38
CA GLU F 49 22.37 43.56 -27.37
C GLU F 49 23.61 42.66 -27.46
N ASP F 50 23.93 41.98 -26.36
CA ASP F 50 24.90 40.87 -26.32
C ASP F 50 24.34 39.63 -27.02
N GLY F 51 24.98 39.23 -28.13
CA GLY F 51 24.59 38.06 -28.92
C GLY F 51 25.10 36.72 -28.40
N GLU F 52 26.02 36.68 -27.41
CA GLU F 52 26.53 35.42 -26.84
C GLU F 52 25.45 34.55 -26.17
N VAL F 53 24.28 35.13 -25.86
CA VAL F 53 23.07 34.44 -25.39
C VAL F 53 22.54 33.41 -26.42
N ASN F 54 22.93 33.52 -27.69
CA ASN F 54 22.55 32.62 -28.79
C ASN F 54 23.80 32.07 -29.51
N ALA F 55 23.96 30.74 -29.52
CA ALA F 55 25.14 30.01 -29.98
C ALA F 55 25.47 30.10 -31.50
N GLY F 56 24.81 30.99 -32.24
CA GLY F 56 24.98 31.20 -33.68
C GLY F 56 24.70 32.62 -34.16
N ALA F 57 24.85 33.64 -33.29
CA ALA F 57 24.56 35.04 -33.59
C ALA F 57 25.69 36.05 -33.26
N ALA F 58 26.68 35.66 -32.45
CA ALA F 58 27.85 36.50 -32.14
C ALA F 58 29.04 35.65 -31.64
N GLY F 59 30.12 36.32 -31.21
CA GLY F 59 31.28 35.72 -30.52
C GLY F 59 31.84 36.65 -29.44
N ALA F 60 32.73 36.15 -28.58
CA ALA F 60 33.18 36.85 -27.37
C ALA F 60 33.92 38.19 -27.63
N ALA F 61 34.60 38.33 -28.77
CA ALA F 61 35.27 39.57 -29.20
C ALA F 61 34.34 40.54 -29.97
N ALA F 62 33.07 40.18 -30.17
CA ALA F 62 32.08 40.87 -30.98
C ALA F 62 30.67 40.80 -30.34
N SER F 63 30.61 40.91 -29.02
CA SER F 63 29.43 40.83 -28.14
C SER F 63 28.43 42.01 -28.26
N ASP F 64 28.23 42.52 -29.48
CA ASP F 64 27.31 43.61 -29.81
C ASP F 64 26.68 43.36 -31.20
N ILE F 65 25.37 43.11 -31.22
CA ILE F 65 24.53 42.95 -32.43
C ILE F 65 23.22 43.74 -32.26
N VAL F 66 22.48 43.97 -33.36
CA VAL F 66 21.36 44.92 -33.42
C VAL F 66 20.05 44.22 -33.79
N LEU F 67 19.02 44.37 -32.94
CA LEU F 67 17.63 44.19 -33.35
C LEU F 67 17.12 45.50 -33.97
N MET F 68 16.40 45.41 -35.10
CA MET F 68 15.95 46.56 -35.88
C MET F 68 14.42 46.50 -36.07
N PRO F 69 13.63 47.11 -35.16
CA PRO F 69 12.18 47.21 -35.30
C PRO F 69 11.78 48.07 -36.50
N GLU F 70 10.54 47.90 -36.97
CA GLU F 70 10.01 48.61 -38.14
C GLU F 70 8.73 49.41 -37.85
N LEU F 71 8.39 50.30 -38.77
CA LEU F 71 7.52 51.47 -38.52
C LEU F 71 6.31 51.50 -39.47
N SER F 72 5.90 50.31 -39.91
CA SER F 72 4.71 50.01 -40.73
C SER F 72 4.03 48.69 -40.31
N THR F 73 4.46 48.11 -39.18
CA THR F 73 4.16 46.72 -38.75
C THR F 73 3.67 46.62 -37.30
N ALA F 74 3.60 47.73 -36.57
CA ALA F 74 3.15 47.77 -35.17
C ALA F 74 1.67 47.37 -35.01
N ALA F 75 1.34 46.71 -33.90
CA ALA F 75 -0.02 46.32 -33.52
C ALA F 75 -0.22 46.30 -32.00
N VAL F 76 -1.46 46.41 -31.53
CA VAL F 76 -1.81 46.22 -30.10
C VAL F 76 -1.71 44.74 -29.73
N ALA F 77 -1.01 44.43 -28.64
CA ALA F 77 -0.82 43.05 -28.15
C ALA F 77 -2.02 42.58 -27.29
N ALA F 78 -3.22 42.63 -27.87
CA ALA F 78 -4.51 42.51 -27.18
C ALA F 78 -4.72 41.26 -26.30
N ALA F 79 -3.97 40.17 -26.53
CA ALA F 79 -3.98 38.97 -25.71
C ALA F 79 -3.32 39.14 -24.32
N ALA F 80 -2.53 40.20 -24.10
CA ALA F 80 -1.82 40.49 -22.85
C ALA F 80 -2.76 40.89 -21.70
N ALA F 81 -2.26 40.77 -20.46
CA ALA F 81 -2.95 41.18 -19.23
C ALA F 81 -2.92 42.70 -18.95
N ALA F 82 -2.27 43.50 -19.81
CA ALA F 82 -2.10 44.94 -19.69
C ALA F 82 -2.14 45.64 -21.07
N ALA F 83 -2.26 46.97 -21.08
CA ALA F 83 -2.16 47.79 -22.27
C ALA F 83 -0.72 47.80 -22.83
N THR F 84 -0.47 47.06 -23.91
CA THR F 84 0.86 46.91 -24.54
C THR F 84 0.75 46.77 -26.06
N ALA F 85 1.88 46.90 -26.75
CA ALA F 85 1.99 46.78 -28.21
C ALA F 85 3.10 45.81 -28.63
N ALA F 86 3.14 45.43 -29.90
CA ALA F 86 4.11 44.51 -30.47
C ALA F 86 4.59 44.97 -31.86
N VAL F 87 5.87 44.72 -32.15
CA VAL F 87 6.59 45.19 -33.35
C VAL F 87 7.58 44.11 -33.79
N ILE F 88 7.40 43.55 -34.98
CA ILE F 88 8.39 42.65 -35.60
C ILE F 88 9.64 43.41 -36.05
N CYS F 89 10.78 42.70 -36.04
CA CYS F 89 12.11 43.24 -36.29
C CYS F 89 12.85 42.44 -37.36
N ASP F 90 13.78 43.09 -38.07
CA ASP F 90 14.93 42.42 -38.67
C ASP F 90 16.09 42.35 -37.65
N GLY F 91 17.16 41.62 -37.97
CA GLY F 91 18.37 41.54 -37.16
C GLY F 91 19.62 41.82 -38.01
N GLY F 92 20.63 42.46 -37.43
CA GLY F 92 21.77 43.01 -38.17
C GLY F 92 23.03 43.30 -37.33
N ALA F 93 24.09 43.66 -38.05
CA ALA F 93 25.39 44.16 -37.62
C ALA F 93 26.36 44.46 -38.81
N ALA F 94 26.46 43.74 -39.94
CA ALA F 94 25.86 42.45 -40.38
C ALA F 94 24.36 42.54 -40.79
N ALA F 95 23.55 41.49 -41.01
CA ALA F 95 23.68 40.06 -40.72
C ALA F 95 23.02 39.19 -41.81
N ALA F 96 23.16 37.87 -41.68
CA ALA F 96 22.70 36.89 -42.66
C ALA F 96 22.29 35.52 -42.06
N ALA F 97 21.70 35.55 -40.85
CA ALA F 97 21.02 34.39 -40.24
C ALA F 97 19.57 34.69 -39.83
N SER F 98 19.18 35.98 -39.80
CA SER F 98 17.82 36.49 -39.62
C SER F 98 16.91 36.08 -40.80
N PRO F 99 15.99 35.10 -40.64
CA PRO F 99 15.21 34.53 -41.73
C PRO F 99 14.43 35.54 -42.56
N ARG F 100 13.87 36.57 -41.93
CA ARG F 100 13.12 37.66 -42.58
C ARG F 100 13.99 38.50 -43.53
N TYR F 101 15.22 38.80 -43.13
CA TYR F 101 16.19 39.50 -43.99
C TYR F 101 16.65 38.63 -45.17
N ILE F 102 16.83 37.32 -44.94
CA ILE F 102 17.11 36.33 -45.99
C ILE F 102 15.96 36.26 -47.01
N ALA F 103 14.70 36.23 -46.54
CA ALA F 103 13.51 36.25 -47.40
C ALA F 103 13.40 37.53 -48.25
N ARG F 104 13.72 38.70 -47.66
CA ARG F 104 13.77 40.00 -48.37
C ARG F 104 14.77 40.03 -49.54
N ALA F 105 15.87 39.28 -49.47
CA ALA F 105 16.81 39.15 -50.59
C ALA F 105 16.19 38.50 -51.83
N ALA F 106 15.29 37.52 -51.68
CA ALA F 106 14.56 36.91 -52.79
C ALA F 106 13.60 37.92 -53.47
N LEU F 107 12.94 38.77 -52.67
CA LEU F 107 12.09 39.87 -53.19
C LEU F 107 12.91 40.93 -53.95
N ALA F 108 14.10 41.28 -53.43
CA ALA F 108 15.04 42.18 -54.11
C ALA F 108 15.54 41.59 -55.44
N GLN F 109 15.90 40.30 -55.47
CA GLN F 109 16.34 39.59 -56.68
C GLN F 109 15.24 39.50 -57.75
N LEU F 110 13.98 39.23 -57.36
CA LEU F 110 12.81 39.25 -58.25
C LEU F 110 12.68 40.58 -59.01
N GLN F 111 12.82 41.70 -58.30
CA GLN F 111 12.78 43.05 -58.89
C GLN F 111 14.04 43.38 -59.71
N ALA F 112 15.23 43.07 -59.19
CA ALA F 112 16.52 43.36 -59.84
C ALA F 112 16.73 42.59 -61.16
N ALA F 113 16.22 41.36 -61.27
CA ALA F 113 16.21 40.57 -62.50
C ALA F 113 15.26 41.13 -63.59
N GLY F 114 14.34 42.04 -63.22
CA GLY F 114 13.32 42.61 -64.12
C GLY F 114 12.22 41.64 -64.57
N ALA F 115 12.18 40.42 -64.01
CA ALA F 115 11.20 39.39 -64.36
C ALA F 115 9.75 39.79 -63.98
N ALA F 116 9.60 40.50 -62.86
CA ALA F 116 8.34 41.03 -62.34
C ALA F 116 8.62 42.17 -61.33
N ALA F 117 7.61 42.60 -60.56
CA ALA F 117 7.76 43.63 -59.52
C ALA F 117 7.28 43.18 -58.12
N GLY F 118 6.51 42.10 -58.02
CA GLY F 118 6.06 41.51 -56.76
C GLY F 118 5.52 40.09 -56.88
N LEU F 119 5.19 39.49 -55.74
CA LEU F 119 4.75 38.10 -55.58
C LEU F 119 3.46 38.07 -54.73
N LEU F 120 2.49 37.26 -55.14
CA LEU F 120 1.07 37.39 -54.77
C LEU F 120 0.52 36.12 -54.08
N SER F 121 1.39 35.38 -53.41
CA SER F 121 1.08 34.11 -52.72
C SER F 121 0.19 34.24 -51.47
N ALA F 122 -0.35 33.10 -51.02
CA ALA F 122 -1.11 32.94 -49.76
C ALA F 122 -1.04 31.46 -49.28
N PHE F 123 -1.45 31.19 -48.03
CA PHE F 123 -1.34 29.87 -47.39
C PHE F 123 -2.67 29.42 -46.76
N ILE F 124 -2.83 28.09 -46.63
CA ILE F 124 -4.02 27.42 -46.08
C ILE F 124 -3.64 26.32 -45.06
N ALA F 125 -2.51 26.51 -44.37
CA ALA F 125 -1.92 25.55 -43.44
C ALA F 125 -2.88 25.05 -42.34
N ASP F 126 -2.79 23.75 -42.04
CA ASP F 126 -3.53 23.08 -40.97
C ASP F 126 -2.77 23.12 -39.63
N PHE F 127 -3.47 22.76 -38.55
CA PHE F 127 -2.97 22.70 -37.18
C PHE F 127 -3.74 21.63 -36.38
N CYS F 128 -3.26 21.35 -35.16
CA CYS F 128 -3.84 20.37 -34.24
C CYS F 128 -4.16 21.03 -32.88
N ILE F 129 -5.09 20.44 -32.12
CA ILE F 129 -5.52 20.93 -30.79
C ILE F 129 -5.72 19.77 -29.80
N PHE F 130 -5.36 20.01 -28.54
CA PHE F 130 -5.33 19.00 -27.47
C PHE F 130 -5.70 19.59 -26.10
N GLY F 131 -5.96 18.71 -25.13
CA GLY F 131 -6.24 19.07 -23.73
C GLY F 131 -5.18 18.57 -22.74
N VAL F 132 -4.63 17.37 -22.95
CA VAL F 132 -3.60 16.75 -22.09
C VAL F 132 -2.57 15.95 -22.91
N PRO F 133 -1.61 16.62 -23.59
CA PRO F 133 -0.42 15.96 -24.15
C PRO F 133 0.57 15.56 -23.04
N GLU F 134 1.26 14.44 -23.24
CA GLU F 134 2.31 13.90 -22.36
C GLU F 134 3.39 13.21 -23.20
N VAL F 135 4.60 13.77 -23.27
CA VAL F 135 5.70 13.27 -24.11
C VAL F 135 7.01 13.34 -23.36
N ILE F 136 7.61 12.18 -23.05
CA ILE F 136 8.88 12.06 -22.31
C ILE F 136 9.76 10.92 -22.83
N ASN F 137 11.07 11.02 -22.54
CA ASN F 137 12.11 10.05 -22.90
C ASN F 137 13.16 9.95 -21.78
N SER F 138 13.76 8.78 -21.61
CA SER F 138 14.80 8.49 -20.62
C SER F 138 15.76 7.37 -21.08
N LYS F 139 16.69 6.96 -20.22
CA LYS F 139 17.54 5.77 -20.39
C LYS F 139 16.76 4.44 -20.34
N THR F 140 15.48 4.44 -19.99
CA THR F 140 14.67 3.23 -19.73
C THR F 140 13.31 3.18 -20.42
N ILE F 141 12.75 4.32 -20.87
CA ILE F 141 11.48 4.38 -21.62
C ILE F 141 11.42 5.58 -22.59
N SER F 142 10.54 5.52 -23.57
CA SER F 142 10.27 6.59 -24.54
C SER F 142 8.83 6.48 -25.09
N PHE F 143 8.00 7.51 -24.89
CA PHE F 143 6.62 7.53 -25.37
C PHE F 143 6.02 8.94 -25.55
N PRO F 144 5.28 9.18 -26.66
CA PRO F 144 4.29 10.25 -26.76
C PRO F 144 2.88 9.76 -26.39
N ALA F 145 2.02 10.69 -25.97
CA ALA F 145 0.58 10.52 -25.78
C ALA F 145 -0.14 11.89 -25.85
N SER F 146 -1.43 11.88 -26.20
CA SER F 146 -2.29 13.08 -26.26
C SER F 146 -3.78 12.72 -26.29
N THR F 147 -4.66 13.70 -26.03
CA THR F 147 -6.13 13.54 -26.09
C THR F 147 -6.84 14.89 -26.28
N THR F 148 -8.09 14.85 -26.75
CA THR F 148 -8.99 16.00 -26.91
C THR F 148 -10.46 15.54 -26.88
N ALA F 149 -11.38 16.42 -26.50
CA ALA F 149 -12.81 16.13 -26.37
C ALA F 149 -13.47 15.57 -27.66
N ALA F 150 -12.92 15.92 -28.82
CA ALA F 150 -13.39 15.44 -30.13
C ALA F 150 -12.83 14.05 -30.54
N ALA F 151 -11.82 13.51 -29.83
CA ALA F 151 -11.09 12.31 -30.26
C ALA F 151 -11.96 11.04 -30.25
N ALA F 152 -11.80 10.20 -31.27
CA ALA F 152 -12.50 8.93 -31.46
C ALA F 152 -12.27 7.88 -30.33
N ASP F 153 -11.26 8.09 -29.48
CA ASP F 153 -10.94 7.24 -28.32
C ASP F 153 -11.77 7.57 -27.06
N GLN F 154 -12.28 8.81 -26.91
CA GLN F 154 -13.01 9.24 -25.71
C GLN F 154 -14.43 8.68 -25.49
N PRO F 155 -15.27 8.30 -26.49
CA PRO F 155 -16.67 7.94 -26.24
C PRO F 155 -16.86 6.62 -25.46
N GLN F 156 -15.80 5.81 -25.28
CA GLN F 156 -15.79 4.62 -24.42
C GLN F 156 -15.40 4.92 -22.96
N GLU F 157 -15.01 6.16 -22.61
CA GLU F 157 -14.53 6.54 -21.28
C GLU F 157 -15.60 7.28 -20.44
N ALA F 158 -15.48 7.20 -19.12
CA ALA F 158 -16.30 7.96 -18.17
C ALA F 158 -15.90 9.44 -18.10
N ALA F 159 -16.78 10.28 -17.54
CA ALA F 159 -16.55 11.70 -17.26
C ALA F 159 -17.41 12.18 -16.07
N ALA F 160 -17.10 13.35 -15.51
CA ALA F 160 -17.73 13.92 -14.30
C ALA F 160 -19.26 14.15 -14.40
N GLY F 161 -19.83 14.16 -15.61
CA GLY F 161 -21.28 14.22 -15.88
C GLY F 161 -21.73 13.25 -16.99
N GLY F 162 -20.95 12.18 -17.23
CA GLY F 162 -21.12 11.25 -18.35
C GLY F 162 -20.55 11.77 -19.68
N ALA F 163 -20.31 10.86 -20.63
CA ALA F 163 -19.80 11.19 -21.96
C ALA F 163 -20.84 11.94 -22.82
N ALA F 164 -20.37 12.84 -23.71
CA ALA F 164 -21.22 13.60 -24.62
C ALA F 164 -21.80 12.77 -25.79
N GLY F 165 -21.18 11.64 -26.14
CA GLY F 165 -21.59 10.76 -27.24
C GLY F 165 -21.53 11.41 -28.63
N ALA F 166 -20.63 12.38 -28.82
CA ALA F 166 -20.58 13.29 -29.98
C ALA F 166 -19.16 13.48 -30.58
N ALA F 167 -18.22 12.60 -30.25
CA ALA F 167 -16.86 12.61 -30.79
C ALA F 167 -16.82 12.42 -32.33
N ALA F 168 -15.73 12.87 -32.95
CA ALA F 168 -15.40 12.62 -34.36
C ALA F 168 -14.94 11.16 -34.60
N GLY F 169 -14.64 10.80 -35.86
CA GLY F 169 -14.06 9.52 -36.25
C GLY F 169 -12.69 9.67 -36.93
N ALA F 170 -11.98 8.56 -37.12
CA ALA F 170 -10.71 8.50 -37.85
C ALA F 170 -10.90 9.00 -39.31
N ALA F 171 -10.11 10.00 -39.72
CA ALA F 171 -10.30 10.75 -40.98
C ALA F 171 -11.76 11.23 -41.22
N GLY F 172 -12.49 11.56 -40.15
CA GLY F 172 -13.93 11.83 -40.13
C GLY F 172 -14.32 12.89 -39.09
N GLY F 173 -13.69 14.06 -39.18
CA GLY F 173 -13.89 15.21 -38.27
C GLY F 173 -13.86 16.58 -38.97
N ALA F 174 -14.17 16.62 -40.27
CA ALA F 174 -14.13 17.79 -41.15
C ALA F 174 -15.28 18.81 -40.93
N ALA F 175 -15.51 19.19 -39.66
CA ALA F 175 -16.64 20.02 -39.21
C ALA F 175 -16.23 21.25 -38.38
N ALA F 176 -14.93 21.54 -38.27
CA ALA F 176 -14.40 22.71 -37.56
C ALA F 176 -14.80 24.06 -38.21
N ALA F 177 -14.83 25.12 -37.39
CA ALA F 177 -15.10 26.51 -37.83
C ALA F 177 -13.86 27.19 -38.46
N GLY F 178 -14.04 28.45 -38.91
CA GLY F 178 -12.98 29.32 -39.46
C GLY F 178 -13.34 30.81 -39.29
N ALA F 179 -12.42 31.76 -39.55
CA ALA F 179 -11.04 31.61 -40.02
C ALA F 179 -10.00 31.30 -38.92
N ALA F 180 -10.46 30.92 -37.71
CA ALA F 180 -9.66 30.42 -36.58
C ALA F 180 -8.64 31.40 -35.94
N GLU F 181 -8.84 32.71 -35.75
CA GLU F 181 -9.89 33.66 -36.17
C GLU F 181 -9.33 35.09 -36.04
N ILE F 182 -8.95 35.48 -34.81
CA ILE F 182 -8.70 36.89 -34.43
C ILE F 182 -7.29 37.41 -34.79
N CYS F 183 -6.44 36.57 -35.38
CA CYS F 183 -5.13 36.94 -35.92
C CYS F 183 -5.16 37.09 -37.47
N PHE F 184 -6.36 37.19 -38.06
CA PHE F 184 -6.54 37.45 -39.49
C PHE F 184 -7.80 38.29 -39.78
N LEU F 185 -8.93 37.98 -39.14
CA LEU F 185 -10.23 38.65 -39.37
C LEU F 185 -10.29 40.14 -39.00
N PRO F 186 -9.93 40.59 -37.77
CA PRO F 186 -10.02 42.01 -37.41
C PRO F 186 -8.97 42.89 -38.10
N GLU F 187 -7.86 42.29 -38.52
CA GLU F 187 -6.81 42.93 -39.34
C GLU F 187 -7.14 42.94 -40.84
N ALA F 188 -8.14 42.15 -41.28
CA ALA F 188 -8.41 41.80 -42.68
C ALA F 188 -7.12 41.47 -43.48
N ALA F 189 -6.20 40.74 -42.85
CA ALA F 189 -4.76 40.75 -43.16
C ALA F 189 -4.40 40.47 -44.64
N GLY F 190 -4.96 39.40 -45.23
CA GLY F 190 -4.92 39.06 -46.66
C GLY F 190 -3.55 38.63 -47.25
N ALA F 191 -2.46 39.30 -46.90
CA ALA F 191 -1.12 39.13 -47.48
C ALA F 191 -0.44 37.78 -47.12
N ALA F 192 0.63 37.47 -47.84
CA ALA F 192 1.40 36.22 -47.76
C ALA F 192 1.92 35.87 -46.35
N ALA F 193 2.16 34.56 -46.13
CA ALA F 193 2.64 33.98 -44.87
C ALA F 193 4.16 34.20 -44.59
N ALA F 194 4.71 35.36 -44.99
CA ALA F 194 5.97 35.84 -44.44
C ALA F 194 5.74 36.38 -43.01
N ASP F 195 5.39 37.66 -42.89
CA ASP F 195 5.13 38.31 -41.59
C ASP F 195 3.86 37.76 -40.90
N ASN F 196 2.83 37.38 -41.66
CA ASN F 196 1.53 36.94 -41.13
C ASN F 196 1.54 35.54 -40.49
N ALA F 197 2.54 34.69 -40.75
CA ALA F 197 2.58 33.33 -40.20
C ALA F 197 2.69 33.31 -38.67
N PHE F 198 3.41 34.26 -38.07
CA PHE F 198 3.80 34.19 -36.65
C PHE F 198 2.72 34.72 -35.72
N THR F 199 1.92 35.71 -36.14
CA THR F 199 0.69 36.12 -35.44
C THR F 199 -0.35 34.97 -35.42
N LEU F 200 -0.44 34.18 -36.49
CA LEU F 200 -1.27 32.96 -36.52
C LEU F 200 -0.71 31.86 -35.59
N ARG F 201 0.59 31.54 -35.69
CA ARG F 201 1.24 30.49 -34.87
C ARG F 201 1.17 30.77 -33.36
N THR F 202 1.35 32.02 -32.92
CA THR F 202 1.16 32.39 -31.50
C THR F 202 -0.32 32.50 -31.13
N GLY F 203 -1.16 33.03 -32.04
CA GLY F 203 -2.60 33.23 -31.83
C GLY F 203 -3.36 31.94 -31.56
N LEU F 204 -3.13 30.90 -32.36
CA LEU F 204 -3.74 29.57 -32.17
C LEU F 204 -3.47 29.01 -30.77
N GLN F 205 -2.23 29.13 -30.29
CA GLN F 205 -1.84 28.70 -28.94
C GLN F 205 -2.48 29.58 -27.85
N GLU F 206 -2.37 30.90 -27.97
CA GLU F 206 -2.86 31.86 -26.97
C GLU F 206 -4.39 31.79 -26.78
N VAL F 207 -5.14 31.69 -27.88
CA VAL F 207 -6.61 31.52 -27.85
C VAL F 207 -6.99 30.16 -27.24
N ALA F 208 -6.29 29.07 -27.60
CA ALA F 208 -6.53 27.75 -26.99
C ALA F 208 -6.28 27.76 -25.47
N ARG F 209 -5.18 28.38 -25.01
CA ARG F 209 -4.83 28.53 -23.58
C ARG F 209 -5.90 29.30 -22.80
N ARG F 210 -6.48 30.35 -23.41
CA ARG F 210 -7.61 31.14 -22.87
C ARG F 210 -8.97 30.42 -22.93
N TYR F 211 -9.01 29.19 -23.48
CA TYR F 211 -10.13 28.26 -23.45
C TYR F 211 -9.75 26.89 -22.81
N ASN F 212 -8.75 26.89 -21.91
CA ASN F 212 -8.27 25.73 -21.14
C ASN F 212 -7.81 24.53 -22.00
N ALA F 213 -7.23 24.81 -23.18
CA ALA F 213 -6.69 23.85 -24.14
C ALA F 213 -5.32 24.32 -24.67
N ILE F 214 -4.75 23.59 -25.63
CA ILE F 214 -3.50 23.95 -26.33
C ILE F 214 -3.61 23.61 -27.83
N ALA F 215 -2.72 24.20 -28.63
CA ALA F 215 -2.63 24.00 -30.07
C ALA F 215 -1.18 23.73 -30.52
N SER F 216 -0.99 23.06 -31.65
CA SER F 216 0.32 22.69 -32.18
C SER F 216 0.33 22.57 -33.72
N ALA F 217 1.54 22.45 -34.27
CA ALA F 217 1.82 22.41 -35.72
C ALA F 217 2.55 21.10 -36.13
N ALA F 218 2.52 20.08 -35.27
CA ALA F 218 3.13 18.76 -35.52
C ALA F 218 2.50 18.08 -36.75
N ALA F 219 3.30 17.92 -37.81
CA ALA F 219 2.88 17.44 -39.13
C ALA F 219 2.18 16.06 -39.13
N ALA F 220 2.48 15.20 -38.16
CA ALA F 220 1.96 13.84 -38.01
C ALA F 220 1.61 13.55 -36.53
N ALA F 221 0.89 14.46 -35.89
CA ALA F 221 0.56 14.45 -34.45
C ALA F 221 -0.11 13.14 -33.94
N ALA F 222 -0.77 12.38 -34.81
CA ALA F 222 -1.33 11.06 -34.52
C ALA F 222 -1.28 10.14 -35.76
N ALA F 223 -1.15 8.83 -35.54
CA ALA F 223 -1.20 7.80 -36.58
C ALA F 223 -2.63 7.56 -37.11
N ALA F 224 -2.76 6.89 -38.26
CA ALA F 224 -4.01 6.50 -38.91
C ALA F 224 -5.06 7.64 -39.10
N ALA F 225 -4.58 8.89 -39.24
CA ALA F 225 -5.39 10.10 -39.34
C ALA F 225 -4.70 11.20 -40.18
N ALA F 226 -5.39 12.30 -40.43
CA ALA F 226 -4.85 13.52 -41.04
C ALA F 226 -3.77 14.20 -40.15
N GLY F 227 -3.10 15.23 -40.70
CA GLY F 227 -2.02 15.95 -40.02
C GLY F 227 -1.83 17.39 -40.50
N ALA F 228 -0.98 18.15 -39.81
CA ALA F 228 -0.76 19.59 -40.00
C ALA F 228 0.07 19.93 -41.25
N GLY F 229 -0.48 19.72 -42.46
CA GLY F 229 0.12 20.19 -43.72
C GLY F 229 0.22 21.73 -43.82
N SER F 230 1.03 22.25 -44.75
CA SER F 230 1.23 23.70 -44.96
C SER F 230 1.10 24.12 -46.43
N HIS F 231 0.08 23.56 -47.11
CA HIS F 231 -0.24 23.86 -48.50
C HIS F 231 -0.48 25.36 -48.73
N SER F 232 -0.18 25.82 -49.95
CA SER F 232 -0.18 27.24 -50.32
C SER F 232 -0.55 27.45 -51.79
N ILE F 233 -0.76 28.71 -52.17
CA ILE F 233 -1.01 29.15 -53.55
C ILE F 233 -0.04 30.27 -53.91
N TRP F 234 0.40 30.29 -55.17
CA TRP F 234 1.55 31.08 -55.62
C TRP F 234 1.30 31.76 -56.97
N ASP F 235 1.82 32.97 -57.08
CA ASP F 235 1.56 33.91 -58.18
C ASP F 235 2.60 35.03 -58.20
N VAL F 236 2.70 35.71 -59.35
CA VAL F 236 3.73 36.69 -59.71
C VAL F 236 3.04 37.86 -60.43
N GLY F 237 3.53 39.09 -60.28
CA GLY F 237 2.92 40.24 -60.95
C GLY F 237 3.79 41.48 -61.08
N ALA F 238 3.36 42.37 -61.98
CA ALA F 238 3.96 43.68 -62.26
C ALA F 238 2.90 44.63 -62.85
N ALA F 239 3.13 45.95 -62.73
CA ALA F 239 2.23 47.02 -63.21
C ALA F 239 0.73 46.85 -62.89
N GLY F 240 0.38 46.11 -61.83
CA GLY F 240 -0.99 45.87 -61.37
C GLY F 240 -1.66 44.60 -61.92
N THR F 241 -0.95 43.69 -62.59
CA THR F 241 -1.54 42.48 -63.23
C THR F 241 -0.80 41.17 -62.91
N ASN F 242 -1.55 40.07 -62.94
CA ASN F 242 -1.09 38.67 -62.82
C ASN F 242 -0.18 38.28 -64.00
N ALA F 243 0.88 37.49 -63.75
CA ALA F 243 1.87 37.05 -64.73
C ALA F 243 1.94 35.51 -64.93
N PHE F 244 1.08 34.72 -64.27
CA PHE F 244 0.91 33.28 -64.52
C PHE F 244 -0.30 32.94 -65.41
N ALA F 245 -1.26 33.86 -65.57
CA ALA F 245 -2.38 33.73 -66.49
C ALA F 245 -1.96 33.65 -67.97
N GLY F 246 -2.63 32.82 -68.76
CA GLY F 246 -2.36 32.65 -70.19
C GLY F 246 -3.24 31.59 -70.87
N ALA F 247 -2.71 30.97 -71.92
CA ALA F 247 -3.43 30.08 -72.83
C ALA F 247 -2.87 28.64 -72.90
N SER F 248 -1.91 28.27 -72.03
CA SER F 248 -1.51 26.85 -71.84
C SER F 248 -2.48 26.12 -70.89
N GLY F 249 -2.17 24.86 -70.54
CA GLY F 249 -3.01 23.99 -69.71
C GLY F 249 -3.56 24.66 -68.43
N ALA F 250 -4.84 24.40 -68.13
CA ALA F 250 -5.58 24.98 -67.00
C ALA F 250 -5.44 26.52 -66.83
N ARG F 251 -5.32 27.25 -67.95
CA ARG F 251 -5.18 28.72 -68.06
C ARG F 251 -3.87 29.29 -67.50
N ALA F 252 -2.85 28.45 -67.31
CA ALA F 252 -1.47 28.85 -67.04
C ALA F 252 -0.78 29.50 -68.27
N THR F 253 0.52 29.79 -68.16
CA THR F 253 1.34 30.36 -69.24
C THR F 253 2.79 29.85 -69.21
N LEU F 254 3.59 30.18 -70.23
CA LEU F 254 4.96 29.66 -70.41
C LEU F 254 5.92 30.04 -69.27
N THR F 255 5.89 31.28 -68.77
CA THR F 255 6.69 31.65 -67.58
C THR F 255 6.21 30.92 -66.31
N GLY F 256 4.90 30.65 -66.19
CA GLY F 256 4.36 29.76 -65.15
C GLY F 256 4.89 28.33 -65.25
N ALA F 257 4.94 27.76 -66.46
CA ALA F 257 5.56 26.46 -66.72
C ALA F 257 7.07 26.42 -66.41
N LYS F 258 7.79 27.53 -66.62
CA LYS F 258 9.21 27.69 -66.23
C LYS F 258 9.40 27.81 -64.71
N TRP F 259 8.52 28.52 -64.00
CA TRP F 259 8.48 28.51 -62.53
C TRP F 259 8.21 27.10 -61.98
N LEU F 260 7.23 26.38 -62.55
CA LEU F 260 6.94 24.98 -62.24
C LEU F 260 8.13 24.05 -62.51
N ALA F 261 8.83 24.21 -63.64
CA ALA F 261 10.06 23.47 -63.93
C ALA F 261 11.15 23.65 -62.87
N GLY F 262 11.35 24.89 -62.41
CA GLY F 262 12.24 25.22 -61.29
C GLY F 262 11.82 24.55 -59.98
N LEU F 263 10.52 24.65 -59.61
CA LEU F 263 9.94 24.02 -58.42
C LEU F 263 10.07 22.49 -58.43
N LEU F 264 9.79 21.83 -59.56
CA LEU F 264 9.94 20.39 -59.74
C LEU F 264 11.41 19.94 -59.54
N ALA F 265 12.36 20.66 -60.16
CA ALA F 265 13.79 20.38 -60.00
C ALA F 265 14.30 20.60 -58.56
N ALA F 266 13.82 21.64 -57.89
CA ALA F 266 14.25 22.02 -56.54
C ALA F 266 13.56 21.25 -55.39
N ALA F 267 12.51 20.46 -55.66
CA ALA F 267 11.69 19.80 -54.63
C ALA F 267 12.50 18.98 -53.61
N ALA F 268 13.55 18.27 -54.06
CA ALA F 268 14.45 17.48 -53.23
C ALA F 268 15.31 18.30 -52.23
N ALA F 269 15.36 19.62 -52.38
CA ALA F 269 16.12 20.55 -51.53
C ALA F 269 15.23 21.59 -50.83
N ALA F 270 14.13 22.03 -51.46
CA ALA F 270 13.10 22.85 -50.81
C ALA F 270 12.47 22.16 -49.58
N ALA F 271 12.42 20.82 -49.58
CA ALA F 271 12.03 19.99 -48.44
C ALA F 271 12.87 20.24 -47.17
N ALA F 272 14.12 20.70 -47.28
CA ALA F 272 14.95 21.06 -46.13
C ALA F 272 14.38 22.21 -45.27
N ALA F 273 13.52 23.06 -45.86
CA ALA F 273 12.77 24.10 -45.16
C ALA F 273 11.29 23.74 -45.01
N ALA F 274 10.66 23.19 -46.05
CA ALA F 274 9.23 22.85 -46.09
C ALA F 274 8.83 21.60 -45.29
N ALA F 275 9.80 20.74 -44.95
CA ALA F 275 9.60 19.48 -44.22
C ALA F 275 10.73 19.28 -43.18
N ALA F 276 11.05 20.36 -42.45
CA ALA F 276 12.19 20.52 -41.53
C ALA F 276 12.25 19.59 -40.29
N ALA F 277 11.36 18.59 -40.17
CA ALA F 277 11.32 17.63 -39.05
C ALA F 277 10.85 16.24 -39.51
N ALA F 278 11.21 15.18 -38.76
CA ALA F 278 10.84 13.80 -39.05
C ALA F 278 9.32 13.55 -39.11
N ALA F 279 8.52 14.34 -38.37
CA ALA F 279 7.06 14.31 -38.46
C ALA F 279 6.54 14.70 -39.87
N ALA F 280 7.21 15.61 -40.57
CA ALA F 280 6.85 15.98 -41.94
C ALA F 280 7.22 14.88 -42.96
N ALA F 281 8.34 14.19 -42.74
CA ALA F 281 8.68 12.98 -43.52
C ALA F 281 7.65 11.84 -43.30
N ALA F 282 7.16 11.67 -42.07
CA ALA F 282 6.08 10.74 -41.75
C ALA F 282 4.73 11.14 -42.40
N ALA F 283 4.40 12.45 -42.41
CA ALA F 283 3.23 12.98 -43.12
C ALA F 283 3.30 12.77 -44.65
N ALA F 284 4.51 12.85 -45.22
CA ALA F 284 4.79 12.62 -46.64
C ALA F 284 4.89 11.13 -47.05
N ALA F 285 4.78 10.18 -46.11
CA ALA F 285 4.80 8.74 -46.38
C ALA F 285 3.64 8.27 -47.29
N ALA F 286 3.78 7.08 -47.87
CA ALA F 286 2.83 6.49 -48.81
C ALA F 286 1.39 6.39 -48.27
N GLY F 287 0.42 6.76 -49.09
CA GLY F 287 -1.03 6.69 -48.79
C GLY F 287 -1.89 7.31 -49.90
N ALA F 288 -3.20 7.05 -49.85
CA ALA F 288 -4.17 7.44 -50.89
C ALA F 288 -4.35 8.97 -51.09
N ALA F 289 -3.86 9.79 -50.16
CA ALA F 289 -3.97 11.26 -50.17
C ALA F 289 -2.63 11.97 -49.86
N ALA F 290 -1.49 11.26 -49.99
CA ALA F 290 -0.15 11.84 -49.86
C ALA F 290 0.15 12.92 -50.93
N ALA F 291 1.18 13.74 -50.69
CA ALA F 291 1.53 14.89 -51.53
C ALA F 291 3.01 14.91 -52.00
N ALA F 292 3.75 13.81 -51.77
CA ALA F 292 5.17 13.67 -52.15
C ALA F 292 5.41 13.52 -53.67
N ALA F 293 4.37 13.27 -54.47
CA ALA F 293 4.42 13.16 -55.93
C ALA F 293 4.76 14.50 -56.60
N THR F 294 6.05 14.79 -56.79
CA THR F 294 6.59 15.99 -57.46
C THR F 294 6.17 16.09 -58.95
N ALA F 295 4.93 16.53 -59.16
CA ALA F 295 4.25 16.62 -60.45
C ALA F 295 3.26 17.80 -60.46
N TRP F 296 2.75 18.16 -61.64
CA TRP F 296 1.79 19.25 -61.83
C TRP F 296 0.56 18.79 -62.62
N GLY F 297 -0.57 19.48 -62.47
CA GLY F 297 -1.85 19.13 -63.10
C GLY F 297 -3.02 19.95 -62.54
N ALA F 298 -4.25 19.55 -62.86
CA ALA F 298 -5.48 20.24 -62.43
C ALA F 298 -6.63 19.26 -62.03
N ALA F 299 -6.33 17.98 -61.86
CA ALA F 299 -7.31 16.93 -61.48
C ALA F 299 -6.71 15.79 -60.64
N ALA F 300 -5.45 15.42 -60.87
CA ALA F 300 -4.69 14.46 -60.05
C ALA F 300 -4.33 15.06 -58.66
N ALA F 301 -5.26 14.98 -57.71
CA ALA F 301 -5.21 15.67 -56.42
C ALA F 301 -3.93 15.42 -55.57
N ALA F 302 -3.29 14.26 -55.71
CA ALA F 302 -2.05 13.91 -55.01
C ALA F 302 -0.79 14.63 -55.55
N CYS F 303 -0.82 15.19 -56.75
CA CYS F 303 0.32 15.87 -57.37
C CYS F 303 0.67 17.19 -56.65
N ALA F 304 1.96 17.39 -56.36
CA ALA F 304 2.47 18.44 -55.48
C ALA F 304 2.26 19.89 -55.93
N LEU F 305 2.03 20.14 -57.22
CA LEU F 305 1.99 21.47 -57.85
C LEU F 305 0.73 21.64 -58.73
N ASN F 306 -0.45 21.67 -58.12
CA ASN F 306 -1.72 21.92 -58.83
C ASN F 306 -1.71 23.28 -59.55
N ILE F 307 -2.55 23.43 -60.58
CA ILE F 307 -2.94 24.73 -61.14
C ILE F 307 -4.26 25.15 -60.50
N ALA F 308 -4.28 26.32 -59.87
CA ALA F 308 -5.48 26.96 -59.33
C ALA F 308 -6.27 27.63 -60.48
N ALA F 309 -6.97 26.81 -61.27
CA ALA F 309 -7.86 27.27 -62.34
C ALA F 309 -9.00 28.17 -61.79
N ALA F 310 -9.35 29.21 -62.54
CA ALA F 310 -10.39 30.19 -62.19
C ALA F 310 -11.10 30.75 -63.43
N ALA F 311 -12.33 31.25 -63.26
CA ALA F 311 -13.10 31.90 -64.32
C ALA F 311 -12.53 33.27 -64.73
N ALA F 312 -12.04 34.05 -63.74
CA ALA F 312 -11.32 35.29 -63.97
C ALA F 312 -9.82 35.01 -64.20
N ALA F 313 -9.24 35.55 -65.28
CA ALA F 313 -7.82 35.38 -65.62
C ALA F 313 -6.89 35.86 -64.49
N LYS F 314 -7.25 36.94 -63.78
CA LYS F 314 -6.53 37.46 -62.60
C LYS F 314 -6.35 36.43 -61.47
N GLY F 315 -7.20 35.39 -61.41
CA GLY F 315 -7.17 34.32 -60.41
C GLY F 315 -6.46 33.04 -60.88
N ALA F 316 -5.97 32.96 -62.12
CA ALA F 316 -5.14 31.85 -62.60
C ALA F 316 -3.77 31.84 -61.88
N GLN F 317 -3.54 30.84 -61.03
CA GLN F 317 -2.38 30.73 -60.13
C GLN F 317 -1.93 29.27 -60.02
N ILE F 318 -0.92 28.96 -59.19
CA ILE F 318 -0.52 27.57 -58.88
C ILE F 318 -0.70 27.26 -57.39
N GLU F 319 -0.65 25.99 -57.00
CA GLU F 319 -0.97 25.47 -55.66
C GLU F 319 0.06 24.42 -55.23
N ASN F 320 0.90 24.78 -54.25
CA ASN F 320 2.05 23.98 -53.79
C ASN F 320 1.68 23.20 -52.51
N LYS F 321 2.12 21.94 -52.42
CA LYS F 321 1.71 20.98 -51.36
C LYS F 321 2.87 20.25 -50.67
N ALA F 322 4.11 20.46 -51.12
CA ALA F 322 5.32 19.72 -50.73
C ALA F 322 5.87 20.07 -49.31
N GLY F 323 5.02 20.32 -48.33
CA GLY F 323 5.44 20.71 -46.97
C GLY F 323 4.37 20.59 -45.88
N ALA F 324 4.83 20.75 -44.63
CA ALA F 324 4.00 20.69 -43.42
C ALA F 324 4.39 21.78 -42.39
N ALA F 325 3.47 22.05 -41.45
CA ALA F 325 3.52 23.21 -40.54
C ALA F 325 4.69 23.22 -39.53
N ALA F 326 5.48 22.14 -39.43
CA ALA F 326 6.77 22.12 -38.75
C ALA F 326 7.85 23.01 -39.42
N ALA F 327 7.62 23.46 -40.66
CA ALA F 327 8.51 24.32 -41.46
C ALA F 327 8.81 25.70 -40.84
N ASN F 328 9.82 26.39 -41.42
CA ASN F 328 10.15 27.80 -41.15
C ASN F 328 9.54 28.70 -42.26
N PRO F 329 8.48 29.48 -41.98
CA PRO F 329 7.77 30.28 -42.98
C PRO F 329 8.68 31.18 -43.85
N TYR F 330 9.55 31.99 -43.23
CA TYR F 330 10.43 32.89 -44.00
C TYR F 330 11.38 32.13 -44.95
N LEU F 331 11.93 31.00 -44.51
CA LEU F 331 12.86 30.21 -45.34
C LEU F 331 12.13 29.40 -46.42
N VAL F 332 10.89 28.94 -46.19
CA VAL F 332 10.02 28.37 -47.25
C VAL F 332 9.70 29.43 -48.31
N LEU F 333 9.26 30.62 -47.88
CA LEU F 333 8.96 31.76 -48.74
C LEU F 333 10.19 32.15 -49.59
N ALA F 334 11.40 32.10 -49.03
CA ALA F 334 12.65 32.31 -49.76
C ALA F 334 12.97 31.17 -50.75
N ALA F 335 12.98 29.91 -50.30
CA ALA F 335 13.45 28.76 -51.09
C ALA F 335 12.53 28.44 -52.29
N THR F 336 11.21 28.50 -52.11
CA THR F 336 10.24 28.24 -53.19
C THR F 336 10.35 29.29 -54.32
N VAL F 337 10.64 30.56 -53.95
CA VAL F 337 10.91 31.65 -54.89
C VAL F 337 12.27 31.49 -55.57
N ALA F 338 13.33 31.13 -54.84
CA ALA F 338 14.67 30.87 -55.41
C ALA F 338 14.67 29.81 -56.53
N ALA F 339 13.83 28.78 -56.41
CA ALA F 339 13.60 27.79 -57.46
C ALA F 339 12.96 28.40 -58.73
N GLY F 340 11.88 29.17 -58.57
CA GLY F 340 11.18 29.83 -59.67
C GLY F 340 12.04 30.88 -60.39
N LEU F 341 12.82 31.66 -59.63
CA LEU F 341 13.72 32.71 -60.12
C LEU F 341 14.81 32.24 -61.08
N ASP F 342 15.15 30.94 -61.11
CA ASP F 342 16.15 30.39 -62.05
C ASP F 342 15.55 29.41 -63.07
N GLY F 343 14.39 28.80 -62.80
CA GLY F 343 13.60 28.09 -63.82
C GLY F 343 13.30 28.95 -65.06
N ILE F 344 13.05 30.25 -64.85
CA ILE F 344 12.89 31.26 -65.92
C ILE F 344 14.19 31.66 -66.63
N GLN F 345 15.36 31.22 -66.15
CA GLN F 345 16.68 31.54 -66.71
C GLN F 345 17.36 30.32 -67.37
N SER F 346 17.14 29.12 -66.82
CA SER F 346 17.44 27.85 -67.50
C SER F 346 16.50 27.55 -68.68
N ALA F 347 15.34 28.22 -68.70
CA ALA F 347 14.21 27.98 -69.62
C ALA F 347 13.77 26.50 -69.68
N GLY F 348 13.91 25.76 -68.57
CA GLY F 348 13.42 24.39 -68.42
C GLY F 348 11.89 24.25 -68.56
N ALA F 349 11.41 23.01 -68.63
CA ALA F 349 10.00 22.68 -68.84
C ALA F 349 9.49 21.64 -67.83
N ALA F 350 8.22 21.77 -67.44
CA ALA F 350 7.58 20.96 -66.39
C ALA F 350 7.11 19.56 -66.87
N ALA F 351 7.41 19.17 -68.11
CA ALA F 351 6.80 18.05 -68.84
C ALA F 351 5.26 18.12 -68.91
N GLY F 352 4.60 17.09 -69.43
CA GLY F 352 3.13 17.03 -69.54
C GLY F 352 2.42 16.97 -68.18
N ALA F 353 1.20 17.52 -68.12
CA ALA F 353 0.36 17.51 -66.92
C ALA F 353 -0.10 16.09 -66.53
N ALA F 354 -0.16 15.82 -65.22
CA ALA F 354 -0.66 14.58 -64.65
C ALA F 354 -2.21 14.52 -64.67
N ALA F 355 -2.74 13.47 -65.30
CA ALA F 355 -4.18 13.15 -65.35
C ALA F 355 -4.48 11.63 -65.28
N ALA F 356 -3.45 10.81 -65.04
CA ALA F 356 -3.53 9.36 -64.87
C ALA F 356 -3.80 8.98 -63.39
N ASP F 357 -3.41 7.76 -62.97
CA ASP F 357 -3.39 7.33 -61.57
C ASP F 357 -2.54 8.26 -60.66
N ALA F 358 -2.76 8.19 -59.34
CA ALA F 358 -2.38 9.20 -58.35
C ALA F 358 -0.88 9.59 -58.27
N ALA F 359 0.05 8.73 -58.71
CA ALA F 359 1.50 9.03 -58.72
C ALA F 359 2.21 8.37 -59.93
N ALA F 360 3.21 9.11 -60.44
CA ALA F 360 4.03 8.96 -61.67
C ALA F 360 3.82 10.18 -62.59
N ALA F 361 4.57 10.26 -63.70
CA ALA F 361 4.45 11.26 -64.77
C ALA F 361 4.20 12.71 -64.29
N ALA F 362 5.20 13.45 -63.80
CA ALA F 362 6.64 13.19 -63.95
C ALA F 362 7.23 12.00 -63.14
N PRO F 363 7.13 11.95 -61.79
CA PRO F 363 8.11 11.31 -60.91
C PRO F 363 8.72 9.97 -61.35
N SER F 364 10.00 9.86 -61.75
CA SER F 364 11.07 10.85 -62.00
C SER F 364 11.35 11.92 -60.92
N GLU F 365 11.86 13.09 -61.33
CA GLU F 365 13.29 13.49 -61.30
C GLU F 365 14.19 12.49 -62.08
N ILE F 366 14.81 11.41 -61.58
CA ILE F 366 15.33 11.07 -60.25
C ILE F 366 16.49 10.07 -60.40
N PRO F 367 17.60 10.25 -59.66
CA PRO F 367 18.56 9.18 -59.39
C PRO F 367 18.51 8.76 -57.91
N GLY F 368 18.78 7.47 -57.62
CA GLY F 368 18.45 6.83 -56.34
C GLY F 368 19.59 6.76 -55.32
N LYS F 369 20.50 7.74 -55.29
CA LYS F 369 21.70 7.76 -54.42
C LYS F 369 21.98 9.15 -53.84
N MET F 370 22.56 9.19 -52.64
CA MET F 370 23.05 10.43 -52.00
C MET F 370 24.17 11.10 -52.81
N GLU F 371 25.05 10.31 -53.46
CA GLU F 371 26.10 10.83 -54.35
C GLU F 371 25.51 11.62 -55.53
N ASP F 372 24.40 11.16 -56.11
CA ASP F 372 23.70 11.86 -57.18
C ASP F 372 22.89 13.08 -56.69
N ALA F 373 22.33 13.02 -55.48
CA ALA F 373 21.71 14.20 -54.83
C ALA F 373 22.74 15.32 -54.59
N LEU F 374 23.95 14.96 -54.15
CA LEU F 374 25.09 15.88 -54.02
C LEU F 374 25.61 16.37 -55.39
N ALA F 375 25.64 15.51 -56.42
CA ALA F 375 25.97 15.92 -57.78
C ALA F 375 24.98 16.96 -58.33
N ALA F 376 23.67 16.78 -58.11
CA ALA F 376 22.65 17.77 -58.46
C ALA F 376 22.88 19.10 -57.72
N LEU F 377 23.13 19.07 -56.41
CA LEU F 377 23.48 20.24 -55.58
C LEU F 377 24.75 20.99 -56.06
N GLU F 378 25.58 20.39 -56.91
CA GLU F 378 26.82 20.96 -57.45
C GLU F 378 26.80 21.13 -58.99
N GLN F 379 25.64 20.96 -59.64
CA GLN F 379 25.41 21.18 -61.08
C GLN F 379 24.19 22.09 -61.34
N ASP F 380 23.16 22.02 -60.50
CA ASP F 380 22.07 23.00 -60.36
C ASP F 380 21.47 22.89 -58.94
N ALA F 381 21.97 23.60 -57.91
CA ALA F 381 23.05 24.60 -57.81
C ALA F 381 22.72 26.04 -58.26
N GLU F 382 21.58 26.29 -58.92
CA GLU F 382 21.15 27.64 -59.32
C GLU F 382 19.65 27.90 -59.03
N CYS F 383 18.79 26.89 -59.19
CA CYS F 383 17.47 26.82 -58.56
C CYS F 383 17.54 26.60 -57.03
N LEU F 384 18.73 26.33 -56.48
CA LEU F 384 18.97 25.94 -55.08
C LEU F 384 19.89 26.97 -54.40
N LYS F 385 19.57 27.34 -53.16
CA LYS F 385 20.38 28.19 -52.25
C LYS F 385 20.93 29.47 -52.91
N ALA F 386 20.14 30.09 -53.79
CA ALA F 386 20.55 31.19 -54.66
C ALA F 386 20.97 32.47 -53.88
N GLY F 387 22.18 32.96 -54.15
CA GLY F 387 22.73 34.20 -53.59
C GLY F 387 23.05 34.18 -52.08
N LEU F 388 23.54 35.32 -51.59
CA LEU F 388 24.04 35.58 -50.23
C LEU F 388 25.20 34.67 -49.75
N GLY F 389 25.78 35.09 -48.62
CA GLY F 389 26.30 34.23 -47.57
C GLY F 389 25.82 34.80 -46.21
N GLU F 390 25.91 34.16 -45.05
CA GLU F 390 26.64 32.97 -44.56
C GLU F 390 27.98 33.36 -43.91
N ALA F 391 28.54 34.52 -44.26
CA ALA F 391 29.68 35.15 -43.58
C ALA F 391 29.40 35.41 -42.09
N PHE F 392 28.19 35.90 -41.77
CA PHE F 392 27.71 36.08 -40.39
C PHE F 392 27.57 34.74 -39.64
N ILE F 393 27.03 33.72 -40.30
CA ILE F 393 26.87 32.37 -39.73
C ILE F 393 28.25 31.79 -39.38
N ARG F 394 29.18 31.72 -40.34
CA ARG F 394 30.53 31.16 -40.08
C ARG F 394 31.33 31.97 -39.05
N ALA F 395 31.18 33.29 -38.99
CA ALA F 395 31.81 34.12 -37.95
C ALA F 395 31.32 33.78 -36.54
N ALA F 396 30.00 33.69 -36.33
CA ALA F 396 29.42 33.33 -35.03
C ALA F 396 29.66 31.86 -34.65
N VAL F 397 29.49 30.94 -35.61
CA VAL F 397 29.73 29.50 -35.43
C VAL F 397 31.20 29.19 -35.17
N ALA F 398 32.16 29.92 -35.77
CA ALA F 398 33.59 29.76 -35.49
C ALA F 398 33.91 30.00 -34.00
N ALA F 399 33.33 31.03 -33.37
CA ALA F 399 33.52 31.29 -31.94
C ALA F 399 33.07 30.12 -31.05
N ALA F 400 31.91 29.51 -31.36
CA ALA F 400 31.42 28.30 -30.70
C ALA F 400 32.32 27.08 -30.99
N LYS F 401 32.71 26.87 -32.25
CA LYS F 401 33.60 25.79 -32.68
C LYS F 401 34.98 25.85 -32.00
N TYR F 402 35.58 27.02 -31.81
CA TYR F 402 36.85 27.14 -31.09
C TYR F 402 36.76 26.62 -29.64
N GLU F 403 35.70 26.95 -28.91
CA GLU F 403 35.46 26.42 -27.56
C GLU F 403 35.21 24.90 -27.57
N LEU F 404 34.37 24.41 -28.48
CA LEU F 404 34.06 22.99 -28.63
C LEU F 404 35.31 22.16 -29.01
N GLU F 405 36.10 22.62 -29.99
CA GLU F 405 37.35 21.97 -30.39
C GLU F 405 38.43 22.01 -29.31
N ASN F 406 38.51 23.06 -28.49
CA ASN F 406 39.41 23.10 -27.33
C ASN F 406 39.05 22.04 -26.27
N GLU F 407 37.77 21.84 -25.98
CA GLU F 407 37.32 20.75 -25.10
C GLU F 407 37.52 19.36 -25.74
N GLU F 408 37.17 19.19 -27.00
CA GLU F 408 37.30 17.92 -27.72
C GLU F 408 38.76 17.49 -27.94
N THR F 409 39.68 18.40 -28.27
CA THR F 409 41.10 18.04 -28.47
C THR F 409 41.80 17.63 -27.18
N ASP F 410 41.41 18.20 -26.02
CA ASP F 410 41.87 17.73 -24.71
C ASP F 410 41.31 16.35 -24.37
N ALA F 411 40.02 16.10 -24.65
CA ALA F 411 39.39 14.80 -24.48
C ALA F 411 40.03 13.72 -25.38
N GLU F 412 40.26 14.02 -26.67
CA GLU F 412 40.99 13.15 -27.60
C GLU F 412 42.42 12.88 -27.13
N GLY F 413 43.14 13.89 -26.63
CA GLY F 413 44.47 13.73 -26.02
C GLY F 413 44.49 12.70 -24.89
N ASN F 414 43.52 12.75 -23.97
CA ASN F 414 43.34 11.75 -22.93
C ASN F 414 42.98 10.36 -23.50
N LYS F 415 42.04 10.30 -24.45
CA LYS F 415 41.62 9.06 -25.12
C LYS F 415 42.78 8.35 -25.84
N PHE F 416 43.66 9.07 -26.54
CA PHE F 416 44.83 8.50 -27.19
C PHE F 416 45.78 7.82 -26.18
N LEU F 417 46.06 8.46 -25.05
CA LEU F 417 46.83 7.84 -23.95
C LEU F 417 46.15 6.58 -23.41
N GLU F 418 44.82 6.61 -23.21
CA GLU F 418 44.01 5.45 -22.83
C GLU F 418 43.94 4.33 -23.89
N TYR F 419 44.34 4.58 -25.14
CA TYR F 419 44.49 3.57 -26.19
C TYR F 419 45.92 3.03 -26.32
N PHE F 420 46.94 3.81 -25.94
CA PHE F 420 48.35 3.39 -25.99
C PHE F 420 48.79 2.48 -24.83
N ILE F 421 48.16 2.61 -23.65
CA ILE F 421 48.37 1.72 -22.47
C ILE F 421 48.01 0.25 -22.73
N SER G 1 15.54 -43.09 51.60
CA SER G 1 16.83 -43.75 51.29
C SER G 1 17.73 -42.82 50.48
N ALA G 2 18.77 -42.27 51.11
CA ALA G 2 19.82 -41.51 50.40
C ALA G 2 20.54 -42.40 49.36
N GLU G 3 20.78 -43.66 49.72
CA GLU G 3 21.42 -44.67 48.87
C GLU G 3 20.66 -44.88 47.56
N HIS G 4 19.33 -44.97 47.60
CA HIS G 4 18.48 -45.13 46.42
C HIS G 4 18.58 -43.92 45.46
N VAL G 5 18.55 -42.69 45.98
CA VAL G 5 18.72 -41.49 45.15
C VAL G 5 20.11 -41.46 44.50
N LEU G 6 21.17 -41.82 45.24
CA LEU G 6 22.52 -41.92 44.70
C LEU G 6 22.65 -43.01 43.61
N THR G 7 22.11 -44.22 43.81
CA THR G 7 22.16 -45.29 42.80
C THR G 7 21.31 -45.00 41.56
N MET G 8 20.20 -44.25 41.67
CA MET G 8 19.44 -43.78 40.49
C MET G 8 20.29 -42.95 39.51
N LEU G 9 21.25 -42.16 40.01
CA LEU G 9 22.16 -41.38 39.15
C LEU G 9 23.03 -42.28 38.25
N ASN G 10 23.44 -43.47 38.75
CA ASN G 10 24.15 -44.48 37.97
C ASN G 10 23.19 -45.32 37.09
N GLU G 11 22.06 -45.76 37.65
CA GLU G 11 21.07 -46.62 36.99
C GLU G 11 20.45 -45.98 35.72
N HIS G 12 20.34 -44.65 35.71
CA HIS G 12 19.79 -43.86 34.60
C HIS G 12 20.80 -42.87 33.99
N ALA G 13 22.09 -43.04 34.30
CA ALA G 13 23.23 -42.26 33.83
C ALA G 13 23.01 -40.71 33.84
N ALA G 14 22.35 -40.21 34.88
CA ALA G 14 21.95 -38.81 35.02
C ALA G 14 23.16 -37.85 35.01
N ALA G 15 23.22 -36.95 34.04
CA ALA G 15 24.24 -35.90 33.94
C ALA G 15 23.90 -34.68 34.83
N PHE G 16 22.61 -34.40 35.05
CA PHE G 16 22.10 -33.27 35.84
C PHE G 16 20.88 -33.68 36.67
N VAL G 17 20.55 -32.90 37.70
CA VAL G 17 19.38 -33.10 38.57
C VAL G 17 18.65 -31.77 38.77
N ARG G 18 17.31 -31.83 38.80
CA ARG G 18 16.39 -30.68 38.90
C ARG G 18 15.73 -30.64 40.28
N PHE G 19 16.00 -29.60 41.05
CA PHE G 19 15.26 -29.26 42.27
C PHE G 19 13.93 -28.59 41.90
N GLU G 20 12.85 -28.90 42.61
CA GLU G 20 11.50 -28.40 42.30
C GLU G 20 10.72 -27.96 43.55
N ALA G 21 9.95 -26.88 43.43
CA ALA G 21 9.12 -26.29 44.48
C ALA G 21 7.87 -25.61 43.87
N THR G 22 7.04 -24.97 44.70
CA THR G 22 5.80 -24.27 44.29
C THR G 22 5.64 -22.96 45.07
N ASP G 23 5.16 -21.91 44.41
CA ASP G 23 4.90 -20.59 45.02
C ASP G 23 3.53 -20.46 45.70
N ALA G 24 3.30 -19.34 46.40
CA ALA G 24 2.04 -19.07 47.10
C ALA G 24 0.83 -18.91 46.16
N ALA G 25 1.03 -18.46 44.91
CA ALA G 25 -0.04 -18.31 43.92
C ALA G 25 -0.55 -19.66 43.39
N GLY G 26 0.33 -20.65 43.22
CA GLY G 26 0.00 -22.04 42.86
C GLY G 26 0.79 -22.62 41.68
N ALA G 27 1.87 -21.96 41.23
CA ALA G 27 2.68 -22.41 40.11
C ALA G 27 3.98 -23.07 40.60
N SER G 28 4.35 -24.20 39.99
CA SER G 28 5.63 -24.86 40.21
C SER G 28 6.81 -24.05 39.62
N ARG G 29 7.98 -24.21 40.23
CA ARG G 29 9.26 -23.57 39.88
C ARG G 29 10.41 -24.56 40.06
N SER G 30 11.53 -24.37 39.37
CA SER G 30 12.66 -25.31 39.39
C SER G 30 14.02 -24.67 39.10
N LYS G 31 15.08 -25.37 39.51
CA LYS G 31 16.52 -25.05 39.29
C LYS G 31 17.30 -26.36 39.10
N SER G 32 18.52 -26.31 38.56
CA SER G 32 19.31 -27.53 38.29
C SER G 32 20.83 -27.34 38.35
N ILE G 33 21.52 -28.45 38.59
CA ILE G 33 23.00 -28.57 38.67
C ILE G 33 23.47 -29.93 38.12
N PRO G 34 24.76 -30.10 37.75
CA PRO G 34 25.35 -31.40 37.47
C PRO G 34 25.16 -32.41 38.61
N ALA G 35 24.97 -33.69 38.28
CA ALA G 35 24.79 -34.76 39.26
C ALA G 35 26.02 -35.00 40.17
N GLN G 36 27.22 -34.58 39.73
CA GLN G 36 28.49 -34.73 40.44
C GLN G 36 28.54 -34.03 41.82
N PHE G 37 27.70 -33.03 42.06
CA PHE G 37 27.62 -32.29 43.32
C PHE G 37 26.94 -33.06 44.48
N PHE G 38 26.23 -34.16 44.20
CA PHE G 38 25.46 -34.90 45.20
C PHE G 38 26.37 -35.71 46.15
N GLU G 39 26.32 -35.36 47.44
CA GLU G 39 27.15 -35.93 48.53
C GLU G 39 26.37 -35.98 49.86
N LYS G 40 26.91 -36.66 50.88
CA LYS G 40 26.24 -36.87 52.19
C LYS G 40 25.77 -35.60 52.91
N VAL G 41 26.45 -34.47 52.69
CA VAL G 41 26.17 -33.19 53.37
C VAL G 41 24.81 -32.61 52.99
N ILE G 42 24.46 -32.61 51.69
CA ILE G 42 23.20 -32.01 51.20
C ILE G 42 21.96 -32.78 51.69
N HIS G 43 22.10 -34.06 52.05
CA HIS G 43 21.06 -34.88 52.67
C HIS G 43 20.71 -34.48 54.11
N ALA G 44 21.50 -33.59 54.72
CA ALA G 44 21.31 -33.08 56.08
C ALA G 44 21.30 -31.53 56.19
N ARG G 45 21.77 -30.82 55.15
CA ARG G 45 21.89 -29.34 55.14
C ARG G 45 21.26 -28.66 53.91
N GLY G 46 20.73 -29.42 52.94
CA GLY G 46 20.14 -28.89 51.72
C GLY G 46 21.09 -28.03 50.88
N TYR G 47 20.54 -27.05 50.16
CA TYR G 47 21.27 -26.07 49.36
C TYR G 47 20.94 -24.64 49.79
N LEU G 48 21.95 -23.92 50.30
CA LEU G 48 21.89 -22.50 50.59
C LEU G 48 21.82 -21.66 49.29
N GLU G 49 20.95 -20.66 49.28
CA GLU G 49 20.80 -19.67 48.19
C GLU G 49 20.48 -18.27 48.72
N ASP G 50 20.78 -17.25 47.91
CA ASP G 50 20.30 -15.87 48.11
C ASP G 50 18.79 -15.77 47.82
N GLY G 51 18.00 -15.46 48.86
CA GLY G 51 16.55 -15.31 48.76
C GLY G 51 16.07 -13.94 48.24
N GLU G 52 16.93 -12.92 48.11
CA GLU G 52 16.54 -11.59 47.60
C GLU G 52 16.01 -11.62 46.15
N VAL G 53 16.27 -12.70 45.40
CA VAL G 53 15.70 -12.99 44.08
C VAL G 53 14.17 -13.11 44.11
N ASN G 54 13.56 -13.34 45.29
CA ASN G 54 12.11 -13.45 45.49
C ASN G 54 11.64 -12.47 46.59
N ALA G 55 10.73 -11.56 46.23
CA ALA G 55 10.26 -10.42 47.05
C ALA G 55 9.47 -10.76 48.34
N GLY G 56 9.46 -12.04 48.76
CA GLY G 56 8.75 -12.53 49.94
C GLY G 56 9.39 -13.77 50.60
N ALA G 57 10.71 -13.96 50.43
CA ALA G 57 11.44 -15.13 50.94
C ALA G 57 12.71 -14.79 51.77
N ALA G 58 13.24 -13.58 51.70
CA ALA G 58 14.40 -13.12 52.50
C ALA G 58 14.45 -11.58 52.60
N GLY G 59 15.53 -11.06 53.20
CA GLY G 59 15.88 -9.63 53.24
C GLY G 59 17.40 -9.42 53.17
N ALA G 60 17.83 -8.18 52.95
CA ALA G 60 19.23 -7.85 52.64
C ALA G 60 20.25 -8.22 53.73
N ALA G 61 19.84 -8.21 55.00
CA ALA G 61 20.66 -8.62 56.15
C ALA G 61 20.60 -10.14 56.45
N ALA G 62 19.83 -10.91 55.66
CA ALA G 62 19.53 -12.32 55.86
C ALA G 62 19.46 -13.07 54.50
N SER G 63 20.35 -12.71 53.57
CA SER G 63 20.49 -13.22 52.19
C SER G 63 20.95 -14.68 52.07
N ASP G 64 20.51 -15.56 52.96
CA ASP G 64 20.80 -16.99 53.01
C ASP G 64 19.56 -17.78 53.49
N ILE G 65 18.97 -18.57 52.59
CA ILE G 65 17.85 -19.51 52.86
C ILE G 65 18.13 -20.86 52.20
N VAL G 66 17.38 -21.91 52.58
CA VAL G 66 17.70 -23.31 52.25
C VAL G 66 16.57 -23.97 51.44
N LEU G 67 16.89 -24.49 50.27
CA LEU G 67 16.10 -25.54 49.61
C LEU G 67 16.49 -26.91 50.18
N MET G 68 15.50 -27.75 50.49
CA MET G 68 15.70 -29.04 51.15
C MET G 68 15.09 -30.17 50.31
N PRO G 69 15.86 -30.79 49.39
CA PRO G 69 15.41 -31.95 48.61
C PRO G 69 15.15 -33.17 49.50
N GLU G 70 14.36 -34.12 48.99
CA GLU G 70 13.98 -35.33 49.73
C GLU G 70 14.35 -36.63 48.99
N LEU G 71 14.32 -37.74 49.74
CA LEU G 71 15.05 -38.97 49.42
C LEU G 71 14.11 -40.20 49.34
N SER G 72 12.86 -39.92 48.98
CA SER G 72 11.78 -40.88 48.70
C SER G 72 10.88 -40.44 47.52
N THR G 73 11.30 -39.38 46.80
CA THR G 73 10.48 -38.62 45.83
C THR G 73 11.16 -38.41 44.47
N ALA G 74 12.41 -38.87 44.31
CA ALA G 74 13.17 -38.74 43.07
C ALA G 74 12.54 -39.51 41.89
N ALA G 75 12.67 -38.97 40.68
CA ALA G 75 12.21 -39.57 39.42
C ALA G 75 13.10 -39.17 38.23
N VAL G 76 13.10 -39.97 37.16
CA VAL G 76 13.76 -39.63 35.88
C VAL G 76 12.95 -38.52 35.17
N ALA G 77 13.61 -37.45 34.74
CA ALA G 77 13.00 -36.32 34.04
C ALA G 77 12.83 -36.61 32.52
N ALA G 78 12.14 -37.70 32.19
CA ALA G 78 12.11 -38.33 30.86
C ALA G 78 11.69 -37.41 29.68
N ALA G 79 10.98 -36.30 29.94
CA ALA G 79 10.64 -35.29 28.93
C ALA G 79 11.84 -34.44 28.45
N ALA G 80 12.97 -34.44 29.16
CA ALA G 80 14.17 -33.67 28.82
C ALA G 80 14.90 -34.18 27.57
N ALA G 81 15.74 -33.32 26.98
CA ALA G 81 16.60 -33.64 25.82
C ALA G 81 17.88 -34.44 26.18
N ALA G 82 18.10 -34.75 27.46
CA ALA G 82 19.28 -35.46 27.98
C ALA G 82 18.89 -36.38 29.17
N ALA G 83 19.82 -37.27 29.55
CA ALA G 83 19.69 -38.12 30.75
C ALA G 83 19.77 -37.27 32.03
N THR G 84 18.63 -37.02 32.68
CA THR G 84 18.53 -36.20 33.90
C THR G 84 17.44 -36.71 34.85
N ALA G 85 17.44 -36.22 36.09
CA ALA G 85 16.48 -36.57 37.13
C ALA G 85 15.86 -35.33 37.78
N ALA G 86 14.79 -35.52 38.55
CA ALA G 86 14.07 -34.44 39.25
C ALA G 86 13.67 -34.87 40.67
N VAL G 87 13.69 -33.90 41.60
CA VAL G 87 13.49 -34.08 43.05
C VAL G 87 12.75 -32.86 43.60
N ILE G 88 11.53 -33.07 44.13
CA ILE G 88 10.80 -32.03 44.87
C ILE G 88 11.44 -31.74 46.23
N CYS G 89 11.29 -30.50 46.69
CA CYS G 89 11.92 -29.95 47.89
C CYS G 89 10.88 -29.30 48.82
N ASP G 90 11.19 -29.27 50.12
CA ASP G 90 10.68 -28.25 51.03
C ASP G 90 11.61 -27.03 51.02
N GLY G 91 11.21 -25.92 51.65
CA GLY G 91 12.03 -24.72 51.82
C GLY G 91 12.06 -24.29 53.29
N GLY G 92 13.20 -23.74 53.74
CA GLY G 92 13.47 -23.50 55.16
C GLY G 92 14.58 -22.50 55.47
N ALA G 93 14.70 -22.19 56.76
CA ALA G 93 15.72 -21.42 57.45
C ALA G 93 15.48 -21.30 58.99
N ALA G 94 14.29 -21.18 59.59
CA ALA G 94 12.91 -20.99 59.07
C ALA G 94 12.27 -22.27 58.45
N ALA G 95 11.12 -22.30 57.73
CA ALA G 95 10.32 -21.24 57.12
C ALA G 95 8.81 -21.57 57.16
N ALA G 96 7.98 -20.62 56.70
CA ALA G 96 6.52 -20.71 56.76
C ALA G 96 5.80 -19.96 55.61
N ALA G 97 6.39 -20.00 54.40
CA ALA G 97 5.75 -19.58 53.15
C ALA G 97 5.79 -20.67 52.06
N SER G 98 6.61 -21.70 52.24
CA SER G 98 6.68 -22.93 51.44
C SER G 98 5.37 -23.74 51.55
N PRO G 99 4.51 -23.76 50.51
CA PRO G 99 3.16 -24.35 50.59
C PRO G 99 3.14 -25.82 51.05
N ARG G 100 4.12 -26.62 50.60
CA ARG G 100 4.26 -28.04 50.96
C ARG G 100 4.53 -28.25 52.46
N TYR G 101 5.36 -27.41 53.07
CA TYR G 101 5.62 -27.43 54.51
C TYR G 101 4.40 -26.97 55.33
N ILE G 102 3.65 -25.98 54.82
CA ILE G 102 2.37 -25.54 55.39
C ILE G 102 1.33 -26.69 55.35
N ALA G 103 1.22 -27.42 54.22
CA ALA G 103 0.34 -28.58 54.10
C ALA G 103 0.70 -29.72 55.06
N ARG G 104 1.99 -29.99 55.26
CA ARG G 104 2.50 -30.98 56.24
C ARG G 104 2.10 -30.68 57.68
N ALA G 105 1.93 -29.41 58.07
CA ALA G 105 1.42 -29.05 59.39
C ALA G 105 -0.03 -29.54 59.64
N ALA G 106 -0.90 -29.54 58.63
CA ALA G 106 -2.25 -30.09 58.74
C ALA G 106 -2.23 -31.62 58.96
N LEU G 107 -1.32 -32.34 58.29
CA LEU G 107 -1.10 -33.78 58.50
C LEU G 107 -0.58 -34.09 59.92
N ALA G 108 0.35 -33.27 60.42
CA ALA G 108 0.85 -33.38 61.78
C ALA G 108 -0.25 -33.11 62.82
N GLN G 109 -1.09 -32.09 62.62
CA GLN G 109 -2.23 -31.76 63.49
C GLN G 109 -3.30 -32.87 63.52
N LEU G 110 -3.62 -33.48 62.38
CA LEU G 110 -4.52 -34.64 62.27
C LEU G 110 -4.08 -35.80 63.18
N GLN G 111 -2.77 -36.12 63.16
CA GLN G 111 -2.19 -37.17 64.00
C GLN G 111 -2.09 -36.75 65.49
N ALA G 112 -1.63 -35.52 65.77
CA ALA G 112 -1.45 -35.00 67.12
C ALA G 112 -2.75 -34.84 67.91
N ALA G 113 -3.87 -34.50 67.24
CA ALA G 113 -5.21 -34.47 67.82
C ALA G 113 -5.77 -35.86 68.18
N GLY G 114 -5.18 -36.94 67.66
CA GLY G 114 -5.62 -38.32 67.85
C GLY G 114 -6.94 -38.69 67.14
N ALA G 115 -7.47 -37.79 66.31
CA ALA G 115 -8.73 -38.00 65.57
C ALA G 115 -8.64 -39.15 64.54
N ALA G 116 -7.47 -39.30 63.91
CA ALA G 116 -7.14 -40.35 62.94
C ALA G 116 -5.61 -40.48 62.81
N ALA G 117 -5.11 -41.20 61.79
CA ALA G 117 -3.68 -41.36 61.51
C ALA G 117 -3.27 -40.94 60.08
N GLY G 118 -4.21 -40.82 59.15
CA GLY G 118 -3.97 -40.34 57.79
C GLY G 118 -5.24 -39.91 57.05
N LEU G 119 -5.05 -39.40 55.83
CA LEU G 119 -6.08 -38.84 54.95
C LEU G 119 -5.96 -39.44 53.54
N LEU G 120 -7.10 -39.79 52.94
CA LEU G 120 -7.20 -40.77 51.84
C LEU G 120 -7.84 -40.16 50.57
N SER G 121 -7.69 -38.85 50.39
CA SER G 121 -8.26 -38.07 49.27
C SER G 121 -7.65 -38.36 47.89
N ALA G 122 -8.35 -37.91 46.83
CA ALA G 122 -7.91 -37.92 45.43
C ALA G 122 -8.64 -36.82 44.63
N PHE G 123 -8.18 -36.51 43.41
CA PHE G 123 -8.70 -35.41 42.57
C PHE G 123 -9.03 -35.88 41.14
N ILE G 124 -9.95 -35.16 40.49
CA ILE G 124 -10.45 -35.42 39.12
C ILE G 124 -10.48 -34.13 38.27
N ALA G 125 -9.57 -33.19 38.57
CA ALA G 125 -9.51 -31.87 37.95
C ALA G 125 -9.47 -31.87 36.40
N ASP G 126 -10.17 -30.93 35.81
CA ASP G 126 -10.22 -30.68 34.36
C ASP G 126 -9.13 -29.70 33.91
N PHE G 127 -8.91 -29.62 32.59
CA PHE G 127 -7.94 -28.74 31.93
C PHE G 127 -8.44 -28.36 30.52
N CYS G 128 -7.74 -27.44 29.86
CA CYS G 128 -8.04 -26.94 28.51
C CYS G 128 -6.82 -27.10 27.60
N ILE G 129 -7.03 -27.15 26.28
CA ILE G 129 -5.98 -27.30 25.26
C ILE G 129 -6.26 -26.40 24.04
N PHE G 130 -5.18 -25.85 23.46
CA PHE G 130 -5.23 -24.85 22.39
C PHE G 130 -4.06 -24.99 21.41
N GLY G 131 -4.16 -24.32 20.26
CA GLY G 131 -3.11 -24.26 19.23
C GLY G 131 -2.53 -22.85 19.04
N VAL G 132 -3.36 -21.80 19.10
CA VAL G 132 -2.95 -20.38 18.94
C VAL G 132 -3.73 -19.45 19.88
N PRO G 133 -3.40 -19.40 21.19
CA PRO G 133 -3.86 -18.34 22.09
C PRO G 133 -3.16 -17.01 21.80
N GLU G 134 -3.88 -15.90 21.97
CA GLU G 134 -3.39 -14.52 21.83
C GLU G 134 -4.09 -13.62 22.86
N VAL G 135 -3.36 -13.10 23.86
CA VAL G 135 -3.93 -12.31 24.96
C VAL G 135 -3.01 -11.13 25.28
N ILE G 136 -3.47 -9.90 25.03
CA ILE G 136 -2.71 -8.66 25.27
C ILE G 136 -3.60 -7.52 25.79
N ASN G 137 -2.96 -6.54 26.45
CA ASN G 137 -3.56 -5.34 27.01
C ASN G 137 -2.61 -4.13 26.85
N SER G 138 -3.18 -2.93 26.71
CA SER G 138 -2.44 -1.66 26.56
C SER G 138 -3.26 -0.47 27.09
N LYS G 139 -2.72 0.75 26.94
CA LYS G 139 -3.43 2.02 27.17
C LYS G 139 -4.59 2.29 26.19
N THR G 140 -4.76 1.48 25.14
CA THR G 140 -5.71 1.72 24.03
C THR G 140 -6.58 0.52 23.65
N ILE G 141 -6.22 -0.72 24.01
CA ILE G 141 -7.02 -1.93 23.76
C ILE G 141 -6.78 -3.03 24.81
N SER G 142 -7.71 -3.97 24.92
CA SER G 142 -7.63 -5.15 25.81
C SER G 142 -8.48 -6.30 25.24
N PHE G 143 -7.87 -7.45 24.95
CA PHE G 143 -8.58 -8.62 24.42
C PHE G 143 -7.85 -9.96 24.67
N PRO G 144 -8.59 -11.02 25.06
CA PRO G 144 -8.18 -12.41 24.88
C PRO G 144 -8.73 -13.01 23.57
N ALA G 145 -8.05 -14.04 23.06
CA ALA G 145 -8.49 -14.91 21.97
C ALA G 145 -7.77 -16.28 22.04
N SER G 146 -8.38 -17.32 21.48
CA SER G 146 -7.81 -18.68 21.39
C SER G 146 -8.54 -19.54 20.35
N THR G 147 -7.94 -20.67 19.96
CA THR G 147 -8.53 -21.66 19.03
C THR G 147 -7.88 -23.05 19.19
N THR G 148 -8.59 -24.09 18.72
CA THR G 148 -8.13 -25.49 18.67
C THR G 148 -8.88 -26.25 17.56
N ALA G 149 -8.28 -27.32 17.03
CA ALA G 149 -8.85 -28.13 15.93
C ALA G 149 -10.26 -28.70 16.23
N ALA G 150 -10.57 -28.93 17.52
CA ALA G 150 -11.88 -29.42 17.97
C ALA G 150 -12.96 -28.32 18.12
N ALA G 151 -12.61 -27.03 18.07
CA ALA G 151 -13.51 -25.94 18.40
C ALA G 151 -14.68 -25.79 17.41
N ALA G 152 -15.88 -25.52 17.94
CA ALA G 152 -17.13 -25.33 17.18
C ALA G 152 -17.10 -24.14 16.18
N ASP G 153 -16.11 -23.24 16.29
CA ASP G 153 -15.90 -22.11 15.39
C ASP G 153 -15.12 -22.46 14.10
N GLN G 154 -14.30 -23.52 14.11
CA GLN G 154 -13.45 -23.89 12.97
C GLN G 154 -14.14 -24.50 11.72
N PRO G 155 -15.29 -25.22 11.76
CA PRO G 155 -15.81 -25.92 10.59
C PRO G 155 -16.33 -25.00 9.46
N GLN G 156 -16.48 -23.69 9.73
CA GLN G 156 -16.79 -22.67 8.72
C GLN G 156 -15.55 -22.05 8.05
N GLU G 157 -14.33 -22.40 8.48
CA GLU G 157 -13.07 -21.83 7.98
C GLU G 157 -12.34 -22.75 6.99
N ALA G 158 -11.53 -22.16 6.10
CA ALA G 158 -10.64 -22.88 5.19
C ALA G 158 -9.39 -23.46 5.91
N ALA G 159 -8.71 -24.41 5.27
CA ALA G 159 -7.43 -25.00 5.70
C ALA G 159 -6.61 -25.50 4.49
N ALA G 160 -5.32 -25.78 4.72
CA ALA G 160 -4.36 -26.17 3.67
C ALA G 160 -4.70 -27.43 2.85
N GLY G 161 -5.63 -28.27 3.34
CA GLY G 161 -6.20 -29.44 2.65
C GLY G 161 -7.72 -29.56 2.82
N GLY G 162 -8.40 -28.44 3.09
CA GLY G 162 -9.82 -28.39 3.44
C GLY G 162 -10.11 -28.76 4.90
N ALA G 163 -11.29 -28.36 5.41
CA ALA G 163 -11.74 -28.65 6.77
C ALA G 163 -12.04 -30.15 6.98
N ALA G 164 -11.82 -30.66 8.20
CA ALA G 164 -12.09 -32.05 8.58
C ALA G 164 -13.60 -32.38 8.75
N GLY G 165 -14.44 -31.36 8.97
CA GLY G 165 -15.89 -31.51 9.18
C GLY G 165 -16.28 -32.34 10.42
N ALA G 166 -15.43 -32.34 11.46
CA ALA G 166 -15.49 -33.26 12.61
C ALA G 166 -15.29 -32.56 13.98
N ALA G 167 -15.44 -31.23 14.04
CA ALA G 167 -15.36 -30.44 15.28
C ALA G 167 -16.45 -30.84 16.31
N ALA G 168 -16.19 -30.54 17.59
CA ALA G 168 -17.17 -30.64 18.68
C ALA G 168 -18.22 -29.50 18.63
N GLY G 169 -19.17 -29.52 19.57
CA GLY G 169 -20.17 -28.46 19.76
C GLY G 169 -20.08 -27.81 21.15
N ALA G 170 -20.78 -26.69 21.33
CA ALA G 170 -20.89 -26.00 22.63
C ALA G 170 -21.51 -26.93 23.69
N ALA G 171 -20.82 -27.12 24.82
CA ALA G 171 -21.12 -28.13 25.84
C ALA G 171 -21.37 -29.56 25.27
N GLY G 172 -20.67 -29.91 24.18
CA GLY G 172 -20.90 -31.10 23.35
C GLY G 172 -19.61 -31.66 22.76
N GLY G 173 -18.62 -31.94 23.60
CA GLY G 173 -17.30 -32.47 23.25
C GLY G 173 -16.74 -33.50 24.24
N ALA G 174 -17.62 -34.21 24.96
CA ALA G 174 -17.33 -35.19 26.01
C ALA G 174 -16.79 -36.55 25.49
N ALA G 175 -15.78 -36.52 24.59
CA ALA G 175 -15.25 -37.66 23.85
C ALA G 175 -13.71 -37.83 23.95
N ALA G 176 -13.05 -37.03 24.80
CA ALA G 176 -11.60 -37.11 25.04
C ALA G 176 -11.17 -38.43 25.72
N ALA G 177 -9.90 -38.82 25.50
CA ALA G 177 -9.26 -39.98 26.11
C ALA G 177 -8.79 -39.73 27.57
N GLY G 178 -8.22 -40.76 28.20
CA GLY G 178 -7.62 -40.73 29.54
C GLY G 178 -6.55 -41.82 29.74
N ALA G 179 -5.75 -41.82 30.80
CA ALA G 179 -5.75 -40.89 31.96
C ALA G 179 -4.96 -39.58 31.73
N ALA G 180 -4.62 -39.27 30.47
CA ALA G 180 -4.02 -38.00 30.01
C ALA G 180 -2.61 -37.62 30.53
N GLU G 181 -1.61 -38.49 30.73
CA GLU G 181 -1.51 -39.97 30.70
C GLU G 181 -0.23 -40.38 31.46
N ILE G 182 0.93 -39.93 30.97
CA ILE G 182 2.26 -40.46 31.35
C ILE G 182 2.83 -39.88 32.65
N CYS G 183 2.11 -38.96 33.31
CA CYS G 183 2.44 -38.44 34.65
C CYS G 183 1.56 -39.07 35.75
N PHE G 184 0.91 -40.20 35.45
CA PHE G 184 0.14 -41.00 36.43
C PHE G 184 0.19 -42.50 36.14
N LEU G 185 0.03 -42.92 34.87
CA LEU G 185 -0.03 -44.32 34.45
C LEU G 185 1.26 -45.14 34.68
N PRO G 186 2.46 -44.73 34.19
CA PRO G 186 3.69 -45.52 34.37
C PRO G 186 4.20 -45.53 35.82
N GLU G 187 3.83 -44.51 36.61
CA GLU G 187 4.10 -44.44 38.05
C GLU G 187 3.06 -45.19 38.90
N ALA G 188 1.92 -45.59 38.31
CA ALA G 188 0.70 -46.06 38.99
C ALA G 188 0.36 -45.21 40.25
N ALA G 189 0.49 -43.89 40.13
CA ALA G 189 0.75 -42.98 41.25
C ALA G 189 -0.27 -43.05 42.41
N GLY G 190 -1.57 -43.02 42.11
CA GLY G 190 -2.70 -43.27 43.01
C GLY G 190 -2.98 -42.24 44.12
N ALA G 191 -1.94 -41.74 44.80
CA ALA G 191 -2.03 -40.87 45.97
C ALA G 191 -2.58 -39.45 45.69
N ALA G 192 -2.92 -38.72 46.76
CA ALA G 192 -3.54 -37.40 46.74
C ALA G 192 -2.76 -36.31 45.97
N ALA G 193 -3.48 -35.29 45.51
CA ALA G 193 -2.97 -34.15 44.74
C ALA G 193 -2.18 -33.11 45.56
N ALA G 194 -1.44 -33.53 46.58
CA ALA G 194 -0.36 -32.72 47.16
C ALA G 194 0.84 -32.73 46.20
N ASP G 195 1.74 -33.72 46.34
CA ASP G 195 2.95 -33.84 45.50
C ASP G 195 2.60 -34.17 44.03
N ASN G 196 1.54 -34.95 43.79
CA ASN G 196 1.16 -35.45 42.45
C ASN G 196 0.56 -34.38 41.52
N ALA G 197 0.09 -33.24 42.03
CA ALA G 197 -0.53 -32.20 41.20
C ALA G 197 0.45 -31.56 40.19
N PHE G 198 1.72 -31.42 40.56
CA PHE G 198 2.67 -30.61 39.79
C PHE G 198 3.33 -31.38 38.64
N THR G 199 3.53 -32.69 38.79
CA THR G 199 3.89 -33.58 37.66
C THR G 199 2.78 -33.63 36.60
N LEU G 200 1.50 -33.59 37.01
CA LEU G 200 0.36 -33.47 36.10
C LEU G 200 0.31 -32.08 35.42
N ARG G 201 0.41 -30.99 36.18
CA ARG G 201 0.37 -29.60 35.65
C ARG G 201 1.50 -29.29 34.66
N THR G 202 2.73 -29.77 34.90
CA THR G 202 3.82 -29.64 33.92
C THR G 202 3.69 -30.65 32.77
N GLY G 203 3.26 -31.88 33.07
CA GLY G 203 3.10 -32.97 32.08
C GLY G 203 2.10 -32.65 30.97
N LEU G 204 0.93 -32.12 31.32
CA LEU G 204 -0.10 -31.70 30.35
C LEU G 204 0.45 -30.68 29.33
N GLN G 205 1.22 -29.69 29.81
CA GLN G 205 1.87 -28.69 28.96
C GLN G 205 2.99 -29.31 28.11
N GLU G 206 3.90 -30.06 28.72
CA GLU G 206 5.08 -30.64 28.05
C GLU G 206 4.69 -31.64 26.95
N VAL G 207 3.69 -32.50 27.20
CA VAL G 207 3.15 -33.44 26.20
C VAL G 207 2.44 -32.69 25.07
N ALA G 208 1.64 -31.66 25.36
CA ALA G 208 1.01 -30.82 24.33
C ALA G 208 2.05 -30.12 23.44
N ARG G 209 3.11 -29.54 24.02
CA ARG G 209 4.21 -28.89 23.28
C ARG G 209 4.94 -29.85 22.34
N ARG G 210 5.13 -31.10 22.78
CA ARG G 210 5.70 -32.21 21.97
C ARG G 210 4.73 -32.77 20.90
N TYR G 211 3.50 -32.26 20.85
CA TYR G 211 2.50 -32.49 19.78
C TYR G 211 2.04 -31.18 19.11
N ASN G 212 2.90 -30.14 19.11
CA ASN G 212 2.69 -28.84 18.46
C ASN G 212 1.43 -28.07 18.94
N ALA G 213 1.08 -28.23 20.21
CA ALA G 213 -0.06 -27.60 20.89
C ALA G 213 0.36 -27.07 22.28
N ILE G 214 -0.60 -26.56 23.06
CA ILE G 214 -0.41 -26.12 24.46
C ILE G 214 -1.61 -26.51 25.32
N ALA G 215 -1.42 -26.50 26.64
CA ALA G 215 -2.46 -26.82 27.64
C ALA G 215 -2.48 -25.77 28.76
N SER G 216 -3.63 -25.63 29.43
CA SER G 216 -3.83 -24.64 30.50
C SER G 216 -4.87 -25.09 31.54
N ALA G 217 -4.96 -24.34 32.64
CA ALA G 217 -5.80 -24.60 33.81
C ALA G 217 -6.78 -23.45 34.11
N ALA G 218 -6.99 -22.55 33.12
CA ALA G 218 -7.90 -21.41 33.22
C ALA G 218 -9.36 -21.88 33.45
N ALA G 219 -9.89 -21.57 34.63
CA ALA G 219 -11.19 -22.04 35.13
C ALA G 219 -12.40 -21.71 34.22
N ALA G 220 -12.31 -20.64 33.43
CA ALA G 220 -13.36 -20.15 32.52
C ALA G 220 -12.75 -19.70 31.17
N ALA G 221 -11.90 -20.56 30.58
CA ALA G 221 -11.11 -20.29 29.37
C ALA G 221 -11.93 -19.80 28.14
N ALA G 222 -13.22 -20.12 28.07
CA ALA G 222 -14.16 -19.63 27.06
C ALA G 222 -15.58 -19.48 27.64
N ALA G 223 -16.34 -18.51 27.12
CA ALA G 223 -17.75 -18.29 27.45
C ALA G 223 -18.69 -19.36 26.83
N ALA G 224 -19.93 -19.44 27.33
CA ALA G 224 -20.99 -20.34 26.86
C ALA G 224 -20.60 -21.83 26.74
N ALA G 225 -19.65 -22.29 27.57
CA ALA G 225 -19.08 -23.64 27.55
C ALA G 225 -18.61 -24.10 28.95
N ALA G 226 -18.19 -25.35 29.07
CA ALA G 226 -17.52 -25.90 30.26
C ALA G 226 -16.16 -25.23 30.55
N GLY G 227 -15.56 -25.55 31.71
CA GLY G 227 -14.29 -24.98 32.16
C GLY G 227 -13.49 -25.88 33.12
N ALA G 228 -12.26 -25.48 33.43
CA ALA G 228 -11.28 -26.25 34.20
C ALA G 228 -11.58 -26.29 35.73
N GLY G 229 -12.64 -26.98 36.15
CA GLY G 229 -12.91 -27.28 37.56
C GLY G 229 -11.84 -28.16 38.22
N SER G 230 -11.81 -28.22 39.56
CA SER G 230 -10.84 -29.01 40.35
C SER G 230 -11.49 -29.87 41.42
N HIS G 231 -12.63 -30.49 41.07
CA HIS G 231 -13.39 -31.39 41.94
C HIS G 231 -12.52 -32.54 42.48
N SER G 232 -12.87 -33.03 43.67
CA SER G 232 -12.08 -34.01 44.43
C SER G 232 -12.96 -34.91 45.30
N ILE G 233 -12.36 -35.96 45.86
CA ILE G 233 -12.98 -36.88 46.82
C ILE G 233 -12.11 -36.98 48.07
N TRP G 234 -12.75 -37.11 49.23
CA TRP G 234 -12.13 -36.92 50.55
C TRP G 234 -12.55 -37.96 51.56
N ASP G 235 -11.59 -38.37 52.39
CA ASP G 235 -11.69 -39.49 53.31
C ASP G 235 -10.58 -39.43 54.38
N VAL G 236 -10.79 -40.16 55.47
CA VAL G 236 -10.00 -40.14 56.71
C VAL G 236 -9.82 -41.58 57.19
N GLY G 237 -8.69 -41.92 57.82
CA GLY G 237 -8.47 -43.28 58.31
C GLY G 237 -7.39 -43.46 59.37
N ALA G 238 -7.45 -44.60 60.04
CA ALA G 238 -6.50 -45.06 61.06
C ALA G 238 -6.50 -46.60 61.15
N ALA G 239 -5.42 -47.19 61.65
CA ALA G 239 -5.22 -48.65 61.81
C ALA G 239 -5.59 -49.52 60.58
N GLY G 240 -5.56 -48.94 59.37
CA GLY G 240 -5.86 -49.63 58.11
C GLY G 240 -7.31 -49.55 57.62
N THR G 241 -8.18 -48.72 58.22
CA THR G 241 -9.62 -48.63 57.88
C THR G 241 -10.14 -47.20 57.66
N ASN G 242 -11.17 -47.09 56.83
CA ASN G 242 -11.96 -45.88 56.55
C ASN G 242 -12.71 -45.39 57.82
N ALA G 243 -12.80 -44.07 58.02
CA ALA G 243 -13.45 -43.43 59.17
C ALA G 243 -14.66 -42.53 58.83
N PHE G 244 -15.07 -42.44 57.55
CA PHE G 244 -16.31 -41.77 57.12
C PHE G 244 -17.47 -42.75 56.86
N ALA G 245 -17.20 -44.04 56.70
CA ALA G 245 -18.21 -45.10 56.58
C ALA G 245 -19.06 -45.26 57.86
N GLY G 246 -20.36 -45.51 57.70
CA GLY G 246 -21.30 -45.71 58.81
C GLY G 246 -22.75 -45.94 58.36
N ALA G 247 -23.70 -45.55 59.23
CA ALA G 247 -25.12 -45.85 59.10
C ALA G 247 -26.03 -44.60 58.99
N SER G 248 -25.47 -43.39 58.86
CA SER G 248 -26.25 -42.18 58.49
C SER G 248 -26.46 -42.11 56.97
N GLY G 249 -27.06 -41.00 56.47
CA GLY G 249 -27.42 -40.80 55.06
C GLY G 249 -26.31 -41.16 54.07
N ALA G 250 -26.69 -41.81 52.96
CA ALA G 250 -25.78 -42.31 51.90
C ALA G 250 -24.53 -43.07 52.41
N ARG G 251 -24.67 -43.81 53.53
CA ARG G 251 -23.64 -44.64 54.20
C ARG G 251 -22.48 -43.84 54.82
N ALA G 252 -22.66 -42.53 55.04
CA ALA G 252 -21.79 -41.68 55.85
C ALA G 252 -21.88 -42.01 57.37
N THR G 253 -21.22 -41.21 58.21
CA THR G 253 -21.23 -41.34 59.67
C THR G 253 -21.15 -39.98 60.38
N LEU G 254 -21.31 -39.95 61.71
CA LEU G 254 -21.39 -38.73 62.51
C LEU G 254 -20.12 -37.87 62.45
N THR G 255 -18.91 -38.45 62.51
CA THR G 255 -17.67 -37.69 62.30
C THR G 255 -17.53 -37.16 60.87
N GLY G 256 -18.05 -37.89 59.87
CA GLY G 256 -18.20 -37.40 58.49
C GLY G 256 -19.13 -36.18 58.40
N ALA G 257 -20.28 -36.22 59.07
CA ALA G 257 -21.20 -35.08 59.19
C ALA G 257 -20.57 -33.87 59.92
N LYS G 258 -19.69 -34.10 60.90
CA LYS G 258 -18.91 -33.03 61.57
C LYS G 258 -17.81 -32.44 60.67
N TRP G 259 -17.11 -33.25 59.87
CA TRP G 259 -16.22 -32.76 58.82
C TRP G 259 -16.98 -31.92 57.77
N LEU G 260 -18.14 -32.39 57.31
CA LEU G 260 -19.04 -31.65 56.42
C LEU G 260 -19.51 -30.33 57.04
N ALA G 261 -19.89 -30.31 58.33
CA ALA G 261 -20.26 -29.08 59.03
C ALA G 261 -19.12 -28.04 59.04
N GLY G 262 -17.88 -28.49 59.28
CA GLY G 262 -16.68 -27.66 59.16
C GLY G 262 -16.47 -27.10 57.75
N LEU G 263 -16.55 -27.96 56.72
CA LEU G 263 -16.43 -27.60 55.31
C LEU G 263 -17.51 -26.58 54.86
N LEU G 264 -18.77 -26.78 55.25
CA LEU G 264 -19.87 -25.86 54.97
C LEU G 264 -19.63 -24.47 55.59
N ALA G 265 -19.21 -24.42 56.86
CA ALA G 265 -18.88 -23.18 57.56
C ALA G 265 -17.68 -22.44 56.95
N ALA G 266 -16.64 -23.19 56.52
CA ALA G 266 -15.39 -22.64 55.99
C ALA G 266 -15.44 -22.26 54.49
N ALA G 267 -16.49 -22.65 53.75
CA ALA G 267 -16.56 -22.48 52.28
C ALA G 267 -16.27 -21.04 51.79
N ALA G 268 -16.75 -20.03 52.51
CA ALA G 268 -16.52 -18.61 52.23
C ALA G 268 -15.05 -18.14 52.35
N ALA G 269 -14.18 -18.96 52.95
CA ALA G 269 -12.76 -18.68 53.16
C ALA G 269 -11.83 -19.70 52.47
N ALA G 270 -12.24 -20.98 52.37
CA ALA G 270 -11.56 -21.99 51.56
C ALA G 270 -11.47 -21.58 50.07
N ALA G 271 -12.45 -20.83 49.57
CA ALA G 271 -12.45 -20.21 48.24
C ALA G 271 -11.22 -19.31 47.96
N ALA G 272 -10.58 -18.73 49.00
CA ALA G 272 -9.36 -17.95 48.83
C ALA G 272 -8.16 -18.76 48.28
N ALA G 273 -8.17 -20.09 48.44
CA ALA G 273 -7.21 -21.02 47.85
C ALA G 273 -7.83 -21.81 46.69
N ALA G 274 -9.07 -22.30 46.83
CA ALA G 274 -9.76 -23.14 45.84
C ALA G 274 -10.27 -22.39 44.60
N ALA G 275 -10.39 -21.06 44.66
CA ALA G 275 -10.90 -20.19 43.61
C ALA G 275 -10.05 -18.90 43.51
N ALA G 276 -8.72 -19.07 43.57
CA ALA G 276 -7.69 -18.03 43.70
C ALA G 276 -7.57 -17.00 42.55
N ALA G 277 -8.48 -16.98 41.56
CA ALA G 277 -8.47 -16.06 40.43
C ALA G 277 -9.91 -15.71 39.97
N ALA G 278 -10.08 -14.56 39.30
CA ALA G 278 -11.37 -14.09 38.79
C ALA G 278 -12.05 -15.07 37.80
N ALA G 279 -11.26 -15.84 37.06
CA ALA G 279 -11.77 -16.93 36.20
C ALA G 279 -12.53 -18.01 36.99
N ALA G 280 -12.11 -18.32 38.22
CA ALA G 280 -12.81 -19.28 39.07
C ALA G 280 -14.13 -18.70 39.63
N ALA G 281 -14.16 -17.40 39.95
CA ALA G 281 -15.40 -16.70 40.27
C ALA G 281 -16.39 -16.67 39.09
N ALA G 282 -15.90 -16.49 37.85
CA ALA G 282 -16.70 -16.61 36.64
C ALA G 282 -17.21 -18.05 36.40
N ALA G 283 -16.38 -19.07 36.63
CA ALA G 283 -16.80 -20.48 36.57
C ALA G 283 -17.88 -20.83 37.63
N ALA G 284 -17.83 -20.21 38.80
CA ALA G 284 -18.79 -20.36 39.89
C ALA G 284 -20.10 -19.54 39.72
N ALA G 285 -20.21 -18.72 38.66
CA ALA G 285 -21.41 -17.92 38.38
C ALA G 285 -22.67 -18.79 38.12
N ALA G 286 -23.85 -18.17 38.20
CA ALA G 286 -25.15 -18.83 38.06
C ALA G 286 -25.31 -19.62 36.74
N GLY G 287 -25.86 -20.83 36.83
CA GLY G 287 -26.15 -21.72 35.70
C GLY G 287 -26.66 -23.09 36.14
N ALA G 288 -27.21 -23.87 35.20
CA ALA G 288 -27.87 -25.16 35.45
C ALA G 288 -26.95 -26.28 36.01
N ALA G 289 -25.63 -26.10 35.95
CA ALA G 289 -24.61 -27.06 36.40
C ALA G 289 -23.50 -26.41 37.27
N ALA G 290 -23.75 -25.22 37.83
CA ALA G 290 -22.86 -24.56 38.78
C ALA G 290 -22.66 -25.37 40.08
N ALA G 291 -21.61 -25.04 40.85
CA ALA G 291 -21.19 -25.77 42.06
C ALA G 291 -21.03 -24.87 43.31
N ALA G 292 -21.46 -23.60 43.24
CA ALA G 292 -21.38 -22.63 44.34
C ALA G 292 -22.36 -22.89 45.50
N ALA G 293 -23.36 -23.76 45.31
CA ALA G 293 -24.34 -24.15 46.33
C ALA G 293 -23.69 -24.96 47.48
N THR G 294 -23.22 -24.27 48.52
CA THR G 294 -22.62 -24.84 49.74
C THR G 294 -23.59 -25.71 50.56
N ALA G 295 -23.78 -26.95 50.09
CA ALA G 295 -24.75 -27.94 50.58
C ALA G 295 -24.18 -29.36 50.38
N TRP G 296 -24.82 -30.35 51.01
CA TRP G 296 -24.45 -31.76 50.92
C TRP G 296 -25.64 -32.65 50.55
N GLY G 297 -25.38 -33.82 49.97
CA GLY G 297 -26.42 -34.75 49.49
C GLY G 297 -25.84 -35.89 48.65
N ALA G 298 -26.69 -36.66 47.97
CA ALA G 298 -26.30 -37.79 47.13
C ALA G 298 -27.09 -37.91 45.80
N ALA G 299 -27.81 -36.85 45.41
CA ALA G 299 -28.63 -36.80 44.19
C ALA G 299 -28.74 -35.38 43.56
N ALA G 300 -28.77 -34.33 44.39
CA ALA G 300 -28.72 -32.93 43.95
C ALA G 300 -27.31 -32.55 43.43
N ALA G 301 -27.05 -32.84 42.15
CA ALA G 301 -25.72 -32.77 41.52
C ALA G 301 -24.99 -31.41 41.63
N ALA G 302 -25.72 -30.30 41.73
CA ALA G 302 -25.16 -28.95 41.90
C ALA G 302 -24.61 -28.66 43.32
N CYS G 303 -24.97 -29.45 44.33
CA CYS G 303 -24.52 -29.25 45.72
C CYS G 303 -23.01 -29.55 45.89
N ALA G 304 -22.31 -28.64 46.57
CA ALA G 304 -20.84 -28.58 46.63
C ALA G 304 -20.14 -29.77 47.32
N LEU G 305 -20.84 -30.54 48.17
CA LEU G 305 -20.29 -31.58 49.04
C LEU G 305 -21.11 -32.89 48.93
N ASN G 306 -21.05 -33.55 47.77
CA ASN G 306 -21.70 -34.85 47.56
C ASN G 306 -21.17 -35.92 48.54
N ILE G 307 -21.96 -36.97 48.78
CA ILE G 307 -21.50 -38.23 49.37
C ILE G 307 -21.19 -39.21 48.24
N ALA G 308 -19.96 -39.71 48.20
CA ALA G 308 -19.52 -40.77 47.30
C ALA G 308 -20.00 -42.14 47.84
N ALA G 309 -21.29 -42.43 47.67
CA ALA G 309 -21.90 -43.72 48.01
C ALA G 309 -21.24 -44.88 47.24
N ALA G 310 -21.08 -46.03 47.89
CA ALA G 310 -20.47 -47.24 47.33
C ALA G 310 -21.05 -48.52 47.95
N ALA G 311 -20.96 -49.65 47.24
CA ALA G 311 -21.38 -50.96 47.73
C ALA G 311 -20.48 -51.51 48.84
N ALA G 312 -19.17 -51.29 48.73
CA ALA G 312 -18.18 -51.60 49.77
C ALA G 312 -18.09 -50.44 50.77
N ALA G 313 -18.20 -50.71 52.08
CA ALA G 313 -18.11 -49.71 53.15
C ALA G 313 -16.78 -48.93 53.11
N LYS G 314 -15.67 -49.60 52.75
CA LYS G 314 -14.34 -48.99 52.57
C LYS G 314 -14.32 -47.84 51.53
N GLY G 315 -15.27 -47.81 50.61
CA GLY G 315 -15.42 -46.80 49.56
C GLY G 315 -16.42 -45.68 49.88
N ALA G 316 -17.09 -45.70 51.03
CA ALA G 316 -17.95 -44.60 51.49
C ALA G 316 -17.10 -43.37 51.85
N GLN G 317 -17.21 -42.31 51.05
CA GLN G 317 -16.37 -41.09 51.11
C GLN G 317 -17.23 -39.84 50.80
N ILE G 318 -16.63 -38.64 50.75
CA ILE G 318 -17.31 -37.41 50.30
C ILE G 318 -16.65 -36.85 49.04
N GLU G 319 -17.30 -35.91 48.36
CA GLU G 319 -16.93 -35.36 47.05
C GLU G 319 -17.10 -33.84 47.02
N ASN G 320 -15.99 -33.10 46.99
CA ASN G 320 -15.93 -31.65 47.11
C ASN G 320 -15.80 -30.99 45.72
N LYS G 321 -16.52 -29.90 45.49
CA LYS G 321 -16.66 -29.24 44.16
C LYS G 321 -16.41 -27.73 44.16
N ALA G 322 -16.16 -27.12 45.32
CA ALA G 322 -16.09 -25.68 45.54
C ALA G 322 -14.79 -24.99 45.02
N GLY G 323 -14.24 -25.41 43.88
CA GLY G 323 -13.00 -24.88 43.34
C GLY G 323 -12.71 -25.19 41.86
N ALA G 324 -11.67 -24.54 41.34
CA ALA G 324 -11.20 -24.67 39.96
C ALA G 324 -9.66 -24.69 39.85
N ALA G 325 -9.15 -25.19 38.72
CA ALA G 325 -7.74 -25.54 38.52
C ALA G 325 -6.75 -24.36 38.55
N ALA G 326 -7.22 -23.11 38.60
CA ALA G 326 -6.42 -21.93 38.93
C ALA G 326 -5.88 -21.92 40.38
N ALA G 327 -6.40 -22.79 41.26
CA ALA G 327 -6.03 -22.94 42.66
C ALA G 327 -4.55 -23.35 42.91
N ASN G 328 -4.11 -23.22 44.17
CA ASN G 328 -2.83 -23.75 44.68
C ASN G 328 -3.05 -25.10 45.40
N PRO G 329 -2.64 -26.25 44.80
CA PRO G 329 -2.90 -27.59 45.34
C PRO G 329 -2.52 -27.77 46.82
N TYR G 330 -1.30 -27.41 47.22
CA TYR G 330 -0.87 -27.59 48.62
C TYR G 330 -1.72 -26.79 49.61
N LEU G 331 -2.10 -25.56 49.26
CA LEU G 331 -2.91 -24.70 50.14
C LEU G 331 -4.39 -25.10 50.17
N VAL G 332 -4.94 -25.65 49.07
CA VAL G 332 -6.28 -26.29 49.06
C VAL G 332 -6.28 -27.53 49.97
N LEU G 333 -5.29 -28.41 49.80
CA LEU G 333 -5.10 -29.62 50.62
C LEU G 333 -4.98 -29.26 52.12
N ALA G 334 -4.30 -28.15 52.46
CA ALA G 334 -4.23 -27.64 53.83
C ALA G 334 -5.57 -27.07 54.33
N ALA G 335 -6.19 -26.14 53.58
CA ALA G 335 -7.37 -25.39 54.02
C ALA G 335 -8.63 -26.26 54.18
N THR G 336 -8.88 -27.19 53.24
CA THR G 336 -10.02 -28.11 53.31
C THR G 336 -9.94 -29.06 54.52
N VAL G 337 -8.72 -29.47 54.89
CA VAL G 337 -8.45 -30.26 56.10
C VAL G 337 -8.58 -29.43 57.37
N ALA G 338 -8.07 -28.19 57.38
CA ALA G 338 -8.20 -27.28 58.54
C ALA G 338 -9.66 -27.02 58.95
N ALA G 339 -10.58 -26.97 57.98
CA ALA G 339 -12.02 -26.90 58.23
C ALA G 339 -12.56 -28.16 58.93
N GLY G 340 -12.24 -29.35 58.41
CA GLY G 340 -12.66 -30.63 58.97
C GLY G 340 -12.10 -30.90 60.37
N LEU G 341 -10.83 -30.54 60.61
CA LEU G 341 -10.11 -30.69 61.88
C LEU G 341 -10.73 -29.96 63.07
N ASP G 342 -11.59 -28.94 62.85
CA ASP G 342 -12.27 -28.22 63.93
C ASP G 342 -13.79 -28.40 63.92
N GLY G 343 -14.41 -28.78 62.80
CA GLY G 343 -15.80 -29.27 62.78
C GLY G 343 -16.05 -30.44 63.75
N ILE G 344 -15.05 -31.33 63.90
CA ILE G 344 -15.04 -32.42 64.90
C ILE G 344 -14.81 -31.98 66.35
N GLN G 345 -14.47 -30.70 66.60
CA GLN G 345 -14.20 -30.14 67.93
C GLN G 345 -15.28 -29.14 68.38
N SER G 346 -15.87 -28.38 67.44
CA SER G 346 -17.12 -27.64 67.67
C SER G 346 -18.36 -28.55 67.80
N ALA G 347 -18.24 -29.80 67.31
CA ALA G 347 -19.33 -30.78 67.18
C ALA G 347 -20.56 -30.23 66.42
N GLY G 348 -20.35 -29.30 65.48
CA GLY G 348 -21.39 -28.78 64.59
C GLY G 348 -22.04 -29.83 63.68
N ALA G 349 -23.12 -29.46 63.00
CA ALA G 349 -23.91 -30.35 62.15
C ALA G 349 -24.17 -29.74 60.76
N ALA G 350 -24.22 -30.59 59.74
CA ALA G 350 -24.34 -30.21 58.33
C ALA G 350 -25.79 -29.87 57.88
N ALA G 351 -26.76 -29.85 58.80
CA ALA G 351 -28.20 -29.86 58.54
C ALA G 351 -28.66 -31.04 57.64
N GLY G 352 -29.93 -31.07 57.24
CA GLY G 352 -30.47 -32.13 56.38
C GLY G 352 -29.87 -32.14 54.96
N ALA G 353 -29.81 -33.32 54.34
CA ALA G 353 -29.32 -33.50 52.98
C ALA G 353 -30.23 -32.84 51.92
N ALA G 354 -29.63 -32.27 50.88
CA ALA G 354 -30.31 -31.69 49.73
C ALA G 354 -30.83 -32.77 48.77
N ALA G 355 -32.14 -32.75 48.50
CA ALA G 355 -32.82 -33.61 47.52
C ALA G 355 -33.97 -32.89 46.76
N ALA G 356 -34.11 -31.57 46.95
CA ALA G 356 -35.07 -30.70 46.27
C ALA G 356 -34.49 -30.14 44.94
N ASP G 357 -34.99 -28.99 44.48
CA ASP G 357 -34.41 -28.22 43.36
C ASP G 357 -32.91 -27.86 43.58
N ALA G 358 -32.21 -27.51 42.50
CA ALA G 358 -30.75 -27.51 42.40
C ALA G 358 -29.97 -26.63 43.41
N ALA G 359 -30.58 -25.60 44.00
CA ALA G 359 -29.94 -24.75 45.01
C ALA G 359 -30.95 -24.26 46.08
N ALA G 360 -30.44 -24.16 47.32
CA ALA G 360 -31.07 -23.90 48.63
C ALA G 360 -30.84 -25.10 49.58
N ALA G 361 -31.26 -24.99 50.84
CA ALA G 361 -31.23 -26.06 51.87
C ALA G 361 -29.96 -26.95 51.87
N ALA G 362 -28.83 -26.50 52.41
CA ALA G 362 -28.67 -25.36 53.33
C ALA G 362 -28.85 -23.94 52.72
N PRO G 363 -28.07 -23.51 51.70
CA PRO G 363 -27.67 -22.12 51.48
C PRO G 363 -28.73 -21.02 51.70
N SER G 364 -28.68 -20.17 52.73
CA SER G 364 -27.81 -20.08 53.93
C SER G 364 -26.28 -20.15 53.73
N GLU G 365 -25.53 -20.64 54.74
CA GLU G 365 -24.81 -19.84 55.74
C GLU G 365 -25.74 -18.85 56.51
N ILE G 366 -26.02 -17.59 56.17
CA ILE G 366 -25.27 -16.55 55.46
C ILE G 366 -25.74 -15.16 55.94
N PRO G 367 -24.82 -14.22 56.18
CA PRO G 367 -25.13 -12.79 56.22
C PRO G 367 -24.51 -12.06 55.00
N GLY G 368 -25.18 -11.00 54.53
CA GLY G 368 -24.93 -10.40 53.21
C GLY G 368 -24.00 -9.18 53.18
N LYS G 369 -23.00 -9.11 54.08
CA LYS G 369 -22.08 -7.96 54.22
C LYS G 369 -20.64 -8.39 54.49
N MET G 370 -19.68 -7.57 54.03
CA MET G 370 -18.25 -7.75 54.32
C MET G 370 -17.94 -7.62 55.82
N GLU G 371 -18.64 -6.75 56.54
CA GLU G 371 -18.50 -6.62 58.00
C GLU G 371 -18.86 -7.93 58.73
N ASP G 372 -19.89 -8.65 58.28
CA ASP G 372 -20.27 -9.94 58.84
C ASP G 372 -19.33 -11.08 58.40
N ALA G 373 -18.78 -11.04 57.18
CA ALA G 373 -17.72 -11.96 56.76
C ALA G 373 -16.45 -11.81 57.62
N LEU G 374 -16.06 -10.57 57.96
CA LEU G 374 -14.97 -10.27 58.90
C LEU G 374 -15.34 -10.66 60.34
N ALA G 375 -16.58 -10.47 60.77
CA ALA G 375 -17.05 -10.95 62.08
C ALA G 375 -16.93 -12.49 62.20
N ALA G 376 -17.32 -13.24 61.17
CA ALA G 376 -17.14 -14.70 61.11
C ALA G 376 -15.65 -15.07 61.21
N LEU G 377 -14.77 -14.43 60.44
CA LEU G 377 -13.30 -14.59 60.48
C LEU G 377 -12.69 -14.30 61.87
N GLU G 378 -13.40 -13.63 62.78
CA GLU G 378 -12.96 -13.27 64.14
C GLU G 378 -13.81 -13.93 65.25
N GLN G 379 -14.69 -14.87 64.92
CA GLN G 379 -15.49 -15.67 65.85
C GLN G 379 -15.37 -17.20 65.60
N ASP G 380 -15.20 -17.59 64.33
CA ASP G 380 -14.75 -18.92 63.90
C ASP G 380 -14.10 -18.79 62.49
N ALA G 381 -12.80 -18.51 62.33
CA ALA G 381 -11.71 -18.29 63.29
C ALA G 381 -11.04 -19.56 63.89
N GLU G 382 -11.61 -20.76 63.73
CA GLU G 382 -11.03 -22.03 64.21
C GLU G 382 -11.11 -23.15 63.16
N CYS G 383 -12.20 -23.22 62.38
CA CYS G 383 -12.24 -23.91 61.08
C CYS G 383 -11.42 -23.20 59.98
N LEU G 384 -10.92 -21.98 60.24
CA LEU G 384 -10.24 -21.10 59.29
C LEU G 384 -8.81 -20.82 59.75
N LYS G 385 -7.86 -20.84 58.81
CA LYS G 385 -6.44 -20.46 58.97
C LYS G 385 -5.76 -21.05 60.23
N ALA G 386 -6.11 -22.30 60.56
CA ALA G 386 -5.73 -22.97 61.80
C ALA G 386 -4.20 -23.18 61.97
N GLY G 387 -3.65 -22.69 63.08
CA GLY G 387 -2.24 -22.85 63.47
C GLY G 387 -1.23 -22.08 62.61
N LEU G 388 0.05 -22.24 62.97
CA LEU G 388 1.25 -21.58 62.42
C LEU G 388 1.24 -20.03 62.51
N GLY G 389 2.42 -19.48 62.22
CA GLY G 389 2.62 -18.20 61.51
C GLY G 389 3.73 -18.43 60.46
N GLU G 390 4.04 -17.58 59.50
CA GLU G 390 3.70 -16.16 59.19
C GLU G 390 4.79 -15.21 59.71
N ALA G 391 5.58 -15.63 60.71
CA ALA G 391 6.79 -14.95 61.16
C ALA G 391 7.83 -14.80 60.03
N PHE G 392 8.03 -15.85 59.22
CA PHE G 392 8.88 -15.83 58.03
C PHE G 392 8.35 -14.86 56.95
N ILE G 393 7.03 -14.87 56.71
CA ILE G 393 6.37 -13.97 55.75
C ILE G 393 6.59 -12.51 56.17
N ARG G 394 6.21 -12.12 57.40
CA ARG G 394 6.37 -10.74 57.87
C ARG G 394 7.84 -10.29 57.92
N ALA G 395 8.79 -11.17 58.25
CA ALA G 395 10.23 -10.86 58.22
C ALA G 395 10.73 -10.52 56.79
N ALA G 396 10.39 -11.34 55.80
CA ALA G 396 10.78 -11.09 54.40
C ALA G 396 10.02 -9.90 53.78
N VAL G 397 8.71 -9.80 54.02
CA VAL G 397 7.86 -8.70 53.54
C VAL G 397 8.25 -7.37 54.17
N ALA G 398 8.67 -7.33 55.44
CA ALA G 398 9.17 -6.10 56.08
C ALA G 398 10.36 -5.49 55.34
N ALA G 399 11.34 -6.31 54.89
CA ALA G 399 12.48 -5.84 54.11
C ALA G 399 12.05 -5.16 52.79
N ALA G 400 11.07 -5.74 52.07
CA ALA G 400 10.47 -5.12 50.89
C ALA G 400 9.69 -3.84 51.22
N LYS G 401 8.86 -3.87 52.29
CA LYS G 401 8.08 -2.73 52.77
C LYS G 401 8.96 -1.54 53.17
N TYR G 402 10.11 -1.74 53.81
CA TYR G 402 11.02 -0.65 54.15
C TYR G 402 11.53 0.09 52.90
N GLU G 403 11.91 -0.62 51.84
CA GLU G 403 12.31 0.00 50.57
C GLU G 403 11.13 0.74 49.89
N LEU G 404 9.95 0.11 49.83
CA LEU G 404 8.74 0.70 49.26
C LEU G 404 8.28 1.96 50.01
N GLU G 405 8.24 1.91 51.34
CA GLU G 405 7.89 3.06 52.18
C GLU G 405 8.92 4.20 52.12
N ASN G 406 10.22 3.89 51.95
CA ASN G 406 11.23 4.93 51.73
C ASN G 406 11.03 5.68 50.40
N GLU G 407 10.69 4.96 49.32
CA GLU G 407 10.32 5.61 48.04
C GLU G 407 8.99 6.37 48.13
N GLU G 408 7.97 5.78 48.75
CA GLU G 408 6.63 6.39 48.88
C GLU G 408 6.63 7.62 49.80
N THR G 409 7.35 7.62 50.93
CA THR G 409 7.40 8.78 51.84
C THR G 409 8.12 10.00 51.22
N ASP G 410 9.14 9.77 50.38
CA ASP G 410 9.77 10.83 49.58
C ASP G 410 8.81 11.38 48.51
N ALA G 411 8.08 10.50 47.81
CA ALA G 411 7.05 10.90 46.84
C ALA G 411 5.91 11.69 47.50
N GLU G 412 5.38 11.23 48.65
CA GLU G 412 4.40 11.96 49.45
C GLU G 412 4.92 13.31 49.93
N GLY G 413 6.18 13.39 50.37
CA GLY G 413 6.85 14.65 50.72
C GLY G 413 6.81 15.68 49.59
N ASN G 414 7.15 15.27 48.36
CA ASN G 414 7.02 16.11 47.18
C ASN G 414 5.56 16.48 46.87
N LYS G 415 4.63 15.52 46.92
CA LYS G 415 3.19 15.74 46.70
C LYS G 415 2.58 16.74 47.67
N PHE G 416 2.92 16.70 48.97
CA PHE G 416 2.46 17.67 49.96
C PHE G 416 2.89 19.11 49.60
N LEU G 417 4.15 19.32 49.22
CA LEU G 417 4.62 20.62 48.72
C LEU G 417 3.83 21.08 47.48
N GLU G 418 3.59 20.17 46.53
CA GLU G 418 2.75 20.42 45.33
C GLU G 418 1.26 20.67 45.64
N TYR G 419 0.78 20.38 46.86
CA TYR G 419 -0.57 20.73 47.33
C TYR G 419 -0.60 22.04 48.13
N PHE G 420 0.51 22.44 48.78
CA PHE G 420 0.60 23.68 49.56
C PHE G 420 0.80 24.95 48.70
N ILE G 421 1.44 24.83 47.52
CA ILE G 421 1.61 25.92 46.53
C ILE G 421 0.28 26.46 45.96
N SER H 1 -15.79 -62.17 25.44
CA SER H 1 -14.59 -62.72 26.12
C SER H 1 -13.74 -61.59 26.71
N ALA H 2 -13.77 -61.44 28.05
CA ALA H 2 -12.86 -60.54 28.76
C ALA H 2 -11.38 -60.93 28.53
N GLU H 3 -11.10 -62.23 28.52
CA GLU H 3 -9.79 -62.82 28.29
C GLU H 3 -9.20 -62.39 26.94
N HIS H 4 -9.99 -62.40 25.86
CA HIS H 4 -9.55 -61.96 24.53
C HIS H 4 -9.17 -60.47 24.49
N VAL H 5 -9.95 -59.58 25.12
CA VAL H 5 -9.60 -58.16 25.22
C VAL H 5 -8.31 -57.95 26.00
N LEU H 6 -8.12 -58.68 27.12
CA LEU H 6 -6.88 -58.62 27.90
C LEU H 6 -5.66 -59.14 27.11
N THR H 7 -5.76 -60.28 26.40
CA THR H 7 -4.64 -60.80 25.60
C THR H 7 -4.31 -59.95 24.37
N MET H 8 -5.27 -59.24 23.77
CA MET H 8 -5.01 -58.26 22.71
C MET H 8 -4.03 -57.15 23.15
N LEU H 9 -4.07 -56.72 24.42
CA LEU H 9 -3.14 -55.72 24.95
C LEU H 9 -1.68 -56.20 24.90
N ASN H 10 -1.44 -57.51 25.12
CA ASN H 10 -0.12 -58.12 24.98
C ASN H 10 0.23 -58.43 23.51
N GLU H 11 -0.72 -59.00 22.75
CA GLU H 11 -0.55 -59.41 21.35
C GLU H 11 -0.18 -58.25 20.41
N HIS H 12 -0.64 -57.03 20.72
CA HIS H 12 -0.39 -55.80 19.95
C HIS H 12 0.36 -54.72 20.76
N ALA H 13 0.94 -55.11 21.90
CA ALA H 13 1.72 -54.27 22.83
C ALA H 13 1.10 -52.88 23.12
N ALA H 14 -0.23 -52.83 23.29
CA ALA H 14 -0.98 -51.60 23.46
C ALA H 14 -0.57 -50.82 24.73
N ALA H 15 -0.09 -49.60 24.56
CA ALA H 15 0.26 -48.68 25.66
C ALA H 15 -0.98 -47.95 26.22
N PHE H 16 -1.99 -47.70 25.39
CA PHE H 16 -3.24 -46.99 25.72
C PHE H 16 -4.45 -47.63 25.03
N VAL H 17 -5.65 -47.34 25.53
CA VAL H 17 -6.93 -47.82 24.98
C VAL H 17 -7.93 -46.66 24.91
N ARG H 18 -8.71 -46.62 23.83
CA ARG H 18 -9.69 -45.58 23.50
C ARG H 18 -11.12 -46.09 23.69
N PHE H 19 -11.87 -45.51 24.62
CA PHE H 19 -13.31 -45.68 24.74
C PHE H 19 -14.03 -44.82 23.69
N GLU H 20 -15.11 -45.33 23.09
CA GLU H 20 -15.83 -44.64 22.00
C GLU H 20 -17.36 -44.74 22.16
N ALA H 21 -18.05 -43.66 21.80
CA ALA H 21 -19.51 -43.52 21.86
C ALA H 21 -20.01 -42.56 20.75
N THR H 22 -21.32 -42.28 20.71
CA THR H 22 -21.96 -41.39 19.73
C THR H 22 -23.04 -40.53 20.39
N ASP H 23 -23.17 -39.27 20.00
CA ASP H 23 -24.18 -38.33 20.51
C ASP H 23 -25.55 -38.42 19.79
N ALA H 24 -26.55 -37.69 20.31
CA ALA H 24 -27.90 -37.66 19.74
C ALA H 24 -27.97 -37.02 18.33
N ALA H 25 -27.06 -36.09 18.00
CA ALA H 25 -27.00 -35.45 16.68
C ALA H 25 -26.49 -36.41 15.58
N GLY H 26 -25.53 -37.28 15.90
CA GLY H 26 -25.02 -38.35 15.02
C GLY H 26 -23.50 -38.42 14.87
N ALA H 27 -22.74 -37.71 15.72
CA ALA H 27 -21.28 -37.68 15.66
C ALA H 27 -20.67 -38.59 16.75
N SER H 28 -19.65 -39.36 16.38
CA SER H 28 -18.84 -40.14 17.32
C SER H 28 -17.97 -39.24 18.22
N ARG H 29 -17.67 -39.73 19.42
CA ARG H 29 -16.85 -39.10 20.46
C ARG H 29 -16.01 -40.15 21.18
N SER H 30 -14.88 -39.75 21.78
CA SER H 30 -13.93 -40.69 22.41
C SER H 30 -13.11 -40.09 23.56
N LYS H 31 -12.57 -40.97 24.40
CA LYS H 31 -11.66 -40.70 25.53
C LYS H 31 -10.65 -41.84 25.67
N SER H 32 -9.54 -41.66 26.38
CA SER H 32 -8.49 -42.69 26.51
C SER H 32 -7.70 -42.66 27.82
N ILE H 33 -7.11 -43.80 28.14
CA ILE H 33 -6.27 -44.05 29.34
C ILE H 33 -5.16 -45.07 29.01
N PRO H 34 -4.07 -45.16 29.81
CA PRO H 34 -3.10 -46.25 29.74
C PRO H 34 -3.76 -47.64 29.85
N ALA H 35 -3.22 -48.63 29.13
CA ALA H 35 -3.73 -50.00 29.16
C ALA H 35 -3.60 -50.69 30.54
N GLN H 36 -2.69 -50.21 31.40
CA GLN H 36 -2.42 -50.75 32.74
C GLN H 36 -3.63 -50.72 33.70
N PHE H 37 -4.62 -49.86 33.45
CA PHE H 37 -5.84 -49.74 34.27
C PHE H 37 -6.86 -50.88 34.07
N PHE H 38 -6.73 -51.70 33.02
CA PHE H 38 -7.71 -52.75 32.68
C PHE H 38 -7.63 -53.95 33.65
N GLU H 39 -8.72 -54.19 34.37
CA GLU H 39 -8.86 -55.23 35.41
C GLU H 39 -10.29 -55.80 35.45
N LYS H 40 -10.53 -56.88 36.19
CA LYS H 40 -11.83 -57.59 36.26
C LYS H 40 -13.04 -56.73 36.64
N VAL H 41 -12.83 -55.66 37.43
CA VAL H 41 -13.90 -54.79 37.94
C VAL H 41 -14.59 -54.01 36.83
N ILE H 42 -13.84 -53.42 35.90
CA ILE H 42 -14.40 -52.58 34.81
C ILE H 42 -15.27 -53.40 33.84
N HIS H 43 -15.05 -54.70 33.74
CA HIS H 43 -15.87 -55.64 32.96
C HIS H 43 -17.27 -55.88 33.54
N ALA H 44 -17.53 -55.40 34.76
CA ALA H 44 -18.82 -55.52 35.46
C ALA H 44 -19.38 -54.18 35.98
N ARG H 45 -18.55 -53.12 36.05
CA ARG H 45 -18.93 -51.79 36.60
C ARG H 45 -18.61 -50.60 35.67
N GLY H 46 -17.96 -50.83 34.52
CA GLY H 46 -17.57 -49.78 33.58
C GLY H 46 -16.65 -48.72 34.19
N TYR H 47 -16.74 -47.48 33.69
CA TYR H 47 -16.02 -46.30 34.17
C TYR H 47 -16.98 -45.18 34.56
N LEU H 48 -16.98 -44.83 35.85
CA LEU H 48 -17.67 -43.67 36.40
C LEU H 48 -17.02 -42.35 35.93
N GLU H 49 -17.83 -41.38 35.54
CA GLU H 49 -17.42 -40.02 35.17
C GLU H 49 -18.44 -38.96 35.62
N ASP H 50 -17.98 -37.71 35.76
CA ASP H 50 -18.84 -36.53 35.90
C ASP H 50 -19.54 -36.20 34.57
N GLY H 51 -20.88 -36.32 34.57
CA GLY H 51 -21.71 -36.03 33.41
C GLY H 51 -22.04 -34.55 33.17
N GLU H 52 -21.75 -33.64 34.11
CA GLU H 52 -22.01 -32.19 33.95
C GLU H 52 -21.24 -31.55 32.77
N VAL H 53 -20.19 -32.22 32.28
CA VAL H 53 -19.45 -31.87 31.04
C VAL H 53 -20.35 -31.88 29.80
N ASN H 54 -21.51 -32.55 29.84
CA ASN H 54 -22.49 -32.64 28.75
C ASN H 54 -23.88 -32.19 29.24
N ALA H 55 -24.44 -31.16 28.60
CA ALA H 55 -25.68 -30.45 28.99
C ALA H 55 -27.00 -31.26 28.91
N GLY H 56 -26.93 -32.59 28.71
CA GLY H 56 -28.08 -33.50 28.60
C GLY H 56 -27.79 -34.93 29.06
N ALA H 57 -26.83 -35.13 29.98
CA ALA H 57 -26.42 -36.46 30.46
C ALA H 57 -26.39 -36.60 32.01
N ALA H 58 -26.39 -35.51 32.78
CA ALA H 58 -26.45 -35.54 34.25
C ALA H 58 -26.97 -34.20 34.83
N GLY H 59 -26.94 -34.07 36.15
CA GLY H 59 -27.21 -32.82 36.90
C GLY H 59 -26.33 -32.71 38.14
N ALA H 60 -26.29 -31.53 38.77
CA ALA H 60 -25.33 -31.20 39.84
C ALA H 60 -25.43 -32.08 41.10
N ALA H 61 -26.62 -32.59 41.43
CA ALA H 61 -26.86 -33.52 42.54
C ALA H 61 -26.65 -35.01 42.17
N ALA H 62 -26.27 -35.30 40.92
CA ALA H 62 -26.16 -36.64 40.33
C ALA H 62 -24.96 -36.72 39.35
N SER H 63 -23.85 -36.05 39.71
CA SER H 63 -22.59 -35.92 38.95
C SER H 63 -21.76 -37.22 38.82
N ASP H 64 -22.43 -38.37 38.65
CA ASP H 64 -21.84 -39.70 38.45
C ASP H 64 -22.69 -40.52 37.46
N ILE H 65 -22.12 -40.80 36.29
CA ILE H 65 -22.69 -41.68 35.24
C ILE H 65 -21.62 -42.63 34.70
N VAL H 66 -22.01 -43.69 33.97
CA VAL H 66 -21.14 -44.82 33.62
C VAL H 66 -21.01 -44.98 32.11
N LEU H 67 -19.78 -44.96 31.60
CA LEU H 67 -19.43 -45.57 30.30
C LEU H 67 -19.20 -47.08 30.49
N MET H 68 -19.75 -47.89 29.60
CA MET H 68 -19.73 -49.35 29.69
C MET H 68 -19.11 -49.96 28.41
N PRO H 69 -17.77 -50.17 28.38
CA PRO H 69 -17.10 -50.85 27.26
C PRO H 69 -17.54 -52.31 27.12
N GLU H 70 -17.33 -52.89 25.94
CA GLU H 70 -17.73 -54.27 25.63
C GLU H 70 -16.56 -55.14 25.16
N LEU H 71 -16.79 -56.46 25.17
CA LEU H 71 -15.73 -57.48 25.21
C LEU H 71 -15.84 -58.48 24.04
N SER H 72 -16.41 -57.99 22.94
CA SER H 72 -16.54 -58.65 21.63
C SER H 72 -16.33 -57.68 20.45
N THR H 73 -15.88 -56.45 20.74
CA THR H 73 -15.88 -55.29 19.82
C THR H 73 -14.53 -54.56 19.75
N ALA H 74 -13.53 -54.99 20.52
CA ALA H 74 -12.19 -54.39 20.54
C ALA H 74 -11.45 -54.52 19.19
N ALA H 75 -10.64 -53.53 18.85
CA ALA H 75 -9.79 -53.50 17.65
C ALA H 75 -8.50 -52.68 17.89
N VAL H 76 -7.45 -52.93 17.09
CA VAL H 76 -6.22 -52.12 17.08
C VAL H 76 -6.52 -50.76 16.41
N ALA H 77 -6.14 -49.66 17.05
CA ALA H 77 -6.33 -48.30 16.55
C ALA H 77 -5.22 -47.90 15.56
N ALA H 78 -5.03 -48.68 14.49
CA ALA H 78 -3.87 -48.66 13.59
C ALA H 78 -3.52 -47.30 12.94
N ALA H 79 -4.48 -46.36 12.85
CA ALA H 79 -4.25 -44.99 12.37
C ALA H 79 -3.45 -44.11 13.35
N ALA H 80 -3.30 -44.49 14.62
CA ALA H 80 -2.58 -43.74 15.65
C ALA H 80 -1.06 -43.71 15.45
N ALA H 81 -0.39 -42.74 16.08
CA ALA H 81 1.07 -42.59 16.09
C ALA H 81 1.81 -43.56 17.05
N ALA H 82 1.09 -44.41 17.78
CA ALA H 82 1.62 -45.36 18.77
C ALA H 82 0.81 -46.66 18.79
N ALA H 83 1.33 -47.70 19.44
CA ALA H 83 0.63 -48.96 19.69
C ALA H 83 -0.54 -48.77 20.68
N THR H 84 -1.77 -48.74 20.17
CA THR H 84 -3.00 -48.53 20.96
C THR H 84 -4.19 -49.32 20.41
N ALA H 85 -5.26 -49.41 21.20
CA ALA H 85 -6.50 -50.11 20.86
C ALA H 85 -7.74 -49.23 21.06
N ALA H 86 -8.89 -49.66 20.54
CA ALA H 86 -10.17 -48.95 20.64
C ALA H 86 -11.32 -49.92 20.93
N VAL H 87 -12.30 -49.45 21.70
CA VAL H 87 -13.44 -50.22 22.23
C VAL H 87 -14.67 -49.31 22.29
N ILE H 88 -15.72 -49.64 21.53
CA ILE H 88 -17.02 -48.97 21.63
C ILE H 88 -17.75 -49.34 22.93
N CYS H 89 -18.57 -48.42 23.41
CA CYS H 89 -19.25 -48.49 24.70
C CYS H 89 -20.76 -48.23 24.56
N ASP H 90 -21.55 -48.79 25.46
CA ASP H 90 -22.86 -48.23 25.84
C ASP H 90 -22.67 -47.19 26.96
N GLY H 91 -23.72 -46.45 27.30
CA GLY H 91 -23.74 -45.50 28.42
C GLY H 91 -24.95 -45.74 29.33
N GLY H 92 -24.78 -45.53 30.64
CA GLY H 92 -25.75 -45.95 31.65
C GLY H 92 -25.63 -45.26 33.01
N ALA H 93 -26.62 -45.56 33.86
CA ALA H 93 -26.77 -45.23 35.28
C ALA H 93 -28.09 -45.77 35.91
N ALA H 94 -29.28 -45.84 35.28
CA ALA H 94 -29.78 -45.35 33.98
C ALA H 94 -29.30 -46.18 32.74
N ALA H 95 -29.43 -45.82 31.46
CA ALA H 95 -29.78 -44.54 30.82
C ALA H 95 -30.59 -44.75 29.53
N ALA H 96 -31.03 -43.63 28.92
CA ALA H 96 -31.92 -43.63 27.75
C ALA H 96 -31.72 -42.42 26.81
N ALA H 97 -30.46 -41.97 26.67
CA ALA H 97 -30.04 -41.00 25.65
C ALA H 97 -28.87 -41.51 24.78
N SER H 98 -28.20 -42.58 25.22
CA SER H 98 -27.18 -43.34 24.49
C SER H 98 -27.79 -44.02 23.24
N PRO H 99 -27.52 -43.53 22.01
CA PRO H 99 -28.19 -44.00 20.79
C PRO H 99 -28.08 -45.51 20.54
N ARG H 100 -26.93 -46.11 20.86
CA ARG H 100 -26.67 -47.56 20.72
C ARG H 100 -27.56 -48.41 21.63
N TYR H 101 -27.77 -47.98 22.87
CA TYR H 101 -28.69 -48.64 23.81
C TYR H 101 -30.16 -48.49 23.38
N ILE H 102 -30.54 -47.33 22.83
CA ILE H 102 -31.86 -47.09 22.23
C ILE H 102 -32.08 -48.02 21.01
N ALA H 103 -31.08 -48.18 20.14
CA ALA H 103 -31.15 -49.11 19.00
C ALA H 103 -31.30 -50.58 19.43
N ARG H 104 -30.59 -51.00 20.49
CA ARG H 104 -30.71 -52.35 21.08
C ARG H 104 -32.13 -52.68 21.59
N ALA H 105 -32.90 -51.70 22.04
CA ALA H 105 -34.30 -51.90 22.42
C ALA H 105 -35.20 -52.35 21.24
N ALA H 106 -34.94 -51.85 20.02
CA ALA H 106 -35.66 -52.30 18.82
C ALA H 106 -35.35 -53.77 18.48
N LEU H 107 -34.08 -54.19 18.64
CA LEU H 107 -33.67 -55.59 18.47
C LEU H 107 -34.31 -56.51 19.52
N ALA H 108 -34.39 -56.06 20.78
CA ALA H 108 -35.07 -56.79 21.84
C ALA H 108 -36.59 -56.92 21.57
N GLN H 109 -37.25 -55.85 21.11
CA GLN H 109 -38.67 -55.85 20.75
C GLN H 109 -38.98 -56.79 19.56
N LEU H 110 -38.13 -56.82 18.52
CA LEU H 110 -38.22 -57.75 17.39
C LEU H 110 -38.27 -59.22 17.85
N GLN H 111 -37.39 -59.59 18.78
CA GLN H 111 -37.34 -60.94 19.36
C GLN H 111 -38.52 -61.21 20.33
N ALA H 112 -38.84 -60.26 21.22
CA ALA H 112 -39.90 -60.39 22.23
C ALA H 112 -41.31 -60.50 21.62
N ALA H 113 -41.57 -59.82 20.49
CA ALA H 113 -42.81 -59.94 19.72
C ALA H 113 -42.97 -61.31 19.01
N GLY H 114 -41.90 -62.10 18.89
CA GLY H 114 -41.88 -63.39 18.21
C GLY H 114 -42.01 -63.32 16.68
N ALA H 115 -41.99 -62.11 16.09
CA ALA H 115 -42.12 -61.89 14.65
C ALA H 115 -40.95 -62.49 13.84
N ALA H 116 -39.73 -62.44 14.41
CA ALA H 116 -38.49 -62.98 13.86
C ALA H 116 -37.44 -63.15 14.99
N ALA H 117 -36.18 -63.39 14.64
CA ALA H 117 -35.07 -63.52 15.60
C ALA H 117 -33.89 -62.55 15.33
N GLY H 118 -33.80 -61.97 14.13
CA GLY H 118 -32.79 -60.97 13.78
C GLY H 118 -33.12 -60.17 12.51
N LEU H 119 -32.26 -59.20 12.21
CA LEU H 119 -32.40 -58.24 11.10
C LEU H 119 -31.09 -58.19 10.30
N LEU H 120 -31.21 -58.16 8.97
CA LEU H 120 -30.14 -58.55 8.03
C LEU H 120 -29.77 -57.41 7.05
N SER H 121 -29.94 -56.16 7.49
CA SER H 121 -29.70 -54.94 6.71
C SER H 121 -28.21 -54.64 6.39
N ALA H 122 -27.99 -53.73 5.44
CA ALA H 122 -26.69 -53.16 5.08
C ALA H 122 -26.86 -51.78 4.42
N PHE H 123 -25.78 -51.01 4.26
CA PHE H 123 -25.80 -49.62 3.75
C PHE H 123 -24.79 -49.40 2.61
N ILE H 124 -25.07 -48.40 1.77
CA ILE H 124 -24.28 -48.01 0.59
C ILE H 124 -24.05 -46.48 0.53
N ALA H 125 -24.03 -45.83 1.70
CA ALA H 125 -23.95 -44.38 1.84
C ALA H 125 -22.78 -43.72 1.09
N ASP H 126 -23.03 -42.55 0.51
CA ASP H 126 -22.07 -41.71 -0.18
C ASP H 126 -21.38 -40.70 0.77
N PHE H 127 -20.31 -40.08 0.30
CA PHE H 127 -19.51 -39.08 1.00
C PHE H 127 -18.88 -38.09 0.01
N CYS H 128 -18.26 -37.03 0.52
CA CYS H 128 -17.59 -35.97 -0.25
C CYS H 128 -16.14 -35.81 0.21
N ILE H 129 -15.27 -35.27 -0.65
CA ILE H 129 -13.84 -35.03 -0.37
C ILE H 129 -13.38 -33.68 -0.93
N PHE H 130 -12.48 -33.01 -0.20
CA PHE H 130 -12.02 -31.65 -0.48
C PHE H 130 -10.55 -31.43 -0.07
N GLY H 131 -9.96 -30.32 -0.54
CA GLY H 131 -8.60 -29.90 -0.20
C GLY H 131 -8.55 -28.59 0.61
N VAL H 132 -9.41 -27.61 0.29
CA VAL H 132 -9.49 -26.30 0.98
C VAL H 132 -10.95 -25.81 1.11
N PRO H 133 -11.73 -26.36 2.07
CA PRO H 133 -13.01 -25.76 2.48
C PRO H 133 -12.80 -24.49 3.32
N GLU H 134 -13.70 -23.52 3.17
CA GLU H 134 -13.73 -22.25 3.91
C GLU H 134 -15.20 -21.84 4.15
N VAL H 135 -15.66 -21.86 5.40
CA VAL H 135 -17.06 -21.58 5.76
C VAL H 135 -17.12 -20.73 7.03
N ILE H 136 -17.60 -19.48 6.91
CA ILE H 136 -17.71 -18.53 8.02
C ILE H 136 -18.98 -17.66 7.94
N ASN H 137 -19.39 -17.11 9.08
CA ASN H 137 -20.54 -16.23 9.26
C ASN H 137 -20.23 -15.14 10.30
N SER H 138 -20.83 -13.96 10.15
CA SER H 138 -20.68 -12.81 11.06
C SER H 138 -21.93 -11.91 11.05
N LYS H 139 -21.88 -10.79 11.77
CA LYS H 139 -22.87 -9.69 11.72
C LYS H 139 -22.92 -8.95 10.36
N THR H 140 -21.97 -9.21 9.45
CA THR H 140 -21.79 -8.44 8.19
C THR H 140 -21.65 -9.30 6.92
N ILE H 141 -21.32 -10.59 7.02
CA ILE H 141 -21.23 -11.51 5.87
C ILE H 141 -21.53 -12.97 6.26
N SER H 142 -21.87 -13.80 5.29
CA SER H 142 -22.11 -15.25 5.43
C SER H 142 -21.84 -15.97 4.11
N PHE H 143 -20.90 -16.92 4.09
CA PHE H 143 -20.56 -17.70 2.88
C PHE H 143 -19.90 -19.06 3.19
N PRO H 144 -20.29 -20.13 2.47
CA PRO H 144 -19.49 -21.33 2.27
C PRO H 144 -18.65 -21.27 0.98
N ALA H 145 -17.55 -22.02 0.95
CA ALA H 145 -16.72 -22.30 -0.23
C ALA H 145 -15.93 -23.61 -0.04
N SER H 146 -15.54 -24.26 -1.14
CA SER H 146 -14.73 -25.48 -1.15
C SER H 146 -14.12 -25.76 -2.53
N THR H 147 -13.12 -26.64 -2.59
CA THR H 147 -12.48 -27.09 -3.85
C THR H 147 -11.77 -28.45 -3.68
N THR H 148 -11.52 -29.13 -4.80
CA THR H 148 -10.77 -30.40 -4.90
C THR H 148 -10.16 -30.56 -6.30
N ALA H 149 -9.07 -31.32 -6.43
CA ALA H 149 -8.34 -31.54 -7.68
C ALA H 149 -9.22 -32.08 -8.84
N ALA H 150 -10.29 -32.82 -8.51
CA ALA H 150 -11.24 -33.36 -9.48
C ALA H 150 -12.33 -32.37 -9.93
N ALA H 151 -12.50 -31.21 -9.27
CA ALA H 151 -13.63 -30.31 -9.49
C ALA H 151 -13.62 -29.66 -10.89
N ALA H 152 -14.81 -29.56 -11.51
CA ALA H 152 -15.04 -28.97 -12.82
C ALA H 152 -14.65 -27.47 -12.94
N ASP H 153 -14.43 -26.78 -11.82
CA ASP H 153 -13.97 -25.38 -11.76
C ASP H 153 -12.46 -25.20 -11.90
N GLN H 154 -11.64 -26.22 -11.56
CA GLN H 154 -10.17 -26.12 -11.57
C GLN H 154 -9.47 -26.08 -12.96
N PRO H 155 -9.96 -26.66 -14.08
CA PRO H 155 -9.17 -26.74 -15.32
C PRO H 155 -8.92 -25.39 -16.02
N GLN H 156 -9.62 -24.33 -15.60
CA GLN H 156 -9.38 -22.95 -16.05
C GLN H 156 -8.33 -22.19 -15.21
N GLU H 157 -7.81 -22.77 -14.11
CA GLU H 157 -6.88 -22.13 -13.17
C GLU H 157 -5.43 -22.59 -13.38
N ALA H 158 -4.47 -21.73 -13.00
CA ALA H 158 -3.04 -22.05 -12.96
C ALA H 158 -2.67 -22.98 -11.78
N ALA H 159 -1.48 -23.59 -11.86
CA ALA H 159 -0.87 -24.40 -10.80
C ALA H 159 0.67 -24.39 -10.90
N ALA H 160 1.36 -24.83 -9.85
CA ALA H 160 2.83 -24.79 -9.72
C ALA H 160 3.63 -25.55 -10.81
N GLY H 161 2.97 -26.45 -11.55
CA GLY H 161 3.52 -27.17 -12.72
C GLY H 161 2.53 -27.23 -13.90
N GLY H 162 1.58 -26.29 -13.96
CA GLY H 162 0.45 -26.30 -14.91
C GLY H 162 -0.69 -27.25 -14.52
N ALA H 163 -1.88 -27.02 -15.08
CA ALA H 163 -3.07 -27.84 -14.84
C ALA H 163 -2.94 -29.26 -15.44
N ALA H 164 -3.56 -30.25 -14.79
CA ALA H 164 -3.57 -31.65 -15.25
C ALA H 164 -4.48 -31.91 -16.48
N GLY H 165 -5.47 -31.03 -16.72
CA GLY H 165 -6.44 -31.16 -17.83
C GLY H 165 -7.34 -32.41 -17.76
N ALA H 166 -7.59 -32.92 -16.55
CA ALA H 166 -8.20 -34.24 -16.30
C ALA H 166 -9.33 -34.22 -15.23
N ALA H 167 -9.86 -33.03 -14.90
CA ALA H 167 -10.99 -32.87 -13.97
C ALA H 167 -12.28 -33.59 -14.43
N ALA H 168 -13.17 -33.90 -13.49
CA ALA H 168 -14.53 -34.39 -13.74
C ALA H 168 -15.46 -33.27 -14.27
N GLY H 169 -16.72 -33.62 -14.55
CA GLY H 169 -17.79 -32.68 -14.93
C GLY H 169 -18.96 -32.71 -13.95
N ALA H 170 -19.87 -31.73 -14.07
CA ALA H 170 -21.11 -31.66 -13.29
C ALA H 170 -21.98 -32.91 -13.53
N ALA H 171 -22.35 -33.62 -12.45
CA ALA H 171 -22.97 -34.95 -12.49
C ALA H 171 -22.25 -35.97 -13.42
N GLY H 172 -20.92 -35.86 -13.52
CA GLY H 172 -20.07 -36.56 -14.50
C GLY H 172 -18.68 -36.89 -13.94
N GLY H 173 -18.65 -37.59 -12.80
CA GLY H 173 -17.43 -37.99 -12.08
C GLY H 173 -17.51 -39.40 -11.45
N ALA H 174 -18.36 -40.28 -12.00
CA ALA H 174 -18.66 -41.64 -11.53
C ALA H 174 -17.52 -42.67 -11.80
N ALA H 175 -16.28 -42.33 -11.43
CA ALA H 175 -15.06 -43.08 -11.74
C ALA H 175 -14.17 -43.38 -10.50
N ALA H 176 -14.65 -43.08 -9.30
CA ALA H 176 -13.96 -43.35 -8.03
C ALA H 176 -13.78 -44.86 -7.74
N ALA H 177 -12.75 -45.21 -6.96
CA ALA H 177 -12.47 -46.56 -6.49
C ALA H 177 -13.35 -47.01 -5.29
N GLY H 178 -13.17 -48.25 -4.84
CA GLY H 178 -13.82 -48.84 -3.66
C GLY H 178 -12.98 -49.98 -3.04
N ALA H 179 -13.31 -50.50 -1.86
CA ALA H 179 -14.46 -50.16 -0.98
C ALA H 179 -14.23 -48.94 -0.05
N ALA H 180 -13.18 -48.14 -0.32
CA ALA H 180 -12.89 -46.85 0.30
C ALA H 180 -12.56 -46.84 1.82
N GLU H 181 -11.85 -47.77 2.46
CA GLU H 181 -11.30 -49.09 2.07
C GLU H 181 -10.98 -49.88 3.35
N ILE H 182 -10.06 -49.35 4.18
CA ILE H 182 -9.40 -50.08 5.28
C ILE H 182 -10.21 -50.17 6.58
N CYS H 183 -11.41 -49.57 6.62
CA CYS H 183 -12.37 -49.71 7.72
C CYS H 183 -13.52 -50.69 7.39
N PHE H 184 -13.33 -51.53 6.36
CA PHE H 184 -14.26 -52.61 6.00
C PHE H 184 -13.55 -53.84 5.42
N LEU H 185 -12.57 -53.66 4.52
CA LEU H 185 -11.86 -54.74 3.82
C LEU H 185 -11.01 -55.65 4.72
N PRO H 186 -10.07 -55.16 5.57
CA PRO H 186 -9.23 -56.04 6.39
C PRO H 186 -10.00 -56.72 7.54
N GLU H 187 -11.13 -56.12 7.96
CA GLU H 187 -12.06 -56.69 8.94
C GLU H 187 -13.08 -57.66 8.31
N ALA H 188 -13.18 -57.68 6.97
CA ALA H 188 -14.26 -58.31 6.19
C ALA H 188 -15.67 -58.07 6.81
N ALA H 189 -15.91 -56.84 7.27
CA ALA H 189 -16.88 -56.52 8.34
C ALA H 189 -18.32 -57.02 8.08
N GLY H 190 -18.87 -56.76 6.88
CA GLY H 190 -20.13 -57.30 6.36
C GLY H 190 -21.46 -56.84 7.02
N ALA H 191 -21.50 -56.75 8.36
CA ALA H 191 -22.69 -56.47 9.15
C ALA H 191 -23.24 -55.03 9.02
N ALA H 192 -24.47 -54.82 9.51
CA ALA H 192 -25.24 -53.58 9.41
C ALA H 192 -24.54 -52.33 9.97
N ALA H 193 -24.95 -51.16 9.48
CA ALA H 193 -24.41 -49.83 9.85
C ALA H 193 -24.89 -49.31 11.22
N ALA H 194 -25.08 -50.19 12.22
CA ALA H 194 -25.12 -49.78 13.62
C ALA H 194 -23.68 -49.47 14.10
N ASP H 195 -22.95 -50.47 14.59
CA ASP H 195 -21.58 -50.31 15.08
C ASP H 195 -20.59 -49.95 13.96
N ASN H 196 -20.79 -50.46 12.74
CA ASN H 196 -19.87 -50.30 11.62
C ASN H 196 -19.87 -48.90 10.98
N ALA H 197 -20.88 -48.06 11.22
CA ALA H 197 -20.95 -46.72 10.61
C ALA H 197 -19.82 -45.78 11.08
N PHE H 198 -19.38 -45.91 12.34
CA PHE H 198 -18.50 -44.92 12.96
C PHE H 198 -17.01 -45.16 12.66
N THR H 199 -16.60 -46.42 12.49
CA THR H 199 -15.27 -46.75 11.93
C THR H 199 -15.12 -46.26 10.48
N LEU H 200 -16.19 -46.31 9.68
CA LEU H 200 -16.23 -45.72 8.34
C LEU H 200 -16.18 -44.18 8.38
N ARG H 201 -17.03 -43.53 9.18
CA ARG H 201 -17.10 -42.05 9.31
C ARG H 201 -15.78 -41.43 9.80
N THR H 202 -15.09 -42.05 10.76
CA THR H 202 -13.75 -41.58 11.18
C THR H 202 -12.66 -41.99 10.18
N GLY H 203 -12.75 -43.19 9.60
CA GLY H 203 -11.78 -43.73 8.64
C GLY H 203 -11.64 -42.89 7.37
N LEU H 204 -12.76 -42.48 6.76
CA LEU H 204 -12.77 -41.61 5.58
C LEU H 204 -12.01 -40.30 5.82
N GLN H 205 -12.22 -39.67 6.99
CA GLN H 205 -11.52 -38.45 7.39
C GLN H 205 -10.03 -38.72 7.67
N GLU H 206 -9.71 -39.73 8.47
CA GLU H 206 -8.33 -40.04 8.89
C GLU H 206 -7.43 -40.43 7.70
N VAL H 207 -7.94 -41.24 6.77
CA VAL H 207 -7.23 -41.61 5.54
C VAL H 207 -7.04 -40.39 4.63
N ALA H 208 -8.05 -39.54 4.46
CA ALA H 208 -7.92 -38.30 3.68
C ALA H 208 -6.85 -37.36 4.27
N ARG H 209 -6.85 -37.16 5.60
CA ARG H 209 -5.85 -36.34 6.31
C ARG H 209 -4.42 -36.84 6.12
N ARG H 210 -4.23 -38.17 6.12
CA ARG H 210 -2.96 -38.86 5.81
C ARG H 210 -2.57 -38.83 4.32
N TYR H 211 -3.40 -38.26 3.45
CA TYR H 211 -3.14 -37.94 2.05
C TYR H 211 -3.31 -36.43 1.74
N ASN H 212 -3.13 -35.56 2.74
CA ASN H 212 -3.17 -34.10 2.65
C ASN H 212 -4.52 -33.53 2.12
N ALA H 213 -5.62 -34.20 2.43
CA ALA H 213 -7.00 -33.84 2.06
C ALA H 213 -7.95 -34.00 3.27
N ILE H 214 -9.25 -33.80 3.06
CA ILE H 214 -10.31 -34.02 4.05
C ILE H 214 -11.55 -34.66 3.41
N ALA H 215 -12.42 -35.24 4.23
CA ALA H 215 -13.67 -35.88 3.82
C ALA H 215 -14.84 -35.42 4.69
N SER H 216 -16.07 -35.50 4.16
CA SER H 216 -17.29 -35.07 4.84
C SER H 216 -18.54 -35.85 4.39
N ALA H 217 -19.64 -35.63 5.12
CA ALA H 217 -20.92 -36.32 4.96
C ALA H 217 -22.08 -35.34 4.69
N ALA H 218 -21.77 -34.09 4.29
CA ALA H 218 -22.73 -33.05 3.96
C ALA H 218 -23.61 -33.46 2.77
N ALA H 219 -24.90 -33.66 3.03
CA ALA H 219 -25.90 -34.20 2.09
C ALA H 219 -26.03 -33.43 0.77
N ALA H 220 -25.73 -32.13 0.76
CA ALA H 220 -25.83 -31.22 -0.38
C ALA H 220 -24.60 -30.27 -0.44
N ALA H 221 -23.40 -30.86 -0.32
CA ALA H 221 -22.11 -30.14 -0.23
C ALA H 221 -21.84 -29.11 -1.36
N ALA H 222 -22.44 -29.28 -2.54
CA ALA H 222 -22.40 -28.34 -3.66
C ALA H 222 -23.72 -28.34 -4.45
N ALA H 223 -24.08 -27.20 -5.02
CA ALA H 223 -25.24 -27.05 -5.92
C ALA H 223 -24.99 -27.66 -7.32
N ALA H 224 -26.07 -27.86 -8.09
CA ALA H 224 -26.08 -28.40 -9.45
C ALA H 224 -25.29 -29.71 -9.67
N ALA H 225 -25.20 -30.55 -8.62
CA ALA H 225 -24.43 -31.80 -8.60
C ALA H 225 -25.06 -32.85 -7.64
N ALA H 226 -24.50 -34.06 -7.63
CA ALA H 226 -24.82 -35.12 -6.66
C ALA H 226 -24.45 -34.73 -5.20
N GLY H 227 -24.85 -35.57 -4.24
CA GLY H 227 -24.61 -35.34 -2.81
C GLY H 227 -24.57 -36.62 -1.96
N ALA H 228 -24.19 -36.48 -0.69
CA ALA H 228 -23.95 -37.58 0.25
C ALA H 228 -25.24 -38.25 0.78
N GLY H 229 -25.97 -38.98 -0.07
CA GLY H 229 -27.10 -39.84 0.33
C GLY H 229 -26.69 -41.00 1.26
N SER H 230 -27.64 -41.63 1.95
CA SER H 230 -27.40 -42.75 2.88
C SER H 230 -28.32 -43.95 2.64
N HIS H 231 -28.54 -44.27 1.36
CA HIS H 231 -29.37 -45.40 0.92
C HIS H 231 -28.89 -46.73 1.52
N SER H 232 -29.83 -47.65 1.71
CA SER H 232 -29.63 -48.93 2.42
C SER H 232 -30.50 -50.05 1.89
N ILE H 233 -30.24 -51.27 2.33
CA ILE H 233 -31.03 -52.47 2.03
C ILE H 233 -31.42 -53.16 3.34
N TRP H 234 -32.62 -53.73 3.37
CA TRP H 234 -33.29 -54.18 4.61
C TRP H 234 -33.98 -55.53 4.45
N ASP H 235 -33.90 -56.32 5.52
CA ASP H 235 -34.30 -57.72 5.56
C ASP H 235 -34.45 -58.21 7.02
N VAL H 236 -35.16 -59.32 7.19
CA VAL H 236 -35.62 -59.89 8.46
C VAL H 236 -35.42 -61.41 8.40
N GLY H 237 -35.11 -62.06 9.53
CA GLY H 237 -34.93 -63.52 9.52
C GLY H 237 -35.02 -64.21 10.88
N ALA H 238 -35.20 -65.53 10.82
CA ALA H 238 -35.25 -66.44 11.96
C ALA H 238 -34.83 -67.87 11.53
N ALA H 239 -34.39 -68.69 12.47
CA ALA H 239 -33.94 -70.09 12.26
C ALA H 239 -32.97 -70.31 11.06
N GLY H 240 -32.23 -69.27 10.65
CA GLY H 240 -31.25 -69.32 9.55
C GLY H 240 -31.78 -68.93 8.17
N THR H 241 -33.00 -68.39 8.04
CA THR H 241 -33.62 -68.06 6.73
C THR H 241 -34.21 -66.64 6.65
N ASN H 242 -34.24 -66.11 5.43
CA ASN H 242 -34.88 -64.84 5.02
C ASN H 242 -36.41 -64.90 5.21
N ALA H 243 -37.03 -63.79 5.66
CA ALA H 243 -38.47 -63.67 5.93
C ALA H 243 -39.21 -62.62 5.06
N PHE H 244 -38.53 -61.96 4.10
CA PHE H 244 -39.15 -61.08 3.09
C PHE H 244 -39.34 -61.77 1.73
N ALA H 245 -38.66 -62.88 1.46
CA ALA H 245 -38.84 -63.71 0.26
C ALA H 245 -40.25 -64.34 0.19
N GLY H 246 -40.82 -64.40 -1.02
CA GLY H 246 -42.13 -64.99 -1.27
C GLY H 246 -42.58 -64.91 -2.73
N ALA H 247 -43.91 -64.86 -2.93
CA ALA H 247 -44.57 -64.97 -4.23
C ALA H 247 -45.41 -63.74 -4.63
N SER H 248 -45.36 -62.63 -3.88
CA SER H 248 -45.92 -61.33 -4.31
C SER H 248 -44.94 -60.59 -5.24
N GLY H 249 -45.27 -59.35 -5.64
CA GLY H 249 -44.49 -58.53 -6.58
C GLY H 249 -42.98 -58.49 -6.30
N ALA H 250 -42.17 -58.58 -7.37
CA ALA H 250 -40.71 -58.63 -7.34
C ALA H 250 -40.11 -59.63 -6.31
N ARG H 251 -40.79 -60.77 -6.08
CA ARG H 251 -40.42 -61.87 -5.17
C ARG H 251 -40.45 -61.51 -3.67
N ALA H 252 -41.13 -60.41 -3.32
CA ALA H 252 -41.47 -60.06 -1.93
C ALA H 252 -42.55 -61.00 -1.33
N THR H 253 -43.03 -60.70 -0.12
CA THR H 253 -44.09 -61.45 0.57
C THR H 253 -44.99 -60.54 1.41
N LEU H 254 -46.09 -61.08 1.97
CA LEU H 254 -47.11 -60.31 2.70
C LEU H 254 -46.58 -59.61 3.96
N THR H 255 -45.73 -60.25 4.77
CA THR H 255 -45.08 -59.56 5.91
C THR H 255 -44.09 -58.47 5.44
N GLY H 256 -43.43 -58.66 4.29
CA GLY H 256 -42.65 -57.62 3.63
C GLY H 256 -43.51 -56.42 3.21
N ALA H 257 -44.68 -56.66 2.62
CA ALA H 257 -45.67 -55.62 2.29
C ALA H 257 -46.19 -54.89 3.54
N LYS H 258 -46.35 -55.58 4.68
CA LYS H 258 -46.71 -54.97 5.97
C LYS H 258 -45.57 -54.13 6.58
N TRP H 259 -44.32 -54.56 6.49
CA TRP H 259 -43.15 -53.73 6.81
C TRP H 259 -43.10 -52.47 5.93
N LEU H 260 -43.29 -52.61 4.61
CA LEU H 260 -43.38 -51.49 3.67
C LEU H 260 -44.54 -50.54 4.01
N ALA H 261 -45.73 -51.05 4.37
CA ALA H 261 -46.86 -50.23 4.82
C ALA H 261 -46.50 -49.37 6.05
N GLY H 262 -45.81 -49.97 7.04
CA GLY H 262 -45.27 -49.25 8.20
C GLY H 262 -44.27 -48.16 7.82
N LEU H 263 -43.30 -48.49 6.96
CA LEU H 263 -42.29 -47.55 6.45
C LEU H 263 -42.90 -46.37 5.68
N LEU H 264 -43.87 -46.62 4.80
CA LEU H 264 -44.60 -45.60 4.06
C LEU H 264 -45.36 -44.64 5.00
N ALA H 265 -46.06 -45.17 5.99
CA ALA H 265 -46.78 -44.38 6.99
C ALA H 265 -45.84 -43.54 7.88
N ALA H 266 -44.68 -44.10 8.27
CA ALA H 266 -43.71 -43.46 9.16
C ALA H 266 -42.74 -42.48 8.48
N ALA H 267 -42.69 -42.42 7.14
CA ALA H 267 -41.70 -41.64 6.39
C ALA H 267 -41.60 -40.15 6.82
N ALA H 268 -42.75 -39.52 7.11
CA ALA H 268 -42.84 -38.14 7.59
C ALA H 268 -42.21 -37.88 8.97
N ALA H 269 -41.88 -38.93 9.74
CA ALA H 269 -41.29 -38.87 11.07
C ALA H 269 -39.90 -39.56 11.14
N ALA H 270 -39.67 -40.63 10.38
CA ALA H 270 -38.35 -41.24 10.20
C ALA H 270 -37.32 -40.24 9.63
N ALA H 271 -37.76 -39.28 8.81
CA ALA H 271 -36.97 -38.14 8.33
C ALA H 271 -36.32 -37.31 9.46
N ALA H 272 -36.88 -37.28 10.68
CA ALA H 272 -36.27 -36.58 11.82
C ALA H 272 -34.90 -37.16 12.24
N ALA H 273 -34.63 -38.43 11.91
CA ALA H 273 -33.31 -39.08 12.09
C ALA H 273 -32.57 -39.24 10.76
N ALA H 274 -33.27 -39.65 9.68
CA ALA H 274 -32.68 -39.93 8.37
C ALA H 274 -32.29 -38.68 7.55
N ALA H 275 -32.82 -37.51 7.89
CA ALA H 275 -32.60 -36.23 7.23
C ALA H 275 -32.43 -35.09 8.26
N ALA H 276 -31.64 -35.37 9.30
CA ALA H 276 -31.45 -34.56 10.52
C ALA H 276 -30.84 -33.14 10.35
N ALA H 277 -30.65 -32.64 9.12
CA ALA H 277 -30.09 -31.31 8.83
C ALA H 277 -30.70 -30.70 7.55
N ALA H 278 -30.66 -29.37 7.43
CA ALA H 278 -31.20 -28.63 6.27
C ALA H 278 -30.55 -29.03 4.93
N ALA H 279 -29.29 -29.46 4.94
CA ALA H 279 -28.62 -30.03 3.76
C ALA H 279 -29.32 -31.29 3.22
N ALA H 280 -29.90 -32.13 4.08
CA ALA H 280 -30.65 -33.31 3.66
C ALA H 280 -32.02 -32.94 3.07
N ALA H 281 -32.68 -31.90 3.60
CA ALA H 281 -33.88 -31.33 2.99
C ALA H 281 -33.59 -30.72 1.60
N ALA H 282 -32.44 -30.06 1.42
CA ALA H 282 -31.96 -29.58 0.12
C ALA H 282 -31.64 -30.73 -0.85
N ALA H 283 -31.01 -31.82 -0.39
CA ALA H 283 -30.77 -33.03 -1.19
C ALA H 283 -32.09 -33.72 -1.63
N ALA H 284 -33.13 -33.68 -0.79
CA ALA H 284 -34.46 -34.21 -1.06
C ALA H 284 -35.36 -33.30 -1.94
N ALA H 285 -34.90 -32.10 -2.32
CA ALA H 285 -35.64 -31.18 -3.18
C ALA H 285 -35.92 -31.75 -4.59
N ALA H 286 -36.87 -31.15 -5.31
CA ALA H 286 -37.33 -31.59 -6.63
C ALA H 286 -36.20 -31.71 -7.67
N GLY H 287 -36.22 -32.81 -8.44
CA GLY H 287 -35.28 -33.09 -9.52
C GLY H 287 -35.47 -34.48 -10.14
N ALA H 288 -34.86 -34.73 -11.30
CA ALA H 288 -35.04 -35.95 -12.09
C ALA H 288 -34.56 -37.26 -11.42
N ALA H 289 -33.80 -37.18 -10.32
CA ALA H 289 -33.23 -38.30 -9.59
C ALA H 289 -33.42 -38.18 -8.05
N ALA H 290 -34.35 -37.33 -7.60
CA ALA H 290 -34.74 -37.21 -6.19
C ALA H 290 -35.33 -38.52 -5.62
N ALA H 291 -35.39 -38.63 -4.28
CA ALA H 291 -35.81 -39.84 -3.56
C ALA H 291 -36.93 -39.58 -2.50
N ALA H 292 -37.52 -38.38 -2.49
CA ALA H 292 -38.59 -37.99 -1.57
C ALA H 292 -39.96 -38.65 -1.85
N ALA H 293 -40.14 -39.29 -3.01
CA ALA H 293 -41.35 -40.01 -3.41
C ALA H 293 -41.57 -41.28 -2.55
N THR H 294 -42.29 -41.14 -1.43
CA THR H 294 -42.66 -42.22 -0.49
C THR H 294 -43.57 -43.29 -1.14
N ALA H 295 -42.95 -44.18 -1.91
CA ALA H 295 -43.58 -45.22 -2.73
C ALA H 295 -42.66 -46.45 -2.83
N TRP H 296 -43.19 -47.57 -3.33
CA TRP H 296 -42.46 -48.82 -3.51
C TRP H 296 -42.62 -49.38 -4.93
N GLY H 297 -41.68 -50.20 -5.38
CA GLY H 297 -41.64 -50.75 -6.74
C GLY H 297 -40.31 -51.45 -7.06
N ALA H 298 -40.08 -51.78 -8.33
CA ALA H 298 -38.86 -52.47 -8.79
C ALA H 298 -38.31 -51.94 -10.14
N ALA H 299 -38.77 -50.77 -10.60
CA ALA H 299 -38.36 -50.14 -11.85
C ALA H 299 -38.41 -48.59 -11.82
N ALA H 300 -39.37 -48.00 -11.10
CA ALA H 300 -39.45 -46.55 -10.85
C ALA H 300 -38.34 -46.08 -9.87
N ALA H 301 -37.14 -45.81 -10.40
CA ALA H 301 -35.92 -45.58 -9.63
C ALA H 301 -35.99 -44.45 -8.57
N ALA H 302 -36.84 -43.45 -8.76
CA ALA H 302 -37.05 -42.35 -7.81
C ALA H 302 -37.87 -42.73 -6.54
N CYS H 303 -38.60 -43.86 -6.57
CA CYS H 303 -39.42 -44.31 -5.44
C CYS H 303 -38.57 -44.76 -4.23
N ALA H 304 -38.93 -44.29 -3.04
CA ALA H 304 -38.13 -44.37 -1.82
C ALA H 304 -37.86 -45.79 -1.27
N LEU H 305 -38.67 -46.79 -1.64
CA LEU H 305 -38.67 -48.15 -1.08
C LEU H 305 -38.66 -49.21 -2.19
N ASN H 306 -37.55 -49.31 -2.93
CA ASN H 306 -37.38 -50.34 -3.96
C ASN H 306 -37.47 -51.77 -3.37
N ILE H 307 -37.78 -52.76 -4.21
CA ILE H 307 -37.57 -54.18 -3.93
C ILE H 307 -36.24 -54.60 -4.56
N ALA H 308 -35.32 -55.12 -3.75
CA ALA H 308 -34.06 -55.72 -4.18
C ALA H 308 -34.31 -57.14 -4.71
N ALA H 309 -34.87 -57.23 -5.92
CA ALA H 309 -35.08 -58.50 -6.63
C ALA H 309 -33.75 -59.25 -6.86
N ALA H 310 -33.78 -60.58 -6.76
CA ALA H 310 -32.63 -61.47 -6.92
C ALA H 310 -33.04 -62.85 -7.48
N ALA H 311 -32.11 -63.56 -8.10
CA ALA H 311 -32.31 -64.92 -8.61
C ALA H 311 -32.43 -65.96 -7.48
N ALA H 312 -31.64 -65.81 -6.42
CA ALA H 312 -31.74 -66.60 -5.19
C ALA H 312 -32.79 -66.00 -4.25
N ALA H 313 -33.74 -66.81 -3.76
CA ALA H 313 -34.78 -66.37 -2.83
C ALA H 313 -34.22 -65.75 -1.55
N LYS H 314 -33.09 -66.28 -1.04
CA LYS H 314 -32.35 -65.74 0.12
C LYS H 314 -31.93 -64.26 -0.03
N GLY H 315 -31.82 -63.77 -1.26
CA GLY H 315 -31.43 -62.40 -1.59
C GLY H 315 -32.61 -61.45 -1.90
N ALA H 316 -33.86 -61.92 -1.86
CA ALA H 316 -35.05 -61.08 -1.97
C ALA H 316 -35.20 -60.18 -0.72
N GLN H 317 -34.99 -58.88 -0.89
CA GLN H 317 -34.93 -57.87 0.20
C GLN H 317 -35.60 -56.55 -0.26
N ILE H 318 -35.57 -55.50 0.56
CA ILE H 318 -36.02 -54.15 0.16
C ILE H 318 -34.87 -53.14 0.22
N GLU H 319 -35.05 -51.96 -0.35
CA GLU H 319 -34.02 -50.93 -0.56
C GLU H 319 -34.58 -49.53 -0.24
N ASN H 320 -34.12 -48.94 0.87
CA ASN H 320 -34.63 -47.68 1.43
C ASN H 320 -33.72 -46.50 1.02
N LYS H 321 -34.32 -45.37 0.68
CA LYS H 321 -33.62 -44.20 0.08
C LYS H 321 -33.93 -42.85 0.75
N ALA H 322 -34.84 -42.82 1.73
CA ALA H 322 -35.41 -41.62 2.34
C ALA H 322 -34.47 -40.88 3.34
N GLY H 323 -33.17 -40.81 3.07
CA GLY H 323 -32.19 -40.17 3.96
C GLY H 323 -30.83 -39.84 3.34
N ALA H 324 -30.02 -39.10 4.10
CA ALA H 324 -28.68 -38.66 3.74
C ALA H 324 -27.68 -38.74 4.90
N ALA H 325 -26.39 -38.74 4.59
CA ALA H 325 -25.28 -39.06 5.52
C ALA H 325 -25.09 -38.09 6.69
N ALA H 326 -25.80 -36.95 6.72
CA ALA H 326 -25.93 -36.08 7.90
C ALA H 326 -26.70 -36.75 9.08
N ALA H 327 -27.39 -37.87 8.83
CA ALA H 327 -28.16 -38.64 9.81
C ALA H 327 -27.35 -39.22 10.99
N ASN H 328 -28.06 -39.68 12.03
CA ASN H 328 -27.53 -40.47 13.15
C ASN H 328 -27.77 -41.98 12.91
N PRO H 329 -26.73 -42.78 12.59
CA PRO H 329 -26.87 -44.20 12.25
C PRO H 329 -27.68 -45.03 13.24
N TYR H 330 -27.38 -44.98 14.54
CA TYR H 330 -28.10 -45.77 15.55
C TYR H 330 -29.59 -45.41 15.61
N LEU H 331 -29.94 -44.13 15.52
CA LEU H 331 -31.34 -43.68 15.57
C LEU H 331 -32.11 -43.95 14.27
N VAL H 332 -31.45 -43.93 13.10
CA VAL H 332 -32.03 -44.40 11.83
C VAL H 332 -32.32 -45.91 11.90
N LEU H 333 -31.34 -46.70 12.34
CA LEU H 333 -31.46 -48.15 12.55
C LEU H 333 -32.61 -48.49 13.52
N ALA H 334 -32.81 -47.69 14.58
CA ALA H 334 -33.95 -47.82 15.49
C ALA H 334 -35.29 -47.44 14.84
N ALA H 335 -35.39 -46.23 14.25
CA ALA H 335 -36.65 -45.66 13.75
C ALA H 335 -37.24 -46.42 12.55
N THR H 336 -36.40 -46.84 11.59
CA THR H 336 -36.85 -47.61 10.42
C THR H 336 -37.39 -48.99 10.81
N VAL H 337 -36.82 -49.61 11.85
CA VAL H 337 -37.31 -50.86 12.44
C VAL H 337 -38.59 -50.65 13.24
N ALA H 338 -38.69 -49.58 14.05
CA ALA H 338 -39.91 -49.25 14.81
C ALA H 338 -41.16 -49.10 13.92
N ALA H 339 -41.00 -48.57 12.70
CA ALA H 339 -42.06 -48.50 11.70
C ALA H 339 -42.51 -49.90 11.23
N GLY H 340 -41.56 -50.77 10.85
CA GLY H 340 -41.84 -52.14 10.41
C GLY H 340 -42.47 -53.02 11.49
N LEU H 341 -41.99 -52.89 12.73
CA LEU H 341 -42.46 -53.63 13.92
C LEU H 341 -43.95 -53.44 14.25
N ASP H 342 -44.60 -52.37 13.77
CA ASP H 342 -46.03 -52.14 14.00
C ASP H 342 -46.88 -52.19 12.72
N GLY H 343 -46.29 -52.00 11.53
CA GLY H 343 -46.93 -52.33 10.25
C GLY H 343 -47.45 -53.79 10.19
N ILE H 344 -46.69 -54.72 10.78
CA ILE H 344 -47.08 -56.13 10.96
C ILE H 344 -48.18 -56.38 12.03
N GLN H 345 -48.55 -55.36 12.81
CA GLN H 345 -49.56 -55.46 13.90
C GLN H 345 -50.84 -54.68 13.56
N SER H 346 -50.73 -53.55 12.84
CA SER H 346 -51.86 -52.88 12.18
C SER H 346 -52.41 -53.67 10.98
N ALA H 347 -51.60 -54.60 10.44
CA ALA H 347 -51.83 -55.34 9.20
C ALA H 347 -52.18 -54.44 7.99
N GLY H 348 -51.63 -53.20 7.96
CA GLY H 348 -51.76 -52.27 6.83
C GLY H 348 -51.13 -52.78 5.53
N ALA H 349 -51.39 -52.08 4.43
CA ALA H 349 -50.94 -52.45 3.09
C ALA H 349 -50.25 -51.28 2.36
N ALA H 350 -49.25 -51.60 1.53
CA ALA H 350 -48.40 -50.64 0.84
C ALA H 350 -49.01 -50.04 -0.45
N ALA H 351 -50.29 -50.35 -0.75
CA ALA H 351 -50.94 -50.15 -2.05
C ALA H 351 -50.18 -50.78 -3.24
N GLY H 352 -50.62 -50.55 -4.48
CA GLY H 352 -49.97 -51.08 -5.69
C GLY H 352 -48.56 -50.52 -5.92
N ALA H 353 -47.70 -51.32 -6.55
CA ALA H 353 -46.33 -50.92 -6.91
C ALA H 353 -46.29 -49.82 -7.98
N ALA H 354 -45.34 -48.89 -7.84
CA ALA H 354 -45.07 -47.82 -8.80
C ALA H 354 -44.33 -48.34 -10.05
N ALA H 355 -44.91 -48.11 -11.23
CA ALA H 355 -44.32 -48.41 -12.54
C ALA H 355 -44.66 -47.35 -13.62
N ALA H 356 -45.29 -46.24 -13.23
CA ALA H 356 -45.62 -45.10 -14.07
C ALA H 356 -44.46 -44.06 -14.11
N ASP H 357 -44.77 -42.79 -14.39
CA ASP H 357 -43.84 -41.66 -14.26
C ASP H 357 -43.23 -41.54 -12.84
N ALA H 358 -42.12 -40.81 -12.71
CA ALA H 358 -41.17 -40.86 -11.58
C ALA H 358 -41.74 -40.57 -10.18
N ALA H 359 -42.86 -39.86 -10.04
CA ALA H 359 -43.50 -39.57 -8.76
C ALA H 359 -45.04 -39.52 -8.87
N ALA H 360 -45.69 -40.01 -7.80
CA ALA H 360 -47.13 -40.30 -7.56
C ALA H 360 -47.32 -41.80 -7.27
N ALA H 361 -48.54 -42.22 -6.92
CA ALA H 361 -48.97 -43.62 -6.70
C ALA H 361 -47.93 -44.51 -5.96
N ALA H 362 -47.81 -44.43 -4.64
CA ALA H 362 -48.75 -43.81 -3.70
C ALA H 362 -48.84 -42.26 -3.70
N PRO H 363 -47.75 -41.49 -3.47
CA PRO H 363 -47.79 -40.17 -2.83
C PRO H 363 -48.92 -39.20 -3.23
N SER H 364 -49.92 -38.89 -2.40
CA SER H 364 -50.32 -39.39 -1.06
C SER H 364 -49.25 -39.48 0.05
N GLU H 365 -49.40 -40.40 1.00
CA GLU H 365 -49.97 -40.16 2.35
C GLU H 365 -51.40 -39.55 2.29
N ILE H 366 -51.71 -38.25 2.29
CA ILE H 366 -51.05 -37.05 2.85
C ILE H 366 -52.13 -35.99 3.15
N PRO H 367 -52.06 -35.31 4.31
CA PRO H 367 -52.71 -34.02 4.52
C PRO H 367 -51.67 -32.88 4.62
N GLY H 368 -52.04 -31.68 4.17
CA GLY H 368 -51.09 -30.58 3.87
C GLY H 368 -50.90 -29.54 4.99
N LYS H 369 -51.00 -29.94 6.27
CA LYS H 369 -50.93 -29.03 7.44
C LYS H 369 -50.12 -29.63 8.59
N MET H 370 -49.47 -28.77 9.38
CA MET H 370 -48.79 -29.15 10.63
C MET H 370 -49.75 -29.71 11.68
N GLU H 371 -50.98 -29.19 11.76
CA GLU H 371 -52.03 -29.71 12.64
C GLU H 371 -52.38 -31.18 12.33
N ASP H 372 -52.42 -31.56 11.05
CA ASP H 372 -52.66 -32.94 10.63
C ASP H 372 -51.43 -33.84 10.81
N ALA H 373 -50.21 -33.32 10.65
CA ALA H 373 -48.98 -34.04 10.99
C ALA H 373 -48.92 -34.37 12.51
N LEU H 374 -49.33 -33.42 13.36
CA LEU H 374 -49.48 -33.64 14.81
C LEU H 374 -50.64 -34.59 15.13
N ALA H 375 -51.76 -34.52 14.41
CA ALA H 375 -52.85 -35.48 14.56
C ALA H 375 -52.40 -36.93 14.24
N ALA H 376 -51.63 -37.13 13.16
CA ALA H 376 -51.03 -38.42 12.84
C ALA H 376 -50.10 -38.91 13.96
N LEU H 377 -49.20 -38.05 14.47
CA LEU H 377 -48.32 -38.32 15.63
C LEU H 377 -49.07 -38.71 16.93
N GLU H 378 -50.38 -38.45 17.01
CA GLU H 378 -51.25 -38.74 18.17
C GLU H 378 -52.38 -39.76 17.86
N GLN H 379 -52.35 -40.39 16.68
CA GLN H 379 -53.28 -41.46 16.27
C GLN H 379 -52.54 -42.73 15.77
N ASP H 380 -51.38 -42.56 15.13
CA ASP H 380 -50.37 -43.59 14.86
C ASP H 380 -48.98 -42.92 14.70
N ALA H 381 -48.19 -42.69 15.75
CA ALA H 381 -48.30 -42.98 17.19
C ALA H 381 -47.97 -44.43 17.64
N GLU H 382 -47.82 -45.39 16.72
CA GLU H 382 -47.43 -46.78 17.05
C GLU H 382 -46.36 -47.33 16.10
N CYS H 383 -46.39 -46.98 14.82
CA CYS H 383 -45.23 -47.03 13.89
C CYS H 383 -44.15 -45.98 14.22
N LEU H 384 -44.44 -45.04 15.13
CA LEU H 384 -43.60 -43.88 15.46
C LEU H 384 -43.18 -43.93 16.94
N LYS H 385 -41.91 -43.60 17.21
CA LYS H 385 -41.31 -43.44 18.56
C LYS H 385 -41.66 -44.57 19.55
N ALA H 386 -41.73 -45.81 19.06
CA ALA H 386 -42.22 -46.97 19.79
C ALA H 386 -41.37 -47.33 21.03
N GLY H 387 -42.03 -47.43 22.20
CA GLY H 387 -41.43 -47.84 23.47
C GLY H 387 -40.43 -46.85 24.09
N LEU H 388 -39.89 -47.24 25.25
CA LEU H 388 -38.98 -46.49 26.13
C LEU H 388 -39.53 -45.13 26.66
N GLY H 389 -38.79 -44.59 27.63
CA GLY H 389 -38.53 -43.16 27.82
C GLY H 389 -37.04 -42.99 28.11
N GLU H 390 -36.39 -41.82 28.11
CA GLU H 390 -36.81 -40.40 28.13
C GLU H 390 -36.84 -39.85 29.57
N ALA H 391 -37.00 -40.72 30.57
CA ALA H 391 -36.82 -40.38 31.99
C ALA H 391 -35.41 -39.83 32.31
N PHE H 392 -34.37 -40.44 31.72
CA PHE H 392 -32.99 -39.97 31.81
C PHE H 392 -32.80 -38.59 31.13
N ILE H 393 -33.41 -38.41 29.95
CA ILE H 393 -33.36 -37.13 29.20
C ILE H 393 -33.99 -36.02 30.04
N ARG H 394 -35.25 -36.17 30.48
CA ARG H 394 -35.94 -35.15 31.29
C ARG H 394 -35.24 -34.86 32.62
N ALA H 395 -34.64 -35.86 33.29
CA ALA H 395 -33.88 -35.68 34.52
C ALA H 395 -32.62 -34.79 34.30
N ALA H 396 -31.82 -35.07 33.27
CA ALA H 396 -30.64 -34.28 32.94
C ALA H 396 -30.99 -32.87 32.39
N VAL H 397 -31.97 -32.80 31.49
CA VAL H 397 -32.46 -31.55 30.90
C VAL H 397 -33.12 -30.65 31.95
N ALA H 398 -33.83 -31.19 32.95
CA ALA H 398 -34.39 -30.41 34.05
C ALA H 398 -33.31 -29.61 34.83
N ALA H 399 -32.16 -30.23 35.12
CA ALA H 399 -31.04 -29.55 35.78
C ALA H 399 -30.53 -28.33 34.98
N ALA H 400 -30.39 -28.47 33.65
CA ALA H 400 -30.06 -27.37 32.76
C ALA H 400 -31.18 -26.31 32.69
N LYS H 401 -32.44 -26.74 32.55
CA LYS H 401 -33.62 -25.86 32.53
C LYS H 401 -33.76 -25.02 33.81
N TYR H 402 -33.51 -25.57 34.99
CA TYR H 402 -33.56 -24.80 36.24
C TYR H 402 -32.56 -23.63 36.25
N GLU H 403 -31.32 -23.84 35.79
CA GLU H 403 -30.33 -22.76 35.64
C GLU H 403 -30.76 -21.71 34.59
N LEU H 404 -31.20 -22.17 33.41
CA LEU H 404 -31.67 -21.31 32.33
C LEU H 404 -32.91 -20.47 32.74
N GLU H 405 -33.90 -21.08 33.37
CA GLU H 405 -35.10 -20.39 33.87
C GLU H 405 -34.80 -19.42 35.02
N ASN H 406 -33.80 -19.71 35.88
CA ASN H 406 -33.35 -18.75 36.91
C ASN H 406 -32.73 -17.49 36.30
N GLU H 407 -31.90 -17.64 35.25
CA GLU H 407 -31.37 -16.48 34.50
C GLU H 407 -32.46 -15.74 33.71
N GLU H 408 -33.34 -16.47 33.02
CA GLU H 408 -34.42 -15.88 32.21
C GLU H 408 -35.49 -15.17 33.06
N THR H 409 -35.89 -15.70 34.22
CA THR H 409 -36.91 -15.06 35.07
C THR H 409 -36.39 -13.75 35.70
N ASP H 410 -35.09 -13.66 36.02
CA ASP H 410 -34.46 -12.42 36.46
C ASP H 410 -34.40 -11.39 35.31
N ALA H 411 -34.04 -11.82 34.10
CA ALA H 411 -34.06 -10.97 32.90
C ALA H 411 -35.47 -10.47 32.56
N GLU H 412 -36.49 -11.34 32.58
CA GLU H 412 -37.90 -10.96 32.43
C GLU H 412 -38.36 -9.99 33.52
N GLY H 413 -37.97 -10.20 34.77
CA GLY H 413 -38.23 -9.27 35.88
C GLY H 413 -37.73 -7.85 35.60
N ASN H 414 -36.50 -7.71 35.10
CA ASN H 414 -35.94 -6.43 34.66
C ASN H 414 -36.69 -5.86 33.44
N LYS H 415 -36.99 -6.69 32.43
CA LYS H 415 -37.73 -6.29 31.22
C LYS H 415 -39.14 -5.76 31.54
N PHE H 416 -39.88 -6.39 32.47
CA PHE H 416 -41.20 -5.91 32.89
C PHE H 416 -41.13 -4.50 33.49
N LEU H 417 -40.16 -4.23 34.38
CA LEU H 417 -39.91 -2.88 34.91
C LEU H 417 -39.60 -1.87 33.79
N GLU H 418 -38.74 -2.26 32.83
CA GLU H 418 -38.44 -1.46 31.63
C GLU H 418 -39.63 -1.26 30.67
N TYR H 419 -40.73 -2.01 30.81
CA TYR H 419 -41.99 -1.81 30.07
C TYR H 419 -43.01 -0.97 30.86
N PHE H 420 -42.96 -0.97 32.20
CA PHE H 420 -43.86 -0.20 33.06
C PHE H 420 -43.50 1.30 33.16
N ILE H 421 -42.21 1.66 33.05
CA ILE H 421 -41.71 3.05 33.01
C ILE H 421 -42.25 3.88 31.83
N SER I 1 -8.93 -65.74 -18.93
CA SER I 1 -8.56 -66.62 -17.80
C SER I 1 -8.85 -65.93 -16.47
N ALA I 2 -9.91 -66.37 -15.76
CA ALA I 2 -10.18 -65.93 -14.39
C ALA I 2 -9.01 -66.29 -13.44
N GLU I 3 -8.44 -67.48 -13.64
CA GLU I 3 -7.31 -68.00 -12.87
C GLU I 3 -6.09 -67.07 -12.95
N HIS I 4 -5.75 -66.55 -14.13
CA HIS I 4 -4.64 -65.61 -14.33
C HIS I 4 -4.84 -64.29 -13.58
N VAL I 5 -6.05 -63.70 -13.61
CA VAL I 5 -6.35 -62.49 -12.85
C VAL I 5 -6.24 -62.74 -11.35
N LEU I 6 -6.73 -63.89 -10.85
CA LEU I 6 -6.60 -64.26 -9.44
C LEU I 6 -5.13 -64.48 -9.02
N THR I 7 -4.31 -65.18 -9.81
CA THR I 7 -2.88 -65.39 -9.48
C THR I 7 -2.04 -64.12 -9.58
N MET I 8 -2.39 -63.15 -10.44
CA MET I 8 -1.74 -61.82 -10.46
C MET I 8 -1.84 -61.09 -9.12
N LEU I 9 -2.94 -61.25 -8.37
CA LEU I 9 -3.10 -60.64 -7.03
C LEU I 9 -2.05 -61.16 -6.04
N ASN I 10 -1.66 -62.45 -6.14
CA ASN I 10 -0.58 -63.04 -5.34
C ASN I 10 0.82 -62.70 -5.91
N GLU I 11 1.00 -62.81 -7.23
CA GLU I 11 2.26 -62.59 -7.94
C GLU I 11 2.82 -61.16 -7.75
N HIS I 12 1.94 -60.17 -7.59
CA HIS I 12 2.27 -58.75 -7.40
C HIS I 12 1.78 -58.19 -6.05
N ALA I 13 1.40 -59.07 -5.13
CA ALA I 13 0.92 -58.77 -3.77
C ALA I 13 -0.11 -57.60 -3.68
N ALA I 14 -1.03 -57.54 -4.66
CA ALA I 14 -1.99 -56.45 -4.80
C ALA I 14 -2.93 -56.33 -3.57
N ALA I 15 -2.90 -55.19 -2.89
CA ALA I 15 -3.80 -54.87 -1.78
C ALA I 15 -5.18 -54.36 -2.25
N PHE I 16 -5.23 -53.71 -3.42
CA PHE I 16 -6.44 -53.12 -4.02
C PHE I 16 -6.44 -53.31 -5.55
N VAL I 17 -7.62 -53.19 -6.16
CA VAL I 17 -7.81 -53.29 -7.63
C VAL I 17 -8.71 -52.15 -8.10
N ARG I 18 -8.39 -51.59 -9.27
CA ARG I 18 -9.04 -50.43 -9.90
C ARG I 18 -9.87 -50.87 -11.12
N PHE I 19 -11.18 -50.70 -11.05
CA PHE I 19 -12.08 -50.80 -12.21
C PHE I 19 -11.99 -49.53 -13.05
N GLU I 20 -12.03 -49.65 -14.38
CA GLU I 20 -11.85 -48.51 -15.30
C GLU I 20 -12.84 -48.55 -16.48
N ALA I 21 -13.33 -47.38 -16.89
CA ALA I 21 -14.27 -47.17 -17.99
C ALA I 21 -14.05 -45.79 -18.66
N THR I 22 -14.87 -45.43 -19.64
CA THR I 22 -14.80 -44.16 -20.38
C THR I 22 -16.20 -43.60 -20.64
N ASP I 23 -16.37 -42.28 -20.56
CA ASP I 23 -17.65 -41.59 -20.82
C ASP I 23 -17.90 -41.26 -22.31
N ALA I 24 -19.10 -40.77 -22.62
CA ALA I 24 -19.48 -40.39 -23.98
C ALA I 24 -18.67 -39.20 -24.56
N ALA I 25 -18.18 -38.29 -23.72
CA ALA I 25 -17.37 -37.15 -24.14
C ALA I 25 -15.94 -37.56 -24.59
N GLY I 26 -15.34 -38.56 -23.93
CA GLY I 26 -14.06 -39.18 -24.29
C GLY I 26 -13.03 -39.28 -23.17
N ALA I 27 -13.42 -39.06 -21.91
CA ALA I 27 -12.53 -39.12 -20.76
C ALA I 27 -12.69 -40.44 -19.99
N SER I 28 -11.57 -41.06 -19.60
CA SER I 28 -11.56 -42.22 -18.72
C SER I 28 -11.98 -41.87 -17.28
N ARG I 29 -12.55 -42.85 -16.58
CA ARG I 29 -13.04 -42.79 -15.19
C ARG I 29 -12.74 -44.10 -14.47
N SER I 30 -12.65 -44.09 -13.15
CA SER I 30 -12.26 -45.27 -12.35
C SER I 30 -12.82 -45.28 -10.93
N LYS I 31 -12.84 -46.48 -10.33
CA LYS I 31 -13.24 -46.79 -8.94
C LYS I 31 -12.38 -47.94 -8.41
N SER I 32 -12.32 -48.17 -7.10
CA SER I 32 -11.46 -49.22 -6.52
C SER I 32 -11.99 -49.82 -5.21
N ILE I 33 -11.53 -51.04 -4.92
CA ILE I 33 -11.83 -51.83 -3.71
C ILE I 33 -10.62 -52.69 -3.30
N PRO I 34 -10.54 -53.18 -2.05
CA PRO I 34 -9.58 -54.21 -1.64
C PRO I 34 -9.62 -55.46 -2.54
N ALA I 35 -8.46 -56.07 -2.78
CA ALA I 35 -8.34 -57.29 -3.59
C ALA I 35 -9.08 -58.51 -3.00
N GLN I 36 -9.34 -58.52 -1.68
CA GLN I 36 -10.01 -59.60 -0.95
C GLN I 36 -11.45 -59.91 -1.43
N PHE I 37 -12.12 -58.95 -2.09
CA PHE I 37 -13.49 -59.11 -2.61
C PHE I 37 -13.59 -59.98 -3.88
N PHE I 38 -12.47 -60.27 -4.57
CA PHE I 38 -12.47 -60.99 -5.84
C PHE I 38 -12.76 -62.49 -5.66
N GLU I 39 -13.87 -62.95 -6.24
CA GLU I 39 -14.41 -64.32 -6.14
C GLU I 39 -15.11 -64.75 -7.46
N LYS I 40 -15.46 -66.03 -7.60
CA LYS I 40 -16.06 -66.60 -8.83
C LYS I 40 -17.33 -65.90 -9.34
N VAL I 41 -18.12 -65.30 -8.44
CA VAL I 41 -19.41 -64.66 -8.77
C VAL I 41 -19.24 -63.43 -9.65
N ILE I 42 -18.28 -62.55 -9.34
CA ILE I 42 -18.07 -61.29 -10.08
C ILE I 42 -17.60 -61.53 -11.53
N HIS I 43 -16.99 -62.68 -11.81
CA HIS I 43 -16.60 -63.13 -13.15
C HIS I 43 -17.79 -63.49 -14.06
N ALA I 44 -19.01 -63.58 -13.50
CA ALA I 44 -20.25 -63.89 -14.21
C ALA I 44 -21.39 -62.87 -13.98
N ARG I 45 -21.29 -62.01 -12.96
CA ARG I 45 -22.32 -61.02 -12.57
C ARG I 45 -21.81 -59.58 -12.42
N GLY I 46 -20.51 -59.33 -12.55
CA GLY I 46 -19.90 -58.01 -12.39
C GLY I 46 -20.14 -57.38 -11.01
N TYR I 47 -20.19 -56.05 -10.96
CA TYR I 47 -20.49 -55.24 -9.77
C TYR I 47 -21.71 -54.34 -10.00
N LEU I 48 -22.78 -54.59 -9.23
CA LEU I 48 -23.96 -53.73 -9.14
C LEU I 48 -23.63 -52.39 -8.45
N GLU I 49 -24.13 -51.29 -9.01
CA GLU I 49 -24.02 -49.93 -8.44
C GLU I 49 -25.29 -49.11 -8.70
N ASP I 50 -25.51 -48.08 -7.87
CA ASP I 50 -26.49 -47.02 -8.13
C ASP I 50 -26.02 -46.10 -9.27
N GLY I 51 -26.77 -46.10 -10.38
CA GLY I 51 -26.48 -45.28 -11.55
C GLY I 51 -26.97 -43.82 -11.48
N GLU I 52 -27.78 -43.43 -10.48
CA GLU I 52 -28.27 -42.04 -10.33
C GLU I 52 -27.13 -41.01 -10.11
N VAL I 53 -25.94 -41.48 -9.73
CA VAL I 53 -24.70 -40.68 -9.66
C VAL I 53 -24.29 -40.08 -11.02
N ASN I 54 -24.80 -40.62 -12.13
CA ASN I 54 -24.54 -40.16 -13.50
C ASN I 54 -25.86 -39.87 -14.24
N ALA I 55 -26.04 -38.62 -14.69
CA ALA I 55 -27.30 -38.07 -15.26
C ALA I 55 -27.76 -38.67 -16.61
N GLY I 56 -27.16 -39.78 -17.06
CA GLY I 56 -27.46 -40.46 -18.33
C GLY I 56 -27.21 -41.98 -18.31
N ALA I 57 -27.26 -42.62 -17.13
CA ALA I 57 -26.97 -44.05 -16.97
C ALA I 57 -28.04 -44.86 -16.20
N ALA I 58 -28.96 -44.21 -15.47
CA ALA I 58 -30.07 -44.86 -14.78
C ALA I 58 -31.23 -43.87 -14.49
N GLY I 59 -32.24 -44.33 -13.75
CA GLY I 59 -33.34 -43.52 -13.20
C GLY I 59 -33.78 -44.02 -11.81
N ALA I 60 -34.59 -43.23 -11.10
CA ALA I 60 -34.92 -43.46 -9.69
C ALA I 60 -35.64 -44.79 -9.40
N ALA I 61 -36.43 -45.31 -10.34
CA ALA I 61 -37.11 -46.61 -10.26
C ALA I 61 -36.25 -47.80 -10.73
N ALA I 62 -35.00 -47.55 -11.17
CA ALA I 62 -34.09 -48.51 -11.78
C ALA I 62 -32.62 -48.24 -11.34
N SER I 63 -32.44 -47.87 -10.07
CA SER I 63 -31.17 -47.52 -9.40
C SER I 63 -30.18 -48.68 -9.20
N ASP I 64 -30.08 -49.60 -10.19
CA ASP I 64 -29.18 -50.75 -10.22
C ASP I 64 -28.68 -51.00 -11.65
N ILE I 65 -27.39 -50.78 -11.89
CA ILE I 65 -26.67 -51.07 -13.15
C ILE I 65 -25.35 -51.78 -12.86
N VAL I 66 -24.71 -52.38 -13.87
CA VAL I 66 -23.58 -53.32 -13.70
C VAL I 66 -22.33 -52.81 -14.42
N LEU I 67 -21.23 -52.66 -13.68
CA LEU I 67 -19.88 -52.68 -14.25
C LEU I 67 -19.41 -54.13 -14.44
N MET I 68 -18.82 -54.43 -15.59
CA MET I 68 -18.42 -55.79 -15.97
C MET I 68 -16.92 -55.83 -16.32
N PRO I 69 -16.03 -56.10 -15.33
CA PRO I 69 -14.59 -56.26 -15.56
C PRO I 69 -14.29 -57.49 -16.44
N GLU I 70 -13.11 -57.51 -17.05
CA GLU I 70 -12.69 -58.59 -17.96
C GLU I 70 -11.37 -59.26 -17.53
N LEU I 71 -11.10 -60.43 -18.11
CA LEU I 71 -10.19 -61.44 -17.56
C LEU I 71 -9.08 -61.83 -18.56
N SER I 72 -8.74 -60.87 -19.42
CA SER I 72 -7.64 -60.88 -20.40
C SER I 72 -6.94 -59.51 -20.53
N THR I 73 -7.27 -58.57 -19.65
CA THR I 73 -6.96 -57.13 -19.75
C THR I 73 -6.32 -56.54 -18.48
N ALA I 74 -6.17 -57.33 -17.41
CA ALA I 74 -5.58 -56.90 -16.14
C ALA I 74 -4.10 -56.49 -16.28
N ALA I 75 -3.67 -55.50 -15.49
CA ALA I 75 -2.29 -55.01 -15.41
C ALA I 75 -1.95 -54.48 -14.01
N VAL I 76 -0.66 -54.43 -13.65
CA VAL I 76 -0.18 -53.78 -12.42
C VAL I 76 -0.27 -52.25 -12.58
N ALA I 77 -0.87 -51.57 -11.60
CA ALA I 77 -1.04 -50.12 -11.59
C ALA I 77 0.24 -49.40 -11.07
N ALA I 78 1.38 -49.66 -11.71
CA ALA I 78 2.73 -49.34 -11.23
C ALA I 78 2.99 -47.86 -10.87
N ALA I 79 2.20 -46.91 -11.39
CA ALA I 79 2.27 -45.49 -11.03
C ALA I 79 1.75 -45.17 -9.61
N ALA I 80 1.01 -46.07 -8.97
CA ALA I 80 0.43 -45.90 -7.63
C ALA I 80 1.48 -45.89 -6.50
N ALA I 81 1.10 -45.34 -5.34
CA ALA I 81 1.91 -45.31 -4.11
C ALA I 81 1.94 -46.65 -3.33
N ALA I 82 1.22 -47.68 -3.80
CA ALA I 82 1.09 -49.00 -3.17
C ALA I 82 1.00 -50.12 -4.22
N ALA I 83 1.16 -51.38 -3.77
CA ALA I 83 0.96 -52.57 -4.61
C ALA I 83 -0.53 -52.74 -4.98
N THR I 84 -0.89 -52.41 -6.22
CA THR I 84 -2.28 -52.47 -6.73
C THR I 84 -2.33 -52.85 -8.21
N ALA I 85 -3.52 -53.20 -8.70
CA ALA I 85 -3.77 -53.59 -10.10
C ALA I 85 -4.93 -52.80 -10.71
N ALA I 86 -5.09 -52.88 -12.02
CA ALA I 86 -6.15 -52.19 -12.77
C ALA I 86 -6.75 -53.10 -13.87
N VAL I 87 -8.05 -52.95 -14.11
CA VAL I 87 -8.87 -53.78 -14.99
C VAL I 87 -9.93 -52.91 -15.67
N ILE I 88 -9.88 -52.79 -17.00
CA ILE I 88 -10.93 -52.15 -17.79
C ILE I 88 -12.21 -52.99 -17.83
N CYS I 89 -13.36 -52.32 -17.95
CA CYS I 89 -14.69 -52.89 -17.87
C CYS I 89 -15.56 -52.48 -19.08
N ASP I 90 -16.53 -53.32 -19.42
CA ASP I 90 -17.75 -52.89 -20.11
C ASP I 90 -18.80 -52.45 -19.06
N GLY I 91 -19.90 -51.85 -19.50
CA GLY I 91 -21.05 -51.49 -18.65
C GLY I 91 -22.36 -52.02 -19.24
N GLY I 92 -23.29 -52.40 -18.37
CA GLY I 92 -24.50 -53.15 -18.76
C GLY I 92 -25.65 -53.12 -17.75
N ALA I 93 -26.78 -53.69 -18.21
CA ALA I 93 -28.02 -53.99 -17.50
C ALA I 93 -29.09 -54.66 -18.41
N ALA I 94 -29.32 -54.36 -19.71
CA ALA I 94 -28.79 -53.32 -20.63
C ALA I 94 -27.33 -53.57 -21.12
N ALA I 95 -26.57 -52.68 -21.77
CA ALA I 95 -26.70 -51.23 -21.98
C ALA I 95 -26.15 -50.80 -23.36
N ALA I 96 -26.31 -49.50 -23.67
CA ALA I 96 -25.97 -48.94 -24.98
C ALA I 96 -25.53 -47.45 -24.92
N ALA I 97 -24.81 -47.08 -23.85
CA ALA I 97 -24.10 -45.79 -23.74
C ALA I 97 -22.61 -45.96 -23.40
N SER I 98 -22.20 -47.15 -22.96
CA SER I 98 -20.82 -47.60 -22.75
C SER I 98 -20.04 -47.62 -24.08
N PRO I 99 -19.12 -46.67 -24.34
CA PRO I 99 -18.46 -46.52 -25.65
C PRO I 99 -17.74 -47.78 -26.16
N ARG I 100 -17.11 -48.54 -25.25
CA ARG I 100 -16.41 -49.79 -25.56
C ARG I 100 -17.34 -50.89 -26.07
N TYR I 101 -18.53 -51.02 -25.49
CA TYR I 101 -19.56 -51.96 -25.94
C TYR I 101 -20.16 -51.54 -27.30
N ILE I 102 -20.34 -50.23 -27.52
CA ILE I 102 -20.74 -49.66 -28.82
C ILE I 102 -19.68 -49.96 -29.91
N ALA I 103 -18.39 -49.79 -29.60
CA ALA I 103 -17.30 -50.13 -30.52
C ALA I 103 -17.24 -51.62 -30.87
N ARG I 104 -17.49 -52.51 -29.91
CA ARG I 104 -17.58 -53.97 -30.11
C ARG I 104 -18.69 -54.38 -31.08
N ALA I 105 -19.79 -53.64 -31.18
CA ALA I 105 -20.84 -53.89 -32.17
C ALA I 105 -20.35 -53.72 -33.62
N ALA I 106 -19.45 -52.76 -33.89
CA ALA I 106 -18.84 -52.59 -35.22
C ALA I 106 -17.94 -53.78 -35.59
N LEU I 107 -17.19 -54.32 -34.63
CA LEU I 107 -16.37 -55.54 -34.81
C LEU I 107 -17.25 -56.78 -35.08
N ALA I 108 -18.37 -56.91 -34.36
CA ALA I 108 -19.35 -57.98 -34.60
C ALA I 108 -19.99 -57.86 -35.99
N GLN I 109 -20.38 -56.66 -36.42
CA GLN I 109 -20.95 -56.40 -37.76
C GLN I 109 -19.95 -56.70 -38.90
N LEU I 110 -18.68 -56.35 -38.74
CA LEU I 110 -17.59 -56.69 -39.68
C LEU I 110 -17.51 -58.20 -39.95
N GLN I 111 -17.56 -59.01 -38.89
CA GLN I 111 -17.55 -60.47 -38.96
C GLN I 111 -18.88 -61.04 -39.49
N ALA I 112 -20.03 -60.55 -39.00
CA ALA I 112 -21.37 -61.03 -39.39
C ALA I 112 -21.72 -60.77 -40.87
N ALA I 113 -21.23 -59.65 -41.44
CA ALA I 113 -21.36 -59.34 -42.86
C ALA I 113 -20.52 -60.25 -43.78
N GLY I 114 -19.55 -60.99 -43.22
CA GLY I 114 -18.62 -61.85 -43.96
C GLY I 114 -17.57 -61.11 -44.81
N ALA I 115 -17.50 -59.78 -44.72
CA ALA I 115 -16.58 -58.95 -45.49
C ALA I 115 -15.09 -59.22 -45.15
N ALA I 116 -14.82 -59.50 -43.87
CA ALA I 116 -13.51 -59.84 -43.32
C ALA I 116 -13.67 -60.56 -41.96
N ALA I 117 -12.58 -60.71 -41.20
CA ALA I 117 -12.60 -61.32 -39.85
C ALA I 117 -12.01 -60.42 -38.75
N GLY I 118 -11.24 -59.39 -39.10
CA GLY I 118 -10.70 -58.41 -38.16
C GLY I 118 -10.20 -57.12 -38.83
N LEU I 119 -9.76 -56.18 -37.99
CA LEU I 119 -9.32 -54.83 -38.37
C LEU I 119 -7.97 -54.53 -37.71
N LEU I 120 -7.06 -53.91 -38.46
CA LEU I 120 -5.60 -53.94 -38.22
C LEU I 120 -5.02 -52.51 -38.07
N SER I 121 -5.83 -51.57 -37.60
CA SER I 121 -5.48 -50.15 -37.43
C SER I 121 -4.47 -49.86 -36.29
N ALA I 122 -3.90 -48.64 -36.32
CA ALA I 122 -3.03 -48.06 -35.29
C ALA I 122 -3.08 -46.52 -35.33
N PHE I 123 -2.56 -45.84 -34.31
CA PHE I 123 -2.64 -44.37 -34.15
C PHE I 123 -1.26 -43.75 -33.85
N ILE I 124 -1.10 -42.47 -34.19
CA ILE I 124 0.12 -41.67 -34.04
C ILE I 124 -0.17 -40.28 -33.42
N ALA I 125 -1.23 -40.20 -32.60
CA ALA I 125 -1.74 -38.97 -32.01
C ALA I 125 -0.70 -38.13 -31.24
N ASP I 126 -0.78 -36.82 -31.40
CA ASP I 126 0.05 -35.82 -30.71
C ASP I 126 -0.57 -35.38 -29.37
N PHE I 127 0.23 -34.70 -28.56
CA PHE I 127 -0.14 -34.15 -27.24
C PHE I 127 0.67 -32.88 -26.93
N CYS I 128 0.32 -32.20 -25.85
CA CYS I 128 0.96 -30.97 -25.38
C CYS I 128 1.43 -31.12 -23.92
N ILE I 129 2.42 -30.32 -23.50
CA ILE I 129 2.99 -30.33 -22.13
C ILE I 129 3.25 -28.91 -21.63
N PHE I 130 3.03 -28.69 -20.34
CA PHE I 130 3.07 -27.38 -19.68
C PHE I 130 3.59 -27.46 -18.23
N GLY I 131 3.93 -26.31 -17.65
CA GLY I 131 4.35 -26.17 -16.25
C GLY I 131 3.38 -25.35 -15.40
N VAL I 132 2.79 -24.27 -15.95
CA VAL I 132 1.83 -23.38 -15.25
C VAL I 132 0.72 -22.90 -16.20
N PRO I 133 -0.29 -23.75 -16.52
CA PRO I 133 -1.54 -23.30 -17.14
C PRO I 133 -2.43 -22.53 -16.16
N GLU I 134 -3.15 -21.53 -16.65
CA GLU I 134 -4.12 -20.71 -15.92
C GLU I 134 -5.29 -20.33 -16.83
N VAL I 135 -6.49 -20.86 -16.58
CA VAL I 135 -7.67 -20.67 -17.45
C VAL I 135 -8.91 -20.44 -16.58
N ILE I 136 -9.49 -19.24 -16.64
CA ILE I 136 -10.69 -18.85 -15.87
C ILE I 136 -11.63 -17.94 -16.66
N ASN I 137 -12.91 -17.92 -16.23
CA ASN I 137 -13.99 -17.12 -16.80
C ASN I 137 -14.93 -16.62 -15.68
N SER I 138 -15.54 -15.45 -15.87
CA SER I 138 -16.48 -14.82 -14.93
C SER I 138 -17.50 -13.91 -15.66
N LYS I 139 -18.35 -13.22 -14.89
CA LYS I 139 -19.23 -12.14 -15.40
C LYS I 139 -18.48 -10.88 -15.89
N THR I 140 -17.16 -10.79 -15.68
CA THR I 140 -16.36 -9.57 -15.93
C THR I 140 -15.07 -9.80 -16.73
N ILE I 141 -14.54 -11.03 -16.81
CA ILE I 141 -13.35 -11.37 -17.61
C ILE I 141 -13.36 -12.82 -18.11
N SER I 142 -12.58 -13.12 -19.14
CA SER I 142 -12.38 -14.47 -19.70
C SER I 142 -11.01 -14.57 -20.38
N PHE I 143 -10.15 -15.49 -19.93
CA PHE I 143 -8.81 -15.68 -20.51
C PHE I 143 -8.22 -17.08 -20.25
N PRO I 144 -7.58 -17.71 -21.27
CA PRO I 144 -6.59 -18.76 -21.09
C PRO I 144 -5.15 -18.20 -21.05
N ALA I 145 -4.24 -18.94 -20.41
CA ALA I 145 -2.78 -18.74 -20.44
C ALA I 145 -2.05 -20.06 -20.11
N SER I 146 -0.81 -20.19 -20.57
CA SER I 146 0.06 -21.35 -20.28
C SER I 146 1.54 -21.05 -20.59
N THR I 147 2.46 -21.88 -20.09
CA THR I 147 3.90 -21.79 -20.35
C THR I 147 4.62 -23.13 -20.12
N THR I 148 5.82 -23.28 -20.70
CA THR I 148 6.72 -24.43 -20.54
C THR I 148 8.17 -24.01 -20.81
N ALA I 149 9.15 -24.72 -20.25
CA ALA I 149 10.58 -24.42 -20.37
C ALA I 149 11.09 -24.35 -21.83
N ALA I 150 10.45 -25.08 -22.74
CA ALA I 150 10.76 -25.08 -24.17
C ALA I 150 10.14 -23.91 -24.97
N ALA I 151 9.20 -23.14 -24.41
CA ALA I 151 8.42 -22.16 -25.15
C ALA I 151 9.26 -20.97 -25.66
N ALA I 152 8.98 -20.53 -26.89
CA ALA I 152 9.65 -19.41 -27.57
C ALA I 152 9.49 -18.04 -26.86
N ASP I 153 8.59 -17.92 -25.88
CA ASP I 153 8.37 -16.73 -25.06
C ASP I 153 9.32 -16.61 -23.86
N GLN I 154 9.86 -17.73 -23.35
CA GLN I 154 10.71 -17.74 -22.14
C GLN I 154 12.15 -17.16 -22.27
N PRO I 155 12.86 -17.16 -23.41
CA PRO I 155 14.28 -16.75 -23.44
C PRO I 155 14.53 -15.25 -23.18
N GLN I 156 13.47 -14.42 -23.19
CA GLN I 156 13.52 -13.01 -22.80
C GLN I 156 13.27 -12.77 -21.29
N GLU I 157 12.95 -13.80 -20.51
CA GLU I 157 12.61 -13.70 -19.08
C GLU I 157 13.76 -14.12 -18.15
N ALA I 158 13.78 -13.59 -16.93
CA ALA I 158 14.70 -13.99 -15.87
C ALA I 158 14.33 -15.36 -15.25
N ALA I 159 15.28 -15.97 -14.53
CA ALA I 159 15.10 -17.20 -13.75
C ALA I 159 16.09 -17.25 -12.56
N ALA I 160 15.85 -18.16 -11.61
CA ALA I 160 16.61 -18.28 -10.35
C ALA I 160 18.13 -18.55 -10.50
N GLY I 161 18.57 -18.99 -11.68
CA GLY I 161 19.99 -19.16 -12.06
C GLY I 161 20.30 -18.64 -13.48
N GLY I 162 19.50 -17.70 -13.98
CA GLY I 162 19.54 -17.21 -15.36
C GLY I 162 18.86 -18.16 -16.38
N ALA I 163 18.51 -17.62 -17.55
CA ALA I 163 17.87 -18.38 -18.63
C ALA I 163 18.84 -19.41 -19.28
N ALA I 164 18.30 -20.54 -19.75
CA ALA I 164 19.07 -21.59 -20.42
C ALA I 164 19.52 -21.23 -21.86
N GLY I 165 18.85 -20.26 -22.51
CA GLY I 165 19.14 -19.83 -23.89
C GLY I 165 18.94 -20.92 -24.96
N ALA I 166 18.05 -21.88 -24.71
CA ALA I 166 17.91 -23.13 -25.48
C ALA I 166 16.44 -23.50 -25.82
N ALA I 167 15.51 -22.54 -25.73
CA ALA I 167 14.10 -22.71 -26.11
C ALA I 167 13.92 -23.07 -27.60
N ALA I 168 12.78 -23.69 -27.92
CA ALA I 168 12.31 -23.92 -29.29
C ALA I 168 11.80 -22.62 -29.97
N GLY I 169 11.38 -22.73 -31.24
CA GLY I 169 10.74 -21.64 -32.00
C GLY I 169 9.32 -22.00 -32.45
N ALA I 170 8.57 -21.00 -32.93
CA ALA I 170 7.23 -21.20 -33.51
C ALA I 170 7.29 -22.15 -34.72
N ALA I 171 6.49 -23.22 -34.68
CA ALA I 171 6.56 -24.36 -35.61
C ALA I 171 7.99 -24.93 -35.83
N GLY I 172 8.83 -24.88 -34.78
CA GLY I 172 10.28 -25.15 -34.81
C GLY I 172 10.78 -25.79 -33.52
N GLY I 173 10.17 -26.90 -33.12
CA GLY I 173 10.48 -27.68 -31.90
C GLY I 173 10.40 -29.20 -32.08
N ALA I 174 10.59 -29.69 -33.32
CA ALA I 174 10.48 -31.10 -33.74
C ALA I 174 11.67 -31.99 -33.27
N ALA I 175 12.03 -31.93 -31.99
CA ALA I 175 13.22 -32.56 -31.40
C ALA I 175 12.91 -33.43 -30.15
N ALA I 176 11.63 -33.65 -29.83
CA ALA I 176 11.19 -34.49 -28.70
C ALA I 176 11.55 -35.98 -28.88
N ALA I 177 11.68 -36.71 -27.76
CA ALA I 177 11.93 -38.15 -27.72
C ALA I 177 10.65 -39.00 -27.95
N GLY I 178 10.80 -40.33 -27.96
CA GLY I 178 9.72 -41.32 -28.06
C GLY I 178 10.12 -42.67 -27.43
N ALA I 179 9.20 -43.63 -27.25
CA ALA I 179 7.78 -43.62 -27.62
C ALA I 179 6.84 -42.95 -26.59
N ALA I 180 7.40 -42.18 -25.64
CA ALA I 180 6.72 -41.31 -24.68
C ALA I 180 5.77 -41.98 -23.63
N GLU I 181 6.01 -43.15 -23.04
CA GLU I 181 7.04 -44.21 -23.20
C GLU I 181 6.52 -45.50 -22.53
N ILE I 182 6.28 -45.44 -21.22
CA ILE I 182 6.08 -46.62 -20.35
C ILE I 182 4.66 -47.20 -20.36
N CYS I 183 3.73 -46.60 -21.12
CA CYS I 183 2.39 -47.13 -21.38
C CYS I 183 2.26 -47.79 -22.77
N PHE I 184 3.40 -48.11 -23.40
CA PHE I 184 3.46 -48.86 -24.67
C PHE I 184 4.69 -49.77 -24.77
N LEU I 185 5.88 -49.28 -24.38
CA LEU I 185 7.15 -50.00 -24.51
C LEU I 185 7.27 -51.28 -23.65
N PRO I 186 7.05 -51.27 -22.31
CA PRO I 186 7.20 -52.48 -21.49
C PRO I 186 6.10 -53.52 -21.73
N GLU I 187 4.95 -53.08 -22.23
CA GLU I 187 3.84 -53.96 -22.66
C GLU I 187 4.01 -54.48 -24.10
N ALA I 188 4.95 -53.91 -24.88
CA ALA I 188 5.08 -54.06 -26.34
C ALA I 188 3.71 -54.02 -27.07
N ALA I 189 2.85 -53.09 -26.65
CA ALA I 189 1.39 -53.20 -26.79
C ALA I 189 0.88 -53.43 -28.22
N GLY I 190 1.36 -52.64 -29.20
CA GLY I 190 1.17 -52.81 -30.65
C GLY I 190 -0.25 -52.58 -31.23
N ALA I 191 -1.30 -53.08 -30.55
CA ALA I 191 -2.68 -53.09 -31.02
C ALA I 191 -3.35 -51.70 -31.09
N ALA I 192 -4.51 -51.63 -31.76
CA ALA I 192 -5.28 -50.42 -32.04
C ALA I 192 -5.66 -49.58 -30.80
N ALA I 193 -5.91 -48.29 -31.01
CA ALA I 193 -6.28 -47.30 -30.00
C ALA I 193 -7.75 -47.39 -29.51
N ALA I 194 -8.32 -48.60 -29.43
CA ALA I 194 -9.52 -48.83 -28.62
C ALA I 194 -9.13 -48.86 -27.14
N ASP I 195 -8.75 -50.03 -26.60
CA ASP I 195 -8.35 -50.20 -25.20
C ASP I 195 -7.04 -49.46 -24.86
N ASN I 196 -6.09 -49.38 -25.81
CA ASN I 196 -4.75 -48.81 -25.59
C ASN I 196 -4.72 -47.28 -25.48
N ALA I 197 -5.76 -46.55 -25.91
CA ALA I 197 -5.76 -45.08 -25.86
C ALA I 197 -5.73 -44.52 -24.43
N PHE I 198 -6.37 -45.20 -23.47
CA PHE I 198 -6.62 -44.65 -22.14
C PHE I 198 -5.43 -44.84 -21.18
N THR I 199 -4.68 -45.93 -21.31
CA THR I 199 -3.38 -46.09 -20.64
C THR I 199 -2.37 -45.02 -21.11
N LEU I 200 -2.38 -44.65 -22.39
CA LEU I 200 -1.59 -43.53 -22.92
C LEU I 200 -2.08 -42.17 -22.38
N ARG I 201 -3.38 -41.88 -22.46
CA ARG I 201 -3.97 -40.60 -21.99
C ARG I 201 -3.76 -40.35 -20.49
N THR I 202 -3.85 -41.37 -19.63
CA THR I 202 -3.53 -41.22 -18.21
C THR I 202 -2.01 -41.23 -17.96
N GLY I 203 -1.25 -42.06 -18.70
CA GLY I 203 0.20 -42.19 -18.57
C GLY I 203 0.96 -40.90 -18.85
N LEU I 204 0.63 -40.19 -19.93
CA LEU I 204 1.23 -38.90 -20.28
C LEU I 204 1.09 -37.88 -19.14
N GLN I 205 -0.10 -37.80 -18.52
CA GLN I 205 -0.36 -36.93 -17.37
C GLN I 205 0.40 -37.39 -16.11
N GLU I 206 0.30 -38.67 -15.76
CA GLU I 206 0.90 -39.24 -14.54
C GLU I 206 2.44 -39.14 -14.55
N VAL I 207 3.08 -39.42 -15.68
CA VAL I 207 4.54 -39.28 -15.85
C VAL I 207 4.96 -37.80 -15.79
N ALA I 208 4.22 -36.89 -16.42
CA ALA I 208 4.48 -35.45 -16.33
C ALA I 208 4.38 -34.94 -14.88
N ARG I 209 3.34 -35.33 -14.13
CA ARG I 209 3.15 -34.97 -12.71
C ARG I 209 4.28 -35.45 -11.82
N ARG I 210 4.82 -36.64 -12.09
CA ARG I 210 6.01 -37.22 -11.43
C ARG I 210 7.35 -36.58 -11.87
N TYR I 211 7.31 -35.64 -12.79
CA TYR I 211 8.42 -34.75 -13.21
C TYR I 211 8.07 -33.26 -13.04
N ASN I 212 7.16 -32.93 -12.11
CA ASN I 212 6.75 -31.56 -11.74
C ASN I 212 6.18 -30.72 -12.91
N ALA I 213 5.50 -31.39 -13.85
CA ALA I 213 4.85 -30.80 -15.03
C ALA I 213 3.43 -31.40 -15.23
N ILE I 214 2.76 -31.04 -16.32
CA ILE I 214 1.46 -31.59 -16.74
C ILE I 214 1.41 -31.80 -18.26
N ALA I 215 0.46 -32.61 -18.71
CA ALA I 215 0.23 -32.92 -20.13
C ALA I 215 -1.26 -32.79 -20.49
N SER I 216 -1.56 -32.56 -21.76
CA SER I 216 -2.93 -32.37 -22.26
C SER I 216 -3.09 -32.79 -23.74
N ALA I 217 -4.36 -32.84 -24.18
CA ALA I 217 -4.78 -33.29 -25.50
C ALA I 217 -5.57 -32.21 -26.27
N ALA I 218 -5.48 -30.94 -25.83
CA ALA I 218 -6.12 -29.79 -26.45
C ALA I 218 -5.63 -29.58 -27.90
N ALA I 219 -6.53 -29.78 -28.87
CA ALA I 219 -6.25 -29.79 -30.30
C ALA I 219 -5.58 -28.51 -30.85
N ALA I 220 -5.81 -27.37 -30.21
CA ALA I 220 -5.29 -26.04 -30.59
C ALA I 220 -4.82 -25.26 -29.34
N ALA I 221 -4.01 -25.92 -28.50
CA ALA I 221 -3.54 -25.41 -27.19
C ALA I 221 -2.86 -24.01 -27.22
N ALA I 222 -2.29 -23.61 -28.37
CA ALA I 222 -1.73 -22.28 -28.61
C ALA I 222 -1.91 -21.85 -30.08
N ALA I 223 -2.06 -20.54 -30.30
CA ALA I 223 -2.12 -19.94 -31.64
C ALA I 223 -0.75 -19.91 -32.35
N ALA I 224 -0.76 -19.68 -33.67
CA ALA I 224 0.44 -19.57 -34.54
C ALA I 224 1.47 -20.71 -34.42
N ALA I 225 1.00 -21.92 -34.07
CA ALA I 225 1.82 -23.11 -33.84
C ALA I 225 1.07 -24.42 -34.17
N ALA I 226 1.77 -25.55 -34.10
CA ALA I 226 1.18 -26.90 -34.18
C ALA I 226 0.20 -27.21 -33.03
N GLY I 227 -0.49 -28.36 -33.11
CA GLY I 227 -1.49 -28.78 -32.12
C GLY I 227 -1.70 -30.31 -32.06
N ALA I 228 -2.47 -30.76 -31.06
CA ALA I 228 -2.67 -32.17 -30.73
C ALA I 228 -3.62 -32.91 -31.71
N GLY I 229 -3.19 -33.14 -32.95
CA GLY I 229 -3.90 -34.01 -33.91
C GLY I 229 -3.97 -35.48 -33.46
N SER I 230 -4.86 -36.28 -34.08
CA SER I 230 -5.06 -37.70 -33.75
C SER I 230 -5.06 -38.61 -34.99
N HIS I 231 -4.13 -38.33 -35.91
CA HIS I 231 -3.94 -39.09 -37.15
C HIS I 231 -3.70 -40.59 -36.87
N SER I 232 -4.10 -41.43 -37.82
CA SER I 232 -4.12 -42.90 -37.68
C SER I 232 -3.89 -43.61 -39.01
N ILE I 233 -3.68 -44.92 -38.96
CA ILE I 233 -3.56 -45.81 -40.10
C ILE I 233 -4.55 -46.97 -39.97
N TRP I 234 -5.11 -47.42 -41.09
CA TRP I 234 -6.28 -48.30 -41.14
C TRP I 234 -6.15 -49.40 -42.18
N ASP I 235 -6.65 -50.58 -41.83
CA ASP I 235 -6.48 -51.83 -42.55
C ASP I 235 -7.50 -52.88 -42.08
N VAL I 236 -7.71 -53.90 -42.91
CA VAL I 236 -8.75 -54.94 -42.81
C VAL I 236 -8.11 -56.28 -43.15
N GLY I 237 -8.56 -57.38 -42.53
CA GLY I 237 -8.00 -58.70 -42.84
C GLY I 237 -8.85 -59.91 -42.44
N ALA I 238 -8.50 -61.05 -43.01
CA ALA I 238 -9.10 -62.37 -42.76
C ALA I 238 -8.08 -63.49 -43.09
N ALA I 239 -8.27 -64.67 -42.50
CA ALA I 239 -7.41 -65.87 -42.68
C ALA I 239 -5.88 -65.62 -42.58
N GLY I 240 -5.46 -64.56 -41.88
CA GLY I 240 -4.05 -64.20 -41.67
C GLY I 240 -3.45 -63.21 -42.68
N THR I 241 -4.24 -62.57 -43.55
CA THR I 241 -3.74 -61.67 -44.62
C THR I 241 -4.47 -60.32 -44.69
N ASN I 242 -3.74 -59.31 -45.17
CA ASN I 242 -4.22 -57.95 -45.49
C ASN I 242 -5.25 -57.97 -46.65
N ALA I 243 -6.28 -57.12 -46.57
CA ALA I 243 -7.38 -57.03 -47.55
C ALA I 243 -7.49 -55.66 -48.27
N PHE I 244 -6.59 -54.70 -48.01
CA PHE I 244 -6.47 -53.43 -48.75
C PHE I 244 -5.35 -53.44 -49.82
N ALA I 245 -4.41 -54.37 -49.74
CA ALA I 245 -3.37 -54.60 -50.75
C ALA I 245 -3.95 -55.03 -52.12
N GLY I 246 -3.37 -54.52 -53.21
CA GLY I 246 -3.78 -54.85 -54.58
C GLY I 246 -2.99 -54.11 -55.66
N ALA I 247 -3.64 -53.88 -56.80
CA ALA I 247 -3.02 -53.37 -58.04
C ALA I 247 -3.61 -52.03 -58.54
N SER I 248 -4.49 -51.37 -57.77
CA SER I 248 -4.89 -49.97 -58.03
C SER I 248 -3.85 -48.97 -57.49
N GLY I 249 -4.15 -47.66 -57.58
CA GLY I 249 -3.24 -46.57 -57.18
C GLY I 249 -2.56 -46.77 -55.81
N ALA I 250 -1.27 -46.44 -55.74
CA ALA I 250 -0.40 -46.60 -54.55
C ALA I 250 -0.50 -47.99 -53.85
N ARG I 251 -0.72 -49.06 -54.64
CA ARG I 251 -0.84 -50.48 -54.22
C ARG I 251 -2.08 -50.80 -53.38
N ALA I 252 -3.09 -49.92 -53.39
CA ALA I 252 -4.43 -50.17 -52.85
C ALA I 252 -5.22 -51.20 -53.71
N THR I 253 -6.50 -51.42 -53.39
CA THR I 253 -7.42 -52.32 -54.11
C THR I 253 -8.85 -51.80 -54.12
N LEU I 254 -9.75 -52.45 -54.89
CA LEU I 254 -11.13 -52.00 -55.10
C LEU I 254 -11.98 -51.95 -53.82
N THR I 255 -11.88 -52.94 -52.93
CA THR I 255 -12.55 -52.86 -51.60
C THR I 255 -11.96 -51.75 -50.72
N GLY I 256 -10.66 -51.47 -50.83
CA GLY I 256 -10.02 -50.30 -50.21
C GLY I 256 -10.60 -48.98 -50.75
N ALA I 257 -10.77 -48.85 -52.06
CA ALA I 257 -11.43 -47.71 -52.70
C ALA I 257 -12.91 -47.55 -52.27
N LYS I 258 -13.63 -48.66 -52.02
CA LYS I 258 -14.99 -48.64 -51.46
C LYS I 258 -15.03 -48.23 -49.98
N TRP I 259 -14.09 -48.67 -49.16
CA TRP I 259 -13.90 -48.14 -47.79
C TRP I 259 -13.61 -46.64 -47.80
N LEU I 260 -12.70 -46.18 -48.68
CA LEU I 260 -12.40 -44.76 -48.89
C LEU I 260 -13.63 -43.97 -49.35
N ALA I 261 -14.44 -44.50 -50.28
CA ALA I 261 -15.69 -43.87 -50.70
C ALA I 261 -16.67 -43.66 -49.52
N GLY I 262 -16.81 -44.68 -48.65
CA GLY I 262 -17.57 -44.57 -47.41
C GLY I 262 -17.04 -43.50 -46.45
N LEU I 263 -15.72 -43.49 -46.21
CA LEU I 263 -15.04 -42.50 -45.37
C LEU I 263 -15.20 -41.06 -45.89
N LEU I 264 -15.04 -40.84 -47.20
CA LEU I 264 -15.23 -39.54 -47.85
C LEU I 264 -16.67 -39.03 -47.68
N ALA I 265 -17.67 -39.89 -47.90
CA ALA I 265 -19.09 -39.57 -47.72
C ALA I 265 -19.45 -39.26 -46.25
N ALA I 266 -18.88 -40.01 -45.31
CA ALA I 266 -19.17 -39.90 -43.88
C ALA I 266 -18.40 -38.79 -43.13
N ALA I 267 -17.39 -38.16 -43.75
CA ALA I 267 -16.48 -37.20 -43.10
C ALA I 267 -17.20 -36.05 -42.35
N ALA I 268 -18.30 -35.54 -42.92
CA ALA I 268 -19.14 -34.49 -42.32
C ALA I 268 -19.88 -34.91 -41.03
N ALA I 269 -19.92 -36.21 -40.71
CA ALA I 269 -20.58 -36.77 -39.52
C ALA I 269 -19.60 -37.52 -38.60
N ALA I 270 -18.56 -38.17 -39.14
CA ALA I 270 -17.45 -38.73 -38.36
C ALA I 270 -16.74 -37.66 -37.50
N ALA I 271 -16.70 -36.41 -37.98
CA ALA I 271 -16.21 -35.24 -37.23
C ALA I 271 -16.92 -35.02 -35.88
N ALA I 272 -18.17 -35.48 -35.69
CA ALA I 272 -18.89 -35.40 -34.41
C ALA I 272 -18.20 -36.19 -33.28
N ALA I 273 -17.39 -37.21 -33.62
CA ALA I 273 -16.55 -37.96 -32.68
C ALA I 273 -15.07 -37.59 -32.80
N ALA I 274 -14.56 -37.44 -34.03
CA ALA I 274 -13.15 -37.17 -34.32
C ALA I 274 -12.70 -35.72 -34.04
N ALA I 275 -13.64 -34.78 -33.93
CA ALA I 275 -13.40 -33.35 -33.70
C ALA I 275 -14.42 -32.79 -32.68
N ALA I 276 -14.64 -33.54 -31.60
CA ALA I 276 -15.69 -33.36 -30.58
C ALA I 276 -15.64 -32.06 -29.74
N ALA I 277 -14.77 -31.08 -30.05
CA ALA I 277 -14.63 -29.81 -29.34
C ALA I 277 -14.24 -28.66 -30.29
N ALA I 278 -14.54 -27.41 -29.92
CA ALA I 278 -14.23 -26.21 -30.71
C ALA I 278 -12.73 -26.04 -31.00
N ALA I 279 -11.85 -26.52 -30.12
CA ALA I 279 -10.40 -26.57 -30.35
C ALA I 279 -10.02 -27.41 -31.58
N ALA I 280 -10.74 -28.50 -31.86
CA ALA I 280 -10.51 -29.33 -33.04
C ALA I 280 -10.99 -28.64 -34.33
N ALA I 281 -12.10 -27.89 -34.27
CA ALA I 281 -12.53 -27.02 -35.37
C ALA I 281 -11.51 -25.90 -35.65
N ALA I 282 -10.91 -25.31 -34.62
CA ALA I 282 -9.80 -24.35 -34.75
C ALA I 282 -8.52 -24.99 -35.35
N ALA I 283 -8.17 -26.21 -34.94
CA ALA I 283 -7.06 -26.97 -35.54
C ALA I 283 -7.29 -27.31 -37.02
N ALA I 284 -8.55 -27.56 -37.41
CA ALA I 284 -8.97 -27.83 -38.80
C ALA I 284 -9.13 -26.56 -39.67
N ALA I 285 -8.95 -25.35 -39.14
CA ALA I 285 -9.03 -24.09 -39.88
C ALA I 285 -7.97 -23.98 -41.00
N ALA I 286 -8.18 -23.06 -41.95
CA ALA I 286 -7.34 -22.86 -43.13
C ALA I 286 -5.86 -22.60 -42.78
N GLY I 287 -4.96 -23.24 -43.53
CA GLY I 287 -3.50 -23.09 -43.40
C GLY I 287 -2.73 -24.06 -44.31
N ALA I 288 -1.43 -23.84 -44.48
CA ALA I 288 -0.56 -24.57 -45.41
C ALA I 288 -0.37 -26.08 -45.10
N ALA I 289 -0.76 -26.52 -43.90
CA ALA I 289 -0.62 -27.90 -43.41
C ALA I 289 -1.91 -28.43 -42.74
N ALA I 290 -3.07 -27.81 -43.00
CA ALA I 290 -4.38 -28.28 -42.55
C ALA I 290 -4.76 -29.66 -43.14
N ALA I 291 -5.75 -30.33 -42.54
CA ALA I 291 -6.16 -31.70 -42.88
C ALA I 291 -7.68 -31.85 -43.17
N ALA I 292 -8.41 -30.72 -43.27
CA ALA I 292 -9.86 -30.70 -43.54
C ALA I 292 -10.25 -31.08 -44.99
N ALA I 293 -9.29 -31.13 -45.92
CA ALA I 293 -9.50 -31.53 -47.31
C ALA I 293 -9.87 -33.02 -47.44
N THR I 294 -11.17 -33.33 -47.41
CA THR I 294 -11.75 -34.68 -47.56
C THR I 294 -11.48 -35.29 -48.95
N ALA I 295 -10.26 -35.81 -49.13
CA ALA I 295 -9.69 -36.33 -50.36
C ALA I 295 -8.69 -37.46 -50.06
N TRP I 296 -8.29 -38.22 -51.09
CA TRP I 296 -7.34 -39.32 -50.98
C TRP I 296 -6.21 -39.19 -52.00
N GLY I 297 -5.05 -39.81 -51.72
CA GLY I 297 -3.84 -39.71 -52.56
C GLY I 297 -2.61 -40.31 -51.88
N ALA I 298 -1.42 -40.07 -52.44
CA ALA I 298 -0.14 -40.57 -51.91
C ALA I 298 1.02 -39.56 -51.99
N ALA I 299 0.72 -38.27 -52.23
CA ALA I 299 1.71 -37.19 -52.34
C ALA I 299 1.17 -35.81 -51.89
N ALA I 300 -0.12 -35.52 -52.11
CA ALA I 300 -0.81 -34.32 -51.60
C ALA I 300 -1.02 -34.40 -50.07
N ALA I 301 0.01 -34.01 -49.29
CA ALA I 301 0.08 -34.22 -47.84
C ALA I 301 -1.11 -33.67 -47.02
N ALA I 302 -1.78 -32.62 -47.48
CA ALA I 302 -2.96 -32.03 -46.82
C ALA I 302 -4.26 -32.86 -46.96
N CYS I 303 -4.32 -33.82 -47.90
CA CYS I 303 -5.51 -34.65 -48.13
C CYS I 303 -5.75 -35.63 -46.97
N ALA I 304 -7.00 -35.70 -46.51
CA ALA I 304 -7.42 -36.36 -45.27
C ALA I 304 -7.22 -37.89 -45.21
N LEU I 305 -7.12 -38.58 -46.35
CA LEU I 305 -7.11 -40.04 -46.48
C LEU I 305 -5.95 -40.52 -47.38
N ASN I 306 -4.70 -40.36 -46.90
CA ASN I 306 -3.52 -40.85 -47.60
C ASN I 306 -3.57 -42.39 -47.81
N ILE I 307 -2.83 -42.89 -48.80
CA ILE I 307 -2.47 -44.30 -48.91
C ILE I 307 -1.07 -44.50 -48.30
N ALA I 308 -0.98 -45.39 -47.31
CA ALA I 308 0.28 -45.82 -46.71
C ALA I 308 0.97 -46.86 -47.62
N ALA I 309 1.56 -46.38 -48.71
CA ALA I 309 2.37 -47.19 -49.64
C ALA I 309 3.56 -47.86 -48.92
N ALA I 310 3.87 -49.11 -49.31
CA ALA I 310 4.95 -49.91 -48.74
C ALA I 310 5.55 -50.88 -49.78
N ALA I 311 6.79 -51.32 -49.56
CA ALA I 311 7.47 -52.31 -50.40
C ALA I 311 6.88 -53.72 -50.25
N ALA I 312 6.51 -54.10 -49.03
CA ALA I 312 5.79 -55.34 -48.73
C ALA I 312 4.27 -55.13 -48.90
N ALA I 313 3.60 -56.00 -49.67
CA ALA I 313 2.16 -55.93 -49.90
C ALA I 313 1.33 -55.98 -48.60
N LYS I 314 1.80 -56.74 -47.59
CA LYS I 314 1.20 -56.82 -46.24
C LYS I 314 1.11 -55.46 -45.53
N GLY I 315 1.94 -54.49 -45.91
CA GLY I 315 1.99 -53.14 -45.35
C GLY I 315 1.21 -52.08 -46.15
N ALA I 316 0.60 -52.42 -47.29
CA ALA I 316 -0.29 -51.53 -48.04
C ALA I 316 -1.58 -51.26 -47.24
N GLN I 317 -1.75 -50.03 -46.75
CA GLN I 317 -2.81 -49.59 -45.85
C GLN I 317 -3.28 -48.16 -46.21
N ILE I 318 -4.21 -47.57 -45.44
CA ILE I 318 -4.60 -46.16 -45.58
C ILE I 318 -4.28 -45.36 -44.32
N GLU I 319 -4.32 -44.03 -44.39
CA GLU I 319 -3.88 -43.09 -43.34
C GLU I 319 -4.89 -41.94 -43.21
N ASN I 320 -5.62 -41.91 -42.09
CA ASN I 320 -6.73 -40.99 -41.82
C ASN I 320 -6.26 -39.82 -40.94
N LYS I 321 -6.70 -38.61 -41.24
CA LYS I 321 -6.22 -37.35 -40.62
C LYS I 321 -7.31 -36.41 -40.12
N ALA I 322 -8.59 -36.74 -40.33
CA ALA I 322 -9.76 -35.89 -40.10
C ALA I 322 -10.17 -35.72 -38.62
N GLY I 323 -9.21 -35.62 -37.69
CA GLY I 323 -9.50 -35.52 -36.26
C GLY I 323 -8.34 -35.05 -35.37
N ALA I 324 -8.66 -34.77 -34.10
CA ALA I 324 -7.73 -34.31 -33.09
C ALA I 324 -7.98 -34.96 -31.70
N ALA I 325 -6.98 -34.91 -30.83
CA ALA I 325 -6.92 -35.69 -29.57
C ALA I 325 -7.99 -35.33 -28.51
N ALA I 326 -8.77 -34.27 -28.71
CA ALA I 326 -10.00 -33.99 -27.96
C ALA I 326 -11.12 -35.04 -28.17
N ALA I 327 -11.00 -35.89 -29.20
CA ALA I 327 -11.95 -36.96 -29.56
C ALA I 327 -12.17 -38.04 -28.48
N ASN I 328 -13.21 -38.86 -28.68
CA ASN I 328 -13.49 -40.09 -27.92
C ASN I 328 -12.98 -41.32 -28.70
N PRO I 329 -11.88 -41.98 -28.28
CA PRO I 329 -11.26 -43.10 -29.00
C PRO I 329 -12.23 -44.22 -29.41
N TYR I 330 -13.03 -44.75 -28.48
CA TYR I 330 -13.96 -45.85 -28.79
C TYR I 330 -15.01 -45.45 -29.85
N LEU I 331 -15.54 -44.23 -29.78
CA LEU I 331 -16.55 -43.75 -30.73
C LEU I 331 -15.94 -43.37 -32.10
N VAL I 332 -14.70 -42.89 -32.16
CA VAL I 332 -13.95 -42.73 -33.43
C VAL I 332 -13.71 -44.10 -34.08
N LEU I 333 -13.20 -45.07 -33.31
CA LEU I 333 -12.98 -46.45 -33.76
C LEU I 333 -14.27 -47.09 -34.29
N ALA I 334 -15.42 -46.81 -33.66
CA ALA I 334 -16.73 -47.25 -34.15
C ALA I 334 -17.16 -46.52 -35.45
N ALA I 335 -17.16 -45.18 -35.46
CA ALA I 335 -17.72 -44.36 -36.54
C ALA I 335 -16.94 -44.48 -37.87
N THR I 336 -15.60 -44.50 -37.80
CA THR I 336 -14.75 -44.66 -38.99
C THR I 336 -14.94 -46.03 -39.67
N VAL I 337 -15.18 -47.08 -38.87
CA VAL I 337 -15.52 -48.42 -39.35
C VAL I 337 -16.94 -48.48 -39.90
N ALA I 338 -17.93 -47.87 -39.25
CA ALA I 338 -19.31 -47.81 -39.73
C ALA I 338 -19.45 -47.20 -41.14
N ALA I 339 -18.61 -46.21 -41.47
CA ALA I 339 -18.51 -45.64 -42.81
C ALA I 339 -17.99 -46.66 -43.84
N GLY I 340 -16.88 -47.35 -43.53
CA GLY I 340 -16.29 -48.37 -44.41
C GLY I 340 -17.19 -49.58 -44.63
N LEU I 341 -17.88 -50.04 -43.57
CA LEU I 341 -18.81 -51.18 -43.59
C LEU I 341 -19.99 -51.05 -44.55
N ASP I 342 -20.35 -49.83 -44.99
CA ASP I 342 -21.45 -49.62 -45.95
C ASP I 342 -20.97 -49.05 -47.31
N GLY I 343 -19.80 -48.41 -47.37
CA GLY I 343 -19.13 -48.11 -48.65
C GLY I 343 -18.93 -49.35 -49.54
N ILE I 344 -18.64 -50.50 -48.92
CA ILE I 344 -18.56 -51.82 -49.58
C ILE I 344 -19.92 -52.43 -49.99
N GLN I 345 -21.05 -51.83 -49.57
CA GLN I 345 -22.41 -52.30 -49.86
C GLN I 345 -23.16 -51.37 -50.82
N SER I 346 -22.92 -50.05 -50.75
CA SER I 346 -23.31 -49.09 -51.79
C SER I 346 -22.49 -49.23 -53.09
N ALA I 347 -21.32 -49.89 -53.00
CA ALA I 347 -20.30 -50.00 -54.04
C ALA I 347 -19.90 -48.64 -54.66
N GLY I 348 -19.93 -47.57 -53.86
CA GLY I 348 -19.46 -46.23 -54.24
C GLY I 348 -17.96 -46.17 -54.56
N ALA I 349 -17.51 -45.04 -55.11
CA ALA I 349 -16.13 -44.83 -55.55
C ALA I 349 -15.54 -43.51 -55.01
N ALA I 350 -14.25 -43.52 -54.72
CA ALA I 350 -13.52 -42.41 -54.09
C ALA I 350 -13.11 -41.27 -55.06
N ALA I 351 -13.55 -41.32 -56.33
CA ALA I 351 -13.03 -40.53 -57.46
C ALA I 351 -11.50 -40.64 -57.65
N GLY I 352 -10.90 -39.86 -58.56
CA GLY I 352 -9.47 -39.87 -58.82
C GLY I 352 -8.63 -39.37 -57.63
N ALA I 353 -7.39 -39.87 -57.51
CA ALA I 353 -6.45 -39.46 -56.48
C ALA I 353 -5.97 -38.01 -56.64
N ALA I 354 -5.80 -37.30 -55.52
CA ALA I 354 -5.26 -35.95 -55.45
C ALA I 354 -3.72 -35.92 -55.66
N ALA I 355 -3.27 -35.17 -56.65
CA ALA I 355 -1.84 -34.91 -56.95
C ALA I 355 -1.57 -33.46 -57.43
N ALA I 356 -2.59 -32.59 -57.41
CA ALA I 356 -2.51 -31.18 -57.74
C ALA I 356 -2.11 -30.31 -56.51
N ASP I 357 -2.48 -29.02 -56.52
CA ASP I 357 -2.38 -28.13 -55.35
C ASP I 357 -3.12 -28.69 -54.10
N ALA I 358 -2.77 -28.16 -52.92
CA ALA I 358 -3.04 -28.77 -51.60
C ALA I 358 -4.51 -29.07 -51.25
N ALA I 359 -5.49 -28.40 -51.86
CA ALA I 359 -6.93 -28.66 -51.63
C ALA I 359 -7.76 -28.46 -52.91
N ALA I 360 -8.80 -29.31 -53.04
CA ALA I 360 -9.74 -29.57 -54.15
C ALA I 360 -9.60 -31.04 -54.62
N ALA I 361 -10.45 -31.48 -55.56
CA ALA I 361 -10.42 -32.80 -56.23
C ALA I 361 -10.09 -33.99 -55.29
N ALA I 362 -11.03 -34.50 -54.48
CA ALA I 362 -12.48 -34.29 -54.58
C ALA I 362 -13.01 -32.88 -54.18
N PRO I 363 -12.78 -32.37 -52.94
CA PRO I 363 -13.68 -31.46 -52.23
C PRO I 363 -14.36 -30.33 -53.05
N SER I 364 -15.67 -30.34 -53.33
CA SER I 364 -16.74 -31.34 -53.13
C SER I 364 -16.90 -31.98 -51.73
N GLU I 365 -17.42 -33.21 -51.65
CA GLU I 365 -18.83 -33.53 -51.35
C GLU I 365 -19.83 -32.86 -52.34
N ILE I 366 -20.41 -31.67 -52.18
CA ILE I 366 -20.81 -30.88 -51.00
C ILE I 366 -22.00 -29.98 -51.38
N PRO I 367 -23.02 -29.86 -50.52
CA PRO I 367 -23.97 -28.75 -50.55
C PRO I 367 -23.79 -27.85 -49.30
N GLY I 368 -24.04 -26.55 -49.46
CA GLY I 368 -23.61 -25.50 -48.51
C GLY I 368 -24.65 -25.06 -47.47
N LYS I 369 -25.53 -25.97 -47.02
CA LYS I 369 -26.64 -25.66 -46.08
C LYS I 369 -26.85 -26.76 -45.03
N MET I 370 -27.30 -26.37 -43.84
CA MET I 370 -27.71 -27.31 -42.77
C MET I 370 -28.89 -28.19 -43.19
N GLU I 371 -29.83 -27.67 -43.97
CA GLU I 371 -30.95 -28.45 -44.53
C GLU I 371 -30.47 -29.61 -45.41
N ASP I 372 -29.43 -29.39 -46.22
CA ASP I 372 -28.82 -30.43 -47.06
C ASP I 372 -27.95 -31.41 -46.25
N ALA I 373 -27.27 -30.95 -45.19
CA ALA I 373 -26.58 -31.84 -44.26
C ALA I 373 -27.56 -32.80 -43.53
N LEU I 374 -28.74 -32.29 -43.13
CA LEU I 374 -29.82 -33.10 -42.58
C LEU I 374 -30.47 -34.01 -43.64
N ALA I 375 -30.62 -33.55 -44.90
CA ALA I 375 -31.07 -34.40 -46.00
C ALA I 375 -30.12 -35.59 -46.24
N ALA I 376 -28.80 -35.36 -46.23
CA ALA I 376 -27.79 -36.43 -46.31
C ALA I 376 -27.93 -37.42 -45.14
N LEU I 377 -28.05 -36.94 -43.90
CA LEU I 377 -28.30 -37.75 -42.70
C LEU I 377 -29.59 -38.60 -42.76
N GLU I 378 -30.52 -38.31 -43.68
CA GLU I 378 -31.79 -39.01 -43.88
C GLU I 378 -31.91 -39.71 -45.25
N GLN I 379 -30.83 -39.78 -46.02
CA GLN I 379 -30.73 -40.49 -47.31
C GLN I 379 -29.53 -41.47 -47.36
N ASP I 380 -28.43 -41.12 -46.71
CA ASP I 380 -27.30 -42.00 -46.35
C ASP I 380 -26.58 -41.42 -45.11
N ALA I 381 -26.96 -41.73 -43.86
CA ALA I 381 -28.01 -42.61 -43.31
C ALA I 381 -27.69 -44.13 -43.27
N GLU I 382 -26.62 -44.61 -43.91
CA GLU I 382 -26.21 -46.03 -43.87
C GLU I 382 -24.69 -46.18 -43.65
N CYS I 383 -23.86 -45.31 -44.23
CA CYS I 383 -22.48 -45.05 -43.79
C CYS I 383 -22.41 -44.32 -42.43
N LEU I 384 -23.55 -43.84 -41.89
CA LEU I 384 -23.65 -43.00 -40.71
C LEU I 384 -24.50 -43.72 -39.63
N LYS I 385 -24.04 -43.63 -38.37
CA LYS I 385 -24.75 -44.11 -37.14
C LYS I 385 -25.34 -45.53 -37.27
N ALA I 386 -24.62 -46.43 -37.96
CA ALA I 386 -25.10 -47.75 -38.34
C ALA I 386 -25.41 -48.68 -37.13
N GLY I 387 -26.63 -49.22 -37.10
CA GLY I 387 -27.10 -50.18 -36.10
C GLY I 387 -27.27 -49.63 -34.67
N LEU I 388 -27.70 -50.52 -33.78
CA LEU I 388 -28.05 -50.29 -32.36
C LEU I 388 -29.18 -49.26 -32.11
N GLY I 389 -29.63 -49.25 -30.86
CA GLY I 389 -30.08 -48.07 -30.12
C GLY I 389 -29.45 -48.14 -28.71
N GLU I 390 -29.45 -47.15 -27.82
CA GLU I 390 -30.15 -45.84 -27.72
C GLU I 390 -31.41 -45.97 -26.84
N ALA I 391 -31.98 -47.17 -26.72
CA ALA I 391 -33.03 -47.49 -25.75
C ALA I 391 -32.60 -47.24 -24.30
N PHE I 392 -31.36 -47.61 -23.94
CA PHE I 392 -30.75 -47.32 -22.64
C PHE I 392 -30.55 -45.80 -22.41
N ILE I 393 -30.09 -45.08 -23.44
CA ILE I 393 -29.91 -43.62 -23.39
C ILE I 393 -31.27 -42.94 -23.12
N ARG I 394 -32.29 -43.18 -23.96
CA ARG I 394 -33.61 -42.55 -23.77
C ARG I 394 -34.28 -42.93 -22.45
N ALA I 395 -34.10 -44.15 -21.95
CA ALA I 395 -34.63 -44.57 -20.64
C ALA I 395 -34.00 -43.78 -19.48
N ALA I 396 -32.67 -43.64 -19.45
CA ALA I 396 -31.98 -42.86 -18.42
C ALA I 396 -32.20 -41.34 -18.55
N VAL I 397 -32.14 -40.81 -19.78
CA VAL I 397 -32.39 -39.40 -20.08
C VAL I 397 -33.83 -39.00 -19.79
N ALA I 398 -34.83 -39.87 -20.02
CA ALA I 398 -36.22 -39.60 -19.66
C ALA I 398 -36.41 -39.30 -18.17
N ALA I 399 -35.75 -40.06 -17.28
CA ALA I 399 -35.79 -39.82 -15.83
C ALA I 399 -35.28 -38.41 -15.45
N ALA I 400 -34.17 -37.97 -16.06
CA ALA I 400 -33.65 -36.61 -15.91
C ALA I 400 -34.58 -35.55 -16.51
N LYS I 401 -35.09 -35.79 -17.73
CA LYS I 401 -36.05 -34.91 -18.41
C LYS I 401 -37.34 -34.70 -17.63
N TYR I 402 -37.91 -35.72 -16.98
CA TYR I 402 -39.11 -35.56 -16.14
C TYR I 402 -38.88 -34.59 -14.98
N GLU I 403 -37.74 -34.66 -14.28
CA GLU I 403 -37.38 -33.70 -13.22
C GLU I 403 -37.17 -32.28 -13.79
N LEU I 404 -36.43 -32.15 -14.89
CA LEU I 404 -36.17 -30.87 -15.55
C LEU I 404 -37.46 -30.20 -16.06
N GLU I 405 -38.32 -30.96 -16.74
CA GLU I 405 -39.62 -30.47 -17.23
C GLU I 405 -40.59 -30.11 -16.10
N ASN I 406 -40.56 -30.81 -14.95
CA ASN I 406 -41.36 -30.43 -13.78
C ASN I 406 -40.92 -29.08 -13.19
N GLU I 407 -39.61 -28.82 -13.11
CA GLU I 407 -39.09 -27.49 -12.70
C GLU I 407 -39.39 -26.40 -13.75
N GLU I 408 -39.16 -26.69 -15.04
CA GLU I 408 -39.39 -25.74 -16.14
C GLU I 408 -40.87 -25.40 -16.34
N THR I 409 -41.81 -26.35 -16.25
CA THR I 409 -43.24 -26.07 -16.42
C THR I 409 -43.82 -25.20 -15.28
N ASP I 410 -43.31 -25.35 -14.05
CA ASP I 410 -43.64 -24.47 -12.93
C ASP I 410 -43.08 -23.05 -13.15
N ALA I 411 -41.83 -22.94 -13.62
CA ALA I 411 -41.21 -21.66 -13.97
C ALA I 411 -41.95 -20.96 -15.13
N GLU I 412 -42.31 -21.68 -16.20
CA GLU I 412 -43.13 -21.16 -17.30
C GLU I 412 -44.52 -20.73 -16.82
N GLY I 413 -45.16 -21.49 -15.92
CA GLY I 413 -46.42 -21.11 -15.28
C GLY I 413 -46.36 -19.75 -14.59
N ASN I 414 -45.30 -19.51 -13.81
CA ASN I 414 -45.04 -18.20 -13.19
C ASN I 414 -44.76 -17.11 -14.23
N LYS I 415 -43.93 -17.39 -15.24
CA LYS I 415 -43.60 -16.46 -16.34
C LYS I 415 -44.83 -16.02 -17.13
N PHE I 416 -45.76 -16.93 -17.46
CA PHE I 416 -47.01 -16.59 -18.14
C PHE I 416 -47.85 -15.59 -17.34
N LEU I 417 -48.02 -15.80 -16.03
CA LEU I 417 -48.69 -14.83 -15.15
C LEU I 417 -47.98 -13.46 -15.16
N GLU I 418 -46.64 -13.46 -15.08
CA GLU I 418 -45.82 -12.24 -15.20
C GLU I 418 -45.87 -11.56 -16.59
N TYR I 419 -46.39 -12.22 -17.63
CA TYR I 419 -46.65 -11.63 -18.95
C TYR I 419 -48.10 -11.14 -19.11
N PHE I 420 -49.06 -11.73 -18.39
CA PHE I 420 -50.48 -11.34 -18.44
C PHE I 420 -50.81 -10.06 -17.63
N ILE I 421 -50.08 -9.79 -16.54
CA ILE I 421 -50.19 -8.55 -15.73
C ILE I 421 -49.88 -7.26 -16.51
N SER J 1 29.24 -50.26 -37.16
CA SER J 1 28.88 -51.56 -36.54
C SER J 1 27.51 -51.49 -35.89
N ALA J 2 26.50 -52.12 -36.51
CA ALA J 2 25.17 -52.30 -35.89
C ALA J 2 25.27 -53.12 -34.59
N GLU J 3 26.12 -54.14 -34.59
CA GLU J 3 26.39 -55.02 -33.45
C GLU J 3 26.88 -54.24 -32.22
N HIS J 4 27.80 -53.29 -32.40
CA HIS J 4 28.31 -52.44 -31.32
C HIS J 4 27.22 -51.56 -30.68
N VAL J 5 26.36 -50.93 -31.49
CA VAL J 5 25.23 -50.15 -30.97
C VAL J 5 24.26 -51.03 -30.19
N LEU J 6 23.95 -52.24 -30.69
CA LEU J 6 23.10 -53.20 -29.98
C LEU J 6 23.72 -53.68 -28.65
N THR J 7 25.01 -54.03 -28.61
CA THR J 7 25.68 -54.46 -27.37
C THR J 7 25.85 -53.33 -26.35
N MET J 8 25.99 -52.06 -26.77
CA MET J 8 25.97 -50.91 -25.84
C MET J 8 24.69 -50.83 -25.00
N LEU J 9 23.53 -51.21 -25.56
CA LEU J 9 22.26 -51.24 -24.82
C LEU J 9 22.30 -52.21 -23.63
N ASN J 10 23.00 -53.35 -23.77
CA ASN J 10 23.22 -54.30 -22.68
C ASN J 10 24.38 -53.85 -21.75
N GLU J 11 25.50 -53.39 -22.31
CA GLU J 11 26.70 -52.98 -21.58
C GLU J 11 26.45 -51.82 -20.59
N HIS J 12 25.50 -50.94 -20.92
CA HIS J 12 25.12 -49.76 -20.11
C HIS J 12 23.65 -49.80 -19.65
N ALA J 13 23.00 -50.97 -19.75
CA ALA J 13 21.62 -51.25 -19.36
C ALA J 13 20.58 -50.17 -19.78
N ALA J 14 20.74 -49.62 -20.99
CA ALA J 14 19.94 -48.52 -21.50
C ALA J 14 18.43 -48.87 -21.60
N ALA J 15 17.59 -48.15 -20.87
CA ALA J 15 16.13 -48.27 -20.92
C ALA J 15 15.52 -47.51 -22.12
N PHE J 16 16.14 -46.41 -22.55
CA PHE J 16 15.70 -45.54 -23.65
C PHE J 16 16.89 -45.06 -24.48
N VAL J 17 16.62 -44.59 -25.71
CA VAL J 17 17.61 -44.04 -26.63
C VAL J 17 17.09 -42.74 -27.25
N ARG J 18 17.98 -41.75 -27.41
CA ARG J 18 17.70 -40.39 -27.90
C ARG J 18 18.25 -40.20 -29.32
N PHE J 19 17.37 -39.98 -30.29
CA PHE J 19 17.72 -39.51 -31.63
C PHE J 19 18.01 -38.00 -31.59
N GLU J 20 19.01 -37.54 -32.34
CA GLU J 20 19.45 -36.13 -32.31
C GLU J 20 19.76 -35.58 -33.72
N ALA J 21 19.41 -34.32 -33.96
CA ALA J 21 19.60 -33.59 -35.21
C ALA J 21 19.80 -32.08 -34.95
N THR J 22 19.93 -31.27 -36.00
CA THR J 22 20.14 -29.80 -35.92
C THR J 22 19.33 -29.10 -37.01
N ASP J 23 18.75 -27.94 -36.70
CA ASP J 23 17.98 -27.11 -37.64
C ASP J 23 18.83 -26.15 -38.49
N ALA J 24 18.20 -25.48 -39.46
CA ALA J 24 18.87 -24.53 -40.36
C ALA J 24 19.40 -23.27 -39.63
N ALA J 25 18.79 -22.85 -38.52
CA ALA J 25 19.23 -21.70 -37.73
C ALA J 25 20.53 -21.98 -36.94
N GLY J 26 20.71 -23.21 -36.44
CA GLY J 26 21.93 -23.69 -35.78
C GLY J 26 21.74 -24.35 -34.41
N ALA J 27 20.50 -24.67 -34.02
CA ALA J 27 20.19 -25.28 -32.73
C ALA J 27 19.93 -26.79 -32.88
N SER J 28 20.49 -27.59 -31.97
CA SER J 28 20.21 -29.02 -31.87
C SER J 28 18.78 -29.29 -31.37
N ARG J 29 18.23 -30.44 -31.77
CA ARG J 29 16.89 -30.95 -31.44
C ARG J 29 16.94 -32.46 -31.24
N SER J 30 16.00 -33.03 -30.49
CA SER J 30 16.01 -34.46 -30.14
C SER J 30 14.62 -35.05 -29.86
N LYS J 31 14.54 -36.38 -29.95
CA LYS J 31 13.36 -37.24 -29.65
C LYS J 31 13.84 -38.56 -29.06
N SER J 32 12.97 -39.33 -28.40
CA SER J 32 13.37 -40.60 -27.75
C SER J 32 12.27 -41.66 -27.68
N ILE J 33 12.70 -42.91 -27.55
CA ILE J 33 11.87 -44.13 -27.42
C ILE J 33 12.55 -45.17 -26.50
N PRO J 34 11.82 -46.16 -25.95
CA PRO J 34 12.41 -47.32 -25.29
C PRO J 34 13.44 -48.06 -26.16
N ALA J 35 14.49 -48.59 -25.55
CA ALA J 35 15.54 -49.34 -26.25
C ALA J 35 15.05 -50.64 -26.92
N GLN J 36 13.92 -51.20 -26.46
CA GLN J 36 13.32 -52.44 -26.96
C GLN J 36 12.91 -52.40 -28.45
N PHE J 37 12.71 -51.21 -29.03
CA PHE J 37 12.34 -51.03 -30.43
C PHE J 37 13.50 -51.25 -31.44
N PHE J 38 14.76 -51.30 -30.98
CA PHE J 38 15.93 -51.39 -31.85
C PHE J 38 16.08 -52.80 -32.46
N GLU J 39 16.00 -52.88 -33.79
CA GLU J 39 16.04 -54.12 -34.60
C GLU J 39 16.73 -53.88 -35.96
N LYS J 40 17.03 -54.94 -36.71
CA LYS J 40 17.77 -54.89 -37.99
C LYS J 40 17.18 -53.95 -39.06
N VAL J 41 15.86 -53.74 -39.05
CA VAL J 41 15.14 -52.93 -40.05
C VAL J 41 15.51 -51.45 -39.98
N ILE J 42 15.58 -50.86 -38.78
CA ILE J 42 15.86 -49.42 -38.60
C ILE J 42 17.29 -49.05 -39.03
N HIS J 43 18.22 -50.01 -39.04
CA HIS J 43 19.59 -49.86 -39.55
C HIS J 43 19.67 -49.71 -41.08
N ALA J 44 18.56 -49.94 -41.79
CA ALA J 44 18.45 -49.82 -43.26
C ALA J 44 17.29 -48.92 -43.75
N ARG J 45 16.32 -48.60 -42.86
CA ARG J 45 15.11 -47.81 -43.20
C ARG J 45 14.85 -46.61 -42.27
N GLY J 46 15.65 -46.43 -41.21
CA GLY J 46 15.47 -45.35 -40.24
C GLY J 46 14.11 -45.37 -39.52
N TYR J 47 13.63 -44.18 -39.14
CA TYR J 47 12.31 -43.96 -38.52
C TYR J 47 11.48 -42.96 -39.33
N LEU J 48 10.35 -43.44 -39.88
CA LEU J 48 9.34 -42.62 -40.51
C LEU J 48 8.59 -41.74 -39.48
N GLU J 49 8.37 -40.47 -39.82
CA GLU J 49 7.58 -39.51 -39.04
C GLU J 49 6.77 -38.56 -39.92
N ASP J 50 5.71 -37.97 -39.36
CA ASP J 50 4.99 -36.84 -39.95
C ASP J 50 5.82 -35.56 -39.88
N GLY J 51 6.21 -35.03 -41.05
CA GLY J 51 7.00 -33.80 -41.16
C GLY J 51 6.20 -32.49 -41.06
N GLU J 52 4.86 -32.51 -41.08
CA GLU J 52 4.03 -31.29 -40.96
C GLU J 52 4.21 -30.55 -39.63
N VAL J 53 4.79 -31.21 -38.61
CA VAL J 53 5.22 -30.62 -37.33
C VAL J 53 6.28 -29.52 -37.52
N ASN J 54 6.98 -29.48 -38.66
CA ASN J 54 8.01 -28.50 -39.00
C ASN J 54 7.68 -27.82 -40.36
N ALA J 55 7.52 -26.49 -40.34
CA ALA J 55 7.04 -25.66 -41.47
C ALA J 55 7.96 -25.58 -42.72
N GLY J 56 8.99 -26.43 -42.81
CA GLY J 56 9.96 -26.47 -43.91
C GLY J 56 10.58 -27.86 -44.16
N ALA J 57 9.86 -28.94 -43.79
CA ALA J 57 10.36 -30.32 -43.91
C ALA J 57 9.40 -31.30 -44.64
N ALA J 58 8.12 -30.96 -44.80
CA ALA J 58 7.14 -31.77 -45.55
C ALA J 58 5.93 -30.92 -46.03
N GLY J 59 4.93 -31.58 -46.60
CA GLY J 59 3.62 -31.01 -46.95
C GLY J 59 2.48 -32.03 -46.76
N ALA J 60 1.23 -31.57 -46.80
CA ALA J 60 0.06 -32.37 -46.41
C ALA J 60 -0.17 -33.64 -47.26
N ALA J 61 0.23 -33.63 -48.53
CA ALA J 61 0.16 -34.79 -49.44
C ALA J 61 1.40 -35.72 -49.36
N ALA J 62 2.38 -35.40 -48.50
CA ALA J 62 3.67 -36.06 -48.38
C ALA J 62 4.13 -36.11 -46.89
N SER J 63 3.18 -36.35 -45.98
CA SER J 63 3.32 -36.41 -44.51
C SER J 63 4.13 -37.61 -43.98
N ASP J 64 5.19 -38.01 -44.67
CA ASP J 64 6.11 -39.10 -44.34
C ASP J 64 7.55 -38.74 -44.75
N ILE J 65 8.42 -38.54 -43.76
CA ILE J 65 9.88 -38.30 -43.91
C ILE J 65 10.66 -39.16 -42.91
N VAL J 66 11.98 -39.31 -43.11
CA VAL J 66 12.81 -40.30 -42.40
C VAL J 66 13.93 -39.63 -41.60
N LEU J 67 13.99 -39.89 -40.31
CA LEU J 67 15.22 -39.75 -39.51
C LEU J 67 16.09 -41.01 -39.67
N MET J 68 17.39 -40.83 -39.88
CA MET J 68 18.33 -41.91 -40.17
C MET J 68 19.48 -41.91 -39.15
N PRO J 69 19.36 -42.64 -38.03
CA PRO J 69 20.43 -42.79 -37.05
C PRO J 69 21.64 -43.53 -37.63
N GLU J 70 22.80 -43.37 -37.00
CA GLU J 70 24.06 -43.98 -37.45
C GLU J 70 24.73 -44.86 -36.38
N LEU J 71 25.69 -45.68 -36.84
CA LEU J 71 26.13 -46.89 -36.13
C LEU J 71 27.66 -46.88 -35.86
N SER J 72 28.20 -45.67 -35.74
CA SER J 72 29.58 -45.35 -35.36
C SER J 72 29.67 -44.11 -34.44
N THR J 73 28.51 -43.62 -33.96
CA THR J 73 28.33 -42.30 -33.31
C THR J 73 27.58 -42.36 -31.97
N ALA J 74 27.12 -43.55 -31.55
CA ALA J 74 26.39 -43.75 -30.30
C ALA J 74 27.24 -43.43 -29.06
N ALA J 75 26.60 -42.92 -28.01
CA ALA J 75 27.21 -42.61 -26.71
C ALA J 75 26.20 -42.76 -25.56
N VAL J 76 26.68 -42.97 -24.33
CA VAL J 76 25.85 -42.95 -23.11
C VAL J 76 25.43 -41.50 -22.79
N ALA J 77 24.14 -41.27 -22.56
CA ALA J 77 23.58 -39.95 -22.24
C ALA J 77 23.73 -39.63 -20.73
N ALA J 78 24.97 -39.66 -20.22
CA ALA J 78 25.31 -39.68 -18.79
C ALA J 78 24.73 -38.53 -17.93
N ALA J 79 24.36 -37.38 -18.54
CA ALA J 79 23.68 -36.27 -17.86
C ALA J 79 22.22 -36.57 -17.46
N ALA J 80 21.59 -37.60 -18.01
CA ALA J 80 20.20 -37.98 -17.73
C ALA J 80 19.97 -38.54 -16.32
N ALA J 81 18.72 -38.52 -15.86
CA ALA J 81 18.28 -39.08 -14.57
C ALA J 81 18.12 -40.62 -14.57
N ALA J 82 18.38 -41.29 -15.70
CA ALA J 82 18.23 -42.75 -15.88
C ALA J 82 19.32 -43.29 -16.84
N ALA J 83 19.46 -44.63 -16.88
CA ALA J 83 20.33 -45.32 -17.84
C ALA J 83 19.79 -45.20 -19.27
N THR J 84 20.39 -44.34 -20.09
CA THR J 84 19.97 -44.08 -21.48
C THR J 84 21.17 -43.78 -22.40
N ALA J 85 20.93 -43.79 -23.71
CA ALA J 85 21.93 -43.53 -24.74
C ALA J 85 21.45 -42.47 -25.74
N ALA J 86 22.37 -41.96 -26.57
CA ALA J 86 22.09 -40.94 -27.59
C ALA J 86 22.83 -41.24 -28.90
N VAL J 87 22.19 -40.91 -30.02
CA VAL J 87 22.62 -41.22 -31.40
C VAL J 87 22.22 -40.06 -32.32
N ILE J 88 23.22 -39.39 -32.92
CA ILE J 88 22.97 -38.39 -33.97
C ILE J 88 22.51 -39.04 -35.28
N CYS J 89 21.71 -38.30 -36.04
CA CYS J 89 21.04 -38.75 -37.26
C CYS J 89 21.30 -37.80 -38.44
N ASP J 90 21.24 -38.34 -39.66
CA ASP J 90 20.89 -37.56 -40.85
C ASP J 90 19.36 -37.55 -41.02
N GLY J 91 18.85 -36.74 -41.96
CA GLY J 91 17.43 -36.70 -42.32
C GLY J 91 17.25 -36.83 -43.84
N GLY J 92 16.17 -37.48 -44.27
CA GLY J 92 15.98 -37.89 -45.66
C GLY J 92 14.54 -38.22 -46.08
N ALA J 93 14.39 -38.46 -47.38
CA ALA J 93 13.23 -38.94 -48.11
C ALA J 93 13.48 -39.08 -49.65
N ALA J 94 14.21 -38.23 -50.40
CA ALA J 94 14.88 -36.94 -50.11
C ALA J 94 16.19 -37.06 -49.27
N ALA J 95 16.85 -36.02 -48.71
CA ALA J 95 16.48 -34.62 -48.48
C ALA J 95 17.69 -33.68 -48.61
N ALA J 96 17.44 -32.36 -48.50
CA ALA J 96 18.43 -31.31 -48.71
C ALA J 96 18.18 -30.04 -47.87
N ALA J 97 17.69 -30.21 -46.63
CA ALA J 97 17.63 -29.16 -45.61
C ALA J 97 18.31 -29.57 -44.29
N SER J 98 18.59 -30.86 -44.11
CA SER J 98 19.40 -31.45 -43.03
C SER J 98 20.86 -30.95 -43.09
N PRO J 99 21.30 -30.05 -42.19
CA PRO J 99 22.62 -29.39 -42.28
C PRO J 99 23.81 -30.36 -42.35
N ARG J 100 23.74 -31.48 -41.62
CA ARG J 100 24.78 -32.52 -41.59
C ARG J 100 24.96 -33.22 -42.95
N TYR J 101 23.85 -33.51 -43.65
CA TYR J 101 23.87 -34.07 -44.99
C TYR J 101 24.40 -33.07 -46.04
N ILE J 102 24.05 -31.78 -45.89
CA ILE J 102 24.60 -30.67 -46.69
C ILE J 102 26.12 -30.55 -46.49
N ALA J 103 26.62 -30.62 -45.24
CA ALA J 103 28.05 -30.61 -44.94
C ALA J 103 28.81 -31.80 -45.54
N ARG J 104 28.22 -33.00 -45.51
CA ARG J 104 28.77 -34.22 -46.15
C ARG J 104 28.97 -34.09 -47.66
N ALA J 105 28.15 -33.31 -48.36
CA ALA J 105 28.36 -33.02 -49.79
C ALA J 105 29.67 -32.27 -50.08
N ALA J 106 30.10 -31.36 -49.21
CA ALA J 106 31.40 -30.68 -49.34
C ALA J 106 32.58 -31.66 -49.17
N LEU J 107 32.47 -32.61 -48.24
CA LEU J 107 33.46 -33.69 -48.06
C LEU J 107 33.53 -34.62 -49.29
N ALA J 108 32.38 -34.97 -49.86
CA ALA J 108 32.31 -35.75 -51.09
C ALA J 108 32.92 -35.01 -52.29
N GLN J 109 32.65 -33.70 -52.44
CA GLN J 109 33.22 -32.86 -53.50
C GLN J 109 34.75 -32.71 -53.38
N LEU J 110 35.28 -32.54 -52.17
CA LEU J 110 36.73 -32.52 -51.88
C LEU J 110 37.45 -33.77 -52.41
N GLN J 111 36.87 -34.95 -52.16
CA GLN J 111 37.39 -36.23 -52.64
C GLN J 111 37.18 -36.42 -54.17
N ALA J 112 35.99 -36.11 -54.69
CA ALA J 112 35.63 -36.28 -56.09
C ALA J 112 36.43 -35.38 -57.05
N ALA J 113 36.80 -34.16 -56.62
CA ALA J 113 37.69 -33.26 -57.34
C ALA J 113 39.15 -33.74 -57.41
N GLY J 114 39.54 -34.71 -56.57
CA GLY J 114 40.90 -35.24 -56.47
C GLY J 114 41.94 -34.28 -55.85
N ALA J 115 41.49 -33.13 -55.33
CA ALA J 115 42.36 -32.11 -54.72
C ALA J 115 43.05 -32.61 -53.44
N ALA J 116 42.36 -33.44 -52.66
CA ALA J 116 42.83 -34.07 -51.43
C ALA J 116 41.95 -35.29 -51.08
N ALA J 117 42.06 -35.85 -49.87
CA ALA J 117 41.25 -36.97 -49.40
C ALA J 117 40.49 -36.68 -48.07
N GLY J 118 40.89 -35.66 -47.32
CA GLY J 118 40.21 -35.22 -46.10
C GLY J 118 40.60 -33.81 -45.64
N LEU J 119 39.95 -33.35 -44.57
CA LEU J 119 40.06 -32.01 -43.99
C LEU J 119 40.28 -32.12 -42.47
N LEU J 120 41.20 -31.31 -41.94
CA LEU J 120 41.88 -31.54 -40.65
C LEU J 120 41.67 -30.37 -39.66
N SER J 121 40.55 -29.66 -39.79
CA SER J 121 40.19 -28.49 -38.98
C SER J 121 39.85 -28.79 -37.50
N ALA J 122 39.83 -27.72 -36.68
CA ALA J 122 39.39 -27.71 -35.27
C ALA J 122 38.92 -26.31 -34.86
N PHE J 123 38.25 -26.17 -33.71
CA PHE J 123 37.64 -24.91 -33.23
C PHE J 123 38.04 -24.59 -31.79
N ILE J 124 37.98 -23.29 -31.44
CA ILE J 124 38.34 -22.73 -30.13
C ILE J 124 37.27 -21.73 -29.62
N ALA J 125 36.01 -21.94 -30.04
CA ALA J 125 34.89 -21.05 -29.77
C ALA J 125 34.69 -20.70 -28.27
N ASP J 126 34.33 -19.45 -28.01
CA ASP J 126 34.00 -18.91 -26.69
C ASP J 126 32.51 -19.05 -26.37
N PHE J 127 32.16 -18.85 -25.09
CA PHE J 127 30.80 -18.90 -24.56
C PHE J 127 30.65 -17.95 -23.35
N CYS J 128 29.42 -17.78 -22.87
CA CYS J 128 29.07 -16.92 -21.73
C CYS J 128 28.32 -17.72 -20.67
N ILE J 129 28.33 -17.26 -19.41
CA ILE J 129 27.66 -17.90 -18.27
C ILE J 129 27.00 -16.85 -17.35
N PHE J 130 25.83 -17.21 -16.80
CA PHE J 130 24.97 -16.31 -16.02
C PHE J 130 24.22 -17.05 -14.91
N GLY J 131 23.63 -16.29 -13.98
CA GLY J 131 22.80 -16.80 -12.88
C GLY J 131 21.34 -16.36 -12.97
N VAL J 132 21.06 -15.11 -13.39
CA VAL J 132 19.70 -14.54 -13.53
C VAL J 132 19.59 -13.62 -14.76
N PRO J 133 19.50 -14.17 -16.00
CA PRO J 133 19.09 -13.41 -17.18
C PRO J 133 17.59 -13.08 -17.14
N GLU J 134 17.22 -11.92 -17.67
CA GLU J 134 15.84 -11.43 -17.81
C GLU J 134 15.72 -10.61 -19.11
N VAL J 135 14.98 -11.11 -20.11
CA VAL J 135 14.86 -10.48 -21.44
C VAL J 135 13.41 -10.56 -21.92
N ILE J 136 12.73 -9.42 -22.05
CA ILE J 136 11.33 -9.32 -22.49
C ILE J 136 11.08 -8.08 -23.37
N ASN J 137 10.01 -8.15 -24.17
CA ASN J 137 9.54 -7.12 -25.09
C ASN J 137 7.99 -7.08 -25.11
N SER J 138 7.42 -5.90 -25.34
CA SER J 138 5.96 -5.67 -25.42
C SER J 138 5.63 -4.47 -26.33
N LYS J 139 4.34 -4.12 -26.41
CA LYS J 139 3.84 -2.88 -27.03
C LYS J 139 4.26 -1.59 -26.30
N THR J 140 4.86 -1.68 -25.10
CA THR J 140 5.15 -0.54 -24.21
C THR J 140 6.57 -0.49 -23.66
N ILE J 141 7.33 -1.60 -23.65
CA ILE J 141 8.73 -1.64 -23.21
C ILE J 141 9.54 -2.74 -23.92
N SER J 142 10.87 -2.61 -23.91
CA SER J 142 11.82 -3.60 -24.45
C SER J 142 13.17 -3.49 -23.73
N PHE J 143 13.63 -4.57 -23.10
CA PHE J 143 14.92 -4.59 -22.37
C PHE J 143 15.51 -6.00 -22.20
N PRO J 144 16.84 -6.17 -22.40
CA PRO J 144 17.62 -7.26 -21.83
C PRO J 144 18.27 -6.88 -20.49
N ALA J 145 18.57 -7.89 -19.67
CA ALA J 145 19.38 -7.80 -18.45
C ALA J 145 19.98 -9.18 -18.10
N SER J 146 21.10 -9.20 -17.38
CA SER J 146 21.77 -10.41 -16.89
C SER J 146 22.77 -10.12 -15.77
N THR J 147 23.20 -11.15 -15.04
CA THR J 147 24.22 -11.06 -13.97
C THR J 147 24.89 -12.42 -13.70
N THR J 148 26.08 -12.38 -13.08
CA THR J 148 26.85 -13.55 -12.63
C THR J 148 27.78 -13.16 -11.46
N ALA J 149 28.16 -14.12 -10.62
CA ALA J 149 29.01 -13.89 -9.43
C ALA J 149 30.37 -13.23 -9.75
N ALA J 150 30.90 -13.45 -10.96
CA ALA J 150 32.15 -12.85 -11.43
C ALA J 150 32.01 -11.41 -11.97
N ALA J 151 30.80 -10.90 -12.21
CA ALA J 151 30.57 -9.64 -12.90
C ALA J 151 31.08 -8.41 -12.12
N ALA J 152 31.70 -7.46 -12.83
CA ALA J 152 32.25 -6.21 -12.30
C ALA J 152 31.20 -5.27 -11.63
N ASP J 153 29.90 -5.53 -11.84
CA ASP J 153 28.80 -4.79 -11.23
C ASP J 153 28.42 -5.27 -9.81
N GLN J 154 28.71 -6.54 -9.46
CA GLN J 154 28.32 -7.13 -8.17
C GLN J 154 29.08 -6.66 -6.90
N PRO J 155 30.36 -6.21 -6.90
CA PRO J 155 31.09 -5.94 -5.66
C PRO J 155 30.58 -4.72 -4.86
N GLN J 156 29.71 -3.89 -5.46
CA GLN J 156 29.00 -2.79 -4.78
C GLN J 156 27.67 -3.21 -4.14
N GLU J 157 27.21 -4.46 -4.33
CA GLU J 157 25.91 -4.96 -3.83
C GLU J 157 26.04 -5.82 -2.57
N ALA J 158 24.97 -5.87 -1.76
CA ALA J 158 24.85 -6.76 -0.61
C ALA J 158 24.59 -8.24 -1.01
N ALA J 159 24.81 -9.16 -0.07
CA ALA J 159 24.50 -10.59 -0.19
C ALA J 159 24.22 -11.22 1.19
N ALA J 160 23.65 -12.43 1.20
CA ALA J 160 23.21 -13.14 2.41
C ALA J 160 24.30 -13.43 3.47
N GLY J 161 25.58 -13.34 3.09
CA GLY J 161 26.76 -13.43 3.98
C GLY J 161 27.83 -12.37 3.67
N GLY J 162 27.44 -11.26 3.05
CA GLY J 162 28.34 -10.22 2.53
C GLY J 162 28.98 -10.58 1.18
N ALA J 163 29.48 -9.57 0.46
CA ALA J 163 30.15 -9.74 -0.83
C ALA J 163 31.51 -10.45 -0.70
N ALA J 164 31.90 -11.22 -1.72
CA ALA J 164 33.18 -11.94 -1.77
C ALA J 164 34.41 -11.02 -2.03
N GLY J 165 34.19 -9.82 -2.60
CA GLY J 165 35.25 -8.86 -2.94
C GLY J 165 36.28 -9.36 -3.97
N ALA J 166 35.87 -10.27 -4.87
CA ALA J 166 36.74 -11.05 -5.75
C ALA J 166 36.24 -11.12 -7.22
N ALA J 167 35.33 -10.23 -7.63
CA ALA J 167 34.82 -10.13 -9.00
C ALA J 167 35.94 -9.79 -10.03
N ALA J 168 35.70 -10.12 -11.30
CA ALA J 168 36.52 -9.70 -12.44
C ALA J 168 36.31 -8.21 -12.80
N GLY J 169 37.03 -7.73 -13.81
CA GLY J 169 36.88 -6.38 -14.37
C GLY J 169 36.49 -6.40 -15.86
N ALA J 170 36.09 -5.24 -16.39
CA ALA J 170 35.80 -5.07 -17.82
C ALA J 170 37.02 -5.41 -18.68
N ALA J 171 36.86 -6.33 -19.65
CA ALA J 171 37.95 -6.96 -20.42
C ALA J 171 39.13 -7.48 -19.54
N GLY J 172 38.82 -7.95 -18.32
CA GLY J 172 39.79 -8.28 -17.26
C GLY J 172 39.33 -9.45 -16.40
N GLY J 173 39.01 -10.58 -17.03
CA GLY J 173 38.54 -11.82 -16.40
C GLY J 173 39.10 -13.11 -17.03
N ALA J 174 40.28 -13.03 -17.65
CA ALA J 174 40.97 -14.10 -18.39
C ALA J 174 41.60 -15.19 -17.48
N ALA J 175 40.84 -15.72 -16.51
CA ALA J 175 41.29 -16.63 -15.45
C ALA J 175 40.46 -17.93 -15.33
N ALA J 176 39.53 -18.17 -16.25
CA ALA J 176 38.70 -19.38 -16.30
C ALA J 176 39.51 -20.67 -16.58
N ALA J 177 38.98 -21.81 -16.12
CA ALA J 177 39.54 -23.15 -16.34
C ALA J 177 39.22 -23.72 -17.75
N GLY J 178 39.73 -24.92 -18.04
CA GLY J 178 39.48 -25.69 -19.27
C GLY J 178 39.66 -27.21 -19.06
N ALA J 179 39.28 -28.08 -19.99
CA ALA J 179 38.70 -27.81 -21.33
C ALA J 179 37.17 -27.59 -21.34
N ALA J 180 36.57 -27.35 -20.16
CA ALA J 180 35.17 -26.93 -19.96
C ALA J 180 34.05 -27.92 -20.39
N GLU J 181 34.10 -29.25 -20.25
CA GLU J 181 35.16 -30.20 -19.84
C GLU J 181 34.76 -31.61 -20.33
N ILE J 182 33.62 -32.11 -19.82
CA ILE J 182 33.22 -33.53 -19.90
C ILE J 182 32.58 -33.95 -21.23
N CYS J 183 32.40 -33.01 -22.17
CA CYS J 183 31.96 -33.28 -23.55
C CYS J 183 33.13 -33.26 -24.56
N PHE J 184 34.37 -33.36 -24.07
CA PHE J 184 35.58 -33.49 -24.90
C PHE J 184 36.67 -34.35 -24.25
N LEU J 185 36.94 -34.16 -22.94
CA LEU J 185 38.00 -34.85 -22.20
C LEU J 185 37.83 -36.37 -22.07
N PRO J 186 36.70 -36.93 -21.56
CA PRO J 186 36.55 -38.38 -21.39
C PRO J 186 36.41 -39.14 -22.72
N GLU J 187 35.96 -38.44 -23.78
CA GLU J 187 35.90 -38.96 -25.15
C GLU J 187 37.24 -38.82 -25.90
N ALA J 188 38.19 -38.04 -25.37
CA ALA J 188 39.40 -37.56 -26.05
C ALA J 188 39.12 -37.10 -27.51
N ALA J 189 38.01 -36.39 -27.71
CA ALA J 189 37.28 -36.32 -28.98
C ALA J 189 38.12 -35.87 -30.20
N GLY J 190 38.89 -34.78 -30.07
CA GLY J 190 39.90 -34.29 -31.01
C GLY J 190 39.42 -33.73 -32.36
N ALA J 191 38.46 -34.40 -33.02
CA ALA J 191 37.99 -34.10 -34.37
C ALA J 191 37.21 -32.77 -34.52
N ALA J 192 37.00 -32.34 -35.77
CA ALA J 192 36.38 -31.07 -36.15
C ALA J 192 34.97 -30.84 -35.58
N ALA J 193 34.59 -29.56 -35.48
CA ALA J 193 33.30 -29.09 -34.95
C ALA J 193 32.10 -29.27 -35.91
N ALA J 194 32.07 -30.35 -36.70
CA ALA J 194 30.84 -30.82 -37.33
C ALA J 194 29.97 -31.52 -36.26
N ASP J 195 30.17 -32.83 -36.05
CA ASP J 195 29.41 -33.61 -35.06
C ASP J 195 29.71 -33.19 -33.61
N ASN J 196 30.94 -32.77 -33.31
CA ASN J 196 31.40 -32.45 -31.95
C ASN J 196 30.86 -31.13 -31.39
N ALA J 197 30.34 -30.21 -32.21
CA ALA J 197 29.84 -28.92 -31.74
C ALA J 197 28.61 -29.04 -30.81
N PHE J 198 27.75 -30.02 -31.06
CA PHE J 198 26.43 -30.07 -30.40
C PHE J 198 26.47 -30.75 -29.02
N THR J 199 27.36 -31.72 -28.82
CA THR J 199 27.68 -32.25 -27.48
C THR J 199 28.30 -31.16 -26.58
N LEU J 200 29.13 -30.27 -27.13
CA LEU J 200 29.65 -29.09 -26.42
C LEU J 200 28.54 -28.07 -26.11
N ARG J 201 27.72 -27.68 -27.10
CA ARG J 201 26.62 -26.69 -26.94
C ARG J 201 25.56 -27.12 -25.94
N THR J 202 25.18 -28.41 -25.90
CA THR J 202 24.27 -28.92 -24.86
C THR J 202 24.99 -29.14 -23.52
N GLY J 203 26.24 -29.62 -23.55
CA GLY J 203 27.05 -29.90 -22.35
C GLY J 203 27.31 -28.67 -21.48
N LEU J 204 27.69 -27.55 -22.08
CA LEU J 204 27.90 -26.27 -21.38
C LEU J 204 26.65 -25.84 -20.59
N GLN J 205 25.47 -25.95 -21.20
CA GLN J 205 24.19 -25.65 -20.56
C GLN J 205 23.85 -26.66 -19.45
N GLU J 206 23.93 -27.96 -19.75
CA GLU J 206 23.55 -29.04 -18.82
C GLU J 206 24.43 -29.06 -17.56
N VAL J 207 25.75 -28.86 -17.71
CA VAL J 207 26.69 -28.77 -16.58
C VAL J 207 26.43 -27.50 -15.76
N ALA J 208 26.18 -26.35 -16.39
CA ALA J 208 25.82 -25.11 -15.68
C ALA J 208 24.52 -25.28 -14.87
N ARG J 209 23.47 -25.88 -15.45
CA ARG J 209 22.19 -26.15 -14.77
C ARG J 209 22.35 -27.05 -13.54
N ARG J 210 23.24 -28.05 -13.63
CA ARG J 210 23.63 -28.94 -12.51
C ARG J 210 24.54 -28.27 -11.46
N TYR J 211 24.93 -27.01 -11.67
CA TYR J 211 25.61 -26.12 -10.71
C TYR J 211 24.82 -24.83 -10.44
N ASN J 212 23.48 -24.87 -10.60
CA ASN J 212 22.54 -23.77 -10.32
C ASN J 212 22.81 -22.47 -11.12
N ALA J 213 23.31 -22.61 -12.35
CA ALA J 213 23.62 -21.53 -13.29
C ALA J 213 23.12 -21.88 -14.71
N ILE J 214 23.43 -21.03 -15.70
CA ILE J 214 23.13 -21.26 -17.13
C ILE J 214 24.29 -20.78 -18.00
N ALA J 215 24.33 -21.25 -19.25
CA ALA J 215 25.34 -20.90 -20.25
C ALA J 215 24.69 -20.52 -21.59
N SER J 216 25.39 -19.73 -22.41
CA SER J 216 24.89 -19.25 -23.71
C SER J 216 26.01 -18.98 -24.72
N ALA J 217 25.62 -18.74 -25.97
CA ALA J 217 26.49 -18.54 -27.13
C ALA J 217 26.26 -17.18 -27.82
N ALA J 218 25.59 -16.24 -27.12
CA ALA J 218 25.31 -14.89 -27.60
C ALA J 218 26.62 -14.11 -27.88
N ALA J 219 26.86 -13.81 -29.16
CA ALA J 219 28.10 -13.21 -29.68
C ALA J 219 28.51 -11.88 -29.02
N ALA J 220 27.54 -11.11 -28.52
CA ALA J 220 27.72 -9.79 -27.89
C ALA J 220 26.83 -9.66 -26.62
N ALA J 221 26.88 -10.68 -25.75
CA ALA J 221 26.03 -10.82 -24.55
C ALA J 221 26.03 -9.60 -23.59
N ALA J 222 27.08 -8.79 -23.59
CA ALA J 222 27.18 -7.53 -22.86
C ALA J 222 28.03 -6.49 -23.62
N ALA J 223 27.71 -5.20 -23.45
CA ALA J 223 28.48 -4.08 -23.99
C ALA J 223 29.81 -3.84 -23.24
N ALA J 224 30.72 -3.06 -23.85
CA ALA J 224 32.03 -2.68 -23.30
C ALA J 224 32.91 -3.83 -22.77
N ALA J 225 32.75 -5.03 -23.34
CA ALA J 225 33.43 -6.27 -22.92
C ALA J 225 33.64 -7.24 -24.10
N ALA J 226 34.35 -8.34 -23.86
CA ALA J 226 34.49 -9.48 -24.79
C ALA J 226 33.14 -10.19 -25.07
N GLY J 227 33.15 -11.13 -26.04
CA GLY J 227 31.96 -11.87 -26.46
C GLY J 227 32.26 -13.25 -27.07
N ALA J 228 31.21 -14.03 -27.32
CA ALA J 228 31.27 -15.43 -27.76
C ALA J 228 31.67 -15.60 -29.25
N GLY J 229 32.92 -15.31 -29.60
CA GLY J 229 33.49 -15.62 -30.93
C GLY J 229 33.57 -17.13 -31.21
N SER J 230 33.75 -17.51 -32.49
CA SER J 230 33.83 -18.92 -32.93
C SER J 230 35.03 -19.20 -33.83
N HIS J 231 36.18 -18.62 -33.48
CA HIS J 231 37.45 -18.78 -34.18
C HIS J 231 37.85 -20.26 -34.31
N SER J 232 38.58 -20.58 -35.37
CA SER J 232 38.92 -21.96 -35.77
C SER J 232 40.27 -22.04 -36.49
N ILE J 233 40.76 -23.26 -36.69
CA ILE J 233 41.97 -23.57 -37.47
C ILE J 233 41.64 -24.60 -38.54
N TRP J 234 42.28 -24.47 -39.70
CA TRP J 234 41.90 -25.16 -40.94
C TRP J 234 43.09 -25.70 -41.71
N ASP J 235 42.89 -26.89 -42.29
CA ASP J 235 43.92 -27.71 -42.91
C ASP J 235 43.30 -28.79 -43.83
N VAL J 236 44.12 -29.33 -44.72
CA VAL J 236 43.74 -30.23 -45.82
C VAL J 236 44.79 -31.34 -45.91
N GLY J 237 44.41 -32.56 -46.29
CA GLY J 237 45.37 -33.66 -46.41
C GLY J 237 44.95 -34.85 -47.26
N ALA J 238 45.94 -35.65 -47.62
CA ALA J 238 45.81 -36.90 -48.38
C ALA J 238 47.00 -37.84 -48.08
N ALA J 239 46.82 -39.14 -48.29
CA ALA J 239 47.83 -40.20 -48.06
C ALA J 239 48.59 -40.13 -46.71
N GLY J 240 47.99 -39.51 -45.68
CA GLY J 240 48.55 -39.38 -44.34
C GLY J 240 49.35 -38.10 -44.05
N THR J 241 49.34 -37.09 -44.94
CA THR J 241 50.14 -35.86 -44.80
C THR J 241 49.35 -34.56 -45.01
N ASN J 242 49.82 -33.49 -44.36
CA ASN J 242 49.36 -32.10 -44.48
C ASN J 242 49.61 -31.55 -45.91
N ALA J 243 48.69 -30.74 -46.44
CA ALA J 243 48.74 -30.15 -47.79
C ALA J 243 48.78 -28.60 -47.82
N PHE J 244 48.82 -27.92 -46.67
CA PHE J 244 49.04 -26.47 -46.56
C PHE J 244 50.49 -26.10 -46.21
N ALA J 245 51.29 -27.04 -45.70
CA ALA J 245 52.73 -26.87 -45.45
C ALA J 245 53.54 -26.62 -46.74
N GLY J 246 54.53 -25.73 -46.68
CA GLY J 246 55.41 -25.41 -47.80
C GLY J 246 56.46 -24.33 -47.49
N ALA J 247 56.85 -23.58 -48.53
CA ALA J 247 57.97 -22.64 -48.50
C ALA J 247 57.57 -21.18 -48.82
N SER J 248 56.28 -20.85 -48.92
CA SER J 248 55.81 -19.45 -48.96
C SER J 248 55.71 -18.86 -47.53
N GLY J 249 55.18 -17.63 -47.40
CA GLY J 249 55.09 -16.88 -46.14
C GLY J 249 54.54 -17.70 -44.96
N ALA J 250 55.15 -17.53 -43.78
CA ALA J 250 54.83 -18.25 -42.53
C ALA J 250 54.68 -19.79 -42.69
N ARG J 251 55.47 -20.41 -43.59
CA ARG J 251 55.52 -21.85 -43.91
C ARG J 251 54.26 -22.41 -44.57
N ALA J 252 53.40 -21.55 -45.12
CA ALA J 252 52.29 -21.91 -46.01
C ALA J 252 52.78 -22.41 -47.40
N THR J 253 51.85 -22.65 -48.33
CA THR J 253 52.12 -23.08 -49.70
C THR J 253 51.12 -22.51 -50.71
N LEU J 254 51.36 -22.69 -52.02
CA LEU J 254 50.56 -22.10 -53.10
C LEU J 254 49.09 -22.55 -53.11
N THR J 255 48.79 -23.84 -52.87
CA THR J 255 47.39 -24.28 -52.72
C THR J 255 46.73 -23.72 -51.45
N GLY J 256 47.50 -23.51 -50.37
CA GLY J 256 47.06 -22.76 -49.18
C GLY J 256 46.70 -21.30 -49.51
N ALA J 257 47.54 -20.61 -50.28
CA ALA J 257 47.27 -19.26 -50.79
C ALA J 257 46.02 -19.20 -51.70
N LYS J 258 45.76 -20.25 -52.49
CA LYS J 258 44.53 -20.38 -53.31
C LYS J 258 43.27 -20.65 -52.46
N TRP J 259 43.36 -21.47 -51.41
CA TRP J 259 42.29 -21.60 -50.40
C TRP J 259 42.01 -20.26 -49.70
N LEU J 260 43.05 -19.54 -49.27
CA LEU J 260 42.94 -18.19 -48.71
C LEU J 260 42.30 -17.19 -49.69
N ALA J 261 42.69 -17.21 -50.97
CA ALA J 261 42.06 -16.37 -52.00
C ALA J 261 40.54 -16.62 -52.13
N GLY J 262 40.13 -17.90 -52.10
CA GLY J 262 38.72 -18.29 -52.05
C GLY J 262 37.99 -17.78 -50.80
N LEU J 263 38.58 -17.97 -49.62
CA LEU J 263 38.06 -17.50 -48.33
C LEU J 263 37.91 -15.96 -48.28
N LEU J 264 38.91 -15.21 -48.75
CA LEU J 264 38.87 -13.75 -48.84
C LEU J 264 37.73 -13.26 -49.75
N ALA J 265 37.57 -13.87 -50.94
CA ALA J 265 36.50 -13.55 -51.87
C ALA J 265 35.10 -13.88 -51.33
N ALA J 266 34.96 -15.01 -50.61
CA ALA J 266 33.69 -15.51 -50.09
C ALA J 266 33.25 -14.88 -48.74
N ALA J 267 34.12 -14.12 -48.06
CA ALA J 267 33.87 -13.61 -46.70
C ALA J 267 32.53 -12.85 -46.55
N ALA J 268 32.15 -12.06 -47.55
CA ALA J 268 30.88 -11.32 -47.60
C ALA J 268 29.60 -12.20 -47.66
N ALA J 269 29.75 -13.50 -47.93
CA ALA J 269 28.66 -14.47 -48.03
C ALA J 269 28.78 -15.62 -47.01
N ALA J 270 29.99 -16.04 -46.64
CA ALA J 270 30.24 -16.96 -45.53
C ALA J 270 29.69 -16.42 -44.19
N ALA J 271 29.68 -15.10 -44.01
CA ALA J 271 29.05 -14.40 -42.89
C ALA J 271 27.55 -14.74 -42.70
N ALA J 272 26.83 -15.14 -43.75
CA ALA J 272 25.43 -15.57 -43.64
C ALA J 272 25.23 -16.83 -42.77
N ALA J 273 26.28 -17.66 -42.60
CA ALA J 273 26.31 -18.80 -41.69
C ALA J 273 27.17 -18.51 -40.45
N ALA J 274 28.34 -17.88 -40.62
CA ALA J 274 29.30 -17.61 -39.53
C ALA J 274 28.91 -16.47 -38.58
N ALA J 275 27.98 -15.60 -38.99
CA ALA J 275 27.51 -14.44 -38.25
C ALA J 275 25.97 -14.29 -38.37
N ALA J 276 25.27 -15.43 -38.23
CA ALA J 276 23.84 -15.63 -38.50
C ALA J 276 22.83 -14.82 -37.63
N ALA J 277 23.28 -13.87 -36.79
CA ALA J 277 22.43 -13.05 -35.93
C ALA J 277 23.02 -11.63 -35.74
N ALA J 278 22.17 -10.65 -35.40
CA ALA J 278 22.56 -9.25 -35.18
C ALA J 278 23.63 -9.08 -34.07
N ALA J 279 23.63 -9.96 -33.06
CA ALA J 279 24.68 -10.00 -32.03
C ALA J 279 26.09 -10.26 -32.61
N ALA J 280 26.20 -11.06 -33.67
CA ALA J 280 27.48 -11.31 -34.34
C ALA J 280 27.94 -10.10 -35.18
N ALA J 281 27.00 -9.37 -35.80
CA ALA J 281 27.29 -8.09 -36.44
C ALA J 281 27.76 -7.02 -35.42
N ALA J 282 27.17 -6.99 -34.22
CA ALA J 282 27.62 -6.15 -33.11
C ALA J 282 29.01 -6.55 -32.59
N ALA J 283 29.30 -7.85 -32.47
CA ALA J 283 30.63 -8.36 -32.11
C ALA J 283 31.71 -8.00 -33.17
N ALA J 284 31.34 -7.96 -34.44
CA ALA J 284 32.20 -7.58 -35.57
C ALA J 284 32.37 -6.05 -35.76
N ALA J 285 31.69 -5.21 -34.96
CA ALA J 285 31.81 -3.76 -35.03
C ALA J 285 33.23 -3.25 -34.71
N ALA J 286 33.52 -1.99 -35.08
CA ALA J 286 34.83 -1.36 -34.94
C ALA J 286 35.38 -1.38 -33.49
N GLY J 287 36.66 -1.70 -33.35
CA GLY J 287 37.39 -1.73 -32.07
C GLY J 287 38.82 -2.26 -32.22
N ALA J 288 39.66 -2.07 -31.18
CA ALA J 288 41.08 -2.40 -31.19
C ALA J 288 41.43 -3.90 -31.34
N ALA J 289 40.44 -4.79 -31.17
CA ALA J 289 40.59 -6.25 -31.24
C ALA J 289 39.49 -6.93 -32.11
N ALA J 290 38.81 -6.17 -32.97
CA ALA J 290 37.85 -6.69 -33.95
C ALA J 290 38.50 -7.65 -34.97
N ALA J 291 37.67 -8.44 -35.67
CA ALA J 291 38.11 -9.50 -36.60
C ALA J 291 37.47 -9.40 -38.01
N ALA J 292 36.76 -8.29 -38.31
CA ALA J 292 36.09 -8.05 -39.59
C ALA J 292 37.05 -7.74 -40.76
N ALA J 293 38.33 -7.45 -40.49
CA ALA J 293 39.37 -7.18 -41.48
C ALA J 293 39.71 -8.45 -42.31
N THR J 294 39.01 -8.65 -43.43
CA THR J 294 39.21 -9.75 -44.39
C THR J 294 40.59 -9.72 -45.08
N ALA J 295 41.60 -10.20 -44.34
CA ALA J 295 43.02 -10.17 -44.68
C ALA J 295 43.73 -11.40 -44.07
N TRP J 296 44.97 -11.65 -44.51
CA TRP J 296 45.81 -12.76 -44.03
C TRP J 296 47.19 -12.28 -43.59
N GLY J 297 47.86 -13.04 -42.72
CA GLY J 297 49.17 -12.68 -42.15
C GLY J 297 49.57 -13.59 -40.99
N ALA J 298 50.62 -13.22 -40.25
CA ALA J 298 51.14 -14.00 -39.11
C ALA J 298 51.57 -13.13 -37.90
N ALA J 299 51.17 -11.85 -37.87
CA ALA J 299 51.50 -10.90 -36.81
C ALA J 299 50.42 -9.82 -36.57
N ALA J 300 49.73 -9.37 -37.62
CA ALA J 300 48.57 -8.47 -37.55
C ALA J 300 47.33 -9.19 -36.97
N ALA J 301 47.24 -9.25 -35.63
CA ALA J 301 46.26 -10.07 -34.90
C ALA J 301 44.78 -9.84 -35.25
N ALA J 302 44.40 -8.65 -35.71
CA ALA J 302 43.04 -8.31 -36.13
C ALA J 302 42.63 -8.92 -37.51
N CYS J 303 43.58 -9.36 -38.33
CA CYS J 303 43.31 -9.93 -39.66
C CYS J 303 42.60 -11.30 -39.57
N ALA J 304 41.54 -11.47 -40.36
CA ALA J 304 40.58 -12.56 -40.26
C ALA J 304 41.13 -13.98 -40.56
N LEU J 305 42.26 -14.11 -41.26
CA LEU J 305 42.81 -15.37 -41.78
C LEU J 305 44.31 -15.49 -41.45
N ASN J 306 44.65 -15.65 -40.16
CA ASN J 306 46.03 -15.87 -39.72
C ASN J 306 46.63 -17.15 -40.33
N ILE J 307 47.95 -17.23 -40.40
CA ILE J 307 48.70 -18.48 -40.60
C ILE J 307 49.12 -19.02 -39.23
N ALA J 308 48.72 -20.25 -38.93
CA ALA J 308 49.15 -21.00 -37.74
C ALA J 308 50.56 -21.58 -37.98
N ALA J 309 51.58 -20.72 -37.90
CA ALA J 309 52.99 -21.11 -37.98
C ALA J 309 53.37 -22.11 -36.88
N ALA J 310 54.23 -23.08 -37.20
CA ALA J 310 54.69 -24.13 -36.29
C ALA J 310 56.12 -24.59 -36.64
N ALA J 311 56.84 -25.16 -35.67
CA ALA J 311 58.17 -25.74 -35.86
C ALA J 311 58.16 -27.03 -36.69
N ALA J 312 57.14 -27.88 -36.48
CA ALA J 312 56.87 -29.07 -37.29
C ALA J 312 56.04 -28.70 -38.53
N ALA J 313 56.48 -29.10 -39.73
CA ALA J 313 55.78 -28.83 -41.00
C ALA J 313 54.34 -29.38 -41.00
N LYS J 314 54.10 -30.54 -40.35
CA LYS J 314 52.77 -31.15 -40.17
C LYS J 314 51.76 -30.22 -39.45
N GLY J 315 52.23 -29.25 -38.69
CA GLY J 315 51.43 -28.28 -37.95
C GLY J 315 51.24 -26.92 -38.65
N ALA J 316 51.82 -26.70 -39.82
CA ALA J 316 51.58 -25.51 -40.65
C ALA J 316 50.13 -25.52 -41.19
N GLN J 317 49.30 -24.61 -40.70
CA GLN J 317 47.84 -24.54 -40.96
C GLN J 317 47.40 -23.06 -41.07
N ILE J 318 46.10 -22.79 -41.24
CA ILE J 318 45.53 -21.43 -41.19
C ILE J 318 44.53 -21.28 -40.04
N GLU J 319 44.15 -20.06 -39.70
CA GLU J 319 43.34 -19.70 -38.53
C GLU J 319 42.28 -18.65 -38.90
N ASN J 320 41.01 -19.06 -38.92
CA ASN J 320 39.87 -18.27 -39.39
C ASN J 320 39.12 -17.63 -38.20
N LYS J 321 38.71 -16.38 -38.33
CA LYS J 321 38.14 -15.55 -37.23
C LYS J 321 36.83 -14.84 -37.57
N ALA J 322 36.34 -14.96 -38.81
CA ALA J 322 35.22 -14.20 -39.37
C ALA J 322 33.81 -14.67 -38.89
N GLY J 323 33.65 -15.05 -37.62
CA GLY J 323 32.39 -15.55 -37.08
C GLY J 323 32.27 -15.60 -35.55
N ALA J 324 31.05 -15.87 -35.09
CA ALA J 324 30.70 -15.97 -33.67
C ALA J 324 29.72 -17.13 -33.37
N ALA J 325 29.65 -17.54 -32.11
CA ALA J 325 29.00 -18.78 -31.66
C ALA J 325 27.46 -18.84 -31.87
N ALA J 326 26.82 -17.75 -32.27
CA ALA J 326 25.45 -17.74 -32.79
C ALA J 326 25.27 -18.51 -34.12
N ALA J 327 26.37 -18.84 -34.82
CA ALA J 327 26.41 -19.56 -36.08
C ALA J 327 25.82 -21.00 -36.05
N ASN J 328 25.59 -21.57 -37.24
CA ASN J 328 25.24 -22.99 -37.45
C ASN J 328 26.50 -23.80 -37.83
N PRO J 329 27.05 -24.65 -36.93
CA PRO J 329 28.31 -25.38 -37.15
C PRO J 329 28.38 -26.14 -38.48
N TYR J 330 27.39 -26.96 -38.81
CA TYR J 330 27.41 -27.75 -40.06
C TYR J 330 27.45 -26.86 -41.31
N LEU J 331 26.71 -25.75 -41.32
CA LEU J 331 26.67 -24.84 -42.48
C LEU J 331 27.92 -23.95 -42.58
N VAL J 332 28.56 -23.59 -41.45
CA VAL J 332 29.89 -22.95 -41.44
C VAL J 332 30.95 -23.90 -42.01
N LEU J 333 30.98 -25.15 -41.51
CA LEU J 333 31.88 -26.21 -41.98
C LEU J 333 31.70 -26.46 -43.50
N ALA J 334 30.47 -26.40 -44.02
CA ALA J 334 30.19 -26.49 -45.45
C ALA J 334 30.67 -25.25 -46.23
N ALA J 335 30.26 -24.04 -45.82
CA ALA J 335 30.48 -22.79 -46.56
C ALA J 335 31.97 -22.39 -46.66
N THR J 336 32.72 -22.53 -45.55
CA THR J 336 34.16 -22.21 -45.53
C THR J 336 34.97 -23.14 -46.45
N VAL J 337 34.57 -24.41 -46.55
CA VAL J 337 35.14 -25.38 -47.49
C VAL J 337 34.73 -25.10 -48.93
N ALA J 338 33.47 -24.76 -49.19
CA ALA J 338 32.98 -24.40 -50.54
C ALA J 338 33.77 -23.23 -51.18
N ALA J 339 34.19 -22.26 -50.36
CA ALA J 339 35.08 -21.18 -50.79
C ALA J 339 36.47 -21.68 -51.22
N GLY J 340 37.12 -22.51 -50.38
CA GLY J 340 38.43 -23.09 -50.66
C GLY J 340 38.44 -24.02 -51.87
N LEU J 341 37.39 -24.84 -52.04
CA LEU J 341 37.20 -25.79 -53.14
C LEU J 341 37.18 -25.17 -54.54
N ASP J 342 36.91 -23.86 -54.68
CA ASP J 342 36.92 -23.18 -55.98
C ASP J 342 38.02 -22.12 -56.11
N GLY J 343 38.57 -21.60 -55.01
CA GLY J 343 39.83 -20.82 -55.03
C GLY J 343 40.99 -21.57 -55.70
N ILE J 344 41.06 -22.89 -55.51
CA ILE J 344 42.01 -23.80 -56.20
C ILE J 344 41.69 -24.06 -57.68
N GLN J 345 40.53 -23.63 -58.19
CA GLN J 345 40.08 -23.83 -59.58
C GLN J 345 40.06 -22.52 -60.39
N SER J 346 39.74 -21.39 -59.74
CA SER J 346 39.99 -20.04 -60.29
C SER J 346 41.48 -19.67 -60.34
N ALA J 347 42.31 -20.38 -59.54
CA ALA J 347 43.73 -20.10 -59.31
C ALA J 347 44.00 -18.65 -58.86
N GLY J 348 43.05 -18.02 -58.16
CA GLY J 348 43.20 -16.69 -57.56
C GLY J 348 44.31 -16.60 -56.50
N ALA J 349 44.63 -15.38 -56.06
CA ALA J 349 45.71 -15.10 -55.12
C ALA J 349 45.24 -14.19 -53.97
N ALA J 350 45.80 -14.41 -52.78
CA ALA J 350 45.42 -13.74 -51.53
C ALA J 350 46.03 -12.33 -51.35
N ALA J 351 46.73 -11.80 -52.35
CA ALA J 351 47.63 -10.64 -52.28
C ALA J 351 48.71 -10.77 -51.18
N GLY J 352 49.49 -9.72 -50.93
CA GLY J 352 50.54 -9.71 -49.90
C GLY J 352 50.00 -9.83 -48.46
N ALA J 353 50.80 -10.43 -47.57
CA ALA J 353 50.46 -10.57 -46.16
C ALA J 353 50.41 -9.23 -45.41
N ALA J 354 49.46 -9.09 -44.48
CA ALA J 354 49.32 -7.94 -43.60
C ALA J 354 50.36 -7.94 -42.47
N ALA J 355 51.14 -6.86 -42.37
CA ALA J 355 52.11 -6.61 -41.30
C ALA J 355 52.20 -5.12 -40.88
N ALA J 356 51.30 -4.27 -41.41
CA ALA J 356 51.16 -2.86 -41.08
C ALA J 356 50.21 -2.64 -39.87
N ASP J 357 49.59 -1.46 -39.77
CA ASP J 357 48.50 -1.17 -38.82
C ASP J 357 47.31 -2.16 -38.94
N ALA J 358 46.47 -2.22 -37.90
CA ALA J 358 45.53 -3.31 -37.63
C ALA J 358 44.48 -3.63 -38.72
N ALA J 359 44.15 -2.70 -39.62
CA ALA J 359 43.21 -2.93 -40.73
C ALA J 359 43.61 -2.13 -42.00
N ALA J 360 43.35 -2.77 -43.15
CA ALA J 360 43.71 -2.45 -44.56
C ALA J 360 44.59 -3.58 -45.14
N ALA J 361 44.93 -3.51 -46.44
CA ALA J 361 45.85 -4.41 -47.15
C ALA J 361 45.72 -5.91 -46.79
N ALA J 362 44.72 -6.65 -47.29
CA ALA J 362 43.87 -6.32 -48.43
C ALA J 362 42.82 -5.18 -48.22
N PRO J 363 41.87 -5.27 -47.25
CA PRO J 363 40.53 -4.70 -47.33
C PRO J 363 40.39 -3.28 -47.94
N SER J 364 39.83 -3.08 -49.14
CA SER J 364 39.35 -3.99 -50.21
C SER J 364 38.41 -5.15 -49.82
N GLU J 365 38.43 -6.26 -50.57
CA GLU J 365 37.48 -6.57 -51.66
C GLU J 365 37.41 -5.47 -52.75
N ILE J 366 36.58 -4.42 -52.77
CA ILE J 366 35.22 -4.20 -52.25
C ILE J 366 34.52 -3.14 -53.11
N PRO J 367 33.24 -3.33 -53.47
CA PRO J 367 32.35 -2.26 -53.89
C PRO J 367 31.25 -1.99 -52.83
N GLY J 368 30.81 -0.74 -52.72
CA GLY J 368 30.03 -0.24 -51.56
C GLY J 368 28.51 -0.22 -51.72
N LYS J 369 27.94 -1.17 -52.49
CA LYS J 369 26.48 -1.22 -52.80
C LYS J 369 25.93 -2.65 -52.78
N MET J 370 24.64 -2.78 -52.42
CA MET J 370 23.91 -4.05 -52.49
C MET J 370 23.79 -4.59 -53.93
N GLU J 371 23.65 -3.71 -54.92
CA GLU J 371 23.64 -4.09 -56.34
C GLU J 371 24.95 -4.78 -56.77
N ASP J 372 26.11 -4.31 -56.27
CA ASP J 372 27.40 -4.93 -56.54
C ASP J 372 27.63 -6.22 -55.73
N ALA J 373 27.10 -6.32 -54.49
CA ALA J 373 27.08 -7.57 -53.74
C ALA J 373 26.27 -8.67 -54.45
N LEU J 374 25.12 -8.30 -55.04
CA LEU J 374 24.31 -9.19 -55.88
C LEU J 374 25.00 -9.50 -57.22
N ALA J 375 25.70 -8.54 -57.83
CA ALA J 375 26.52 -8.80 -59.03
C ALA J 375 27.64 -9.83 -58.75
N ALA J 376 28.34 -9.72 -57.62
CA ALA J 376 29.33 -10.71 -57.18
C ALA J 376 28.68 -12.10 -57.01
N LEU J 377 27.54 -12.20 -56.32
CA LEU J 377 26.74 -13.43 -56.15
C LEU J 377 26.30 -14.07 -57.48
N GLU J 378 26.34 -13.35 -58.61
CA GLU J 378 25.94 -13.80 -59.95
C GLU J 378 27.11 -13.82 -60.96
N GLN J 379 28.36 -13.63 -60.51
CA GLN J 379 29.59 -13.72 -61.30
C GLN J 379 30.65 -14.66 -60.67
N ASP J 380 30.70 -14.71 -59.34
CA ASP J 380 31.38 -15.74 -58.54
C ASP J 380 30.70 -15.81 -57.14
N ALA J 381 29.64 -16.60 -56.89
CA ALA J 381 28.90 -17.55 -57.74
C ALA J 381 29.52 -18.96 -57.93
N GLU J 382 30.77 -19.19 -57.55
CA GLU J 382 31.44 -20.51 -57.62
C GLU J 382 32.22 -20.86 -56.35
N CYS J 383 32.87 -19.87 -55.71
CA CYS J 383 33.27 -19.93 -54.30
C CYS J 383 32.08 -19.87 -53.32
N LEU J 384 30.86 -19.59 -53.81
CA LEU J 384 29.64 -19.35 -53.03
C LEU J 384 28.57 -20.40 -53.37
N LYS J 385 27.88 -20.89 -52.35
CA LYS J 385 26.71 -21.80 -52.44
C LYS J 385 26.88 -22.98 -53.42
N ALA J 386 28.09 -23.54 -53.47
CA ALA J 386 28.51 -24.53 -54.45
C ALA J 386 27.72 -25.86 -54.38
N GLY J 387 27.13 -26.28 -55.51
CA GLY J 387 26.42 -27.54 -55.67
C GLY J 387 25.08 -27.65 -54.92
N LEU J 388 24.43 -28.81 -55.08
CA LEU J 388 23.11 -29.19 -54.57
C LEU J 388 21.93 -28.29 -55.03
N GLY J 389 20.73 -28.79 -54.75
CA GLY J 389 19.54 -28.01 -54.36
C GLY J 389 18.89 -28.74 -53.17
N GLU J 390 17.93 -28.23 -52.41
CA GLU J 390 17.03 -27.05 -52.50
C GLU J 390 15.67 -27.45 -53.11
N ALA J 391 15.62 -28.55 -53.88
CA ALA J 391 14.37 -29.18 -54.33
C ALA J 391 13.47 -29.61 -53.16
N PHE J 392 14.06 -30.19 -52.10
CA PHE J 392 13.36 -30.53 -50.86
C PHE J 392 12.83 -29.28 -50.12
N ILE J 393 13.64 -28.22 -50.05
CA ILE J 393 13.25 -26.94 -49.42
C ILE J 393 12.05 -26.35 -50.16
N ARG J 394 12.14 -26.13 -51.48
CA ARG J 394 11.03 -25.55 -52.26
C ARG J 394 9.77 -26.41 -52.24
N ALA J 395 9.87 -27.74 -52.22
CA ALA J 395 8.72 -28.65 -52.11
C ALA J 395 7.98 -28.48 -50.76
N ALA J 396 8.70 -28.46 -49.64
CA ALA J 396 8.10 -28.27 -48.31
C ALA J 396 7.59 -26.82 -48.10
N VAL J 397 8.38 -25.82 -48.51
CA VAL J 397 8.02 -24.40 -48.42
C VAL J 397 6.83 -24.06 -49.31
N ALA J 398 6.68 -24.67 -50.49
CA ALA J 398 5.50 -24.48 -51.35
C ALA J 398 4.19 -24.85 -50.64
N ALA J 399 4.15 -25.97 -49.90
CA ALA J 399 2.97 -26.37 -49.12
C ALA J 399 2.57 -25.31 -48.08
N ALA J 400 3.54 -24.73 -47.36
CA ALA J 400 3.31 -23.61 -46.44
C ALA J 400 2.87 -22.34 -47.17
N LYS J 401 3.54 -21.98 -48.29
CA LYS J 401 3.21 -20.83 -49.12
C LYS J 401 1.80 -20.89 -49.70
N TYR J 402 1.30 -22.04 -50.13
CA TYR J 402 -0.07 -22.18 -50.62
C TYR J 402 -1.11 -21.82 -49.54
N GLU J 403 -0.93 -22.27 -48.30
CA GLU J 403 -1.81 -21.89 -47.18
C GLU J 403 -1.71 -20.38 -46.85
N LEU J 404 -0.49 -19.84 -46.78
CA LEU J 404 -0.23 -18.43 -46.51
C LEU J 404 -0.82 -17.51 -47.60
N GLU J 405 -0.60 -17.84 -48.87
CA GLU J 405 -1.16 -17.09 -50.01
C GLU J 405 -2.69 -17.19 -50.11
N ASN J 406 -3.30 -18.32 -49.72
CA ASN J 406 -4.76 -18.43 -49.64
C ASN J 406 -5.36 -17.49 -48.57
N GLU J 407 -4.73 -17.39 -47.39
CA GLU J 407 -5.14 -16.41 -46.37
C GLU J 407 -4.87 -14.96 -46.80
N GLU J 408 -3.70 -14.69 -47.37
CA GLU J 408 -3.30 -13.33 -47.81
C GLU J 408 -4.13 -12.83 -49.00
N THR J 409 -4.46 -13.66 -49.99
CA THR J 409 -5.27 -13.23 -51.15
C THR J 409 -6.73 -12.90 -50.77
N ASP J 410 -7.30 -13.61 -49.78
CA ASP J 410 -8.60 -13.27 -49.20
C ASP J 410 -8.54 -11.94 -48.42
N ALA J 411 -7.49 -11.73 -47.62
CA ALA J 411 -7.26 -10.47 -46.91
C ALA J 411 -7.06 -9.29 -47.87
N GLU J 412 -6.24 -9.44 -48.93
CA GLU J 412 -6.08 -8.45 -50.00
C GLU J 412 -7.39 -8.16 -50.73
N GLY J 413 -8.20 -9.19 -51.02
CA GLY J 413 -9.54 -9.04 -51.59
C GLY J 413 -10.44 -8.12 -50.76
N ASN J 414 -10.48 -8.32 -49.44
CA ASN J 414 -11.19 -7.43 -48.52
C ASN J 414 -10.58 -6.01 -48.49
N LYS J 415 -9.25 -5.89 -48.41
CA LYS J 415 -8.53 -4.60 -48.42
C LYS J 415 -8.80 -3.77 -49.68
N PHE J 416 -8.83 -4.39 -50.87
CA PHE J 416 -9.16 -3.70 -52.13
C PHE J 416 -10.57 -3.08 -52.08
N LEU J 417 -11.58 -3.83 -51.61
CA LEU J 417 -12.93 -3.29 -51.40
C LEU J 417 -12.93 -2.11 -50.42
N GLU J 418 -12.20 -2.23 -49.30
CA GLU J 418 -12.00 -1.14 -48.31
C GLU J 418 -11.20 0.07 -48.85
N TYR J 419 -10.54 -0.04 -50.01
CA TYR J 419 -9.89 1.09 -50.71
C TYR J 419 -10.79 1.70 -51.80
N PHE J 420 -11.71 0.93 -52.39
CA PHE J 420 -12.63 1.40 -53.44
C PHE J 420 -13.83 2.22 -52.90
N ILE J 421 -14.29 1.94 -51.66
CA ILE J 421 -15.34 2.71 -50.96
C ILE J 421 -14.98 4.19 -50.71
N SER K 1 60.56 -31.18 -11.00
CA SER K 1 60.30 -32.60 -11.37
C SER K 1 58.98 -32.72 -12.12
N ALA K 2 59.04 -32.94 -13.44
CA ALA K 2 57.85 -33.28 -14.25
C ALA K 2 57.19 -34.58 -13.76
N GLU K 3 58.01 -35.57 -13.39
CA GLU K 3 57.61 -36.87 -12.87
C GLU K 3 56.74 -36.73 -11.61
N HIS K 4 57.12 -35.86 -10.66
CA HIS K 4 56.35 -35.61 -9.44
C HIS K 4 54.96 -35.01 -9.72
N VAL K 5 54.86 -34.03 -10.64
CA VAL K 5 53.55 -33.48 -11.04
C VAL K 5 52.67 -34.54 -11.69
N LEU K 6 53.24 -35.39 -12.56
CA LEU K 6 52.50 -36.50 -13.18
C LEU K 6 52.04 -37.55 -12.15
N THR K 7 52.88 -37.97 -11.20
CA THR K 7 52.48 -38.94 -10.17
C THR K 7 51.48 -38.38 -9.16
N MET K 8 51.47 -37.08 -8.87
CA MET K 8 50.42 -36.43 -8.06
C MET K 8 49.01 -36.63 -8.64
N LEU K 9 48.86 -36.65 -9.97
CA LEU K 9 47.56 -36.90 -10.62
C LEU K 9 47.00 -38.30 -10.28
N ASN K 10 47.88 -39.31 -10.14
CA ASN K 10 47.49 -40.65 -9.70
C ASN K 10 47.34 -40.74 -8.17
N GLU K 11 48.28 -40.16 -7.41
CA GLU K 11 48.32 -40.19 -5.94
C GLU K 11 47.08 -39.55 -5.28
N HIS K 12 46.48 -38.55 -5.94
CA HIS K 12 45.29 -37.82 -5.47
C HIS K 12 44.09 -37.95 -6.42
N ALA K 13 44.15 -38.91 -7.35
CA ALA K 13 43.13 -39.24 -8.36
C ALA K 13 42.49 -38.01 -9.06
N ALA K 14 43.31 -37.00 -9.39
CA ALA K 14 42.87 -35.73 -9.95
C ALA K 14 42.16 -35.90 -11.31
N ALA K 15 40.90 -35.50 -11.39
CA ALA K 15 40.11 -35.49 -12.63
C ALA K 15 40.40 -34.24 -13.51
N PHE K 16 40.75 -33.12 -12.88
CA PHE K 16 41.04 -31.83 -13.53
C PHE K 16 42.21 -31.11 -12.85
N VAL K 17 42.82 -30.15 -13.54
CA VAL K 17 43.92 -29.31 -13.05
C VAL K 17 43.66 -27.85 -13.38
N ARG K 18 44.00 -26.96 -12.44
CA ARG K 18 43.78 -25.50 -12.50
C ARG K 18 45.10 -24.76 -12.73
N PHE K 19 45.24 -24.07 -13.85
CA PHE K 19 46.30 -23.10 -14.10
C PHE K 19 45.97 -21.78 -13.39
N GLU K 20 46.97 -21.11 -12.82
CA GLU K 20 46.77 -19.88 -12.02
C GLU K 20 47.84 -18.80 -12.33
N ALA K 21 47.41 -17.54 -12.33
CA ALA K 21 48.23 -16.36 -12.59
C ALA K 21 47.68 -15.13 -11.82
N THR K 22 48.29 -13.96 -12.01
CA THR K 22 47.90 -12.69 -11.36
C THR K 22 48.01 -11.52 -12.34
N ASP K 23 47.07 -10.57 -12.29
CA ASP K 23 47.06 -9.37 -13.13
C ASP K 23 47.90 -8.20 -12.58
N ALA K 24 48.04 -7.13 -13.38
CA ALA K 24 48.80 -5.93 -12.99
C ALA K 24 48.20 -5.16 -11.81
N ALA K 25 46.87 -5.21 -11.61
CA ALA K 25 46.19 -4.55 -10.49
C ALA K 25 46.46 -5.24 -9.14
N GLY K 26 46.57 -6.58 -9.11
CA GLY K 26 46.96 -7.38 -7.94
C GLY K 26 46.03 -8.55 -7.61
N ALA K 27 45.10 -8.92 -8.50
CA ALA K 27 44.15 -10.00 -8.28
C ALA K 27 44.59 -11.27 -9.04
N SER K 28 44.49 -12.43 -8.36
CA SER K 28 44.68 -13.74 -8.99
C SER K 28 43.55 -14.10 -9.97
N ARG K 29 43.88 -14.91 -10.96
CA ARG K 29 43.00 -15.42 -12.03
C ARG K 29 43.36 -16.87 -12.36
N SER K 30 42.41 -17.64 -12.90
CA SER K 30 42.60 -19.08 -13.16
C SER K 30 41.76 -19.63 -14.32
N LYS K 31 42.19 -20.78 -14.85
CA LYS K 31 41.54 -21.59 -15.89
C LYS K 31 41.79 -23.08 -15.63
N SER K 32 41.03 -23.99 -16.23
CA SER K 32 41.17 -25.44 -15.96
C SER K 32 40.80 -26.35 -17.14
N ILE K 33 41.34 -27.56 -17.10
CA ILE K 33 41.14 -28.65 -18.09
C ILE K 33 41.18 -30.02 -17.39
N PRO K 34 40.65 -31.10 -18.01
CA PRO K 34 40.86 -32.48 -17.56
C PRO K 34 42.35 -32.83 -17.40
N ALA K 35 42.69 -33.65 -16.40
CA ALA K 35 44.06 -34.09 -16.15
C ALA K 35 44.67 -34.94 -17.29
N GLN K 36 43.83 -35.56 -18.13
CA GLN K 36 44.23 -36.42 -19.25
C GLN K 36 45.09 -35.72 -20.33
N PHE K 37 45.03 -34.38 -20.42
CA PHE K 37 45.80 -33.58 -21.38
C PHE K 37 47.30 -33.43 -21.03
N PHE K 38 47.72 -33.76 -19.80
CA PHE K 38 49.10 -33.55 -19.33
C PHE K 38 50.08 -34.56 -19.96
N GLU K 39 51.04 -34.05 -20.72
CA GLU K 39 52.05 -34.82 -21.48
C GLU K 39 53.39 -34.07 -21.55
N LYS K 40 54.47 -34.72 -22.02
CA LYS K 40 55.84 -34.17 -22.06
C LYS K 40 55.98 -32.82 -22.79
N VAL K 41 55.13 -32.54 -23.79
CA VAL K 41 55.20 -31.33 -24.62
C VAL K 41 54.91 -30.06 -23.83
N ILE K 42 53.88 -30.05 -22.98
CA ILE K 42 53.46 -28.86 -22.21
C ILE K 42 54.52 -28.44 -21.18
N HIS K 43 55.37 -29.36 -20.73
CA HIS K 43 56.51 -29.10 -19.84
C HIS K 43 57.64 -28.31 -20.51
N ALA K 44 57.59 -28.13 -21.84
CA ALA K 44 58.58 -27.38 -22.63
C ALA K 44 57.97 -26.28 -23.53
N ARG K 45 56.65 -26.30 -23.77
CA ARG K 45 55.94 -25.36 -24.66
C ARG K 45 54.71 -24.67 -24.02
N GLY K 46 54.34 -25.02 -22.79
CA GLY K 46 53.18 -24.46 -22.09
C GLY K 46 51.86 -24.68 -22.84
N TYR K 47 50.91 -23.76 -22.67
CA TYR K 47 49.60 -23.72 -23.33
C TYR K 47 49.40 -22.42 -24.10
N LEU K 48 49.29 -22.53 -25.43
CA LEU K 48 48.90 -21.44 -26.32
C LEU K 48 47.43 -21.04 -26.12
N GLU K 49 47.15 -19.75 -26.08
CA GLU K 49 45.80 -19.16 -26.01
C GLU K 49 45.69 -17.86 -26.82
N ASP K 50 44.46 -17.51 -27.22
CA ASP K 50 44.12 -16.18 -27.74
C ASP K 50 44.16 -15.12 -26.63
N GLY K 51 45.09 -14.17 -26.76
CA GLY K 51 45.26 -13.08 -25.81
C GLY K 51 44.31 -11.88 -25.99
N GLU K 52 43.54 -11.79 -27.09
CA GLU K 52 42.58 -10.69 -27.32
C GLU K 52 41.46 -10.61 -26.25
N VAL K 53 41.26 -11.69 -25.49
CA VAL K 53 40.37 -11.74 -24.30
C VAL K 53 40.79 -10.75 -23.20
N ASN K 54 42.05 -10.27 -23.22
CA ASN K 54 42.61 -9.31 -22.26
C ASN K 54 43.21 -8.10 -23.00
N ALA K 55 42.69 -6.90 -22.71
CA ALA K 55 42.98 -5.63 -23.41
C ALA K 55 44.43 -5.08 -23.29
N GLY K 56 45.38 -5.87 -22.76
CA GLY K 56 46.78 -5.51 -22.56
C GLY K 56 47.76 -6.69 -22.62
N ALA K 57 47.41 -7.77 -23.34
CA ALA K 57 48.22 -8.99 -23.43
C ALA K 57 48.50 -9.49 -24.88
N ALA K 58 47.75 -9.03 -25.89
CA ALA K 58 47.98 -9.36 -27.31
C ALA K 58 47.36 -8.31 -28.25
N GLY K 59 47.40 -8.58 -29.55
CA GLY K 59 46.70 -7.82 -30.61
C GLY K 59 46.21 -8.74 -31.73
N ALA K 60 45.35 -8.22 -32.62
CA ALA K 60 44.62 -9.02 -33.62
C ALA K 60 45.50 -9.78 -34.62
N ALA K 61 46.69 -9.25 -34.95
CA ALA K 61 47.68 -9.89 -35.82
C ALA K 61 48.64 -10.85 -35.08
N ALA K 62 48.48 -11.00 -33.76
CA ALA K 62 49.36 -11.74 -32.85
C ALA K 62 48.55 -12.46 -31.74
N SER K 63 47.38 -13.00 -32.12
CA SER K 63 46.39 -13.70 -31.27
C SER K 63 46.84 -15.07 -30.73
N ASP K 64 48.12 -15.21 -30.36
CA ASP K 64 48.74 -16.40 -29.77
C ASP K 64 49.80 -16.00 -28.72
N ILE K 65 49.51 -16.31 -27.46
CA ILE K 65 50.42 -16.13 -26.29
C ILE K 65 50.41 -17.39 -25.41
N VAL K 66 51.37 -17.53 -24.50
CA VAL K 66 51.65 -18.79 -23.78
C VAL K 66 51.51 -18.61 -22.27
N LEU K 67 50.66 -19.42 -21.64
CA LEU K 67 50.75 -19.72 -20.20
C LEU K 67 51.78 -20.84 -19.99
N MET K 68 52.65 -20.69 -18.99
CA MET K 68 53.76 -21.60 -18.72
C MET K 68 53.68 -22.12 -17.26
N PRO K 69 52.99 -23.26 -17.02
CA PRO K 69 52.95 -23.89 -15.70
C PRO K 69 54.33 -24.40 -15.26
N GLU K 70 54.50 -24.60 -13.96
CA GLU K 70 55.77 -25.05 -13.36
C GLU K 70 55.64 -26.35 -12.55
N LEU K 71 56.80 -26.96 -12.26
CA LEU K 71 56.92 -28.38 -11.93
C LEU K 71 57.61 -28.60 -10.57
N SER K 72 57.46 -27.61 -9.69
CA SER K 72 57.90 -27.58 -8.29
C SER K 72 56.88 -26.87 -7.37
N THR K 73 55.70 -26.55 -7.90
CA THR K 73 54.70 -25.63 -7.30
C THR K 73 53.27 -26.22 -7.25
N ALA K 74 53.06 -27.43 -7.77
CA ALA K 74 51.75 -28.10 -7.78
C ALA K 74 51.23 -28.41 -6.36
N ALA K 75 49.91 -28.36 -6.18
CA ALA K 75 49.21 -28.69 -4.93
C ALA K 75 47.80 -29.25 -5.21
N VAL K 76 47.23 -30.00 -4.26
CA VAL K 76 45.83 -30.46 -4.30
C VAL K 76 44.90 -29.26 -4.03
N ALA K 77 43.89 -29.06 -4.87
CA ALA K 77 42.91 -27.98 -4.75
C ALA K 77 41.78 -28.34 -3.76
N ALA K 78 42.14 -28.69 -2.52
CA ALA K 78 41.28 -29.35 -1.52
C ALA K 78 39.94 -28.64 -1.19
N ALA K 79 39.82 -27.33 -1.45
CA ALA K 79 38.57 -26.57 -1.30
C ALA K 79 37.50 -26.90 -2.36
N ALA K 80 37.86 -27.55 -3.47
CA ALA K 80 36.95 -27.91 -4.56
C ALA K 80 35.94 -29.01 -4.20
N ALA K 81 34.84 -29.10 -4.96
CA ALA K 81 33.81 -30.13 -4.83
C ALA K 81 34.19 -31.51 -5.43
N ALA K 82 35.39 -31.64 -6.02
CA ALA K 82 35.89 -32.85 -6.67
C ALA K 82 37.41 -33.01 -6.46
N ALA K 83 37.95 -34.20 -6.77
CA ALA K 83 39.39 -34.47 -6.78
C ALA K 83 40.09 -33.71 -7.92
N THR K 84 40.80 -32.62 -7.58
CA THR K 84 41.50 -31.75 -8.54
C THR K 84 42.80 -31.17 -7.96
N ALA K 85 43.63 -30.60 -8.82
CA ALA K 85 44.92 -29.99 -8.46
C ALA K 85 45.05 -28.56 -9.03
N ALA K 86 46.05 -27.81 -8.56
CA ALA K 86 46.32 -26.44 -8.98
C ALA K 86 47.83 -26.20 -9.15
N VAL K 87 48.19 -25.36 -10.13
CA VAL K 87 49.55 -25.08 -10.58
C VAL K 87 49.64 -23.61 -11.01
N ILE K 88 50.47 -22.82 -10.32
CA ILE K 88 50.80 -21.45 -10.74
C ILE K 88 51.69 -21.44 -11.98
N CYS K 89 51.56 -20.38 -12.77
CA CYS K 89 52.20 -20.22 -14.07
C CYS K 89 52.95 -18.87 -14.17
N ASP K 90 53.98 -18.82 -15.00
CA ASP K 90 54.43 -17.58 -15.65
C ASP K 90 53.64 -17.39 -16.97
N GLY K 91 53.78 -16.22 -17.61
CA GLY K 91 53.20 -15.92 -18.92
C GLY K 91 54.26 -15.37 -19.88
N GLY K 92 54.14 -15.69 -21.16
CA GLY K 92 55.20 -15.45 -22.15
C GLY K 92 54.75 -15.46 -23.62
N ALA K 93 55.71 -15.09 -24.48
CA ALA K 93 55.72 -15.14 -25.94
C ALA K 93 57.05 -14.61 -26.56
N ALA K 94 57.78 -13.58 -26.09
CA ALA K 94 57.56 -12.58 -25.01
C ALA K 94 57.75 -13.14 -23.56
N ALA K 95 57.40 -12.51 -22.44
CA ALA K 95 56.57 -11.32 -22.18
C ALA K 95 57.09 -10.51 -20.98
N ALA K 96 56.45 -9.35 -20.72
CA ALA K 96 56.87 -8.39 -19.71
C ALA K 96 55.70 -7.59 -19.08
N ALA K 97 54.54 -8.25 -18.90
CA ALA K 97 53.41 -7.74 -18.11
C ALA K 97 52.97 -8.72 -17.00
N SER K 98 53.41 -9.98 -17.09
CA SER K 98 53.26 -11.04 -16.07
C SER K 98 54.02 -10.66 -14.78
N PRO K 99 53.33 -10.28 -13.69
CA PRO K 99 53.97 -9.74 -12.47
C PRO K 99 55.02 -10.67 -11.85
N ARG K 100 54.79 -11.98 -11.87
CA ARG K 100 55.71 -13.00 -11.35
C ARG K 100 57.04 -13.06 -12.12
N TYR K 101 56.99 -12.94 -13.44
CA TYR K 101 58.19 -12.87 -14.30
C TYR K 101 58.96 -11.55 -14.09
N ILE K 102 58.24 -10.43 -13.89
CA ILE K 102 58.82 -9.13 -13.53
C ILE K 102 59.53 -9.21 -12.16
N ALA K 103 58.92 -9.86 -11.16
CA ALA K 103 59.54 -10.07 -9.84
C ALA K 103 60.81 -10.94 -9.91
N ARG K 104 60.80 -11.99 -10.74
CA ARG K 104 61.99 -12.85 -10.99
C ARG K 104 63.19 -12.09 -11.56
N ALA K 105 62.98 -11.02 -12.34
CA ALA K 105 64.07 -10.17 -12.82
C ALA K 105 64.84 -9.46 -11.68
N ALA K 106 64.15 -9.05 -10.60
CA ALA K 106 64.81 -8.48 -9.41
C ALA K 106 65.69 -9.51 -8.69
N LEU K 107 65.23 -10.77 -8.59
CA LEU K 107 66.03 -11.88 -8.04
C LEU K 107 67.26 -12.19 -8.89
N ALA K 108 67.12 -12.18 -10.22
CA ALA K 108 68.23 -12.35 -11.15
C ALA K 108 69.25 -11.20 -11.03
N GLN K 109 68.81 -9.94 -10.93
CA GLN K 109 69.66 -8.76 -10.75
C GLN K 109 70.43 -8.79 -9.41
N LEU K 110 69.79 -9.21 -8.31
CA LEU K 110 70.43 -9.41 -7.00
C LEU K 110 71.64 -10.36 -7.08
N GLN K 111 71.48 -11.48 -7.78
CA GLN K 111 72.55 -12.46 -8.00
C GLN K 111 73.61 -11.96 -9.01
N ALA K 112 73.19 -11.38 -10.13
CA ALA K 112 74.08 -10.89 -11.20
C ALA K 112 74.99 -9.72 -10.75
N ALA K 113 74.51 -8.84 -9.86
CA ALA K 113 75.29 -7.78 -9.24
C ALA K 113 76.35 -8.29 -8.25
N GLY K 114 76.26 -9.55 -7.81
CA GLY K 114 77.16 -10.17 -6.83
C GLY K 114 77.01 -9.65 -5.39
N ALA K 115 76.00 -8.80 -5.12
CA ALA K 115 75.75 -8.22 -3.80
C ALA K 115 75.37 -9.27 -2.74
N ALA K 116 74.62 -10.30 -3.15
CA ALA K 116 74.19 -11.44 -2.34
C ALA K 116 73.79 -12.63 -3.26
N ALA K 117 73.13 -13.65 -2.72
CA ALA K 117 72.64 -14.81 -3.48
C ALA K 117 71.12 -15.07 -3.32
N GLY K 118 70.47 -14.50 -2.30
CA GLY K 118 69.03 -14.59 -2.09
C GLY K 118 68.48 -13.55 -1.11
N LEU K 119 67.15 -13.56 -0.95
CA LEU K 119 66.38 -12.61 -0.14
C LEU K 119 65.41 -13.38 0.77
N LEU K 120 65.30 -12.94 2.03
CA LEU K 120 64.82 -13.76 3.16
C LEU K 120 63.60 -13.12 3.86
N SER K 121 62.80 -12.35 3.11
CA SER K 121 61.62 -11.62 3.59
C SER K 121 60.42 -12.50 4.00
N ALA K 122 59.47 -11.90 4.71
CA ALA K 122 58.17 -12.47 5.08
C ALA K 122 57.14 -11.35 5.35
N PHE K 123 55.84 -11.68 5.44
CA PHE K 123 54.74 -10.71 5.58
C PHE K 123 53.80 -11.07 6.74
N ILE K 124 53.10 -10.05 7.27
CA ILE K 124 52.17 -10.14 8.41
C ILE K 124 50.85 -9.38 8.12
N ALA K 125 50.47 -9.30 6.83
CA ALA K 125 49.33 -8.54 6.34
C ALA K 125 47.99 -8.86 7.04
N ASP K 126 47.19 -7.82 7.28
CA ASP K 126 45.86 -7.89 7.85
C ASP K 126 44.77 -8.05 6.78
N PHE K 127 43.56 -8.38 7.20
CA PHE K 127 42.36 -8.57 6.37
C PHE K 127 41.09 -8.22 7.16
N CYS K 128 39.95 -8.19 6.48
CA CYS K 128 38.63 -7.88 7.04
C CYS K 128 37.64 -9.01 6.72
N ILE K 129 36.57 -9.14 7.52
CA ILE K 129 35.52 -10.17 7.37
C ILE K 129 34.12 -9.57 7.62
N PHE K 130 33.14 -10.04 6.86
CA PHE K 130 31.76 -9.52 6.85
C PHE K 130 30.71 -10.61 6.58
N GLY K 131 29.44 -10.29 6.82
CA GLY K 131 28.29 -11.16 6.55
C GLY K 131 27.36 -10.62 5.45
N VAL K 132 27.12 -9.30 5.42
CA VAL K 132 26.24 -8.63 4.42
C VAL K 132 26.81 -7.26 4.00
N PRO K 133 27.83 -7.22 3.12
CA PRO K 133 28.24 -5.99 2.43
C PRO K 133 27.23 -5.60 1.34
N GLU K 134 27.04 -4.30 1.14
CA GLU K 134 26.17 -3.70 0.10
C GLU K 134 26.82 -2.39 -0.40
N VAL K 135 27.27 -2.36 -1.65
CA VAL K 135 27.99 -1.21 -2.23
C VAL K 135 27.53 -0.97 -3.67
N ILE K 136 26.86 0.17 -3.92
CA ILE K 136 26.34 0.55 -5.24
C ILE K 136 26.46 2.05 -5.52
N ASN K 137 26.44 2.41 -6.80
CA ASN K 137 26.52 3.77 -7.33
C ASN K 137 25.61 3.93 -8.56
N SER K 138 25.07 5.13 -8.79
CA SER K 138 24.20 5.47 -9.93
C SER K 138 24.30 6.96 -10.28
N LYS K 139 23.49 7.41 -11.25
CA LYS K 139 23.28 8.84 -11.58
C LYS K 139 22.58 9.65 -10.47
N THR K 140 22.07 9.00 -9.42
CA THR K 140 21.22 9.62 -8.38
C THR K 140 21.64 9.32 -6.92
N ILE K 141 22.43 8.27 -6.66
CA ILE K 141 22.94 7.94 -5.32
C ILE K 141 24.30 7.21 -5.37
N SER K 142 25.03 7.21 -4.27
CA SER K 142 26.30 6.50 -4.08
C SER K 142 26.53 6.19 -2.60
N PHE K 143 26.66 4.91 -2.23
CA PHE K 143 26.90 4.49 -0.84
C PHE K 143 27.56 3.10 -0.72
N PRO K 144 28.54 2.94 0.19
CA PRO K 144 28.93 1.66 0.77
C PRO K 144 28.19 1.37 2.10
N ALA K 145 28.06 0.09 2.45
CA ALA K 145 27.62 -0.42 3.75
C ALA K 145 28.14 -1.85 3.98
N SER K 146 28.26 -2.26 5.24
CA SER K 146 28.68 -3.61 5.65
C SER K 146 28.34 -3.90 7.12
N THR K 147 28.38 -5.18 7.51
CA THR K 147 28.17 -5.62 8.91
C THR K 147 28.78 -7.02 9.17
N THR K 148 29.01 -7.33 10.44
CA THR K 148 29.49 -8.64 10.94
C THR K 148 29.06 -8.85 12.40
N ALA K 149 28.95 -10.11 12.84
CA ALA K 149 28.50 -10.48 14.18
C ALA K 149 29.33 -9.85 15.33
N ALA K 150 30.62 -9.55 15.07
CA ALA K 150 31.51 -8.91 16.02
C ALA K 150 31.39 -7.37 16.08
N ALA K 151 30.69 -6.72 15.13
CA ALA K 151 30.69 -5.26 15.00
C ALA K 151 30.02 -4.54 16.18
N ALA K 152 30.63 -3.42 16.61
CA ALA K 152 30.16 -2.57 17.70
C ALA K 152 28.76 -1.94 17.49
N ASP K 153 28.22 -1.98 16.27
CA ASP K 153 26.87 -1.51 15.92
C ASP K 153 25.76 -2.53 16.19
N GLN K 154 26.06 -3.84 16.21
CA GLN K 154 25.05 -4.90 16.37
C GLN K 154 24.42 -5.08 17.78
N PRO K 155 25.03 -4.77 18.94
CA PRO K 155 24.45 -5.12 20.25
C PRO K 155 23.18 -4.32 20.62
N GLN K 156 22.86 -3.26 19.87
CA GLN K 156 21.59 -2.52 19.99
C GLN K 156 20.44 -3.08 19.11
N GLU K 157 20.70 -4.09 18.27
CA GLU K 157 19.73 -4.65 17.32
C GLU K 157 19.13 -5.98 17.80
N ALA K 158 17.92 -6.30 17.34
CA ALA K 158 17.26 -7.59 17.55
C ALA K 158 17.87 -8.72 16.69
N ALA K 159 17.58 -9.98 17.06
CA ALA K 159 17.94 -11.19 16.31
C ALA K 159 16.94 -12.33 16.59
N ALA K 160 16.97 -13.38 15.76
CA ALA K 160 16.03 -14.51 15.80
C ALA K 160 15.97 -15.31 17.13
N GLY K 161 16.99 -15.16 17.99
CA GLY K 161 17.05 -15.71 19.35
C GLY K 161 17.58 -14.70 20.39
N GLY K 162 17.46 -13.40 20.11
CA GLY K 162 18.07 -12.31 20.89
C GLY K 162 19.56 -12.10 20.60
N ALA K 163 20.07 -10.91 20.95
CA ALA K 163 21.48 -10.55 20.78
C ALA K 163 22.42 -11.35 21.72
N ALA K 164 23.65 -11.62 21.27
CA ALA K 164 24.67 -12.33 22.06
C ALA K 164 25.29 -11.49 23.19
N GLY K 165 25.22 -10.15 23.09
CA GLY K 165 25.80 -9.21 24.07
C GLY K 165 27.34 -9.29 24.21
N ALA K 166 28.03 -9.69 23.14
CA ALA K 166 29.45 -10.07 23.15
C ALA K 166 30.28 -9.46 21.99
N ALA K 167 29.75 -8.43 21.32
CA ALA K 167 30.45 -7.70 20.25
C ALA K 167 31.76 -7.03 20.72
N ALA K 168 32.67 -6.76 19.78
CA ALA K 168 33.87 -5.96 19.98
C ALA K 168 33.55 -4.45 20.10
N GLY K 169 34.58 -3.63 20.31
CA GLY K 169 34.50 -2.16 20.32
C GLY K 169 35.37 -1.51 19.24
N ALA K 170 35.18 -0.20 19.01
CA ALA K 170 36.01 0.59 18.10
C ALA K 170 37.49 0.57 18.53
N ALA K 171 38.39 0.17 17.63
CA ALA K 171 39.80 -0.14 17.91
C ALA K 171 40.01 -1.07 19.15
N GLY K 172 39.08 -2.00 19.38
CA GLY K 172 38.96 -2.82 20.59
C GLY K 172 38.40 -4.22 20.30
N GLY K 173 39.05 -4.93 19.38
CA GLY K 173 38.67 -6.29 18.93
C GLY K 173 39.87 -7.21 18.66
N ALA K 174 41.01 -6.96 19.31
CA ALA K 174 42.30 -7.65 19.15
C ALA K 174 42.34 -9.07 19.80
N ALA K 175 41.33 -9.91 19.52
CA ALA K 175 41.10 -11.21 20.14
C ALA K 175 40.91 -12.38 19.13
N ALA K 176 41.13 -12.13 17.84
CA ALA K 176 41.05 -13.13 16.77
C ALA K 176 42.13 -14.23 16.88
N ALA K 177 41.83 -15.42 16.34
CA ALA K 177 42.75 -16.57 16.25
C ALA K 177 43.79 -16.45 15.11
N GLY K 178 44.68 -17.43 15.00
CA GLY K 178 45.67 -17.58 13.93
C GLY K 178 46.09 -19.05 13.72
N ALA K 179 46.84 -19.40 12.67
CA ALA K 179 47.41 -18.54 11.61
C ALA K 179 46.44 -18.22 10.44
N ALA K 180 45.13 -18.48 10.63
CA ALA K 180 44.03 -18.09 9.74
C ALA K 180 44.00 -18.70 8.32
N GLU K 181 44.34 -19.96 8.02
CA GLU K 181 44.95 -21.08 8.79
C GLU K 181 45.51 -22.10 7.78
N ILE K 182 44.62 -22.69 6.97
CA ILE K 182 44.89 -23.91 6.17
C ILE K 182 45.62 -23.66 4.85
N CYS K 183 45.93 -22.40 4.51
CA CYS K 183 46.77 -22.01 3.37
C CYS K 183 48.21 -21.64 3.80
N PHE K 184 48.61 -22.03 5.03
CA PHE K 184 49.98 -21.88 5.53
C PHE K 184 50.41 -23.00 6.47
N LEU K 185 49.54 -23.42 7.40
CA LEU K 185 49.84 -24.43 8.43
C LEU K 185 50.10 -25.85 7.89
N PRO K 186 49.23 -26.49 7.06
CA PRO K 186 49.47 -27.86 6.59
C PRO K 186 50.61 -27.95 5.56
N GLU K 187 50.92 -26.84 4.87
CA GLU K 187 52.06 -26.71 3.97
C GLU K 187 53.37 -26.35 4.69
N ALA K 188 53.30 -25.95 5.97
CA ALA K 188 54.37 -25.31 6.74
C ALA K 188 55.15 -24.24 5.92
N ALA K 189 54.42 -23.44 5.15
CA ALA K 189 54.91 -22.77 3.93
C ALA K 189 56.17 -21.90 4.13
N GLY K 190 56.19 -21.03 5.15
CA GLY K 190 57.33 -20.26 5.64
C GLY K 190 57.89 -19.13 4.73
N ALA K 191 58.01 -19.38 3.42
CA ALA K 191 58.65 -18.50 2.45
C ALA K 191 57.88 -17.19 2.15
N ALA K 192 58.55 -16.24 1.49
CA ALA K 192 58.08 -14.89 1.18
C ALA K 192 56.74 -14.82 0.42
N ALA K 193 56.05 -13.69 0.55
CA ALA K 193 54.75 -13.40 -0.07
C ALA K 193 54.81 -13.07 -1.57
N ALA K 194 55.71 -13.69 -2.33
CA ALA K 194 55.60 -13.76 -3.79
C ALA K 194 54.50 -14.79 -4.16
N ASP K 195 54.87 -16.07 -4.30
CA ASP K 195 53.94 -17.14 -4.65
C ASP K 195 52.90 -17.41 -3.54
N ASN K 196 53.27 -17.26 -2.26
CA ASN K 196 52.43 -17.60 -1.11
C ASN K 196 51.28 -16.61 -0.84
N ALA K 197 51.31 -15.39 -1.40
CA ALA K 197 50.26 -14.39 -1.16
C ALA K 197 48.88 -14.81 -1.70
N PHE K 198 48.85 -15.53 -2.83
CA PHE K 198 47.61 -15.77 -3.57
C PHE K 198 46.81 -16.97 -3.05
N THR K 199 47.50 -18.00 -2.53
CA THR K 199 46.84 -19.08 -1.75
C THR K 199 46.20 -18.54 -0.45
N LEU K 200 46.82 -17.55 0.20
CA LEU K 200 46.23 -16.84 1.34
C LEU K 200 45.03 -15.97 0.93
N ARG K 201 45.17 -15.13 -0.11
CA ARG K 201 44.10 -14.24 -0.61
C ARG K 201 42.84 -14.99 -1.07
N THR K 202 42.99 -16.13 -1.76
CA THR K 202 41.84 -16.98 -2.12
C THR K 202 41.34 -17.81 -0.93
N GLY K 203 42.25 -18.31 -0.08
CA GLY K 203 41.93 -19.14 1.08
C GLY K 203 41.06 -18.43 2.11
N LEU K 204 41.38 -17.18 2.47
CA LEU K 204 40.57 -16.36 3.38
C LEU K 204 39.12 -16.22 2.93
N GLN K 205 38.91 -15.98 1.62
CA GLN K 205 37.58 -15.89 1.02
C GLN K 205 36.87 -17.25 0.99
N GLU K 206 37.54 -18.30 0.50
CA GLU K 206 36.96 -19.64 0.34
C GLU K 206 36.55 -20.27 1.69
N VAL K 207 37.37 -20.13 2.72
CA VAL K 207 37.06 -20.59 4.09
C VAL K 207 35.90 -19.79 4.69
N ALA K 208 35.87 -18.46 4.52
CA ALA K 208 34.75 -17.63 4.98
C ALA K 208 33.42 -18.04 4.30
N ARG K 209 33.43 -18.25 2.98
CA ARG K 209 32.24 -18.70 2.20
C ARG K 209 31.70 -20.05 2.68
N ARG K 210 32.60 -20.98 3.03
CA ARG K 210 32.29 -22.29 3.65
C ARG K 210 31.84 -22.21 5.12
N TYR K 211 31.83 -21.01 5.72
CA TYR K 211 31.25 -20.68 7.02
C TYR K 211 30.17 -19.57 6.92
N ASN K 212 29.51 -19.44 5.77
CA ASN K 212 28.40 -18.51 5.49
C ASN K 212 28.76 -17.01 5.70
N ALA K 213 30.00 -16.65 5.44
CA ALA K 213 30.56 -15.29 5.54
C ALA K 213 31.43 -14.95 4.30
N ILE K 214 32.08 -13.79 4.31
CA ILE K 214 33.03 -13.36 3.28
C ILE K 214 34.23 -12.63 3.91
N ALA K 215 35.32 -12.51 3.16
CA ALA K 215 36.55 -11.83 3.56
C ALA K 215 37.04 -10.87 2.47
N SER K 216 37.82 -9.86 2.85
CA SER K 216 38.34 -8.83 1.95
C SER K 216 39.68 -8.23 2.43
N ALA K 217 40.30 -7.44 1.54
CA ALA K 217 41.62 -6.82 1.72
C ALA K 217 41.57 -5.29 1.60
N ALA K 218 40.37 -4.69 1.71
CA ALA K 218 40.14 -3.25 1.65
C ALA K 218 40.87 -2.53 2.80
N ALA K 219 41.87 -1.72 2.44
CA ALA K 219 42.80 -1.05 3.36
C ALA K 219 42.15 -0.16 4.43
N ALA K 220 40.96 0.38 4.15
CA ALA K 220 40.19 1.28 5.02
C ALA K 220 38.68 0.92 4.98
N ALA K 221 38.38 -0.38 5.15
CA ALA K 221 37.03 -0.96 5.05
C ALA K 221 35.94 -0.28 5.91
N ALA K 222 36.31 0.37 7.01
CA ALA K 222 35.43 1.18 7.86
C ALA K 222 36.17 2.38 8.47
N ALA K 223 35.45 3.48 8.69
CA ALA K 223 35.97 4.67 9.38
C ALA K 223 36.12 4.47 10.91
N ALA K 224 36.86 5.36 11.57
CA ALA K 224 37.12 5.39 13.01
C ALA K 224 37.60 4.05 13.64
N ALA K 225 38.30 3.23 12.85
CA ALA K 225 38.78 1.89 13.23
C ALA K 225 40.09 1.51 12.49
N ALA K 226 40.66 0.36 12.85
CA ALA K 226 41.79 -0.26 12.14
C ALA K 226 41.44 -0.68 10.68
N GLY K 227 42.44 -1.11 9.91
CA GLY K 227 42.28 -1.50 8.51
C GLY K 227 43.34 -2.50 8.01
N ALA K 228 43.14 -3.02 6.80
CA ALA K 228 43.94 -4.10 6.20
C ALA K 228 45.34 -3.64 5.70
N GLY K 229 46.25 -3.31 6.62
CA GLY K 229 47.67 -3.05 6.30
C GLY K 229 48.41 -4.29 5.75
N SER K 230 49.57 -4.10 5.13
CA SER K 230 50.39 -5.18 4.53
C SER K 230 51.86 -5.13 4.95
N HIS K 231 52.09 -4.84 6.24
CA HIS K 231 53.43 -4.77 6.85
C HIS K 231 54.22 -6.08 6.65
N SER K 232 55.54 -5.96 6.59
CA SER K 232 56.47 -7.04 6.24
C SER K 232 57.82 -6.91 6.92
N ILE K 233 58.64 -7.95 6.84
CA ILE K 233 60.02 -7.98 7.33
C ILE K 233 60.95 -8.42 6.19
N TRP K 234 62.16 -7.84 6.15
CA TRP K 234 63.07 -7.90 5.00
C TRP K 234 64.51 -8.14 5.40
N ASP K 235 65.20 -8.94 4.58
CA ASP K 235 66.53 -9.48 4.83
C ASP K 235 67.17 -10.01 3.54
N VAL K 236 68.49 -10.17 3.56
CA VAL K 236 69.36 -10.47 2.42
C VAL K 236 70.39 -11.51 2.89
N GLY K 237 70.83 -12.41 2.00
CA GLY K 237 71.83 -13.42 2.38
C GLY K 237 72.58 -14.10 1.23
N ALA K 238 73.69 -14.73 1.60
CA ALA K 238 74.56 -15.51 0.72
C ALA K 238 75.33 -16.57 1.54
N ALA K 239 75.80 -17.64 0.89
CA ALA K 239 76.55 -18.76 1.48
C ALA K 239 75.97 -19.34 2.81
N GLY K 240 74.66 -19.18 3.04
CA GLY K 240 73.94 -19.69 4.22
C GLY K 240 73.82 -18.72 5.39
N THR K 241 74.16 -17.43 5.24
CA THR K 241 74.15 -16.43 6.34
C THR K 241 73.42 -15.12 6.00
N ASN K 242 72.89 -14.47 7.04
CA ASN K 242 72.28 -13.13 7.04
C ASN K 242 73.31 -12.04 6.69
N ALA K 243 72.91 -11.02 5.92
CA ALA K 243 73.76 -9.91 5.45
C ALA K 243 73.33 -8.51 5.95
N PHE K 244 72.28 -8.40 6.79
CA PHE K 244 71.88 -7.15 7.47
C PHE K 244 72.36 -7.08 8.93
N ALA K 245 72.75 -8.19 9.54
CA ALA K 245 73.36 -8.26 10.87
C ALA K 245 74.72 -7.54 10.93
N GLY K 246 74.98 -6.84 12.04
CA GLY K 246 76.24 -6.12 12.27
C GLY K 246 76.29 -5.37 13.61
N ALA K 247 77.06 -4.28 13.63
CA ALA K 247 77.42 -3.52 14.83
C ALA K 247 76.96 -2.04 14.81
N SER K 248 76.17 -1.61 13.82
CA SER K 248 75.48 -0.30 13.85
C SER K 248 74.18 -0.38 14.68
N GLY K 249 73.39 0.72 14.71
CA GLY K 249 72.16 0.84 15.51
C GLY K 249 71.21 -0.37 15.41
N ALA K 250 70.64 -0.77 16.55
CA ALA K 250 69.75 -1.93 16.71
C ALA K 250 70.26 -3.23 16.04
N ARG K 251 71.59 -3.45 16.01
CA ARG K 251 72.31 -4.62 15.45
C ARG K 251 72.23 -4.75 13.92
N ALA K 252 71.86 -3.66 13.23
CA ALA K 252 71.98 -3.53 11.77
C ALA K 252 73.45 -3.41 11.30
N THR K 253 73.66 -3.16 10.00
CA THR K 253 74.99 -2.97 9.39
C THR K 253 74.96 -1.95 8.25
N LEU K 254 76.13 -1.57 7.72
CA LEU K 254 76.28 -0.51 6.71
C LEU K 254 75.55 -0.81 5.39
N THR K 255 75.61 -2.04 4.86
CA THR K 255 74.80 -2.41 3.68
C THR K 255 73.29 -2.41 3.98
N GLY K 256 72.88 -2.73 5.21
CA GLY K 256 71.51 -2.55 5.68
C GLY K 256 71.09 -1.07 5.68
N ALA K 257 71.94 -0.17 6.17
CA ALA K 257 71.73 1.28 6.11
C ALA K 257 71.65 1.81 4.67
N LYS K 258 72.41 1.23 3.73
CA LYS K 258 72.33 1.56 2.29
C LYS K 258 71.04 1.04 1.63
N TRP K 259 70.56 -0.16 1.98
CA TRP K 259 69.22 -0.64 1.60
C TRP K 259 68.13 0.29 2.14
N LEU K 260 68.20 0.68 3.42
CA LEU K 260 67.29 1.65 4.04
C LEU K 260 67.34 3.02 3.34
N ALA K 261 68.52 3.53 2.98
CA ALA K 261 68.66 4.78 2.21
C ALA K 261 67.93 4.71 0.86
N GLY K 262 68.06 3.57 0.14
CA GLY K 262 67.31 3.31 -1.09
C GLY K 262 65.79 3.28 -0.88
N LEU K 263 65.33 2.56 0.14
CA LEU K 263 63.91 2.46 0.52
C LEU K 263 63.30 3.83 0.90
N LEU K 264 64.01 4.64 1.69
CA LEU K 264 63.60 5.99 2.07
C LEU K 264 63.45 6.91 0.84
N ALA K 265 64.43 6.88 -0.07
CA ALA K 265 64.39 7.65 -1.31
C ALA K 265 63.26 7.22 -2.26
N ALA K 266 63.00 5.90 -2.36
CA ALA K 266 62.01 5.32 -3.26
C ALA K 266 60.56 5.33 -2.73
N ALA K 267 60.32 5.65 -1.45
CA ALA K 267 59.01 5.55 -0.80
C ALA K 267 57.86 6.26 -1.57
N ALA K 268 58.14 7.43 -2.15
CA ALA K 268 57.20 8.21 -2.96
C ALA K 268 56.76 7.54 -4.28
N ALA K 269 57.45 6.47 -4.72
CA ALA K 269 57.18 5.73 -5.95
C ALA K 269 56.84 4.24 -5.68
N ALA K 270 57.43 3.61 -4.65
CA ALA K 270 57.04 2.29 -4.17
C ALA K 270 55.55 2.24 -3.75
N ALA K 271 55.00 3.35 -3.26
CA ALA K 271 53.56 3.53 -2.98
C ALA K 271 52.65 3.25 -4.19
N ALA K 272 53.13 3.40 -5.43
CA ALA K 272 52.34 3.06 -6.64
C ALA K 272 51.97 1.57 -6.74
N ALA K 273 52.73 0.68 -6.07
CA ALA K 273 52.41 -0.75 -5.93
C ALA K 273 51.91 -1.08 -4.52
N ALA K 274 52.54 -0.53 -3.47
CA ALA K 274 52.22 -0.82 -2.07
C ALA K 274 50.93 -0.18 -1.54
N ALA K 275 50.41 0.85 -2.22
CA ALA K 275 49.21 1.60 -1.87
C ALA K 275 48.35 1.89 -3.12
N ALA K 276 48.19 0.87 -3.97
CA ALA K 276 47.60 0.90 -5.31
C ALA K 276 46.10 1.32 -5.43
N ALA K 277 45.45 1.78 -4.35
CA ALA K 277 44.05 2.21 -4.32
C ALA K 277 43.81 3.36 -3.32
N ALA K 278 42.76 4.15 -3.53
CA ALA K 278 42.40 5.29 -2.66
C ALA K 278 42.13 4.89 -1.19
N ALA K 279 41.67 3.66 -0.95
CA ALA K 279 41.53 3.10 0.41
C ALA K 279 42.88 3.02 1.16
N ALA K 280 43.99 2.75 0.46
CA ALA K 280 45.32 2.72 1.07
C ALA K 280 45.84 4.14 1.39
N ALA K 281 45.52 5.13 0.54
CA ALA K 281 45.77 6.54 0.85
C ALA K 281 44.95 7.02 2.07
N ALA K 282 43.70 6.58 2.22
CA ALA K 282 42.88 6.82 3.40
C ALA K 282 43.44 6.13 4.66
N ALA K 283 43.93 4.89 4.55
CA ALA K 283 44.61 4.19 5.65
C ALA K 283 45.92 4.88 6.09
N ALA K 284 46.65 5.50 5.15
CA ALA K 284 47.86 6.27 5.38
C ALA K 284 47.63 7.71 5.89
N ALA K 285 46.38 8.17 6.02
CA ALA K 285 46.04 9.50 6.54
C ALA K 285 46.49 9.72 8.00
N ALA K 286 46.54 10.99 8.43
CA ALA K 286 47.02 11.40 9.75
C ALA K 286 46.27 10.71 10.92
N GLY K 287 47.03 10.27 11.92
CA GLY K 287 46.52 9.65 13.15
C GLY K 287 47.63 9.12 14.06
N ALA K 288 47.30 8.79 15.31
CA ALA K 288 48.26 8.40 16.36
C ALA K 288 49.03 7.09 16.09
N ALA K 289 48.61 6.28 15.10
CA ALA K 289 49.20 5.00 14.74
C ALA K 289 49.41 4.84 13.20
N ALA K 290 49.41 5.94 12.46
CA ALA K 290 49.73 5.96 11.02
C ALA K 290 51.17 5.50 10.73
N ALA K 291 51.45 5.15 9.46
CA ALA K 291 52.73 4.57 9.01
C ALA K 291 53.36 5.32 7.80
N ALA K 292 52.82 6.49 7.42
CA ALA K 292 53.31 7.31 6.32
C ALA K 292 54.65 8.03 6.59
N ALA K 293 55.11 8.07 7.84
CA ALA K 293 56.38 8.67 8.26
C ALA K 293 57.59 7.87 7.72
N THR K 294 58.07 8.23 6.52
CA THR K 294 59.25 7.63 5.85
C THR K 294 60.57 7.86 6.62
N ALA K 295 60.76 7.04 7.66
CA ALA K 295 61.86 7.11 8.63
C ALA K 295 62.21 5.70 9.14
N TRP K 296 63.34 5.56 9.83
CA TRP K 296 63.81 4.30 10.40
C TRP K 296 64.17 4.45 11.89
N GLY K 297 64.15 3.34 12.63
CA GLY K 297 64.39 3.32 14.08
C GLY K 297 64.05 1.97 14.72
N ALA K 298 64.00 1.91 16.04
CA ALA K 298 63.70 0.68 16.80
C ALA K 298 62.79 0.91 18.03
N ALA K 299 62.13 2.07 18.13
CA ALA K 299 61.24 2.44 19.23
C ALA K 299 60.09 3.39 18.82
N ALA K 300 60.33 4.30 17.86
CA ALA K 300 59.31 5.16 17.25
C ALA K 300 58.36 4.35 16.33
N ALA K 301 57.33 3.72 16.91
CA ALA K 301 56.46 2.74 16.26
C ALA K 301 55.77 3.20 14.95
N ALA K 302 55.52 4.50 14.78
CA ALA K 302 54.93 5.08 13.58
C ALA K 302 55.89 5.16 12.36
N CYS K 303 57.21 5.05 12.57
CA CYS K 303 58.21 5.13 11.50
C CYS K 303 58.16 3.92 10.55
N ALA K 304 58.16 4.18 9.25
CA ALA K 304 57.86 3.22 8.19
C ALA K 304 58.84 2.04 8.04
N LEU K 305 60.08 2.15 8.54
CA LEU K 305 61.19 1.20 8.34
C LEU K 305 61.86 0.83 9.67
N ASN K 306 61.15 0.11 10.54
CA ASN K 306 61.70 -0.38 11.81
C ASN K 306 62.92 -1.31 11.58
N ILE K 307 63.78 -1.45 12.59
CA ILE K 307 64.76 -2.52 12.70
C ILE K 307 64.17 -3.64 13.57
N ALA K 308 64.08 -4.85 13.02
CA ALA K 308 63.69 -6.06 13.74
C ALA K 308 64.87 -6.58 14.57
N ALA K 309 65.16 -5.92 15.69
CA ALA K 309 66.17 -6.33 16.66
C ALA K 309 65.88 -7.74 17.23
N ALA K 310 66.93 -8.53 17.45
CA ALA K 310 66.86 -9.90 17.96
C ALA K 310 68.11 -10.27 18.79
N ALA K 311 67.99 -11.25 19.68
CA ALA K 311 69.10 -11.78 20.48
C ALA K 311 70.11 -12.58 19.63
N ALA K 312 69.61 -13.36 18.66
CA ALA K 312 70.43 -14.07 17.67
C ALA K 312 70.75 -13.13 16.49
N ALA K 313 72.02 -13.00 16.11
CA ALA K 313 72.46 -12.18 14.99
C ALA K 313 71.78 -12.56 13.66
N LYS K 314 71.53 -13.86 13.44
CA LYS K 314 70.78 -14.39 12.27
C LYS K 314 69.37 -13.80 12.10
N GLY K 315 68.78 -13.29 13.18
CA GLY K 315 67.44 -12.68 13.21
C GLY K 315 67.43 -11.15 13.13
N ALA K 316 68.59 -10.48 13.06
CA ALA K 316 68.68 -9.04 12.82
C ALA K 316 68.24 -8.70 11.38
N GLN K 317 67.09 -8.04 11.24
CA GLN K 317 66.41 -7.76 9.96
C GLN K 317 65.77 -6.35 9.99
N ILE K 318 65.04 -5.94 8.95
CA ILE K 318 64.25 -4.70 8.94
C ILE K 318 62.75 -4.99 8.77
N GLU K 319 61.89 -4.01 9.01
CA GLU K 319 60.43 -4.13 9.08
C GLU K 319 59.76 -2.95 8.36
N ASN K 320 59.14 -3.23 7.20
CA ASN K 320 58.57 -2.23 6.30
C ASN K 320 57.04 -2.12 6.50
N LYS K 321 56.51 -0.90 6.48
CA LYS K 321 55.10 -0.59 6.85
C LYS K 321 54.35 0.28 5.84
N ALA K 322 55.02 0.75 4.78
CA ALA K 322 54.53 1.75 3.83
C ALA K 322 53.49 1.22 2.79
N GLY K 323 52.58 0.34 3.19
CA GLY K 323 51.58 -0.26 2.29
C GLY K 323 50.39 -0.95 2.97
N ALA K 324 49.41 -1.31 2.15
CA ALA K 324 48.18 -1.98 2.55
C ALA K 324 47.74 -3.08 1.57
N ALA K 325 46.89 -3.99 2.02
CA ALA K 325 46.54 -5.26 1.34
C ALA K 325 45.81 -5.11 -0.01
N ALA K 326 45.39 -3.91 -0.40
CA ALA K 326 44.96 -3.58 -1.76
C ALA K 326 46.09 -3.68 -2.83
N ALA K 327 47.36 -3.76 -2.39
CA ALA K 327 48.54 -3.87 -3.23
C ALA K 327 48.62 -5.12 -4.13
N ASN K 328 49.55 -5.11 -5.10
CA ASN K 328 49.95 -6.26 -5.92
C ASN K 328 51.23 -6.92 -5.35
N PRO K 329 51.14 -8.11 -4.71
CA PRO K 329 52.27 -8.77 -4.05
C PRO K 329 53.54 -8.88 -4.90
N TYR K 330 53.46 -9.40 -6.13
CA TYR K 330 54.64 -9.57 -6.99
C TYR K 330 55.32 -8.23 -7.31
N LEU K 331 54.55 -7.18 -7.58
CA LEU K 331 55.10 -5.86 -7.91
C LEU K 331 55.64 -5.11 -6.68
N VAL K 332 55.06 -5.31 -5.48
CA VAL K 332 55.64 -4.83 -4.22
C VAL K 332 56.99 -5.52 -3.95
N LEU K 333 57.02 -6.86 -4.06
CA LEU K 333 58.24 -7.68 -3.91
C LEU K 333 59.34 -7.23 -4.90
N ALA K 334 58.98 -6.87 -6.14
CA ALA K 334 59.91 -6.30 -7.11
C ALA K 334 60.39 -4.89 -6.74
N ALA K 335 59.46 -3.95 -6.49
CA ALA K 335 59.76 -2.52 -6.30
C ALA K 335 60.57 -2.22 -5.02
N THR K 336 60.25 -2.88 -3.90
CA THR K 336 60.98 -2.71 -2.63
C THR K 336 62.43 -3.21 -2.74
N VAL K 337 62.66 -4.27 -3.51
CA VAL K 337 64.00 -4.79 -3.83
C VAL K 337 64.74 -3.88 -4.81
N ALA K 338 64.09 -3.37 -5.86
CA ALA K 338 64.70 -2.43 -6.81
C ALA K 338 65.26 -1.16 -6.15
N ALA K 339 64.61 -0.67 -5.08
CA ALA K 339 65.11 0.43 -4.26
C ALA K 339 66.41 0.06 -3.52
N GLY K 340 66.43 -1.09 -2.83
CA GLY K 340 67.60 -1.58 -2.10
C GLY K 340 68.80 -1.89 -2.99
N LEU K 341 68.55 -2.49 -4.17
CA LEU K 341 69.55 -2.86 -5.18
C LEU K 341 70.39 -1.69 -5.73
N ASP K 342 69.93 -0.44 -5.60
CA ASP K 342 70.68 0.74 -6.05
C ASP K 342 71.11 1.67 -4.91
N GLY K 343 70.45 1.63 -3.73
CA GLY K 343 70.96 2.24 -2.50
C GLY K 343 72.39 1.78 -2.14
N ILE K 344 72.70 0.50 -2.39
CA ILE K 344 74.05 -0.08 -2.27
C ILE K 344 75.05 0.34 -3.36
N GLN K 345 74.60 1.04 -4.41
CA GLN K 345 75.44 1.49 -5.55
C GLN K 345 75.62 3.01 -5.57
N SER K 346 74.60 3.78 -5.14
CA SER K 346 74.73 5.20 -4.81
C SER K 346 75.54 5.45 -3.52
N ALA K 347 75.67 4.41 -2.67
CA ALA K 347 76.23 4.46 -1.33
C ALA K 347 75.62 5.56 -0.42
N GLY K 348 74.33 5.88 -0.64
CA GLY K 348 73.56 6.81 0.20
C GLY K 348 73.40 6.35 1.66
N ALA K 349 72.89 7.23 2.50
CA ALA K 349 72.73 7.00 3.95
C ALA K 349 71.32 7.35 4.44
N ALA K 350 70.84 6.60 5.43
CA ALA K 350 69.47 6.69 5.96
C ALA K 350 69.25 7.84 6.98
N ALA K 351 70.26 8.70 7.20
CA ALA K 351 70.37 9.64 8.32
C ALA K 351 70.23 8.97 9.70
N GLY K 352 70.18 9.76 10.79
CA GLY K 352 70.04 9.24 12.16
C GLY K 352 68.69 8.55 12.42
N ALA K 353 68.68 7.57 13.32
CA ALA K 353 67.47 6.85 13.73
C ALA K 353 66.47 7.74 14.49
N ALA K 354 65.18 7.53 14.24
CA ALA K 354 64.08 8.20 14.93
C ALA K 354 63.85 7.63 16.35
N ALA K 355 63.91 8.50 17.36
CA ALA K 355 63.61 8.20 18.76
C ALA K 355 62.88 9.35 19.50
N ALA K 356 62.48 10.40 18.77
CA ALA K 356 61.71 11.54 19.26
C ALA K 356 60.19 11.28 19.18
N ASP K 357 59.37 12.34 19.10
CA ASP K 357 57.94 12.27 18.81
C ASP K 357 57.63 11.52 17.48
N ALA K 358 56.38 11.08 17.31
CA ALA K 358 55.96 10.04 16.35
C ALA K 358 56.26 10.31 14.86
N ALA K 359 56.44 11.55 14.42
CA ALA K 359 56.77 11.89 13.04
C ALA K 359 57.70 13.13 12.95
N ALA K 360 58.61 13.08 11.97
CA ALA K 360 59.77 13.94 11.64
C ALA K 360 61.07 13.12 11.70
N ALA K 361 62.21 13.72 11.33
CA ALA K 361 63.58 13.16 11.42
C ALA K 361 63.69 11.65 11.04
N ALA K 362 63.70 11.28 9.76
CA ALA K 362 63.94 12.14 8.60
C ALA K 362 62.81 13.13 8.21
N PRO K 363 61.56 12.70 7.92
CA PRO K 363 60.65 13.35 6.98
C PRO K 363 60.58 14.90 6.99
N SER K 364 61.07 15.64 5.99
CA SER K 364 61.87 15.32 4.79
C SER K 364 61.39 14.18 3.87
N GLU K 365 62.30 13.51 3.16
CA GLU K 365 62.64 13.75 1.74
C GLU K 365 63.07 15.23 1.47
N ILE K 366 62.27 16.24 1.12
CA ILE K 366 61.00 16.31 0.36
C ILE K 366 60.90 17.69 -0.31
N PRO K 367 60.47 17.75 -1.59
CA PRO K 367 59.93 18.97 -2.19
C PRO K 367 58.41 18.82 -2.44
N GLY K 368 57.67 19.93 -2.35
CA GLY K 368 56.19 19.94 -2.23
C GLY K 368 55.41 20.13 -3.53
N LYS K 369 55.93 19.66 -4.68
CA LYS K 369 55.33 19.85 -6.02
C LYS K 369 55.41 18.59 -6.89
N MET K 370 54.44 18.41 -7.78
CA MET K 370 54.45 17.35 -8.80
C MET K 370 55.61 17.50 -9.80
N GLU K 371 56.00 18.73 -10.14
CA GLU K 371 57.16 19.00 -10.99
C GLU K 371 58.47 18.47 -10.36
N ASP K 372 58.64 18.60 -9.05
CA ASP K 372 59.80 18.07 -8.33
C ASP K 372 59.73 16.54 -8.13
N ALA K 373 58.54 15.96 -7.96
CA ALA K 373 58.35 14.51 -7.97
C ALA K 373 58.74 13.89 -9.34
N LEU K 374 58.38 14.55 -10.44
CA LEU K 374 58.81 14.18 -11.79
C LEU K 374 60.31 14.43 -12.02
N ALA K 375 60.88 15.50 -11.47
CA ALA K 375 62.33 15.73 -11.50
C ALA K 375 63.11 14.60 -10.78
N ALA K 376 62.65 14.16 -9.60
CA ALA K 376 63.21 13.01 -8.90
C ALA K 376 63.14 11.73 -9.75
N LEU K 377 61.97 11.43 -10.35
CA LEU K 377 61.76 10.31 -11.29
C LEU K 377 62.68 10.33 -12.54
N GLU K 378 63.32 11.47 -12.84
CA GLU K 378 64.23 11.67 -13.98
C GLU K 378 65.69 12.01 -13.57
N GLN K 379 66.02 11.89 -12.27
CA GLN K 379 67.37 12.07 -11.72
C GLN K 379 67.82 10.88 -10.84
N ASP K 380 66.87 10.25 -10.13
CA ASP K 380 67.00 8.93 -9.50
C ASP K 380 65.58 8.31 -9.35
N ALA K 381 65.03 7.58 -10.32
CA ALA K 381 65.49 7.14 -11.65
C ALA K 381 66.45 5.91 -11.68
N GLU K 382 66.98 5.45 -10.54
CA GLU K 382 67.83 4.24 -10.47
C GLU K 382 67.46 3.33 -9.29
N CYS K 383 67.06 3.89 -8.15
CA CYS K 383 66.26 3.19 -7.11
C CYS K 383 64.81 2.91 -7.56
N LEU K 384 64.38 3.47 -8.70
CA LEU K 384 63.00 3.43 -9.21
C LEU K 384 62.95 2.72 -10.56
N LYS K 385 61.93 1.87 -10.75
CA LYS K 385 61.58 1.18 -12.02
C LYS K 385 62.78 0.53 -12.74
N ALA K 386 63.72 -0.03 -11.97
CA ALA K 386 65.00 -0.53 -12.44
C ALA K 386 64.89 -1.71 -13.45
N GLY K 387 65.52 -1.54 -14.62
CA GLY K 387 65.60 -2.56 -15.67
C GLY K 387 64.28 -2.89 -16.40
N LEU K 388 64.38 -3.82 -17.35
CA LEU K 388 63.33 -4.29 -18.28
C LEU K 388 62.71 -3.19 -19.18
N GLY K 389 61.94 -3.68 -20.16
CA GLY K 389 60.70 -3.06 -20.67
C GLY K 389 59.66 -4.18 -20.81
N GLU K 390 58.36 -3.98 -21.03
CA GLU K 390 57.54 -2.82 -21.44
C GLU K 390 57.31 -2.82 -22.97
N ALA K 391 58.19 -3.47 -23.74
CA ALA K 391 57.99 -3.75 -25.17
C ALA K 391 56.72 -4.58 -25.44
N PHE K 392 56.45 -5.59 -24.60
CA PHE K 392 55.22 -6.39 -24.63
C PHE K 392 53.97 -5.55 -24.30
N ILE K 393 54.07 -4.68 -23.28
CA ILE K 393 52.98 -3.78 -22.87
C ILE K 393 52.62 -2.84 -24.03
N ARG K 394 53.60 -2.08 -24.57
CA ARG K 394 53.34 -1.14 -25.68
C ARG K 394 52.84 -1.83 -26.95
N ALA K 395 53.31 -3.05 -27.27
CA ALA K 395 52.82 -3.83 -28.40
C ALA K 395 51.33 -4.21 -28.27
N ALA K 396 50.92 -4.73 -27.11
CA ALA K 396 49.52 -5.08 -26.85
C ALA K 396 48.60 -3.84 -26.71
N VAL K 397 49.06 -2.82 -25.98
CA VAL K 397 48.34 -1.56 -25.78
C VAL K 397 48.20 -0.78 -27.09
N ALA K 398 49.18 -0.81 -28.00
CA ALA K 398 49.06 -0.18 -29.32
C ALA K 398 47.87 -0.73 -30.13
N ALA K 399 47.64 -2.05 -30.13
CA ALA K 399 46.49 -2.66 -30.80
C ALA K 399 45.15 -2.13 -30.27
N ALA K 400 45.00 -1.99 -28.94
CA ALA K 400 43.84 -1.37 -28.31
C ALA K 400 43.73 0.13 -28.64
N LYS K 401 44.84 0.88 -28.55
CA LYS K 401 44.91 2.31 -28.89
C LYS K 401 44.52 2.60 -30.34
N TYR K 402 44.92 1.78 -31.31
CA TYR K 402 44.50 1.98 -32.71
C TYR K 402 42.98 1.90 -32.89
N GLU K 403 42.30 0.94 -32.25
CA GLU K 403 40.83 0.86 -32.25
C GLU K 403 40.18 2.07 -31.55
N LEU K 404 40.67 2.44 -30.36
CA LEU K 404 40.18 3.58 -29.58
C LEU K 404 40.36 4.92 -30.33
N GLU K 405 41.54 5.16 -30.91
CA GLU K 405 41.83 6.36 -31.70
C GLU K 405 41.03 6.42 -33.01
N ASN K 406 40.72 5.28 -33.65
CA ASN K 406 39.83 5.25 -34.82
C ASN K 406 38.39 5.67 -34.47
N GLU K 407 37.86 5.21 -33.33
CA GLU K 407 36.55 5.68 -32.83
C GLU K 407 36.58 7.15 -32.39
N GLU K 408 37.61 7.56 -31.64
CA GLU K 408 37.75 8.94 -31.14
C GLU K 408 37.99 9.96 -32.25
N THR K 409 38.79 9.67 -33.29
CA THR K 409 39.04 10.62 -34.39
C THR K 409 37.79 10.85 -35.25
N ASP K 410 36.93 9.83 -35.43
CA ASP K 410 35.63 9.98 -36.08
C ASP K 410 34.67 10.82 -35.22
N ALA K 411 34.63 10.59 -33.91
CA ALA K 411 33.85 11.41 -32.97
C ALA K 411 34.32 12.87 -32.93
N GLU K 412 35.63 13.13 -32.86
CA GLU K 412 36.22 14.47 -32.97
C GLU K 412 35.89 15.13 -34.31
N GLY K 413 35.96 14.40 -35.42
CA GLY K 413 35.54 14.88 -36.75
C GLY K 413 34.11 15.41 -36.77
N ASN K 414 33.16 14.67 -36.18
CA ASN K 414 31.77 15.11 -36.01
C ASN K 414 31.67 16.33 -35.06
N LYS K 415 32.37 16.32 -33.92
CA LYS K 415 32.40 17.42 -32.95
C LYS K 415 32.92 18.73 -33.55
N PHE K 416 33.98 18.70 -34.37
CA PHE K 416 34.50 19.88 -35.05
C PHE K 416 33.44 20.52 -35.97
N LEU K 417 32.73 19.72 -36.78
CA LEU K 417 31.60 20.21 -37.59
C LEU K 417 30.50 20.84 -36.72
N GLU K 418 30.14 20.19 -35.60
CA GLU K 418 29.19 20.73 -34.61
C GLU K 418 29.68 22.00 -33.88
N TYR K 419 30.97 22.36 -33.96
CA TYR K 419 31.52 23.62 -33.45
C TYR K 419 31.62 24.71 -34.53
N PHE K 420 31.75 24.34 -35.82
CA PHE K 420 31.84 25.28 -36.94
C PHE K 420 30.47 25.87 -37.37
N ILE K 421 29.37 25.12 -37.19
CA ILE K 421 27.98 25.58 -37.44
C ILE K 421 27.55 26.78 -36.57
N SER L 1 53.71 -27.61 33.38
CA SER L 1 54.28 -28.69 32.54
C SER L 1 54.09 -28.39 31.06
N ALA L 2 55.18 -28.02 30.36
CA ALA L 2 55.17 -27.89 28.91
C ALA L 2 54.82 -29.22 28.22
N GLU L 3 55.35 -30.32 28.77
CA GLU L 3 55.12 -31.69 28.29
C GLU L 3 53.63 -32.05 28.28
N HIS L 4 52.88 -31.71 29.34
CA HIS L 4 51.43 -31.95 29.43
C HIS L 4 50.63 -31.19 28.36
N VAL L 5 50.95 -29.91 28.10
CA VAL L 5 50.30 -29.15 27.03
C VAL L 5 50.60 -29.75 25.66
N LEU L 6 51.85 -30.18 25.40
CA LEU L 6 52.22 -30.85 24.15
C LEU L 6 51.50 -32.21 23.98
N THR L 7 51.43 -33.06 25.01
CA THR L 7 50.72 -34.36 24.92
C THR L 7 49.21 -34.22 24.80
N MET L 8 48.58 -33.17 25.34
CA MET L 8 47.16 -32.87 25.11
C MET L 8 46.82 -32.69 23.62
N LEU L 9 47.72 -32.12 22.82
CA LEU L 9 47.52 -31.97 21.36
C LEU L 9 47.37 -33.33 20.66
N ASN L 10 48.09 -34.37 21.12
CA ASN L 10 47.96 -35.74 20.62
C ASN L 10 46.75 -36.47 21.25
N GLU L 11 46.56 -36.34 22.57
CA GLU L 11 45.51 -37.01 23.35
C GLU L 11 44.08 -36.63 22.88
N HIS L 12 43.91 -35.41 22.38
CA HIS L 12 42.63 -34.86 21.89
C HIS L 12 42.67 -34.48 20.39
N ALA L 13 43.69 -34.94 19.67
CA ALA L 13 43.93 -34.74 18.23
C ALA L 13 43.70 -33.28 17.74
N ALA L 14 44.11 -32.30 18.55
CA ALA L 14 43.88 -30.88 18.31
C ALA L 14 44.53 -30.39 16.99
N ALA L 15 43.71 -29.91 16.05
CA ALA L 15 44.17 -29.30 14.80
C ALA L 15 44.60 -27.83 14.97
N PHE L 16 43.99 -27.10 15.92
CA PHE L 16 44.24 -25.69 16.21
C PHE L 16 44.20 -25.43 17.73
N VAL L 17 44.78 -24.30 18.15
CA VAL L 17 44.80 -23.85 19.56
C VAL L 17 44.44 -22.36 19.63
N ARG L 18 43.68 -21.99 20.65
CA ARG L 18 43.13 -20.64 20.90
C ARG L 18 43.85 -19.97 22.08
N PHE L 19 44.55 -18.88 21.82
CA PHE L 19 45.07 -17.97 22.85
C PHE L 19 43.93 -17.07 23.35
N GLU L 20 43.89 -16.79 24.66
CA GLU L 20 42.80 -16.02 25.28
C GLU L 20 43.32 -14.99 26.31
N ALA L 21 42.68 -13.82 26.35
CA ALA L 21 42.99 -12.71 27.26
C ALA L 21 41.71 -11.89 27.58
N THR L 22 41.84 -10.81 28.34
CA THR L 22 40.73 -9.92 28.75
C THR L 22 41.17 -8.45 28.70
N ASP L 23 40.28 -7.56 28.27
CA ASP L 23 40.53 -6.11 28.20
C ASP L 23 40.25 -5.35 29.52
N ALA L 24 40.60 -4.06 29.56
CA ALA L 24 40.39 -3.20 30.73
C ALA L 24 38.90 -2.98 31.09
N ALA L 25 37.99 -3.02 30.11
CA ALA L 25 36.55 -2.86 30.33
C ALA L 25 35.92 -4.08 31.03
N GLY L 26 36.38 -5.30 30.71
CA GLY L 26 36.00 -6.56 31.37
C GLY L 26 35.55 -7.69 30.44
N ALA L 27 35.78 -7.57 29.12
CA ALA L 27 35.40 -8.57 28.14
C ALA L 27 36.61 -9.42 27.71
N SER L 28 36.41 -10.73 27.62
CA SER L 28 37.40 -11.66 27.06
C SER L 28 37.57 -11.48 25.53
N ARG L 29 38.76 -11.80 25.04
CA ARG L 29 39.19 -11.73 23.63
C ARG L 29 40.09 -12.92 23.29
N SER L 30 40.18 -13.31 22.03
CA SER L 30 40.93 -14.51 21.60
C SER L 30 41.46 -14.44 20.17
N LYS L 31 42.46 -15.28 19.88
CA LYS L 31 43.11 -15.50 18.57
C LYS L 31 43.52 -16.97 18.45
N SER L 32 43.81 -17.48 17.26
CA SER L 32 44.14 -18.91 17.06
C SER L 32 45.08 -19.19 15.89
N ILE L 33 45.76 -20.33 15.96
CA ILE L 33 46.70 -20.87 14.96
C ILE L 33 46.64 -22.41 14.91
N PRO L 34 47.11 -23.07 13.85
CA PRO L 34 47.33 -24.52 13.82
C PRO L 34 48.21 -25.01 14.99
N ALA L 35 47.92 -26.20 15.51
CA ALA L 35 48.68 -26.81 16.60
C ALA L 35 50.16 -27.12 16.25
N GLN L 36 50.48 -27.26 14.95
CA GLN L 36 51.82 -27.57 14.43
C GLN L 36 52.90 -26.53 14.81
N PHE L 37 52.52 -25.29 15.12
CA PHE L 37 53.44 -24.21 15.50
C PHE L 37 54.03 -24.33 16.92
N PHE L 38 53.46 -25.19 17.79
CA PHE L 38 53.86 -25.30 19.19
C PHE L 38 55.22 -26.02 19.35
N GLU L 39 56.20 -25.30 19.89
CA GLU L 39 57.60 -25.72 20.07
C GLU L 39 58.21 -25.12 21.36
N LYS L 40 59.40 -25.57 21.78
CA LYS L 40 60.07 -25.16 23.03
C LYS L 40 60.28 -23.64 23.19
N VAL L 41 60.43 -22.90 22.09
CA VAL L 41 60.72 -21.45 22.09
C VAL L 41 59.56 -20.63 22.66
N ILE L 42 58.31 -20.93 22.25
CA ILE L 42 57.13 -20.15 22.68
C ILE L 42 56.85 -20.30 24.19
N HIS L 43 57.31 -21.38 24.81
CA HIS L 43 57.25 -21.61 26.27
C HIS L 43 58.17 -20.70 27.08
N ALA L 44 59.07 -19.95 26.42
CA ALA L 44 60.01 -19.01 27.04
C ALA L 44 59.97 -17.59 26.43
N ARG L 45 59.38 -17.41 25.25
CA ARG L 45 59.33 -16.13 24.51
C ARG L 45 57.92 -15.70 24.07
N GLY L 46 56.89 -16.51 24.28
CA GLY L 46 55.51 -16.23 23.88
C GLY L 46 55.34 -16.02 22.37
N TYR L 47 54.36 -15.19 21.98
CA TYR L 47 54.08 -14.78 20.60
C TYR L 47 54.13 -13.25 20.46
N LEU L 48 55.09 -12.77 19.66
CA LEU L 48 55.19 -11.38 19.22
C LEU L 48 54.04 -11.01 18.26
N GLU L 49 53.45 -9.84 18.46
CA GLU L 49 52.41 -9.25 17.59
C GLU L 49 52.55 -7.72 17.50
N ASP L 50 52.00 -7.14 16.42
CA ASP L 50 51.77 -5.70 16.28
C ASP L 50 50.64 -5.23 17.21
N GLY L 51 50.99 -4.38 18.19
CA GLY L 51 50.04 -3.83 19.15
C GLY L 51 49.24 -2.61 18.66
N GLU L 52 49.57 -2.00 17.51
CA GLU L 52 48.83 -0.84 16.96
C GLU L 52 47.36 -1.15 16.64
N VAL L 53 47.00 -2.44 16.52
CA VAL L 53 45.62 -2.93 16.40
C VAL L 53 44.74 -2.54 17.61
N ASN L 54 45.34 -2.20 18.76
CA ASN L 54 44.66 -1.79 19.99
C ASN L 54 45.19 -0.42 20.47
N ALA L 55 44.30 0.57 20.57
CA ALA L 55 44.60 2.00 20.84
C ALA L 55 45.19 2.33 22.24
N GLY L 56 45.61 1.32 23.01
CA GLY L 56 46.17 1.46 24.37
C GLY L 56 47.17 0.35 24.75
N ALA L 57 47.83 -0.28 23.77
CA ALA L 57 48.76 -1.39 24.00
C ALA L 57 50.15 -1.24 23.33
N ALA L 58 50.32 -0.33 22.36
CA ALA L 58 51.61 -0.04 21.73
C ALA L 58 51.61 1.37 21.06
N GLY L 59 52.70 1.68 20.35
CA GLY L 59 52.83 2.87 19.48
C GLY L 59 53.66 2.57 18.23
N ALA L 60 53.65 3.48 17.25
CA ALA L 60 54.21 3.25 15.91
C ALA L 60 55.71 2.93 15.88
N ALA L 61 56.50 3.46 16.81
CA ALA L 61 57.93 3.19 16.98
C ALA L 61 58.25 1.94 17.83
N ALA L 62 57.21 1.24 18.33
CA ALA L 62 57.29 0.13 19.27
C ALA L 62 56.21 -0.94 18.95
N SER L 63 55.97 -1.18 17.66
CA SER L 63 54.98 -2.11 17.08
C SER L 63 55.26 -3.61 17.29
N ASP L 64 55.78 -3.98 18.47
CA ASP L 64 56.09 -5.35 18.90
C ASP L 64 55.79 -5.52 20.40
N ILE L 65 54.78 -6.33 20.73
CA ILE L 65 54.40 -6.74 22.09
C ILE L 65 54.14 -8.24 22.14
N VAL L 66 54.08 -8.84 23.35
CA VAL L 66 54.09 -10.30 23.54
C VAL L 66 52.83 -10.78 24.26
N LEU L 67 52.11 -11.72 23.64
CA LEU L 67 51.19 -12.62 24.35
C LEU L 67 51.98 -13.79 24.95
N MET L 68 51.71 -14.14 26.20
CA MET L 68 52.45 -15.16 26.95
C MET L 68 51.49 -16.25 27.47
N PRO L 69 51.25 -17.33 26.69
CA PRO L 69 50.43 -18.48 27.13
C PRO L 69 51.08 -19.21 28.31
N GLU L 70 50.28 -19.98 29.04
CA GLU L 70 50.73 -20.72 30.23
C GLU L 70 50.46 -22.23 30.14
N LEU L 71 51.11 -22.99 31.02
CA LEU L 71 51.38 -24.42 30.85
C LEU L 71 50.85 -25.26 32.03
N SER L 72 49.80 -24.73 32.66
CA SER L 72 49.00 -25.34 33.74
C SER L 72 47.49 -25.03 33.61
N THR L 73 47.08 -24.44 32.49
CA THR L 73 45.77 -23.79 32.27
C THR L 73 45.06 -24.24 30.98
N ALA L 74 45.70 -25.09 30.16
CA ALA L 74 45.15 -25.59 28.90
C ALA L 74 43.88 -26.45 29.11
N ALA L 75 42.95 -26.39 28.16
CA ALA L 75 41.71 -27.17 28.12
C ALA L 75 41.25 -27.46 26.68
N VAL L 76 40.44 -28.51 26.49
CA VAL L 76 39.79 -28.80 25.20
C VAL L 76 38.65 -27.77 24.96
N ALA L 77 38.63 -27.15 23.78
CA ALA L 77 37.62 -26.16 23.39
C ALA L 77 36.33 -26.84 22.86
N ALA L 78 35.73 -27.71 23.68
CA ALA L 78 34.69 -28.67 23.30
C ALA L 78 33.43 -28.08 22.62
N ALA L 79 33.14 -26.78 22.79
CA ALA L 79 32.05 -26.08 22.10
C ALA L 79 32.31 -25.84 20.60
N ALA L 80 33.55 -25.97 20.11
CA ALA L 80 33.93 -25.75 18.71
C ALA L 80 33.40 -26.83 17.75
N ALA L 81 33.36 -26.50 16.46
CA ALA L 81 32.97 -27.41 15.36
C ALA L 81 34.07 -28.41 14.94
N ALA L 82 35.25 -28.37 15.56
CA ALA L 82 36.41 -29.21 15.27
C ALA L 82 37.21 -29.55 16.54
N ALA L 83 38.12 -30.52 16.44
CA ALA L 83 39.06 -30.87 17.51
C ALA L 83 40.09 -29.74 17.74
N THR L 84 39.92 -28.96 18.80
CA THR L 84 40.78 -27.81 19.15
C THR L 84 40.93 -27.64 20.67
N ALA L 85 41.90 -26.81 21.08
CA ALA L 85 42.19 -26.51 22.49
C ALA L 85 42.24 -25.00 22.74
N ALA L 86 42.25 -24.60 24.01
CA ALA L 86 42.31 -23.19 24.44
C ALA L 86 43.25 -23.01 25.64
N VAL L 87 43.93 -21.86 25.69
CA VAL L 87 44.99 -21.51 26.64
C VAL L 87 44.91 -20.01 26.95
N ILE L 88 44.63 -19.66 28.20
CA ILE L 88 44.71 -18.27 28.69
C ILE L 88 46.16 -17.78 28.78
N CYS L 89 46.35 -16.48 28.59
CA CYS L 89 47.64 -15.82 28.50
C CYS L 89 47.74 -14.61 29.46
N ASP L 90 48.96 -14.29 29.88
CA ASP L 90 49.31 -12.92 30.29
C ASP L 90 49.77 -12.12 29.05
N GLY L 91 49.96 -10.81 29.20
CA GLY L 91 50.50 -9.93 28.16
C GLY L 91 51.67 -9.10 28.69
N GLY L 92 52.66 -8.82 27.84
CA GLY L 92 53.94 -8.25 28.26
C GLY L 92 54.78 -7.60 27.14
N ALA L 93 55.86 -6.96 27.59
CA ALA L 93 56.97 -6.37 26.84
C ALA L 93 58.05 -5.72 27.75
N ALA L 94 57.81 -5.05 28.90
CA ALA L 94 56.57 -4.61 29.59
C ALA L 94 55.78 -5.75 30.30
N ALA L 95 54.55 -5.64 30.79
CA ALA L 95 53.49 -4.63 30.62
C ALA L 95 52.66 -4.45 31.91
N ALA L 96 51.72 -3.48 31.87
CA ALA L 96 50.92 -3.09 33.03
C ALA L 96 49.51 -2.55 32.66
N ALA L 97 48.90 -3.14 31.62
CA ALA L 97 47.48 -2.95 31.28
C ALA L 97 46.71 -4.27 31.17
N SER L 98 47.41 -5.40 31.10
CA SER L 98 46.90 -6.78 31.16
C SER L 98 46.27 -7.06 32.54
N PRO L 99 44.93 -7.13 32.66
CA PRO L 99 44.24 -7.22 33.97
C PRO L 99 44.69 -8.40 34.85
N ARG L 100 44.97 -9.56 34.24
CA ARG L 100 45.46 -10.76 34.93
C ARG L 100 46.82 -10.58 35.58
N TYR L 101 47.75 -9.89 34.91
CA TYR L 101 49.06 -9.55 35.45
C TYR L 101 48.96 -8.50 36.59
N ILE L 102 48.04 -7.53 36.46
CA ILE L 102 47.71 -6.56 37.52
C ILE L 102 47.14 -7.28 38.76
N ALA L 103 46.23 -8.25 38.58
CA ALA L 103 45.69 -9.06 39.67
C ALA L 103 46.75 -9.90 40.39
N ARG L 104 47.70 -10.48 39.65
CA ARG L 104 48.86 -11.23 40.20
C ARG L 104 49.75 -10.39 41.11
N ALA L 105 49.87 -9.08 40.88
CA ALA L 105 50.61 -8.19 41.77
C ALA L 105 49.99 -8.09 43.18
N ALA L 106 48.66 -8.14 43.31
CA ALA L 106 47.99 -8.18 44.62
C ALA L 106 48.29 -9.49 45.38
N LEU L 107 48.34 -10.63 44.68
CA LEU L 107 48.74 -11.93 45.25
C LEU L 107 50.20 -11.92 45.71
N ALA L 108 51.10 -11.33 44.92
CA ALA L 108 52.51 -11.15 45.29
C ALA L 108 52.66 -10.25 46.53
N GLN L 109 51.93 -9.13 46.60
CA GLN L 109 51.94 -8.21 47.75
C GLN L 109 51.41 -8.87 49.04
N LEU L 110 50.35 -9.68 48.96
CA LEU L 110 49.80 -10.48 50.07
C LEU L 110 50.88 -11.37 50.72
N GLN L 111 51.65 -12.07 49.88
CA GLN L 111 52.75 -12.93 50.32
C GLN L 111 53.97 -12.13 50.81
N ALA L 112 54.39 -11.08 50.08
CA ALA L 112 55.55 -10.24 50.42
C ALA L 112 55.40 -9.45 51.73
N ALA L 113 54.17 -9.02 52.06
CA ALA L 113 53.84 -8.38 53.34
C ALA L 113 53.90 -9.35 54.55
N GLY L 114 53.91 -10.66 54.30
CA GLY L 114 53.90 -11.71 55.34
C GLY L 114 52.57 -11.86 56.10
N ALA L 115 51.52 -11.14 55.69
CA ALA L 115 50.21 -11.16 56.34
C ALA L 115 49.51 -12.54 56.25
N ALA L 116 49.71 -13.24 55.12
CA ALA L 116 49.20 -14.58 54.84
C ALA L 116 50.02 -15.21 53.69
N ALA L 117 49.54 -16.33 53.12
CA ALA L 117 50.17 -17.01 51.97
C ALA L 117 49.24 -17.20 50.75
N GLY L 118 47.92 -17.08 50.93
CA GLY L 118 46.94 -17.15 49.85
C GLY L 118 45.56 -16.60 50.23
N LEU L 119 44.65 -16.58 49.25
CA LEU L 119 43.30 -16.02 49.33
C LEU L 119 42.29 -17.04 48.78
N LEU L 120 41.16 -17.18 49.46
CA LEU L 120 40.28 -18.37 49.41
C LEU L 120 38.84 -18.01 48.98
N SER L 121 38.69 -16.94 48.20
CA SER L 121 37.40 -16.41 47.72
C SER L 121 36.68 -17.29 46.68
N ALA L 122 35.38 -16.99 46.47
CA ALA L 122 34.51 -17.57 45.44
C ALA L 122 33.35 -16.61 45.10
N PHE L 123 32.62 -16.85 44.01
CA PHE L 123 31.57 -15.95 43.49
C PHE L 123 30.26 -16.71 43.21
N ILE L 124 29.14 -15.98 43.23
CA ILE L 124 27.77 -16.48 43.03
C ILE L 124 26.96 -15.59 42.06
N ALA L 125 27.68 -14.93 41.13
CA ALA L 125 27.12 -13.95 40.20
C ALA L 125 25.92 -14.44 39.38
N ASP L 126 24.94 -13.56 39.19
CA ASP L 126 23.74 -13.77 38.38
C ASP L 126 23.95 -13.37 36.91
N PHE L 127 23.02 -13.77 36.06
CA PHE L 127 22.99 -13.49 34.61
C PHE L 127 21.54 -13.43 34.09
N CYS L 128 21.37 -13.02 32.84
CA CYS L 128 20.08 -12.89 32.16
C CYS L 128 20.07 -13.70 30.86
N ILE L 129 18.89 -14.09 30.37
CA ILE L 129 18.69 -14.87 29.12
C ILE L 129 17.49 -14.35 28.32
N PHE L 130 17.63 -14.36 27.00
CA PHE L 130 16.67 -13.78 26.04
C PHE L 130 16.57 -14.58 24.74
N GLY L 131 15.55 -14.30 23.94
CA GLY L 131 15.34 -14.89 22.60
C GLY L 131 15.43 -13.87 21.46
N VAL L 132 14.91 -12.64 21.66
CA VAL L 132 14.92 -11.55 20.66
C VAL L 132 15.14 -10.17 21.32
N PRO L 133 16.39 -9.83 21.71
CA PRO L 133 16.77 -8.45 22.06
C PRO L 133 16.86 -7.56 20.81
N GLU L 134 16.49 -6.29 20.96
CA GLU L 134 16.56 -5.24 19.93
C GLU L 134 16.91 -3.90 20.58
N VAL L 135 18.10 -3.35 20.33
CA VAL L 135 18.60 -2.12 20.97
C VAL L 135 19.31 -1.25 19.94
N ILE L 136 18.75 -0.08 19.63
CA ILE L 136 19.31 0.87 18.65
C ILE L 136 19.12 2.34 19.07
N ASN L 137 19.96 3.22 18.51
CA ASN L 137 19.97 4.66 18.73
C ASN L 137 20.31 5.40 17.41
N SER L 138 19.78 6.61 17.24
CA SER L 138 20.00 7.48 16.07
C SER L 138 19.87 8.97 16.43
N LYS L 139 19.96 9.85 15.42
CA LYS L 139 19.64 11.29 15.53
C LYS L 139 18.15 11.59 15.78
N THR L 140 17.27 10.58 15.71
CA THR L 140 15.79 10.75 15.74
C THR L 140 15.05 9.82 16.72
N ILE L 141 15.66 8.71 17.17
CA ILE L 141 15.06 7.80 18.16
C ILE L 141 16.13 7.06 19.00
N SER L 142 15.74 6.54 20.16
CA SER L 142 16.58 5.72 21.05
C SER L 142 15.70 4.78 21.90
N PHE L 143 15.92 3.47 21.79
CA PHE L 143 15.15 2.47 22.56
C PHE L 143 15.87 1.12 22.72
N PRO L 144 15.83 0.51 23.93
CA PRO L 144 16.03 -0.92 24.14
C PRO L 144 14.69 -1.69 24.13
N ALA L 145 14.76 -2.99 23.81
CA ALA L 145 13.68 -3.97 23.95
C ALA L 145 14.26 -5.40 24.05
N SER L 146 13.52 -6.32 24.67
CA SER L 146 13.89 -7.74 24.79
C SER L 146 12.69 -8.62 25.18
N THR L 147 12.81 -9.94 25.01
CA THR L 147 11.79 -10.92 25.41
C THR L 147 12.39 -12.33 25.61
N THR L 148 11.67 -13.19 26.34
CA THR L 148 12.00 -14.61 26.58
C THR L 148 10.73 -15.40 26.91
N ALA L 149 10.73 -16.71 26.66
CA ALA L 149 9.57 -17.60 26.87
C ALA L 149 9.02 -17.58 28.32
N ALA L 150 9.88 -17.30 29.30
CA ALA L 150 9.51 -17.19 30.71
C ALA L 150 8.91 -15.82 31.12
N ALA L 151 8.99 -14.79 30.27
CA ALA L 151 8.64 -13.42 30.65
C ALA L 151 7.14 -13.23 30.95
N ALA L 152 6.84 -12.45 31.99
CA ALA L 152 5.48 -12.12 32.45
C ALA L 152 4.61 -11.37 31.41
N ASP L 153 5.21 -10.85 30.34
CA ASP L 153 4.53 -10.17 29.23
C ASP L 153 3.98 -11.12 28.15
N GLN L 154 4.55 -12.33 28.00
CA GLN L 154 4.16 -13.28 26.94
C GLN L 154 2.80 -14.00 27.10
N PRO L 155 2.21 -14.27 28.28
CA PRO L 155 1.00 -15.11 28.37
C PRO L 155 -0.28 -14.47 27.78
N GLN L 156 -0.24 -13.17 27.46
CA GLN L 156 -1.31 -12.46 26.74
C GLN L 156 -1.15 -12.50 25.20
N GLU L 157 -0.07 -13.06 24.66
CA GLU L 157 0.24 -13.09 23.22
C GLU L 157 -0.06 -14.45 22.58
N ALA L 158 -0.33 -14.45 21.27
CA ALA L 158 -0.48 -15.65 20.46
C ALA L 158 0.87 -16.34 20.15
N ALA L 159 0.82 -17.60 19.73
CA ALA L 159 1.97 -18.39 19.25
C ALA L 159 1.52 -19.47 18.24
N ALA L 160 2.48 -20.06 17.52
CA ALA L 160 2.25 -21.03 16.43
C ALA L 160 1.47 -22.31 16.82
N GLY L 161 1.38 -22.62 18.12
CA GLY L 161 0.58 -23.71 18.69
C GLY L 161 -0.19 -23.29 19.96
N GLY L 162 -0.46 -22.00 20.13
CA GLY L 162 -1.02 -21.40 21.34
C GLY L 162 0.01 -21.18 22.47
N ALA L 163 -0.32 -20.31 23.42
CA ALA L 163 0.54 -20.01 24.57
C ALA L 163 0.64 -21.20 25.57
N ALA L 164 1.79 -21.34 26.23
CA ALA L 164 2.03 -22.39 27.23
C ALA L 164 1.30 -22.17 28.57
N GLY L 165 0.91 -20.92 28.88
CA GLY L 165 0.22 -20.55 30.13
C GLY L 165 1.06 -20.78 31.41
N ALA L 166 2.39 -20.73 31.30
CA ALA L 166 3.34 -21.17 32.34
C ALA L 166 4.51 -20.19 32.58
N ALA L 167 4.37 -18.93 32.14
CA ALA L 167 5.36 -17.86 32.39
C ALA L 167 5.57 -17.56 33.89
N ALA L 168 6.72 -16.98 34.21
CA ALA L 168 7.03 -16.42 35.54
C ALA L 168 6.29 -15.09 35.80
N GLY L 169 6.48 -14.52 37.00
CA GLY L 169 5.97 -13.20 37.39
C GLY L 169 7.09 -12.21 37.75
N ALA L 170 6.74 -10.93 37.87
CA ALA L 170 7.67 -9.87 38.32
C ALA L 170 8.22 -10.19 39.72
N ALA L 171 9.55 -10.22 39.86
CA ALA L 171 10.27 -10.73 41.04
C ALA L 171 9.77 -12.11 41.56
N GLY L 172 9.32 -12.98 40.64
CA GLY L 172 8.61 -14.23 40.91
C GLY L 172 8.93 -15.32 39.88
N GLY L 173 10.22 -15.62 39.70
CA GLY L 173 10.76 -16.61 38.76
C GLY L 173 11.96 -17.41 39.29
N ALA L 174 12.06 -17.55 40.63
CA ALA L 174 13.16 -18.19 41.36
C ALA L 174 13.15 -19.75 41.28
N ALA L 175 13.02 -20.31 40.07
CA ALA L 175 12.82 -21.73 39.80
C ALA L 175 13.83 -22.32 38.78
N ALA L 176 14.84 -21.55 38.37
CA ALA L 176 15.90 -22.00 37.44
C ALA L 176 16.80 -23.11 38.02
N ALA L 177 17.40 -23.92 37.15
CA ALA L 177 18.35 -24.98 37.49
C ALA L 177 19.78 -24.45 37.77
N GLY L 178 20.70 -25.36 38.13
CA GLY L 178 22.13 -25.10 38.33
C GLY L 178 22.99 -26.35 38.11
N ALA L 179 24.32 -26.27 38.07
CA ALA L 179 25.18 -25.08 38.25
C ALA L 179 25.38 -24.22 36.98
N ALA L 180 24.55 -24.43 35.95
CA ALA L 180 24.43 -23.63 34.72
C ALA L 180 25.66 -23.56 33.77
N GLU L 181 26.48 -24.59 33.52
CA GLU L 181 26.61 -25.96 34.06
C GLU L 181 28.01 -26.49 33.67
N ILE L 182 28.28 -26.60 32.37
CA ILE L 182 29.41 -27.37 31.79
C ILE L 182 30.75 -26.62 31.79
N CYS L 183 30.78 -25.37 32.26
CA CYS L 183 32.01 -24.59 32.48
C CYS L 183 32.43 -24.54 33.96
N PHE L 184 31.88 -25.45 34.78
CA PHE L 184 32.27 -25.63 36.19
C PHE L 184 32.17 -27.08 36.66
N LEU L 185 31.09 -27.80 36.31
CA LEU L 185 30.82 -29.17 36.76
C LEU L 185 31.82 -30.23 36.26
N PRO L 186 32.12 -30.38 34.95
CA PRO L 186 33.04 -31.43 34.47
C PRO L 186 34.51 -31.15 34.83
N GLU L 187 34.84 -29.88 35.07
CA GLU L 187 36.16 -29.45 35.57
C GLU L 187 36.28 -29.53 37.09
N ALA L 188 35.16 -29.72 37.82
CA ALA L 188 35.02 -29.55 39.27
C ALA L 188 35.77 -28.29 39.80
N ALA L 189 35.66 -27.19 39.07
CA ALA L 189 36.64 -26.10 39.06
C ALA L 189 36.98 -25.49 40.43
N GLY L 190 35.95 -25.15 41.23
CA GLY L 190 36.03 -24.75 42.65
C GLY L 190 36.69 -23.39 42.98
N ALA L 191 37.81 -23.05 42.33
CA ALA L 191 38.64 -21.88 42.62
C ALA L 191 37.99 -20.52 42.26
N ALA L 192 38.59 -19.43 42.75
CA ALA L 192 38.12 -18.05 42.63
C ALA L 192 37.87 -17.57 41.19
N ALA L 193 37.01 -16.56 41.04
CA ALA L 193 36.61 -15.94 39.78
C ALA L 193 37.67 -14.99 39.16
N ALA L 194 38.96 -15.28 39.31
CA ALA L 194 40.00 -14.71 38.45
C ALA L 194 39.94 -15.39 37.08
N ASP L 195 40.66 -16.51 36.90
CA ASP L 195 40.71 -17.26 35.63
C ASP L 195 39.35 -17.91 35.29
N ASN L 196 38.57 -18.34 36.29
CA ASN L 196 37.32 -19.09 36.10
C ASN L 196 36.14 -18.23 35.61
N ALA L 197 36.19 -16.90 35.73
CA ALA L 197 35.08 -16.03 35.31
C ALA L 197 34.79 -16.07 33.80
N PHE L 198 35.84 -16.23 32.97
CA PHE L 198 35.73 -16.03 31.53
C PHE L 198 35.23 -17.29 30.79
N THR L 199 35.58 -18.48 31.28
CA THR L 199 34.95 -19.74 30.83
C THR L 199 33.44 -19.77 31.13
N LEU L 200 33.01 -19.21 32.27
CA LEU L 200 31.59 -19.03 32.60
C LEU L 200 30.92 -17.98 31.69
N ARG L 201 31.52 -16.79 31.54
CA ARG L 201 30.97 -15.69 30.70
C ARG L 201 30.82 -16.07 29.22
N THR L 202 31.76 -16.82 28.63
CA THR L 202 31.61 -17.33 27.27
C THR L 202 30.69 -18.56 27.21
N GLY L 203 30.75 -19.45 28.22
CA GLY L 203 29.95 -20.67 28.30
C GLY L 203 28.45 -20.42 28.34
N LEU L 204 27.99 -19.47 29.16
CA LEU L 204 26.58 -19.07 29.24
C LEU L 204 26.02 -18.65 27.88
N GLN L 205 26.79 -17.84 27.13
CA GLN L 205 26.42 -17.41 25.78
C GLN L 205 26.45 -18.58 24.77
N GLU L 206 27.53 -19.35 24.74
CA GLU L 206 27.72 -20.45 23.78
C GLU L 206 26.68 -21.56 23.94
N VAL L 207 26.35 -21.94 25.17
CA VAL L 207 25.30 -22.93 25.48
C VAL L 207 23.91 -22.38 25.10
N ALA L 208 23.61 -21.12 25.39
CA ALA L 208 22.34 -20.49 24.98
C ALA L 208 22.19 -20.46 23.45
N ARG L 209 23.24 -20.08 22.71
CA ARG L 209 23.25 -20.07 21.23
C ARG L 209 23.01 -21.45 20.62
N ARG L 210 23.55 -22.50 21.24
CA ARG L 210 23.31 -23.93 20.89
C ARG L 210 21.93 -24.46 21.31
N TYR L 211 21.12 -23.64 21.96
CA TYR L 211 19.69 -23.86 22.28
C TYR L 211 18.79 -22.74 21.71
N ASN L 212 19.22 -22.08 20.62
CA ASN L 212 18.48 -21.05 19.88
C ASN L 212 18.06 -19.82 20.73
N ALA L 213 18.89 -19.46 21.72
CA ALA L 213 18.71 -18.33 22.63
C ALA L 213 20.04 -17.55 22.80
N ILE L 214 20.06 -16.55 23.69
CA ILE L 214 21.26 -15.78 24.07
C ILE L 214 21.27 -15.49 25.57
N ALA L 215 22.44 -15.14 26.10
CA ALA L 215 22.66 -14.80 27.51
C ALA L 215 23.46 -13.49 27.65
N SER L 216 23.32 -12.80 28.78
CA SER L 216 23.98 -11.52 29.05
C SER L 216 24.23 -11.28 30.55
N ALA L 217 25.02 -10.24 30.84
CA ALA L 217 25.47 -9.86 32.18
C ALA L 217 25.05 -8.42 32.56
N ALA L 218 24.08 -7.85 31.83
CA ALA L 218 23.54 -6.51 32.07
C ALA L 218 22.89 -6.40 33.47
N ALA L 219 23.50 -5.60 34.34
CA ALA L 219 23.16 -5.46 35.75
C ALA L 219 21.69 -5.08 36.05
N ALA L 220 21.04 -4.38 35.12
CA ALA L 220 19.65 -3.90 35.22
C ALA L 220 18.90 -4.10 33.89
N ALA L 221 18.99 -5.32 33.33
CA ALA L 221 18.46 -5.70 32.01
C ALA L 221 16.96 -5.38 31.77
N ALA L 222 16.16 -5.30 32.84
CA ALA L 222 14.76 -4.88 32.81
C ALA L 222 14.37 -4.11 34.10
N ALA L 223 13.43 -3.17 33.97
CA ALA L 223 12.85 -2.44 35.10
C ALA L 223 11.87 -3.29 35.94
N ALA L 224 11.55 -2.82 37.15
CA ALA L 224 10.60 -3.45 38.10
C ALA L 224 10.84 -4.95 38.39
N ALA L 225 12.10 -5.40 38.30
CA ALA L 225 12.52 -6.80 38.46
C ALA L 225 13.96 -6.91 39.02
N ALA L 226 14.39 -8.14 39.31
CA ALA L 226 15.79 -8.47 39.66
C ALA L 226 16.78 -8.20 38.51
N GLY L 227 18.09 -8.32 38.79
CA GLY L 227 19.16 -8.06 37.82
C GLY L 227 20.47 -8.82 38.11
N ALA L 228 21.41 -8.75 37.18
CA ALA L 228 22.66 -9.51 37.18
C ALA L 228 23.72 -8.99 38.19
N GLY L 229 23.48 -9.14 39.49
CA GLY L 229 24.47 -8.88 40.55
C GLY L 229 25.70 -9.81 40.47
N SER L 230 26.79 -9.46 41.16
CA SER L 230 28.05 -10.23 41.16
C SER L 230 28.60 -10.46 42.58
N HIS L 231 27.69 -10.78 43.51
CA HIS L 231 28.00 -11.07 44.91
C HIS L 231 29.03 -12.22 45.04
N SER L 232 29.82 -12.18 46.11
CA SER L 232 30.96 -13.07 46.34
C SER L 232 31.20 -13.34 47.82
N ILE L 233 32.08 -14.30 48.12
CA ILE L 233 32.55 -14.64 49.46
C ILE L 233 34.08 -14.60 49.50
N TRP L 234 34.64 -14.16 50.62
CA TRP L 234 36.05 -13.78 50.74
C TRP L 234 36.69 -14.27 52.03
N ASP L 235 37.95 -14.68 51.92
CA ASP L 235 38.71 -15.37 52.95
C ASP L 235 40.22 -15.34 52.64
N VAL L 236 41.03 -15.59 53.66
CA VAL L 236 42.50 -15.43 53.70
C VAL L 236 43.08 -16.63 54.43
N GLY L 237 44.28 -17.09 54.05
CA GLY L 237 44.90 -18.23 54.74
C GLY L 237 46.41 -18.40 54.55
N ALA L 238 46.99 -19.21 55.43
CA ALA L 238 48.41 -19.59 55.44
C ALA L 238 48.58 -20.95 56.15
N ALA L 239 49.68 -21.66 55.86
CA ALA L 239 50.03 -22.98 56.43
C ALA L 239 48.88 -24.04 56.45
N GLY L 240 47.88 -23.90 55.56
CA GLY L 240 46.74 -24.81 55.44
C GLY L 240 45.49 -24.44 56.24
N THR L 241 45.40 -23.24 56.82
CA THR L 241 44.27 -22.82 57.69
C THR L 241 43.68 -21.44 57.34
N ASN L 242 42.39 -21.27 57.64
CA ASN L 242 41.61 -20.02 57.56
C ASN L 242 42.15 -18.96 58.56
N ALA L 243 42.16 -17.69 58.15
CA ALA L 243 42.67 -16.55 58.94
C ALA L 243 41.61 -15.47 59.27
N PHE L 244 40.33 -15.66 58.90
CA PHE L 244 39.20 -14.81 59.30
C PHE L 244 38.37 -15.41 60.47
N ALA L 245 38.50 -16.70 60.74
CA ALA L 245 37.89 -17.38 61.89
C ALA L 245 38.42 -16.86 63.24
N GLY L 246 37.54 -16.72 64.23
CA GLY L 246 37.89 -16.27 65.59
C GLY L 246 36.70 -16.17 66.54
N ALA L 247 36.79 -15.25 67.50
CA ALA L 247 35.87 -15.12 68.63
C ALA L 247 35.16 -13.74 68.72
N SER L 248 35.30 -12.87 67.71
CA SER L 248 34.45 -11.66 67.57
C SER L 248 33.09 -12.00 66.93
N GLY L 249 32.27 -10.97 66.65
CA GLY L 249 30.91 -11.12 66.11
C GLY L 249 30.79 -12.09 64.92
N ALA L 250 29.73 -12.90 64.92
CA ALA L 250 29.45 -13.96 63.92
C ALA L 250 30.65 -14.88 63.58
N ARG L 251 31.52 -15.16 64.58
CA ARG L 251 32.73 -16.01 64.51
C ARG L 251 33.86 -15.46 63.63
N ALA L 252 33.82 -14.16 63.30
CA ALA L 252 34.93 -13.42 62.69
C ALA L 252 36.12 -13.21 63.68
N THR L 253 37.13 -12.44 63.27
CA THR L 253 38.31 -12.10 64.08
C THR L 253 38.83 -10.69 63.79
N LEU L 254 39.80 -10.20 64.58
CA LEU L 254 40.31 -8.82 64.51
C LEU L 254 40.96 -8.46 63.16
N THR L 255 41.75 -9.35 62.56
CA THR L 255 42.27 -9.11 61.19
C THR L 255 41.16 -9.13 60.13
N GLY L 256 40.10 -9.93 60.33
CA GLY L 256 38.88 -9.87 59.52
C GLY L 256 38.17 -8.51 59.64
N ALA L 257 38.02 -7.98 60.86
CA ALA L 257 37.50 -6.63 61.10
C ALA L 257 38.36 -5.52 60.48
N LYS L 258 39.69 -5.69 60.43
CA LYS L 258 40.61 -4.77 59.73
C LYS L 258 40.50 -4.86 58.20
N TRP L 259 40.33 -6.05 57.63
CA TRP L 259 39.97 -6.22 56.20
C TRP L 259 38.63 -5.54 55.88
N LEU L 260 37.61 -5.75 56.71
CA LEU L 260 36.30 -5.08 56.60
C LEU L 260 36.43 -3.55 56.70
N ALA L 261 37.23 -3.02 57.63
CA ALA L 261 37.49 -1.58 57.73
C ALA L 261 38.10 -1.00 56.43
N GLY L 262 39.06 -1.72 55.83
CA GLY L 262 39.61 -1.38 54.52
C GLY L 262 38.56 -1.38 53.39
N LEU L 263 37.75 -2.44 53.32
CA LEU L 263 36.67 -2.59 52.34
C LEU L 263 35.60 -1.48 52.47
N LEU L 264 35.17 -1.15 53.69
CA LEU L 264 34.23 -0.07 53.98
C LEU L 264 34.77 1.30 53.52
N ALA L 265 36.04 1.61 53.83
CA ALA L 265 36.71 2.84 53.41
C ALA L 265 36.88 2.94 51.87
N ALA L 266 37.20 1.82 51.22
CA ALA L 266 37.47 1.76 49.78
C ALA L 266 36.21 1.64 48.88
N ALA L 267 35.02 1.39 49.44
CA ALA L 267 33.79 1.11 48.68
C ALA L 267 33.46 2.16 47.59
N ALA L 268 33.69 3.45 47.89
CA ALA L 268 33.49 4.56 46.95
C ALA L 268 34.43 4.57 45.72
N ALA L 269 35.49 3.74 45.73
CA ALA L 269 36.48 3.62 44.65
C ALA L 269 36.54 2.20 44.06
N ALA L 270 36.32 1.15 44.86
CA ALA L 270 36.13 -0.22 44.39
C ALA L 270 34.96 -0.35 43.38
N ALA L 271 33.93 0.48 43.53
CA ALA L 271 32.81 0.63 42.58
C ALA L 271 33.26 0.97 41.15
N ALA L 272 34.42 1.60 40.93
CA ALA L 272 34.96 1.88 39.60
C ALA L 272 35.27 0.60 38.79
N ALA L 273 35.50 -0.54 39.46
CA ALA L 273 35.65 -1.86 38.84
C ALA L 273 34.41 -2.74 39.04
N ALA L 274 33.83 -2.74 40.25
CA ALA L 274 32.70 -3.58 40.63
C ALA L 274 31.33 -3.14 40.05
N ALA L 275 31.22 -1.89 39.60
CA ALA L 275 30.01 -1.27 39.06
C ALA L 275 30.34 -0.41 37.81
N ALA L 276 31.19 -0.96 36.94
CA ALA L 276 31.83 -0.30 35.79
C ALA L 276 30.91 0.23 34.66
N ALA L 277 29.57 0.22 34.83
CA ALA L 277 28.59 0.70 33.85
C ALA L 277 27.36 1.32 34.52
N ALA L 278 26.63 2.20 33.82
CA ALA L 278 25.43 2.87 34.32
C ALA L 278 24.31 1.89 34.73
N ALA L 279 24.22 0.72 34.11
CA ALA L 279 23.32 -0.36 34.52
C ALA L 279 23.58 -0.85 35.95
N ALA L 280 24.83 -0.88 36.41
CA ALA L 280 25.18 -1.26 37.78
C ALA L 280 24.80 -0.16 38.79
N ALA L 281 24.93 1.12 38.42
CA ALA L 281 24.42 2.24 39.20
C ALA L 281 22.88 2.20 39.32
N ALA L 282 22.17 1.83 38.25
CA ALA L 282 20.72 1.59 38.28
C ALA L 282 20.33 0.38 39.16
N ALA L 283 21.09 -0.72 39.10
CA ALA L 283 20.90 -1.87 40.00
C ALA L 283 21.12 -1.53 41.48
N ALA L 284 22.06 -0.62 41.77
CA ALA L 284 22.37 -0.12 43.12
C ALA L 284 21.40 0.97 43.63
N ALA L 285 20.42 1.42 42.84
CA ALA L 285 19.43 2.42 43.23
C ALA L 285 18.54 1.95 44.41
N ALA L 286 17.85 2.90 45.07
CA ALA L 286 17.03 2.66 46.25
C ALA L 286 15.93 1.60 46.03
N GLY L 287 15.77 0.71 47.01
CA GLY L 287 14.75 -0.35 47.03
C GLY L 287 14.89 -1.29 48.24
N ALA L 288 13.87 -2.11 48.50
CA ALA L 288 13.77 -2.98 49.67
C ALA L 288 14.84 -4.10 49.77
N ALA L 289 15.58 -4.37 48.67
CA ALA L 289 16.60 -5.41 48.56
C ALA L 289 17.91 -4.91 47.90
N ALA L 290 18.13 -3.59 47.86
CA ALA L 290 19.37 -2.97 47.39
C ALA L 290 20.60 -3.36 48.25
N ALA L 291 21.81 -3.15 47.72
CA ALA L 291 23.08 -3.57 48.34
C ALA L 291 24.12 -2.42 48.47
N ALA L 292 23.71 -1.17 48.20
CA ALA L 292 24.57 0.02 48.28
C ALA L 292 24.94 0.45 49.73
N ALA L 293 24.26 -0.08 50.75
CA ALA L 293 24.53 0.19 52.16
C ALA L 293 25.89 -0.39 52.61
N THR L 294 26.96 0.42 52.50
CA THR L 294 28.34 0.09 52.91
C THR L 294 28.47 -0.14 54.43
N ALA L 295 28.07 -1.33 54.87
CA ALA L 295 27.97 -1.77 56.26
C ALA L 295 28.24 -3.29 56.36
N TRP L 296 28.44 -3.79 57.59
CA TRP L 296 28.69 -5.20 57.87
C TRP L 296 27.76 -5.74 58.96
N GLY L 297 27.53 -7.05 58.97
CA GLY L 297 26.59 -7.72 59.90
C GLY L 297 26.34 -9.18 59.54
N ALA L 298 25.34 -9.81 60.16
CA ALA L 298 24.98 -11.22 59.92
C ALA L 298 23.46 -11.48 59.89
N ALA L 299 22.64 -10.43 59.77
CA ALA L 299 21.17 -10.51 59.72
C ALA L 299 20.51 -9.39 58.88
N ALA L 300 21.08 -8.18 58.87
CA ALA L 300 20.66 -7.07 58.00
C ALA L 300 21.04 -7.33 56.53
N ALA L 301 20.18 -8.08 55.80
CA ALA L 301 20.47 -8.62 54.47
C ALA L 301 20.89 -7.58 53.40
N ALA L 302 20.46 -6.33 53.50
CA ALA L 302 20.83 -5.24 52.59
C ALA L 302 22.28 -4.71 52.77
N CYS L 303 22.94 -4.99 53.91
CA CYS L 303 24.30 -4.53 54.19
C CYS L 303 25.34 -5.21 53.29
N ALA L 304 26.24 -4.41 52.71
CA ALA L 304 27.15 -4.79 51.63
C ALA L 304 28.21 -5.86 51.98
N LEU L 305 28.53 -6.07 53.26
CA LEU L 305 29.62 -6.91 53.75
C LEU L 305 29.15 -7.86 54.86
N ASN L 306 28.30 -8.84 54.51
CA ASN L 306 27.84 -9.87 55.45
C ASN L 306 29.02 -10.69 56.02
N ILE L 307 28.82 -11.31 57.18
CA ILE L 307 29.66 -12.40 57.68
C ILE L 307 29.00 -13.74 57.31
N ALA L 308 29.74 -14.58 56.59
CA ALA L 308 29.35 -15.95 56.27
C ALA L 308 29.59 -16.86 57.48
N ALA L 309 28.72 -16.77 58.48
CA ALA L 309 28.72 -17.64 59.67
C ALA L 309 28.57 -19.12 59.29
N ALA L 310 29.28 -20.01 60.00
CA ALA L 310 29.28 -21.45 59.78
C ALA L 310 29.52 -22.23 61.09
N ALA L 311 29.09 -23.49 61.13
CA ALA L 311 29.32 -24.40 62.27
C ALA L 311 30.79 -24.82 62.41
N ALA L 312 31.46 -25.07 61.28
CA ALA L 312 32.90 -25.33 61.21
C ALA L 312 33.68 -24.00 61.15
N ALA L 313 34.68 -23.81 62.02
CA ALA L 313 35.52 -22.61 62.05
C ALA L 313 36.23 -22.33 60.71
N LYS L 314 36.64 -23.39 59.99
CA LYS L 314 37.24 -23.31 58.64
C LYS L 314 36.33 -22.61 57.60
N GLY L 315 35.02 -22.57 57.84
CA GLY L 315 34.02 -21.94 56.96
C GLY L 315 33.60 -20.52 57.39
N ALA L 316 34.13 -19.98 58.49
CA ALA L 316 33.92 -18.58 58.89
C ALA L 316 34.62 -17.62 57.90
N GLN L 317 33.84 -16.89 57.11
CA GLN L 317 34.29 -16.04 56.00
C GLN L 317 33.45 -14.74 55.94
N ILE L 318 33.68 -13.87 54.94
CA ILE L 318 32.83 -12.69 54.69
C ILE L 318 32.16 -12.77 53.31
N GLU L 319 31.17 -11.94 53.05
CA GLU L 319 30.29 -11.97 51.86
C GLU L 319 30.06 -10.55 51.33
N ASN L 320 30.64 -10.25 50.16
CA ASN L 320 30.67 -8.92 49.54
C ASN L 320 29.58 -8.80 48.46
N LYS L 321 28.90 -7.66 48.40
CA LYS L 321 27.70 -7.44 47.55
C LYS L 321 27.73 -6.17 46.70
N ALA L 322 28.77 -5.33 46.84
CA ALA L 322 28.88 -3.99 46.27
C ALA L 322 29.20 -3.94 44.76
N GLY L 323 28.62 -4.84 43.95
CA GLY L 323 28.89 -4.91 42.51
C GLY L 323 27.91 -5.74 41.68
N ALA L 324 28.04 -5.64 40.35
CA ALA L 324 27.22 -6.34 39.37
C ALA L 324 28.04 -6.87 38.17
N ALA L 325 27.48 -7.82 37.44
CA ALA L 325 28.18 -8.64 36.43
C ALA L 325 28.71 -7.87 35.20
N ALA L 326 28.37 -6.59 35.03
CA ALA L 326 29.02 -5.67 34.09
C ALA L 326 30.51 -5.39 34.43
N ALA L 327 30.97 -5.73 35.64
CA ALA L 327 32.34 -5.55 36.14
C ALA L 327 33.43 -6.30 35.34
N ASN L 328 34.70 -5.93 35.60
CA ASN L 328 35.90 -6.64 35.15
C ASN L 328 36.43 -7.57 36.26
N PRO L 329 36.29 -8.91 36.15
CA PRO L 329 36.67 -9.87 37.20
C PRO L 329 38.08 -9.70 37.75
N TYR L 330 39.11 -9.63 36.90
CA TYR L 330 40.50 -9.49 37.36
C TYR L 330 40.74 -8.20 38.15
N LEU L 331 40.15 -7.08 37.72
CA LEU L 331 40.31 -5.79 38.40
C LEU L 331 39.47 -5.69 39.69
N VAL L 332 38.31 -6.34 39.78
CA VAL L 332 37.57 -6.50 41.04
C VAL L 332 38.38 -7.34 42.04
N LEU L 333 38.89 -8.49 41.60
CA LEU L 333 39.75 -9.38 42.40
C LEU L 333 41.00 -8.63 42.91
N ALA L 334 41.59 -7.74 42.11
CA ALA L 334 42.70 -6.88 42.53
C ALA L 334 42.26 -5.80 43.55
N ALA L 335 41.23 -5.00 43.22
CA ALA L 335 40.83 -3.82 43.99
C ALA L 335 40.27 -4.16 45.39
N THR L 336 39.45 -5.21 45.50
CA THR L 336 38.89 -5.66 46.78
C THR L 336 39.98 -6.17 47.74
N VAL L 337 41.02 -6.80 47.20
CA VAL L 337 42.21 -7.23 47.96
C VAL L 337 43.09 -6.04 48.34
N ALA L 338 43.33 -5.08 47.44
CA ALA L 338 44.10 -3.87 47.72
C ALA L 338 43.55 -3.05 48.92
N ALA L 339 42.23 -3.02 49.08
CA ALA L 339 41.57 -2.43 50.25
C ALA L 339 41.90 -3.18 51.56
N GLY L 340 41.75 -4.51 51.55
CA GLY L 340 42.06 -5.35 52.72
C GLY L 340 43.53 -5.33 53.13
N LEU L 341 44.44 -5.34 52.14
CA LEU L 341 45.90 -5.31 52.32
C LEU L 341 46.43 -4.08 53.08
N ASP L 342 45.68 -2.97 53.16
CA ASP L 342 46.10 -1.78 53.90
C ASP L 342 45.20 -1.47 55.12
N GLY L 343 43.96 -1.97 55.16
CA GLY L 343 43.15 -1.98 56.40
C GLY L 343 43.87 -2.65 57.58
N ILE L 344 44.64 -3.72 57.31
CA ILE L 344 45.53 -4.40 58.28
C ILE L 344 46.80 -3.61 58.66
N GLN L 345 47.11 -2.50 57.97
CA GLN L 345 48.30 -1.67 58.21
C GLN L 345 47.94 -0.30 58.82
N SER L 346 46.79 0.28 58.45
CA SER L 346 46.18 1.41 59.17
C SER L 346 45.62 1.02 60.55
N ALA L 347 45.39 -0.30 60.76
CA ALA L 347 44.70 -0.88 61.91
C ALA L 347 43.34 -0.23 62.22
N GLY L 348 42.63 0.24 61.18
CA GLY L 348 41.27 0.76 61.28
C GLY L 348 40.23 -0.26 61.74
N ALA L 349 39.02 0.20 62.04
CA ALA L 349 37.93 -0.62 62.58
C ALA L 349 36.61 -0.42 61.80
N ALA L 350 35.83 -1.49 61.69
CA ALA L 350 34.59 -1.54 60.89
C ALA L 350 33.35 -0.93 61.59
N ALA L 351 33.52 -0.32 62.77
CA ALA L 351 32.45 0.03 63.73
C ALA L 351 31.55 -1.16 64.11
N GLY L 352 30.47 -0.92 64.87
CA GLY L 352 29.53 -1.97 65.29
C GLY L 352 28.76 -2.60 64.13
N ALA L 353 28.37 -3.88 64.28
CA ALA L 353 27.59 -4.61 63.30
C ALA L 353 26.15 -4.07 63.15
N ALA L 354 25.64 -4.06 61.92
CA ALA L 354 24.26 -3.68 61.58
C ALA L 354 23.25 -4.79 61.96
N ALA L 355 22.26 -4.44 62.78
CA ALA L 355 21.13 -5.31 63.17
C ALA L 355 19.79 -4.54 63.31
N ALA L 356 19.78 -3.25 62.95
CA ALA L 356 18.61 -2.38 62.93
C ALA L 356 17.84 -2.47 61.59
N ASP L 357 17.08 -1.42 61.23
CA ASP L 357 16.48 -1.26 59.90
C ASP L 357 17.51 -1.33 58.75
N ALA L 358 17.03 -1.57 57.52
CA ALA L 358 17.82 -2.05 56.37
C ALA L 358 19.03 -1.20 55.93
N ALA L 359 19.07 0.10 56.24
CA ALA L 359 20.20 0.99 55.91
C ALA L 359 20.42 2.06 56.99
N ALA L 360 21.72 2.38 57.20
CA ALA L 360 22.38 3.22 58.23
C ALA L 360 23.35 2.36 59.06
N ALA L 361 24.12 2.98 59.97
CA ALA L 361 25.03 2.33 60.94
C ALA L 361 25.85 1.14 60.37
N ALA L 362 26.93 1.36 59.61
CA ALA L 362 27.67 2.61 59.48
C ALA L 362 26.98 3.76 58.68
N PRO L 363 26.58 3.58 57.39
CA PRO L 363 26.55 4.64 56.38
C PRO L 363 26.02 6.03 56.81
N SER L 364 26.82 7.10 56.93
CA SER L 364 28.28 7.27 56.85
C SER L 364 29.04 6.67 55.64
N GLU L 365 30.32 6.32 55.81
CA GLU L 365 31.49 7.12 55.44
C GLU L 365 31.49 8.53 56.10
N ILE L 366 30.97 9.65 55.59
CA ILE L 366 30.76 10.13 54.21
C ILE L 366 30.78 11.67 54.21
N PRO L 367 31.44 12.31 53.23
CA PRO L 367 31.19 13.70 52.87
C PRO L 367 30.53 13.80 51.48
N GLY L 368 29.68 14.80 51.27
CA GLY L 368 28.71 14.86 50.16
C GLY L 368 29.16 15.66 48.92
N LYS L 369 30.46 15.68 48.61
CA LYS L 369 31.04 16.48 47.50
C LYS L 369 32.14 15.73 46.74
N MET L 370 32.27 16.02 45.44
CA MET L 370 33.37 15.50 44.60
C MET L 370 34.75 15.98 45.08
N GLU L 371 34.85 17.21 45.59
CA GLU L 371 36.09 17.74 46.18
C GLU L 371 36.56 16.90 47.38
N ASP L 372 35.64 16.43 48.23
CA ASP L 372 35.96 15.56 49.36
C ASP L 372 36.25 14.11 48.92
N ALA L 373 35.60 13.60 47.87
CA ALA L 373 35.95 12.31 47.28
C ALA L 373 37.38 12.31 46.70
N LEU L 374 37.79 13.42 46.05
CA LEU L 374 39.16 13.63 45.59
C LEU L 374 40.14 13.85 46.76
N ALA L 375 39.74 14.54 47.84
CA ALA L 375 40.54 14.65 49.05
C ALA L 375 40.82 13.27 49.69
N ALA L 376 39.81 12.40 49.78
CA ALA L 376 39.98 11.02 50.24
C ALA L 376 40.97 10.24 49.35
N LEU L 377 40.81 10.31 48.02
CA LEU L 377 41.74 9.73 47.03
C LEU L 377 43.20 10.22 47.15
N GLU L 378 43.46 11.33 47.85
CA GLU L 378 44.78 11.94 48.06
C GLU L 378 45.22 11.96 49.55
N GLN L 379 44.50 11.28 50.43
CA GLN L 379 44.83 11.09 51.86
C GLN L 379 44.81 9.61 52.29
N ASP L 380 43.92 8.81 51.70
CA ASP L 380 43.93 7.34 51.71
C ASP L 380 43.17 6.82 50.46
N ALA L 381 43.79 6.62 49.29
CA ALA L 381 45.20 6.77 48.86
C ALA L 381 46.16 5.61 49.23
N GLU L 382 45.78 4.66 50.09
CA GLU L 382 46.61 3.49 50.45
C GLU L 382 45.79 2.18 50.45
N CYS L 383 44.53 2.21 50.90
CA CYS L 383 43.51 1.20 50.58
C CYS L 383 43.07 1.24 49.09
N LEU L 384 43.49 2.27 48.33
CA LEU L 384 43.05 2.56 46.96
C LEU L 384 44.26 2.51 46.01
N LYS L 385 44.06 1.90 44.82
CA LYS L 385 45.01 1.85 43.68
C LYS L 385 46.46 1.49 44.08
N ALA L 386 46.61 0.58 45.06
CA ALA L 386 47.88 0.25 45.69
C ALA L 386 48.93 -0.36 44.72
N GLY L 387 50.12 0.25 44.68
CA GLY L 387 51.27 -0.22 43.90
C GLY L 387 51.13 -0.11 42.37
N LEU L 388 52.19 -0.53 41.68
CA LEU L 388 52.40 -0.48 40.22
C LEU L 388 52.36 0.94 39.59
N GLY L 389 52.78 0.98 38.33
CA GLY L 389 52.25 1.85 37.27
C GLY L 389 52.07 0.98 36.01
N GLU L 390 51.42 1.34 34.91
CA GLU L 390 50.87 2.63 34.40
C GLU L 390 51.87 3.30 33.44
N ALA L 391 53.17 2.99 33.55
CA ALA L 391 54.20 3.37 32.58
C ALA L 391 53.90 2.83 31.17
N PHE L 392 53.44 1.57 31.06
CA PHE L 392 52.98 0.96 29.81
C PHE L 392 51.73 1.66 29.24
N ILE L 393 50.76 1.99 30.11
CA ILE L 393 49.54 2.71 29.72
C ILE L 393 49.91 4.08 29.13
N ARG L 394 50.63 4.92 29.88
CA ARG L 394 51.01 6.26 29.39
C ARG L 394 51.89 6.23 28.13
N ALA L 395 52.76 5.24 27.97
CA ALA L 395 53.57 5.07 26.75
C ALA L 395 52.71 4.77 25.51
N ALA L 396 51.76 3.83 25.61
CA ALA L 396 50.85 3.50 24.50
C ALA L 396 49.81 4.62 24.23
N VAL L 397 49.23 5.19 25.29
CA VAL L 397 48.26 6.29 25.21
C VAL L 397 48.91 7.57 24.66
N ALA L 398 50.18 7.87 24.97
CA ALA L 398 50.90 9.01 24.40
C ALA L 398 50.96 8.96 22.86
N ALA L 399 51.23 7.77 22.27
CA ALA L 399 51.25 7.60 20.82
C ALA L 399 49.89 7.95 20.17
N ALA L 400 48.78 7.51 20.78
CA ALA L 400 47.43 7.88 20.35
C ALA L 400 47.14 9.38 20.56
N LYS L 401 47.50 9.93 21.73
CA LYS L 401 47.35 11.35 22.06
C LYS L 401 48.10 12.27 21.10
N TYR L 402 49.32 11.94 20.66
CA TYR L 402 50.05 12.74 19.67
C TYR L 402 49.30 12.86 18.35
N GLU L 403 48.72 11.77 17.83
CA GLU L 403 47.88 11.81 16.61
C GLU L 403 46.59 12.63 16.83
N LEU L 404 45.89 12.42 17.94
CA LEU L 404 44.67 13.14 18.29
C LEU L 404 44.91 14.65 18.47
N GLU L 405 45.96 15.03 19.21
CA GLU L 405 46.35 16.44 19.40
C GLU L 405 46.83 17.11 18.11
N ASN L 406 47.48 16.39 17.18
CA ASN L 406 47.84 16.94 15.87
C ASN L 406 46.59 17.26 15.02
N GLU L 407 45.57 16.39 15.03
CA GLU L 407 44.27 16.69 14.37
C GLU L 407 43.51 17.82 15.08
N GLU L 408 43.43 17.79 16.42
CA GLU L 408 42.72 18.80 17.21
C GLU L 408 43.37 20.19 17.15
N THR L 409 44.70 20.32 17.18
CA THR L 409 45.37 21.62 17.11
C THR L 409 45.21 22.30 15.73
N ASP L 410 45.15 21.52 14.65
CA ASP L 410 44.82 22.02 13.31
C ASP L 410 43.35 22.48 13.23
N ALA L 411 42.41 21.71 13.81
CA ALA L 411 41.01 22.09 13.91
C ALA L 411 40.80 23.36 14.76
N GLU L 412 41.45 23.47 15.92
CA GLU L 412 41.45 24.67 16.76
C GLU L 412 42.05 25.88 16.02
N GLY L 413 43.15 25.69 15.27
CA GLY L 413 43.73 26.72 14.42
C GLY L 413 42.74 27.31 13.42
N ASN L 414 41.97 26.46 12.73
CA ASN L 414 40.88 26.88 11.84
C ASN L 414 39.74 27.58 12.61
N LYS L 415 39.31 27.02 13.75
CA LYS L 415 38.26 27.59 14.61
C LYS L 415 38.61 28.99 15.13
N PHE L 416 39.85 29.24 15.55
CA PHE L 416 40.31 30.56 15.98
C PHE L 416 40.17 31.61 14.86
N LEU L 417 40.59 31.29 13.64
CA LEU L 417 40.38 32.16 12.47
C LEU L 417 38.88 32.44 12.22
N GLU L 418 38.04 31.40 12.31
CA GLU L 418 36.57 31.52 12.22
C GLU L 418 35.92 32.30 13.38
N TYR L 419 36.63 32.57 14.48
CA TYR L 419 36.19 33.44 15.57
C TYR L 419 36.71 34.88 15.44
N PHE L 420 37.86 35.09 14.77
CA PHE L 420 38.45 36.42 14.56
C PHE L 420 37.78 37.23 13.42
N ILE L 421 37.24 36.57 12.40
CA ILE L 421 36.46 37.19 11.30
C ILE L 421 35.18 37.91 11.77
#